data_5LNX
#
_entry.id   5LNX
#
_cell.length_a   78.168
_cell.length_b   279.266
_cell.length_c   78.191
_cell.angle_alpha   90.00
_cell.angle_beta   101.40
_cell.angle_gamma   90.00
#
_symmetry.space_group_name_H-M   'P 1 21 1'
#
loop_
_entity.id
_entity.type
_entity.pdbx_description
1 polymer 'Acyl-CoA dehydrogenase'
2 non-polymer GLYCEROL
3 non-polymer 'FLAVIN-ADENINE DINUCLEOTIDE'
4 water water
#
_entity_poly.entity_id   1
_entity_poly.type   'polypeptide(L)'
_entity_poly.pdbx_seq_one_letter_code
;MHVTQEQVMMRKMVRDFARKEIAPAAEIMEKTDEFPFQLIKKMGKHGLMGIPVPEQYGGAGADVVSYILAIHEISRISAA
VGVILSVHTSVGTNPILYFGNEEQKMKYIPNLASGDHLGAFALTEPHSGSDAGSLRTTAIKKNGKYLLNGSKIFITNGGA
ADIYITFALTAPDQGRHGISAFIVEKNTPGFTVGKKERKLGLYGSNTTELIFDNAEVPEANLLGKEGDGFHIAMANLNVG
RIGIAAQALGIAEAALEHAVDYAKQRVQFGRPIAANQGISFKLADMATRAEAARHLVYHAADLHNRGLNCGKEASMAKQF
ASDAAVKAALDAVQIYGGYGYMKDYPVERLLRDAKVTQIYEGTNEIQRLIISKYLLGGT
;
_entity_poly.pdbx_strand_id   A,B,C,D,E,F,G,H
#
loop_
_chem_comp.id
_chem_comp.type
_chem_comp.name
_chem_comp.formula
FAD non-polymer 'FLAVIN-ADENINE DINUCLEOTIDE' 'C27 H33 N9 O15 P2'
GOL non-polymer GLYCEROL 'C3 H8 O3'
#
# COMPACT_ATOMS: atom_id res chain seq x y z
N GLU A 6 -45.91 -9.02 16.64
CA GLU A 6 -47.17 -8.66 15.96
C GLU A 6 -46.93 -7.95 14.64
N GLN A 7 -46.00 -6.99 14.71
CA GLN A 7 -45.66 -6.15 13.60
C GLN A 7 -44.73 -6.90 12.64
N VAL A 8 -43.62 -7.46 13.14
CA VAL A 8 -42.72 -8.26 12.27
C VAL A 8 -43.47 -9.38 11.53
N MET A 9 -44.45 -9.99 12.20
CA MET A 9 -45.34 -10.99 11.59
C MET A 9 -46.28 -10.41 10.52
N MET A 10 -46.86 -9.25 10.81
CA MET A 10 -47.75 -8.57 9.87
C MET A 10 -46.97 -8.30 8.59
N ARG A 11 -45.85 -7.59 8.73
CA ARG A 11 -44.95 -7.31 7.60
C ARG A 11 -44.65 -8.52 6.70
N LYS A 12 -44.30 -9.66 7.31
CA LYS A 12 -43.92 -10.84 6.53
C LYS A 12 -45.15 -11.40 5.83
N MET A 13 -46.25 -11.47 6.58
CA MET A 13 -47.56 -11.91 6.04
C MET A 13 -47.98 -11.07 4.81
N VAL A 14 -47.89 -9.75 4.95
CA VAL A 14 -48.31 -8.84 3.88
C VAL A 14 -47.32 -8.89 2.72
N ARG A 15 -46.04 -9.01 3.02
CA ARG A 15 -45.02 -9.17 1.93
C ARG A 15 -45.27 -10.41 1.07
N ASP A 16 -45.65 -11.51 1.70
CA ASP A 16 -45.82 -12.78 0.99
C ASP A 16 -47.08 -12.76 0.14
N PHE A 17 -48.20 -12.43 0.80
CA PHE A 17 -49.46 -12.11 0.11
C PHE A 17 -49.25 -11.18 -1.07
N ALA A 18 -48.63 -10.03 -0.80
CA ALA A 18 -48.36 -9.02 -1.82
C ALA A 18 -47.76 -9.64 -3.07
N ARG A 19 -46.59 -10.27 -2.87
CA ARG A 19 -45.77 -10.87 -3.95
C ARG A 19 -46.50 -11.95 -4.68
N LYS A 20 -47.27 -12.74 -3.94
CA LYS A 20 -48.02 -13.90 -4.51
C LYS A 20 -49.29 -13.48 -5.23
N GLU A 21 -50.17 -12.75 -4.52
CA GLU A 21 -51.53 -12.40 -4.99
C GLU A 21 -51.65 -11.00 -5.64
N ILE A 22 -51.00 -10.01 -5.04
CA ILE A 22 -51.13 -8.61 -5.51
C ILE A 22 -50.35 -8.37 -6.81
N ALA A 23 -49.21 -9.06 -6.95
CA ALA A 23 -48.32 -8.88 -8.13
C ALA A 23 -48.96 -9.25 -9.49
N PRO A 24 -49.53 -10.46 -9.61
CA PRO A 24 -50.29 -10.76 -10.84
C PRO A 24 -51.49 -9.81 -11.06
N ALA A 25 -52.30 -9.62 -10.02
CA ALA A 25 -53.45 -8.66 -10.11
C ALA A 25 -53.05 -7.27 -10.59
N ALA A 26 -51.93 -6.78 -10.10
CA ALA A 26 -51.42 -5.45 -10.46
C ALA A 26 -51.11 -5.25 -11.96
N GLU A 27 -50.64 -6.30 -12.62
CA GLU A 27 -50.33 -6.27 -14.04
C GLU A 27 -51.60 -6.25 -14.86
N ILE A 28 -52.56 -7.05 -14.43
CA ILE A 28 -53.93 -6.99 -14.99
C ILE A 28 -54.54 -5.59 -14.83
N MET A 29 -54.36 -4.97 -13.67
CA MET A 29 -54.87 -3.60 -13.45
C MET A 29 -54.23 -2.57 -14.38
N GLU A 30 -52.94 -2.71 -14.62
CA GLU A 30 -52.22 -1.77 -15.49
C GLU A 30 -52.64 -1.92 -16.94
N LYS A 31 -53.10 -3.11 -17.28
CA LYS A 31 -53.47 -3.45 -18.64
C LYS A 31 -54.92 -3.16 -18.90
N THR A 32 -55.75 -3.57 -17.95
CA THR A 32 -57.21 -3.47 -18.04
C THR A 32 -57.77 -2.12 -17.58
N ASP A 33 -57.14 -1.56 -16.55
CA ASP A 33 -57.66 -0.38 -15.80
C ASP A 33 -58.95 -0.70 -15.05
N GLU A 34 -59.13 -1.98 -14.72
CA GLU A 34 -60.34 -2.45 -14.03
C GLU A 34 -60.09 -2.74 -12.55
N PHE A 35 -60.95 -2.18 -11.72
CA PHE A 35 -60.93 -2.38 -10.26
C PHE A 35 -60.79 -3.87 -9.96
N PRO A 36 -59.88 -4.24 -9.04
CA PRO A 36 -59.57 -5.64 -8.82
C PRO A 36 -60.51 -6.30 -7.83
N PHE A 37 -61.78 -6.44 -8.22
CA PHE A 37 -62.83 -7.01 -7.35
C PHE A 37 -62.45 -8.34 -6.71
N GLN A 38 -61.89 -9.21 -7.55
CA GLN A 38 -61.24 -10.46 -7.17
C GLN A 38 -59.82 -10.01 -6.94
N LEU A 39 -59.54 -9.88 -5.66
CA LEU A 39 -58.21 -9.51 -5.06
C LEU A 39 -58.66 -8.92 -3.78
N ILE A 40 -59.50 -7.88 -3.90
CA ILE A 40 -60.12 -7.23 -2.73
C ILE A 40 -60.79 -8.27 -1.86
N LYS A 41 -61.67 -9.03 -2.49
CA LYS A 41 -62.33 -10.18 -1.85
C LYS A 41 -61.33 -11.04 -1.06
N LYS A 42 -60.32 -11.53 -1.78
CA LYS A 42 -59.24 -12.34 -1.22
C LYS A 42 -58.53 -11.66 -0.03
N MET A 43 -58.06 -10.43 -0.25
CA MET A 43 -57.49 -9.60 0.84
C MET A 43 -58.42 -9.55 2.05
N GLY A 44 -59.72 -9.50 1.77
CA GLY A 44 -60.75 -9.63 2.81
C GLY A 44 -60.66 -10.93 3.62
N LYS A 45 -60.66 -12.06 2.93
CA LYS A 45 -60.48 -13.37 3.58
C LYS A 45 -59.17 -13.45 4.39
N HIS A 46 -58.11 -12.85 3.88
CA HIS A 46 -56.80 -12.88 4.54
C HIS A 46 -56.62 -11.79 5.60
N GLY A 47 -57.70 -11.09 5.92
CA GLY A 47 -57.78 -10.28 7.14
C GLY A 47 -56.97 -9.01 7.03
N LEU A 48 -56.93 -8.46 5.81
CA LEU A 48 -56.19 -7.21 5.51
C LEU A 48 -57.08 -5.94 5.50
N MET A 49 -58.39 -6.14 5.50
CA MET A 49 -59.34 -5.05 5.22
C MET A 49 -59.84 -4.23 6.42
N GLY A 50 -59.46 -4.65 7.62
CA GLY A 50 -59.80 -3.94 8.85
C GLY A 50 -58.73 -4.11 9.90
N ILE A 51 -57.53 -3.65 9.59
CA ILE A 51 -56.35 -4.05 10.35
C ILE A 51 -56.25 -3.30 11.69
N PRO A 52 -56.47 -1.98 11.68
CA PRO A 52 -56.46 -1.24 12.94
C PRO A 52 -57.85 -1.11 13.56
N VAL A 53 -58.78 -1.94 13.07
CA VAL A 53 -60.10 -2.06 13.66
C VAL A 53 -60.03 -3.06 14.83
N PRO A 54 -60.73 -2.78 15.93
CA PRO A 54 -60.76 -3.81 16.96
C PRO A 54 -61.59 -5.03 16.60
N GLU A 55 -61.36 -6.11 17.34
CA GLU A 55 -61.96 -7.43 17.08
C GLU A 55 -63.43 -7.45 17.42
N GLN A 56 -63.78 -6.71 18.45
CA GLN A 56 -65.17 -6.40 18.80
C GLN A 56 -66.04 -6.17 17.56
N TYR A 57 -65.54 -5.29 16.68
CA TYR A 57 -66.26 -4.90 15.45
C TYR A 57 -65.82 -5.66 14.20
N GLY A 58 -65.01 -6.68 14.39
CA GLY A 58 -64.79 -7.72 13.38
C GLY A 58 -63.53 -7.63 12.56
N GLY A 59 -62.62 -6.78 13.02
CA GLY A 59 -61.33 -6.59 12.38
C GLY A 59 -60.23 -7.40 13.04
N ALA A 60 -59.02 -7.03 12.67
CA ALA A 60 -57.83 -7.81 13.00
C ALA A 60 -57.31 -7.53 14.41
N GLY A 61 -57.74 -6.40 14.97
CA GLY A 61 -57.42 -6.05 16.36
C GLY A 61 -56.01 -5.55 16.54
N ALA A 62 -55.40 -5.14 15.43
CA ALA A 62 -54.00 -4.72 15.43
C ALA A 62 -53.92 -3.21 15.55
N ASP A 63 -52.73 -2.59 15.44
CA ASP A 63 -52.50 -1.11 15.41
C ASP A 63 -52.29 -0.92 13.93
N VAL A 64 -52.01 0.14 13.21
CA VAL A 64 -51.67 1.56 13.28
C VAL A 64 -50.32 1.57 12.69
N VAL A 65 -49.33 1.08 13.38
CA VAL A 65 -48.02 0.93 12.81
C VAL A 65 -48.18 -0.28 11.91
N SER A 66 -48.74 -1.36 12.43
CA SER A 66 -49.01 -2.56 11.65
C SER A 66 -49.83 -2.28 10.39
N TYR A 67 -50.83 -1.43 10.53
CA TYR A 67 -51.73 -1.05 9.45
C TYR A 67 -51.02 -0.22 8.37
N ILE A 68 -50.31 0.81 8.82
CA ILE A 68 -49.53 1.68 7.94
C ILE A 68 -48.44 0.83 7.28
N LEU A 69 -47.85 -0.04 8.08
CA LEU A 69 -46.87 -1.02 7.60
C LEU A 69 -47.42 -1.84 6.42
N ALA A 70 -48.66 -2.30 6.57
CA ALA A 70 -49.31 -3.06 5.52
C ALA A 70 -49.34 -2.24 4.21
N ILE A 71 -49.92 -1.04 4.31
CA ILE A 71 -50.01 -0.10 3.19
C ILE A 71 -48.67 0.21 2.53
N HIS A 72 -47.65 0.36 3.36
CA HIS A 72 -46.26 0.50 2.87
C HIS A 72 -45.84 -0.68 1.96
N GLU A 73 -45.99 -1.88 2.50
CA GLU A 73 -45.63 -3.13 1.81
C GLU A 73 -46.41 -3.37 0.53
N ILE A 74 -47.72 -3.12 0.59
CA ILE A 74 -48.60 -3.30 -0.57
C ILE A 74 -48.26 -2.33 -1.68
N SER A 75 -47.82 -1.14 -1.29
CA SER A 75 -47.50 -0.07 -2.23
C SER A 75 -46.19 -0.27 -2.96
N ARG A 76 -45.29 -1.03 -2.36
CA ARG A 76 -44.11 -1.54 -3.08
C ARG A 76 -44.48 -2.21 -4.40
N ILE A 77 -45.44 -3.12 -4.31
CA ILE A 77 -45.98 -3.86 -5.47
C ILE A 77 -47.03 -3.06 -6.26
N SER A 78 -47.95 -2.37 -5.58
CA SER A 78 -49.05 -1.63 -6.26
C SER A 78 -49.59 -0.45 -5.48
N ALA A 79 -49.33 0.74 -6.00
CA ALA A 79 -49.74 1.99 -5.36
C ALA A 79 -51.27 2.08 -5.42
N ALA A 80 -51.84 1.69 -6.55
CA ALA A 80 -53.29 1.60 -6.73
C ALA A 80 -53.95 0.83 -5.61
N VAL A 81 -53.56 -0.42 -5.45
CA VAL A 81 -54.17 -1.24 -4.39
C VAL A 81 -53.93 -0.63 -3.01
N GLY A 82 -52.80 0.07 -2.88
CA GLY A 82 -52.40 0.68 -1.63
C GLY A 82 -53.34 1.78 -1.21
N VAL A 83 -53.67 2.65 -2.16
CA VAL A 83 -54.60 3.74 -1.92
C VAL A 83 -56.06 3.26 -1.70
N ILE A 84 -56.47 2.23 -2.45
CA ILE A 84 -57.78 1.60 -2.24
C ILE A 84 -57.91 1.12 -0.81
N LEU A 85 -56.92 0.37 -0.36
CA LEU A 85 -56.91 -0.10 1.02
C LEU A 85 -56.85 1.07 2.00
N SER A 86 -56.05 2.07 1.68
CA SER A 86 -55.79 3.18 2.57
C SER A 86 -57.05 4.04 2.81
N VAL A 87 -57.72 4.37 1.72
CA VAL A 87 -58.98 5.10 1.78
C VAL A 87 -60.02 4.27 2.54
N HIS A 88 -60.18 3.03 2.12
CA HIS A 88 -61.18 2.12 2.71
C HIS A 88 -61.18 2.24 4.23
N THR A 89 -60.00 2.07 4.81
CA THR A 89 -59.86 1.99 6.27
C THR A 89 -59.86 3.32 6.98
N SER A 90 -58.99 4.21 6.53
CA SER A 90 -58.59 5.40 7.27
C SER A 90 -59.66 6.51 7.19
N VAL A 91 -60.35 6.54 6.05
CA VAL A 91 -61.39 7.53 5.83
C VAL A 91 -62.75 6.96 5.42
N GLY A 92 -62.78 5.69 5.08
CA GLY A 92 -64.04 4.98 4.79
C GLY A 92 -64.61 4.23 5.98
N THR A 93 -63.74 3.81 6.88
CA THR A 93 -64.14 2.99 8.02
C THR A 93 -63.93 3.70 9.37
N ASN A 94 -62.80 4.37 9.48
CA ASN A 94 -62.35 4.94 10.76
C ASN A 94 -63.24 6.07 11.25
N PRO A 95 -63.75 6.90 10.32
CA PRO A 95 -64.68 7.93 10.79
C PRO A 95 -65.83 7.36 11.58
N ILE A 96 -66.40 6.25 11.11
CA ILE A 96 -67.43 5.54 11.86
C ILE A 96 -66.86 5.06 13.20
N LEU A 97 -65.72 4.38 13.12
CA LEU A 97 -65.09 3.80 14.30
C LEU A 97 -64.86 4.84 15.39
N TYR A 98 -64.43 6.04 15.00
CA TYR A 98 -63.94 7.03 15.97
C TYR A 98 -64.97 8.09 16.39
N PHE A 99 -65.93 8.37 15.51
CA PHE A 99 -66.95 9.41 15.75
C PHE A 99 -68.37 8.90 15.73
N GLY A 100 -68.55 7.66 15.31
CA GLY A 100 -69.86 7.05 15.16
C GLY A 100 -70.31 6.52 16.52
N ASN A 101 -71.58 6.13 16.63
CA ASN A 101 -72.10 5.57 17.89
C ASN A 101 -72.09 4.03 17.89
N GLU A 102 -72.25 3.44 19.08
CA GLU A 102 -72.11 1.98 19.26
C GLU A 102 -72.99 1.17 18.29
N GLU A 103 -74.19 1.67 18.03
CA GLU A 103 -75.14 1.04 17.12
C GLU A 103 -74.63 0.99 15.68
N GLN A 104 -74.10 2.14 15.24
CA GLN A 104 -73.52 2.31 13.89
C GLN A 104 -72.23 1.50 13.66
N LYS A 105 -71.34 1.60 14.64
CA LYS A 105 -70.15 0.76 14.67
C LYS A 105 -70.53 -0.68 14.39
N MET A 106 -71.51 -1.18 15.16
CA MET A 106 -71.96 -2.62 15.07
C MET A 106 -72.67 -2.94 13.74
N LYS A 107 -73.39 -1.96 13.20
CA LYS A 107 -74.11 -2.16 11.92
C LYS A 107 -73.19 -2.20 10.69
N TYR A 108 -72.24 -1.27 10.66
CA TYR A 108 -71.51 -0.95 9.42
C TYR A 108 -70.07 -1.51 9.34
N ILE A 109 -69.38 -1.60 10.48
CA ILE A 109 -67.95 -1.90 10.50
C ILE A 109 -67.55 -3.36 10.19
N PRO A 110 -68.22 -4.35 10.80
CA PRO A 110 -67.86 -5.76 10.53
C PRO A 110 -67.78 -6.13 9.05
N ASN A 111 -68.75 -5.68 8.27
CA ASN A 111 -68.74 -5.89 6.83
C ASN A 111 -67.64 -5.11 6.14
N LEU A 112 -67.35 -3.93 6.65
CA LEU A 112 -66.20 -3.15 6.18
C LEU A 112 -64.87 -3.84 6.53
N ALA A 113 -64.82 -4.36 7.75
CA ALA A 113 -63.62 -4.97 8.29
C ALA A 113 -63.26 -6.25 7.53
N SER A 114 -64.23 -7.14 7.44
CA SER A 114 -64.12 -8.40 6.69
C SER A 114 -63.73 -8.18 5.23
N GLY A 115 -64.16 -7.05 4.67
CA GLY A 115 -64.03 -6.77 3.23
C GLY A 115 -65.24 -7.18 2.40
N ASP A 116 -66.27 -7.72 3.04
CA ASP A 116 -67.57 -7.95 2.38
C ASP A 116 -68.14 -6.63 1.85
N HIS A 117 -67.82 -5.55 2.55
CA HIS A 117 -68.11 -4.20 2.12
C HIS A 117 -66.87 -3.33 1.96
N LEU A 118 -66.94 -2.44 0.96
CA LEU A 118 -65.85 -1.51 0.62
C LEU A 118 -66.25 -0.04 0.88
N GLY A 119 -65.26 0.72 1.34
CA GLY A 119 -65.45 2.04 1.91
C GLY A 119 -64.93 3.17 1.02
N ALA A 120 -65.56 4.32 1.13
CA ALA A 120 -65.21 5.46 0.31
C ALA A 120 -65.35 6.71 1.19
N PHE A 121 -64.85 7.83 0.69
CA PHE A 121 -64.74 9.11 1.42
C PHE A 121 -65.10 10.20 0.41
N ALA A 122 -66.26 10.82 0.63
CA ALA A 122 -66.86 11.76 -0.29
C ALA A 122 -66.79 13.14 0.32
N LEU A 123 -65.67 13.83 0.11
CA LEU A 123 -65.49 15.22 0.57
C LEU A 123 -65.43 16.22 -0.59
N THR A 124 -64.53 15.94 -1.52
CA THR A 124 -64.15 16.89 -2.58
C THR A 124 -65.28 17.17 -3.57
N GLU A 125 -65.31 18.40 -4.05
CA GLU A 125 -66.36 18.87 -4.98
C GLU A 125 -65.76 19.74 -6.09
N PRO A 126 -66.48 19.90 -7.21
CA PRO A 126 -65.89 20.71 -8.29
C PRO A 126 -65.41 22.09 -7.85
N HIS A 127 -66.16 22.71 -6.93
CA HIS A 127 -65.85 24.05 -6.41
C HIS A 127 -65.11 24.06 -5.07
N SER A 128 -65.08 22.92 -4.40
CA SER A 128 -64.40 22.78 -3.11
C SER A 128 -63.39 21.59 -3.12
N GLY A 129 -62.10 21.90 -2.99
CA GLY A 129 -61.05 20.89 -3.12
C GLY A 129 -59.70 21.27 -2.55
N SER A 130 -59.61 21.93 -1.44
CA SER A 130 -58.28 22.44 -0.89
C SER A 130 -58.83 23.35 0.12
N ASP A 131 -59.73 24.23 -0.35
CA ASP A 131 -60.78 24.80 0.48
C ASP A 131 -62.01 23.88 0.61
N ALA A 132 -61.86 22.83 1.42
CA ALA A 132 -62.91 21.84 1.59
C ALA A 132 -64.03 22.42 2.41
N GLY A 133 -63.71 23.45 3.19
CA GLY A 133 -64.72 24.20 3.96
C GLY A 133 -65.86 24.74 3.10
N SER A 134 -65.54 25.22 1.91
CA SER A 134 -66.52 25.82 0.98
C SER A 134 -67.24 24.82 0.09
N LEU A 135 -67.50 23.62 0.61
CA LEU A 135 -68.38 22.67 -0.07
C LEU A 135 -69.85 23.14 -0.09
N ARG A 136 -70.57 22.66 -1.10
CA ARG A 136 -71.91 23.15 -1.47
C ARG A 136 -73.00 22.10 -1.36
N THR A 137 -72.62 20.83 -1.29
CA THR A 137 -73.61 19.78 -1.13
C THR A 137 -74.39 20.08 0.13
N THR A 138 -75.70 20.10 -0.02
CA THR A 138 -76.58 20.39 1.11
C THR A 138 -77.21 19.09 1.62
N ALA A 139 -77.42 19.06 2.94
CA ALA A 139 -78.21 18.02 3.58
C ALA A 139 -79.31 18.66 4.44
N ILE A 140 -80.54 18.67 3.92
CA ILE A 140 -81.68 19.26 4.61
C ILE A 140 -82.62 18.16 5.18
N LYS A 141 -82.76 18.15 6.53
CA LYS A 141 -83.57 17.18 7.31
C LYS A 141 -85.09 17.44 7.41
N LYS A 142 -85.86 16.43 7.07
CA LYS A 142 -87.29 16.45 7.36
C LYS A 142 -87.69 15.01 7.44
N GLY A 144 -87.46 11.73 9.81
CA GLY A 144 -86.14 11.37 10.32
C GLY A 144 -85.35 10.91 9.11
N LYS A 145 -85.45 11.75 8.08
CA LYS A 145 -84.80 11.55 6.79
C LYS A 145 -84.07 12.83 6.33
N TYR A 146 -82.75 12.75 6.23
CA TYR A 146 -81.96 13.80 5.59
C TYR A 146 -82.02 13.69 4.08
N LEU A 147 -81.96 14.86 3.44
CA LEU A 147 -82.20 14.98 2.00
C LEU A 147 -81.04 15.69 1.37
N LEU A 148 -80.22 14.93 0.65
CA LEU A 148 -78.91 15.40 0.18
C LEU A 148 -78.96 15.87 -1.26
N ASN A 149 -78.25 16.95 -1.53
CA ASN A 149 -78.25 17.53 -2.87
C ASN A 149 -76.93 18.17 -3.23
N GLY A 150 -76.46 17.84 -4.43
CA GLY A 150 -75.19 18.32 -4.93
C GLY A 150 -74.31 17.19 -5.48
N SER A 151 -73.03 17.51 -5.69
CA SER A 151 -72.13 16.59 -6.39
C SER A 151 -70.75 16.49 -5.75
N LYS A 152 -70.20 15.29 -5.78
CA LYS A 152 -68.80 15.08 -5.40
C LYS A 152 -67.97 14.76 -6.63
N ILE A 153 -66.67 15.01 -6.51
CA ILE A 153 -65.73 14.68 -7.58
C ILE A 153 -64.52 13.90 -7.05
N PHE A 154 -63.85 13.22 -7.99
CA PHE A 154 -62.54 12.56 -7.79
C PHE A 154 -62.57 11.57 -6.67
N ILE A 155 -63.60 10.73 -6.64
CA ILE A 155 -63.87 9.91 -5.42
C ILE A 155 -63.27 8.51 -5.55
N THR A 156 -62.22 8.26 -4.77
CA THR A 156 -61.54 6.97 -4.84
C THR A 156 -62.57 5.94 -4.42
N ASN A 157 -62.42 4.72 -4.94
CA ASN A 157 -63.30 3.59 -4.63
C ASN A 157 -64.76 3.81 -5.12
N GLY A 158 -64.87 4.68 -6.11
CA GLY A 158 -66.14 5.06 -6.70
C GLY A 158 -66.78 4.01 -7.59
N GLY A 159 -67.91 3.48 -7.13
CA GLY A 159 -68.68 2.48 -7.89
C GLY A 159 -68.41 1.06 -7.42
N ALA A 160 -67.26 0.88 -6.78
CA ALA A 160 -66.92 -0.36 -6.09
C ALA A 160 -67.45 -0.28 -4.68
N ALA A 161 -67.53 0.94 -4.16
CA ALA A 161 -67.80 1.15 -2.74
C ALA A 161 -69.28 0.94 -2.39
N ASP A 162 -69.47 0.33 -1.21
CA ASP A 162 -70.78 0.09 -0.60
C ASP A 162 -71.21 1.18 0.41
N ILE A 163 -70.22 1.69 1.15
CA ILE A 163 -70.39 2.78 2.11
C ILE A 163 -69.59 3.99 1.65
N TYR A 164 -70.23 5.16 1.66
CA TYR A 164 -69.55 6.44 1.39
C TYR A 164 -69.69 7.43 2.57
N ILE A 165 -68.60 7.66 3.28
CA ILE A 165 -68.56 8.68 4.31
C ILE A 165 -68.61 10.02 3.60
N THR A 166 -69.76 10.69 3.76
CA THR A 166 -70.10 11.85 2.93
C THR A 166 -70.31 13.10 3.79
N PHE A 167 -69.78 14.21 3.28
CA PHE A 167 -69.82 15.49 3.98
C PHE A 167 -70.69 16.49 3.24
N ALA A 168 -71.57 17.14 4.00
CA ALA A 168 -72.67 17.94 3.42
C ALA A 168 -73.16 19.00 4.39
N LEU A 169 -73.45 20.18 3.87
CA LEU A 169 -73.91 21.36 4.66
C LEU A 169 -75.25 21.08 5.33
N THR A 170 -75.26 21.08 6.66
CA THR A 170 -76.51 21.08 7.42
C THR A 170 -76.98 22.48 7.79
N ALA A 171 -76.02 23.41 7.85
CA ALA A 171 -76.27 24.79 8.27
C ALA A 171 -75.51 25.73 7.34
N PRO A 172 -75.99 25.89 6.10
CA PRO A 172 -75.32 26.67 5.05
C PRO A 172 -74.82 28.08 5.40
N ASP A 173 -75.48 28.77 6.32
CA ASP A 173 -75.12 30.12 6.71
C ASP A 173 -73.91 30.17 7.66
N GLN A 174 -73.54 29.03 8.21
CA GLN A 174 -72.25 28.85 8.85
C GLN A 174 -71.52 28.21 7.71
N GLY A 175 -70.19 28.27 7.69
CA GLY A 175 -69.46 27.81 6.47
C GLY A 175 -68.83 26.47 6.80
N ARG A 176 -67.53 26.51 7.05
CA ARG A 176 -66.79 25.36 7.58
C ARG A 176 -67.38 24.80 8.89
N HIS A 177 -68.13 25.64 9.61
CA HIS A 177 -68.71 25.27 10.90
C HIS A 177 -70.10 24.62 10.80
N GLY A 178 -70.68 24.64 9.60
CA GLY A 178 -72.05 24.15 9.36
C GLY A 178 -72.09 22.87 8.55
N ILE A 179 -70.91 22.25 8.43
CA ILE A 179 -70.73 20.97 7.73
C ILE A 179 -71.00 19.79 8.64
N SER A 180 -71.84 18.87 8.16
CA SER A 180 -72.10 17.59 8.84
C SER A 180 -71.56 16.39 8.06
N ALA A 181 -71.39 15.29 8.77
CA ALA A 181 -70.88 14.05 8.16
C ALA A 181 -71.90 12.91 8.19
N PHE A 182 -71.98 12.18 7.08
CA PHE A 182 -73.02 11.17 6.86
C PHE A 182 -72.47 9.80 6.39
N ILE A 183 -72.98 8.74 7.00
CA ILE A 183 -72.84 7.38 6.46
C ILE A 183 -73.84 7.12 5.34
N VAL A 184 -73.37 7.19 4.11
CA VAL A 184 -74.23 6.96 2.95
C VAL A 184 -73.99 5.58 2.36
N GLU A 185 -75.08 4.84 2.19
CA GLU A 185 -75.07 3.52 1.59
C GLU A 185 -75.31 3.63 0.09
N LYS A 186 -74.72 2.71 -0.66
CA LYS A 186 -74.64 2.80 -2.10
C LYS A 186 -76.01 2.68 -2.80
N ASN A 187 -76.88 1.84 -2.26
CA ASN A 187 -78.25 1.65 -2.78
C ASN A 187 -79.26 2.74 -2.34
N THR A 188 -78.75 3.93 -1.98
CA THR A 188 -79.60 5.05 -1.58
C THR A 188 -80.34 5.61 -2.82
N PRO A 189 -81.67 5.77 -2.73
CA PRO A 189 -82.54 6.19 -3.87
C PRO A 189 -82.11 7.23 -4.99
N GLY A 190 -81.82 8.45 -4.62
CA GLY A 190 -81.36 9.50 -5.56
C GLY A 190 -79.85 9.71 -5.55
N PHE A 191 -79.13 8.68 -5.13
CA PHE A 191 -77.66 8.70 -5.10
C PHE A 191 -77.10 7.94 -6.29
N THR A 192 -76.40 8.65 -7.17
CA THR A 192 -75.81 8.02 -8.35
C THR A 192 -74.30 8.21 -8.46
N VAL A 193 -73.68 7.27 -9.15
CA VAL A 193 -72.25 7.25 -9.41
C VAL A 193 -71.98 7.61 -10.86
N GLY A 194 -70.99 8.47 -11.08
CA GLY A 194 -70.54 8.84 -12.43
C GLY A 194 -69.58 7.86 -13.09
N LYS A 195 -69.28 8.11 -14.36
CA LYS A 195 -68.35 7.27 -15.11
C LYS A 195 -66.95 7.28 -14.50
N LYS A 196 -66.30 6.12 -14.53
CA LYS A 196 -64.86 5.97 -14.20
C LYS A 196 -64.01 7.06 -14.89
N GLU A 197 -63.24 7.78 -14.08
CA GLU A 197 -62.43 8.87 -14.60
C GLU A 197 -61.13 8.30 -15.18
N ARG A 198 -60.70 8.84 -16.32
CA ARG A 198 -59.47 8.38 -16.99
C ARG A 198 -58.31 9.23 -16.50
N LYS A 199 -57.36 8.61 -15.80
CA LYS A 199 -56.33 9.29 -15.06
C LYS A 199 -54.93 8.97 -15.60
N LEU A 200 -53.97 9.85 -15.29
CA LEU A 200 -52.54 9.63 -15.57
C LEU A 200 -52.05 8.29 -15.02
N GLY A 201 -52.54 7.89 -13.85
CA GLY A 201 -52.07 6.70 -13.16
C GLY A 201 -53.02 6.12 -12.13
N LEU A 202 -52.48 5.47 -11.10
CA LEU A 202 -53.29 4.59 -10.22
C LEU A 202 -54.31 3.85 -11.09
N TYR A 203 -53.78 3.15 -12.07
CA TYR A 203 -54.59 2.28 -12.91
C TYR A 203 -55.06 1.18 -11.97
N GLY A 204 -56.32 0.81 -12.13
CA GLY A 204 -56.98 -0.09 -11.21
C GLY A 204 -57.89 0.67 -10.26
N SER A 205 -57.57 1.88 -9.82
CA SER A 205 -58.31 2.42 -8.68
C SER A 205 -59.79 2.69 -8.74
N ASN A 206 -60.28 3.45 -9.68
CA ASN A 206 -61.72 3.77 -9.74
C ASN A 206 -62.06 4.98 -9.00
N THR A 207 -61.90 6.03 -9.80
CA THR A 207 -62.09 7.37 -9.29
C THR A 207 -63.28 7.96 -10.04
N THR A 208 -64.33 8.31 -9.29
CA THR A 208 -65.57 8.77 -9.94
C THR A 208 -66.18 10.02 -9.34
N GLU A 209 -67.06 10.59 -10.14
CA GLU A 209 -68.02 11.61 -9.70
C GLU A 209 -69.17 10.94 -8.96
N LEU A 210 -69.76 11.68 -8.03
CA LEU A 210 -71.02 11.27 -7.39
C LEU A 210 -72.10 12.35 -7.53
N ILE A 211 -73.29 11.95 -7.99
CA ILE A 211 -74.42 12.86 -8.09
C ILE A 211 -75.38 12.58 -6.93
N PHE A 212 -75.71 13.63 -6.18
CA PHE A 212 -76.74 13.57 -5.14
C PHE A 212 -77.99 14.36 -5.56
N ASP A 213 -79.04 13.62 -5.88
CA ASP A 213 -80.31 14.20 -6.32
C ASP A 213 -81.43 13.84 -5.33
N ASN A 214 -81.86 14.82 -4.54
CA ASN A 214 -82.73 14.56 -3.39
C ASN A 214 -82.49 13.15 -2.87
N ALA A 215 -81.24 12.91 -2.47
CA ALA A 215 -80.81 11.58 -2.04
C ALA A 215 -81.24 11.35 -0.60
N GLU A 216 -81.96 10.26 -0.37
CA GLU A 216 -82.65 10.04 0.88
C GLU A 216 -81.73 9.26 1.86
N VAL A 217 -81.16 9.97 2.82
CA VAL A 217 -80.24 9.38 3.81
C VAL A 217 -80.88 9.38 5.21
N PRO A 218 -81.01 8.19 5.84
CA PRO A 218 -81.59 8.06 7.17
C PRO A 218 -80.89 8.89 8.25
N GLU A 219 -81.69 9.64 9.00
CA GLU A 219 -81.27 10.43 10.14
C GLU A 219 -80.35 9.70 11.10
N ALA A 220 -80.64 8.43 11.37
CA ALA A 220 -79.71 7.55 12.12
C ALA A 220 -78.30 7.37 11.52
N ASN A 221 -78.15 7.65 10.22
CA ASN A 221 -76.84 7.57 9.55
C ASN A 221 -76.03 8.85 9.67
N LEU A 222 -76.54 9.82 10.40
CA LEU A 222 -75.79 11.03 10.75
C LEU A 222 -74.58 10.64 11.61
N LEU A 223 -73.39 10.97 11.13
CA LEU A 223 -72.16 10.60 11.83
C LEU A 223 -71.81 11.71 12.82
N GLY A 224 -72.15 11.46 14.10
CA GLY A 224 -72.59 12.62 14.98
C GLY A 224 -71.51 13.51 15.60
N LYS A 225 -71.84 14.70 16.12
CA LYS A 225 -73.16 15.42 16.02
C LYS A 225 -73.22 16.44 14.81
N GLU A 226 -74.34 17.15 14.58
CA GLU A 226 -74.47 18.10 13.44
C GLU A 226 -73.54 19.33 13.62
N GLY A 227 -72.83 19.69 12.55
CA GLY A 227 -71.73 20.69 12.61
C GLY A 227 -70.31 20.17 12.86
N ASP A 228 -70.16 18.88 13.13
CA ASP A 228 -68.84 18.29 13.53
C ASP A 228 -68.04 17.80 12.33
N GLY A 229 -68.59 17.98 11.14
CA GLY A 229 -68.20 17.16 9.99
C GLY A 229 -66.82 17.54 9.53
N PHE A 230 -66.60 18.85 9.41
CA PHE A 230 -65.27 19.40 9.07
C PHE A 230 -64.15 18.87 9.99
N HIS A 231 -64.38 18.90 11.29
CA HIS A 231 -63.48 18.33 12.27
C HIS A 231 -63.25 16.82 12.04
N ILE A 232 -64.33 16.09 11.76
CA ILE A 232 -64.30 14.64 11.54
C ILE A 232 -63.39 14.29 10.34
N ALA A 233 -63.65 15.00 9.25
CA ALA A 233 -62.89 14.92 8.03
C ALA A 233 -61.38 15.08 8.23
N MET A 234 -60.98 16.25 8.71
CA MET A 234 -59.58 16.56 8.92
C MET A 234 -58.90 15.59 9.91
N ALA A 235 -59.62 15.26 10.98
CA ALA A 235 -59.11 14.36 12.01
C ALA A 235 -58.60 13.05 11.43
N ASN A 236 -59.37 12.50 10.50
CA ASN A 236 -59.08 11.23 9.85
C ASN A 236 -58.07 11.39 8.72
N LEU A 237 -58.19 12.52 8.03
CA LEU A 237 -57.27 12.88 6.97
C LEU A 237 -55.81 12.85 7.44
N ASN A 238 -55.60 13.06 8.75
CA ASN A 238 -54.29 12.94 9.38
C ASN A 238 -53.71 11.53 9.26
N VAL A 239 -54.47 10.54 9.73
CA VAL A 239 -54.09 9.12 9.61
C VAL A 239 -54.04 8.72 8.14
N GLY A 240 -54.98 9.24 7.39
CA GLY A 240 -55.00 9.10 5.92
C GLY A 240 -53.74 9.59 5.21
N ARG A 241 -53.21 10.72 5.68
CA ARG A 241 -52.02 11.34 5.09
C ARG A 241 -50.73 10.52 5.34
N ILE A 242 -50.67 9.90 6.52
CA ILE A 242 -49.56 9.01 6.86
C ILE A 242 -49.60 7.80 5.92
N GLY A 243 -50.80 7.33 5.66
CA GLY A 243 -51.02 6.27 4.68
C GLY A 243 -50.54 6.68 3.30
N ILE A 244 -50.90 7.89 2.90
CA ILE A 244 -50.46 8.37 1.58
C ILE A 244 -48.97 8.42 1.54
N ALA A 245 -48.36 8.73 2.68
CA ALA A 245 -46.91 8.89 2.80
C ALA A 245 -46.23 7.52 2.66
N ALA A 246 -46.81 6.56 3.36
CA ALA A 246 -46.48 5.15 3.23
C ALA A 246 -46.64 4.60 1.80
N GLN A 247 -47.68 5.06 1.10
CA GLN A 247 -47.84 4.78 -0.33
C GLN A 247 -46.66 5.32 -1.12
N ALA A 248 -46.34 6.59 -0.88
CA ALA A 248 -45.20 7.27 -1.53
C ALA A 248 -43.87 6.57 -1.24
N LEU A 249 -43.79 6.00 -0.05
CA LEU A 249 -42.60 5.32 0.45
C LEU A 249 -42.40 4.05 -0.37
N GLY A 250 -43.44 3.21 -0.38
CA GLY A 250 -43.49 1.98 -1.17
C GLY A 250 -43.18 2.23 -2.62
N ILE A 251 -43.79 3.24 -3.19
CA ILE A 251 -43.47 3.64 -4.57
C ILE A 251 -41.97 3.85 -4.72
N ALA A 252 -41.40 4.59 -3.79
CA ALA A 252 -40.01 5.04 -3.88
C ALA A 252 -39.04 3.87 -3.74
N GLU A 253 -39.42 2.91 -2.90
CA GLU A 253 -38.61 1.73 -2.68
C GLU A 253 -38.59 0.83 -3.87
N ALA A 254 -39.74 0.70 -4.50
CA ALA A 254 -39.87 -0.07 -5.73
C ALA A 254 -39.01 0.54 -6.83
N ALA A 255 -39.08 1.86 -6.95
CA ALA A 255 -38.16 2.57 -7.86
C ALA A 255 -36.69 2.20 -7.57
N LEU A 256 -36.32 2.22 -6.30
CA LEU A 256 -34.93 2.01 -5.90
C LEU A 256 -34.45 0.58 -6.19
N GLU A 257 -35.19 -0.37 -5.66
CA GLU A 257 -34.87 -1.78 -5.81
C GLU A 257 -34.74 -2.17 -7.29
N HIS A 258 -35.70 -1.75 -8.09
CA HIS A 258 -35.65 -2.02 -9.53
C HIS A 258 -34.41 -1.39 -10.14
N ALA A 259 -34.19 -0.14 -9.77
CA ALA A 259 -33.09 0.66 -10.31
C ALA A 259 -31.72 0.06 -9.98
N VAL A 260 -31.60 -0.54 -8.80
CA VAL A 260 -30.34 -1.13 -8.35
C VAL A 260 -30.01 -2.37 -9.18
N ASP A 261 -30.91 -3.35 -9.11
CA ASP A 261 -30.88 -4.57 -9.92
C ASP A 261 -30.64 -4.34 -11.42
N TYR A 262 -31.38 -3.43 -12.02
CA TYR A 262 -31.14 -3.16 -13.43
C TYR A 262 -29.70 -2.74 -13.57
N ALA A 263 -29.13 -2.32 -12.44
CA ALA A 263 -28.14 -1.28 -12.49
C ALA A 263 -26.76 -1.66 -13.04
N LYS A 264 -26.35 -2.87 -13.16
CA LYS A 264 -25.89 -3.67 -12.10
C LYS A 264 -25.68 -4.82 -13.02
N GLN A 265 -26.79 -5.13 -13.69
CA GLN A 265 -26.88 -6.09 -14.76
C GLN A 265 -26.60 -5.40 -16.08
N ARG A 266 -27.13 -4.20 -16.23
CA ARG A 266 -26.97 -3.46 -17.50
C ARG A 266 -25.57 -2.96 -17.70
N VAL A 267 -24.99 -3.36 -18.82
CA VAL A 267 -23.60 -3.05 -19.15
C VAL A 267 -23.59 -2.09 -20.33
N GLN A 268 -22.80 -1.03 -20.21
CA GLN A 268 -22.44 -0.17 -21.35
C GLN A 268 -21.04 0.31 -21.09
N PHE A 269 -20.29 0.60 -22.15
CA PHE A 269 -18.88 1.07 -22.02
C PHE A 269 -17.96 0.06 -21.29
N GLY A 270 -18.32 -1.21 -21.35
CA GLY A 270 -17.50 -2.29 -20.79
C GLY A 270 -17.66 -2.53 -19.30
N ARG A 271 -18.49 -1.71 -18.66
CA ARG A 271 -18.72 -1.83 -17.22
C ARG A 271 -20.21 -1.70 -16.94
N PRO A 272 -20.69 -2.29 -15.84
CA PRO A 272 -22.08 -2.04 -15.51
C PRO A 272 -22.35 -0.56 -15.25
N ILE A 273 -23.53 -0.07 -15.64
CA ILE A 273 -23.84 1.38 -15.52
C ILE A 273 -23.65 1.91 -14.09
N ALA A 274 -23.95 1.06 -13.12
CA ALA A 274 -23.74 1.35 -11.69
C ALA A 274 -22.33 1.77 -11.32
N ALA A 275 -21.34 1.36 -12.09
CA ALA A 275 -19.94 1.72 -11.81
C ALA A 275 -19.70 3.22 -12.04
N ASN A 276 -20.66 3.86 -12.69
CA ASN A 276 -20.61 5.29 -12.90
C ASN A 276 -21.27 6.07 -11.78
N GLN A 277 -20.54 7.00 -11.22
CA GLN A 277 -21.00 7.84 -10.11
C GLN A 277 -22.23 8.68 -10.49
N GLY A 278 -22.28 9.12 -11.73
CA GLY A 278 -23.49 9.72 -12.25
C GLY A 278 -24.71 8.89 -11.83
N ILE A 279 -24.56 7.57 -11.89
CA ILE A 279 -25.68 6.64 -11.66
C ILE A 279 -25.74 6.23 -10.20
N SER A 280 -24.67 5.62 -9.70
CA SER A 280 -24.61 5.18 -8.30
C SER A 280 -25.06 6.25 -7.31
N PHE A 281 -24.62 7.50 -7.50
CA PHE A 281 -24.99 8.62 -6.60
C PHE A 281 -26.51 8.90 -6.50
N LYS A 282 -27.21 8.77 -7.62
CA LYS A 282 -28.68 8.75 -7.66
C LYS A 282 -29.25 7.68 -6.75
N LEU A 283 -28.64 6.50 -6.80
CA LEU A 283 -29.16 5.33 -6.13
C LEU A 283 -29.06 5.56 -4.64
N ALA A 284 -27.96 6.20 -4.28
CA ALA A 284 -27.62 6.48 -2.88
C ALA A 284 -28.56 7.54 -2.34
N ASP A 285 -28.70 8.59 -3.11
CA ASP A 285 -29.69 9.65 -2.83
C ASP A 285 -31.09 9.09 -2.66
N MET A 286 -31.46 8.17 -3.55
CA MET A 286 -32.78 7.50 -3.49
C MET A 286 -32.90 6.76 -2.18
N ALA A 287 -31.88 5.99 -1.87
CA ALA A 287 -31.86 5.18 -0.65
C ALA A 287 -31.91 6.03 0.63
N THR A 288 -31.17 7.15 0.62
CA THR A 288 -31.05 8.08 1.76
C THR A 288 -32.38 8.82 2.06
N ARG A 289 -33.03 9.26 1.00
CA ARG A 289 -34.31 9.96 1.11
C ARG A 289 -35.41 9.00 1.44
N ALA A 290 -35.18 7.72 1.17
CA ALA A 290 -36.12 6.67 1.52
C ALA A 290 -35.96 6.26 2.97
N GLU A 291 -34.76 6.43 3.52
CA GLU A 291 -34.54 6.17 4.96
C GLU A 291 -35.08 7.33 5.78
N ALA A 292 -34.93 8.53 5.24
CA ALA A 292 -35.49 9.75 5.81
C ALA A 292 -37.02 9.65 5.88
N ALA A 293 -37.61 9.35 4.72
CA ALA A 293 -39.07 9.16 4.59
C ALA A 293 -39.57 8.09 5.52
N ARG A 294 -38.88 6.95 5.55
CA ARG A 294 -39.33 5.84 6.38
C ARG A 294 -39.64 6.32 7.81
N HIS A 295 -38.71 7.07 8.40
CA HIS A 295 -38.78 7.45 9.82
C HIS A 295 -39.84 8.51 10.08
N LEU A 296 -40.01 9.40 9.12
CA LEU A 296 -41.08 10.40 9.18
C LEU A 296 -42.42 9.71 9.29
N VAL A 297 -42.61 8.73 8.41
CA VAL A 297 -43.85 7.95 8.32
C VAL A 297 -44.14 7.20 9.62
N TYR A 298 -43.20 6.39 10.05
CA TYR A 298 -43.40 5.50 11.20
C TYR A 298 -43.43 6.19 12.56
N HIS A 299 -42.71 7.28 12.71
CA HIS A 299 -42.78 8.10 13.92
C HIS A 299 -44.15 8.82 14.00
N ALA A 300 -44.62 9.29 12.86
CA ALA A 300 -45.94 9.90 12.74
C ALA A 300 -47.03 8.93 13.15
N ALA A 301 -46.87 7.68 12.74
CA ALA A 301 -47.85 6.62 13.00
C ALA A 301 -47.72 6.10 14.43
N ASP A 302 -46.52 6.22 14.98
CA ASP A 302 -46.24 5.87 16.37
C ASP A 302 -46.84 6.91 17.34
N LEU A 303 -46.84 8.16 16.90
CA LEU A 303 -47.46 9.24 17.66
C LEU A 303 -48.96 8.98 17.75
N HIS A 304 -49.56 8.72 16.59
CA HIS A 304 -51.00 8.47 16.51
C HIS A 304 -51.40 7.21 17.26
N ASN A 305 -50.56 6.19 17.16
CA ASN A 305 -50.73 4.94 17.95
C ASN A 305 -50.73 5.17 19.45
N GLY A 307 -51.64 8.46 21.96
CA GLY A 307 -52.90 9.18 22.01
C GLY A 307 -52.63 10.56 21.52
N LEU A 308 -51.61 10.66 20.67
CA LEU A 308 -50.79 11.84 20.62
C LEU A 308 -51.24 12.72 19.49
N ASN A 309 -51.04 14.03 19.67
CA ASN A 309 -51.12 14.98 18.55
C ASN A 309 -50.06 14.59 17.52
N CYS A 310 -50.52 14.32 16.30
CA CYS A 310 -49.66 13.83 15.22
C CYS A 310 -49.79 14.62 13.90
N GLY A 311 -50.56 15.71 13.91
CA GLY A 311 -50.94 16.43 12.69
C GLY A 311 -49.78 17.00 11.88
N LYS A 312 -48.89 17.73 12.55
CA LYS A 312 -47.71 18.32 11.91
C LYS A 312 -46.78 17.24 11.31
N GLU A 313 -46.52 16.20 12.10
CA GLU A 313 -45.65 15.10 11.68
C GLU A 313 -46.20 14.37 10.43
N ALA A 314 -47.51 14.26 10.36
CA ALA A 314 -48.19 13.57 9.27
C ALA A 314 -48.13 14.40 8.00
N SER A 315 -48.23 15.70 8.15
CA SER A 315 -48.05 16.64 7.03
C SER A 315 -46.64 16.59 6.45
N MET A 316 -45.66 16.63 7.33
CA MET A 316 -44.23 16.45 6.97
C MET A 316 -43.93 15.17 6.17
N ALA A 317 -44.41 14.04 6.70
CA ALA A 317 -44.31 12.73 6.04
C ALA A 317 -44.92 12.70 4.63
N LYS A 318 -46.12 13.25 4.51
CA LYS A 318 -46.86 13.19 3.27
C LYS A 318 -46.09 13.93 2.22
N GLN A 319 -45.64 15.13 2.59
CA GLN A 319 -44.92 16.03 1.69
C GLN A 319 -43.56 15.45 1.33
N PHE A 320 -42.88 14.86 2.32
CA PHE A 320 -41.51 14.42 2.12
C PHE A 320 -41.45 13.19 1.23
N ALA A 321 -42.14 12.14 1.66
CA ALA A 321 -42.25 10.90 0.91
C ALA A 321 -42.77 11.13 -0.52
N SER A 322 -43.84 11.90 -0.66
CA SER A 322 -44.43 12.19 -1.97
C SER A 322 -43.42 12.83 -2.92
N ASP A 323 -42.81 13.92 -2.49
CA ASP A 323 -41.79 14.62 -3.31
C ASP A 323 -40.58 13.72 -3.60
N ALA A 324 -40.15 12.98 -2.59
CA ALA A 324 -39.04 12.04 -2.72
C ALA A 324 -39.36 10.97 -3.76
N ALA A 325 -40.63 10.57 -3.80
CA ALA A 325 -41.08 9.47 -4.63
C ALA A 325 -41.11 9.89 -6.08
N VAL A 326 -41.69 11.05 -6.32
CA VAL A 326 -41.67 11.68 -7.67
C VAL A 326 -40.27 11.72 -8.20
N LYS A 327 -39.32 11.96 -7.30
CA LYS A 327 -37.89 11.86 -7.60
C LYS A 327 -37.64 10.34 -7.75
N ALA A 328 -38.39 9.69 -8.64
CA ALA A 328 -37.99 8.41 -9.22
C ALA A 328 -38.97 8.17 -10.40
N LEU A 330 -38.67 8.48 -11.68
CA LEU A 330 -37.58 9.31 -12.14
C LEU A 330 -36.85 9.91 -11.09
N VAL A 333 -36.70 5.74 -13.90
CA VAL A 333 -36.94 5.79 -15.35
C VAL A 333 -35.64 6.04 -16.10
N GLN A 334 -34.88 7.03 -15.62
CA GLN A 334 -33.62 7.46 -16.25
C GLN A 334 -32.57 6.33 -16.30
N ILE A 335 -32.55 5.54 -15.24
CA ILE A 335 -31.50 4.54 -15.02
C ILE A 335 -31.73 3.35 -15.96
N TYR A 336 -32.99 3.00 -16.16
CA TYR A 336 -33.39 2.06 -17.22
C TYR A 336 -33.19 2.63 -18.62
N GLY A 337 -33.03 3.94 -18.72
CA GLY A 337 -32.84 4.58 -20.02
C GLY A 337 -34.06 4.44 -20.91
N GLY A 338 -33.87 4.39 -22.22
CA GLY A 338 -34.97 4.12 -23.17
C GLY A 338 -35.99 3.08 -22.70
N TYR A 339 -35.51 1.99 -22.13
CA TYR A 339 -36.37 0.90 -21.63
C TYR A 339 -37.35 1.43 -20.56
N GLY A 340 -36.90 2.41 -19.79
CA GLY A 340 -37.71 2.97 -18.70
C GLY A 340 -38.92 3.74 -19.18
N TYR A 341 -38.85 4.23 -20.42
CA TYR A 341 -39.96 4.91 -21.09
C TYR A 341 -41.00 3.95 -21.67
N MET A 342 -40.92 2.68 -21.31
CA MET A 342 -41.67 1.63 -21.98
C MET A 342 -42.65 1.02 -21.02
N LYS A 343 -43.86 0.74 -21.52
CA LYS A 343 -44.96 0.28 -20.66
C LYS A 343 -44.80 -1.16 -20.21
N ASP A 344 -44.04 -1.90 -21.01
CA ASP A 344 -43.64 -3.27 -20.78
C ASP A 344 -42.65 -3.47 -19.62
N TYR A 345 -41.92 -2.40 -19.32
CA TYR A 345 -41.02 -2.32 -18.15
C TYR A 345 -41.64 -1.56 -16.95
N PRO A 346 -41.20 -1.89 -15.70
CA PRO A 346 -41.95 -1.69 -14.44
C PRO A 346 -41.79 -0.33 -13.74
N VAL A 347 -41.05 0.60 -14.36
CA VAL A 347 -40.67 1.89 -13.71
C VAL A 347 -41.52 3.11 -14.14
N GLU A 348 -42.01 3.07 -15.36
CA GLU A 348 -42.81 4.15 -15.94
C GLU A 348 -44.10 4.42 -15.10
N ARG A 349 -44.62 3.36 -14.52
CA ARG A 349 -45.83 3.40 -13.70
C ARG A 349 -45.57 4.12 -12.41
N LEU A 350 -44.33 4.09 -11.98
CA LEU A 350 -43.97 4.61 -10.67
C LEU A 350 -44.00 6.09 -10.74
N LEU A 351 -43.62 6.66 -11.88
CA LEU A 351 -43.66 8.12 -12.09
C LEU A 351 -45.11 8.60 -12.15
N ARG A 352 -45.84 8.02 -13.09
CA ARG A 352 -47.24 8.29 -13.27
C ARG A 352 -48.00 8.19 -11.94
N ASP A 353 -47.82 7.07 -11.27
CA ASP A 353 -48.42 6.86 -9.93
C ASP A 353 -47.88 7.89 -8.90
N ALA A 354 -46.56 8.03 -8.83
CA ALA A 354 -45.93 8.98 -7.87
C ALA A 354 -46.66 10.34 -7.75
N LYS A 355 -46.86 10.98 -8.89
CA LYS A 355 -47.30 12.38 -8.97
C LYS A 355 -48.61 12.66 -8.19
N VAL A 356 -49.47 11.66 -8.13
CA VAL A 356 -50.71 11.70 -7.40
C VAL A 356 -50.47 12.04 -5.93
N THR A 357 -49.36 11.53 -5.43
CA THR A 357 -49.09 11.51 -3.98
C THR A 357 -48.85 12.93 -3.48
N GLN A 358 -48.49 13.81 -4.42
CA GLN A 358 -48.23 15.22 -4.13
C GLN A 358 -49.53 16.06 -4.09
N ILE A 359 -50.64 15.44 -4.46
CA ILE A 359 -51.87 16.14 -4.84
C ILE A 359 -53.03 15.85 -3.90
N TYR A 360 -53.41 14.58 -3.79
CA TYR A 360 -54.57 14.17 -2.96
C TYR A 360 -54.28 13.95 -1.46
N GLU A 361 -55.37 13.94 -0.70
CA GLU A 361 -55.39 14.04 0.76
C GLU A 361 -54.64 15.24 1.25
N GLY A 362 -54.76 16.32 0.49
CA GLY A 362 -54.09 17.56 0.81
C GLY A 362 -52.82 17.73 -0.02
N THR A 363 -52.93 18.55 -1.08
CA THR A 363 -51.79 18.97 -1.90
C THR A 363 -50.61 19.48 -1.04
N ASN A 364 -49.40 19.31 -1.55
CA ASN A 364 -48.18 19.66 -0.78
C ASN A 364 -48.06 21.14 -0.50
N GLU A 365 -48.73 21.95 -1.31
CA GLU A 365 -48.88 23.38 -1.00
C GLU A 365 -49.64 23.52 0.33
N ILE A 366 -50.71 22.76 0.45
CA ILE A 366 -51.50 22.79 1.69
C ILE A 366 -50.71 22.30 2.90
N GLN A 367 -49.88 21.30 2.65
CA GLN A 367 -49.14 20.61 3.74
C GLN A 367 -48.08 21.52 4.30
N ARG A 368 -47.43 22.25 3.40
CA ARG A 368 -46.44 23.25 3.82
C ARG A 368 -47.13 24.34 4.63
N LEU A 369 -48.25 24.84 4.10
CA LEU A 369 -49.13 25.77 4.82
C LEU A 369 -49.47 25.29 6.25
N ILE A 370 -50.03 24.08 6.34
CA ILE A 370 -50.34 23.47 7.65
C ILE A 370 -49.13 23.43 8.57
N ILE A 371 -48.02 22.87 8.07
CA ILE A 371 -46.75 22.79 8.81
C ILE A 371 -46.36 24.16 9.31
N SER A 372 -46.23 25.09 8.38
CA SER A 372 -45.93 26.49 8.72
C SER A 372 -46.86 27.08 9.82
N LYS A 373 -48.13 26.67 9.85
CA LYS A 373 -49.06 27.11 10.89
C LYS A 373 -48.69 26.65 12.30
N TYR A 374 -48.15 25.46 12.40
CA TYR A 374 -47.59 24.98 13.68
C TYR A 374 -46.35 25.81 14.08
N LEU A 375 -45.57 26.22 13.09
CA LEU A 375 -44.30 26.90 13.39
C LEU A 375 -44.57 28.27 13.89
N LEU A 376 -45.41 28.96 13.14
CA LEU A 376 -45.77 30.35 13.45
C LEU A 376 -46.65 30.47 14.69
N GLY A 377 -47.27 29.37 15.11
CA GLY A 377 -47.81 29.26 16.48
C GLY A 377 -46.75 29.62 17.53
N GLN B 5 -36.87 38.70 -40.27
CA GLN B 5 -38.11 38.71 -41.14
C GLN B 5 -38.54 37.31 -41.60
N GLU B 6 -37.62 36.63 -42.30
CA GLU B 6 -37.83 35.24 -42.76
C GLU B 6 -38.21 34.41 -41.57
N GLN B 7 -37.57 34.72 -40.45
CA GLN B 7 -37.74 33.97 -39.22
C GLN B 7 -39.06 34.37 -38.58
N VAL B 8 -39.27 35.66 -38.36
CA VAL B 8 -40.55 36.12 -37.80
C VAL B 8 -41.75 35.60 -38.61
N MET B 9 -41.60 35.56 -39.94
CA MET B 9 -42.62 35.01 -40.84
C MET B 9 -42.81 33.50 -40.66
N MET B 10 -41.71 32.78 -40.52
CA MET B 10 -41.74 31.32 -40.35
C MET B 10 -42.52 31.04 -39.10
N ARG B 11 -42.07 31.62 -37.98
CA ARG B 11 -42.74 31.50 -36.69
C ARG B 11 -44.26 31.73 -36.71
N LYS B 12 -44.72 32.79 -37.37
CA LYS B 12 -46.17 33.05 -37.44
C LYS B 12 -46.85 31.99 -38.28
N MET B 13 -46.23 31.70 -39.42
CA MET B 13 -46.72 30.64 -40.34
C MET B 13 -46.89 29.27 -39.63
N VAL B 14 -45.86 28.89 -38.88
CA VAL B 14 -45.88 27.60 -38.16
C VAL B 14 -46.84 27.65 -36.97
N ARG B 15 -46.90 28.78 -36.28
CA ARG B 15 -47.91 28.98 -35.22
C ARG B 15 -49.35 28.79 -35.70
N ASP B 16 -49.67 29.34 -36.85
CA ASP B 16 -51.05 29.31 -37.37
C ASP B 16 -51.42 27.89 -37.83
N PHE B 17 -50.54 27.33 -38.67
CA PHE B 17 -50.63 25.91 -39.05
C PHE B 17 -50.80 25.01 -37.83
N ALA B 18 -49.90 25.11 -36.88
CA ALA B 18 -49.93 24.23 -35.76
C ALA B 18 -51.24 24.21 -35.12
N ARG B 19 -51.76 25.40 -34.90
CA ARG B 19 -53.03 25.63 -34.27
C ARG B 19 -54.33 25.18 -34.95
N LYS B 20 -54.37 25.31 -36.26
CA LYS B 20 -55.47 24.89 -37.05
C LYS B 20 -55.34 23.44 -37.47
N GLU B 21 -54.13 22.99 -37.75
CA GLU B 21 -54.01 21.58 -38.19
C GLU B 21 -53.48 20.60 -37.15
N ILE B 22 -52.44 21.03 -36.45
CA ILE B 22 -51.70 20.10 -35.57
C ILE B 22 -52.52 19.83 -34.32
N ALA B 23 -53.24 20.85 -33.85
CA ALA B 23 -54.07 20.74 -32.62
C ALA B 23 -55.16 19.64 -32.64
N PRO B 24 -56.07 19.66 -33.65
CA PRO B 24 -56.98 18.52 -33.77
C PRO B 24 -56.28 17.15 -33.95
N ALA B 25 -55.33 17.07 -34.88
CA ALA B 25 -54.52 15.83 -35.08
C ALA B 25 -53.92 15.30 -33.77
N ALA B 26 -53.40 16.21 -32.95
CA ALA B 26 -52.74 15.84 -31.67
C ALA B 26 -53.65 15.13 -30.66
N GLU B 27 -54.93 15.49 -30.65
CA GLU B 27 -55.93 14.89 -29.75
C GLU B 27 -56.30 13.48 -30.24
N ILE B 28 -56.40 13.34 -31.55
CA ILE B 28 -56.56 12.02 -32.18
C ILE B 28 -55.37 11.11 -31.88
N MET B 29 -54.16 11.66 -31.93
CA MET B 29 -52.93 10.89 -31.60
C MET B 29 -52.92 10.41 -30.15
N GLU B 30 -53.37 11.27 -29.24
CA GLU B 30 -53.41 10.94 -27.80
C GLU B 30 -54.46 9.88 -27.49
N LYS B 31 -55.48 9.81 -28.34
CA LYS B 31 -56.58 8.86 -28.16
C LYS B 31 -56.32 7.56 -28.89
N THR B 32 -55.85 7.67 -30.13
CA THR B 32 -55.63 6.51 -31.01
C THR B 32 -54.26 5.87 -30.80
N ASP B 33 -53.24 6.69 -30.54
CA ASP B 33 -51.83 6.28 -30.57
C ASP B 33 -51.36 5.91 -31.98
N GLU B 34 -52.02 6.47 -32.99
CA GLU B 34 -51.71 6.19 -34.39
C GLU B 34 -50.96 7.33 -35.06
N PHE B 35 -49.87 6.97 -35.73
CA PHE B 35 -49.03 7.90 -36.49
C PHE B 35 -49.92 8.77 -37.40
N PRO B 36 -49.66 10.09 -37.45
CA PRO B 36 -50.57 11.00 -38.11
C PRO B 36 -50.23 11.15 -39.58
N PHE B 37 -50.42 10.08 -40.33
CA PHE B 37 -50.07 10.07 -41.77
C PHE B 37 -50.58 11.27 -42.56
N GLN B 38 -51.84 11.63 -42.30
CA GLN B 38 -52.49 12.76 -43.04
C GLN B 38 -51.86 14.10 -42.74
N LEU B 39 -51.56 14.33 -41.47
CA LEU B 39 -50.98 15.60 -41.02
C LEU B 39 -49.64 15.77 -41.66
N ILE B 40 -48.83 14.72 -41.58
CA ILE B 40 -47.49 14.70 -42.18
C ILE B 40 -47.59 15.14 -43.64
N LYS B 41 -48.42 14.44 -44.39
CA LYS B 41 -48.68 14.79 -45.80
C LYS B 41 -48.90 16.28 -45.96
N LYS B 42 -49.88 16.78 -45.21
CA LYS B 42 -50.27 18.20 -45.22
C LYS B 42 -49.08 19.11 -44.90
N MET B 43 -48.41 18.83 -43.79
CA MET B 43 -47.15 19.54 -43.43
C MET B 43 -46.16 19.56 -44.60
N GLY B 44 -46.12 18.45 -45.30
CA GLY B 44 -45.36 18.33 -46.57
C GLY B 44 -45.76 19.36 -47.62
N LYS B 45 -47.05 19.42 -47.94
CA LYS B 45 -47.59 20.44 -48.87
C LYS B 45 -47.26 21.87 -48.41
N HIS B 46 -47.33 22.09 -47.10
CA HIS B 46 -47.10 23.44 -46.54
C HIS B 46 -45.64 23.75 -46.28
N GLY B 47 -44.75 22.87 -46.75
CA GLY B 47 -43.34 23.18 -46.91
C GLY B 47 -42.61 23.21 -45.59
N LEU B 48 -43.04 22.34 -44.68
CA LEU B 48 -42.46 22.20 -43.33
C LEU B 48 -41.43 21.06 -43.20
N MET B 49 -41.34 20.22 -44.22
CA MET B 49 -40.61 18.94 -44.12
C MET B 49 -39.07 18.91 -44.38
N ILE B 51 -37.12 22.20 -44.15
CA ILE B 51 -36.91 23.63 -43.88
C ILE B 51 -35.48 24.14 -44.02
N PRO B 52 -34.49 23.43 -43.44
CA PRO B 52 -33.10 23.87 -43.56
C PRO B 52 -32.39 23.16 -44.70
N VAL B 53 -33.18 22.54 -45.57
CA VAL B 53 -32.67 21.98 -46.82
C VAL B 53 -32.62 23.09 -47.87
N PRO B 54 -31.55 23.13 -48.69
CA PRO B 54 -31.60 24.09 -49.79
C PRO B 54 -32.58 23.76 -50.90
N GLU B 55 -32.90 24.78 -51.69
CA GLU B 55 -33.95 24.71 -52.73
C GLU B 55 -33.52 23.86 -53.90
N GLN B 56 -32.23 23.91 -54.19
CA GLN B 56 -31.58 22.98 -55.11
C GLN B 56 -32.12 21.55 -54.99
N TYR B 57 -32.16 21.06 -53.76
CA TYR B 57 -32.60 19.68 -53.45
C TYR B 57 -34.06 19.58 -53.00
N GLY B 58 -34.80 20.68 -53.14
CA GLY B 58 -36.26 20.67 -53.12
C GLY B 58 -36.93 21.06 -51.83
N GLY B 59 -36.15 21.67 -50.93
CA GLY B 59 -36.64 22.14 -49.65
C GLY B 59 -36.97 23.63 -49.68
N ALA B 60 -37.13 24.15 -48.48
CA ALA B 60 -37.62 25.51 -48.27
C ALA B 60 -36.52 26.57 -48.43
N GLY B 61 -35.26 26.15 -48.34
CA GLY B 61 -34.11 27.03 -48.55
C GLY B 61 -33.82 27.97 -47.38
N ALA B 62 -34.37 27.61 -46.22
CA ALA B 62 -34.28 28.45 -45.04
C ALA B 62 -33.12 27.97 -44.18
N ASP B 63 -32.92 28.64 -43.04
CA ASP B 63 -31.76 28.42 -42.17
C ASP B 63 -32.17 27.62 -40.94
N VAL B 64 -31.20 27.40 -40.06
CA VAL B 64 -31.32 26.41 -38.98
C VAL B 64 -32.12 26.99 -37.84
N VAL B 65 -31.98 28.28 -37.64
CA VAL B 65 -32.81 28.98 -36.62
C VAL B 65 -34.30 28.85 -36.95
N SER B 66 -34.65 29.19 -38.17
CA SER B 66 -36.01 29.03 -38.67
C SER B 66 -36.57 27.62 -38.47
N TYR B 67 -35.70 26.65 -38.72
CA TYR B 67 -36.05 25.24 -38.63
C TYR B 67 -36.30 24.85 -37.18
N ILE B 68 -35.35 25.19 -36.33
CA ILE B 68 -35.42 24.90 -34.90
C ILE B 68 -36.64 25.66 -34.34
N LEU B 69 -36.79 26.90 -34.79
CA LEU B 69 -37.96 27.74 -34.44
C LEU B 69 -39.28 27.08 -34.80
N ALA B 70 -39.32 26.37 -35.93
CA ALA B 70 -40.49 25.54 -36.30
C ALA B 70 -40.77 24.46 -35.25
N ILE B 71 -39.77 23.62 -35.00
CA ILE B 71 -39.83 22.54 -34.00
C ILE B 71 -40.26 23.01 -32.62
N HIS B 72 -39.75 24.16 -32.22
CA HIS B 72 -40.15 24.81 -30.99
C HIS B 72 -41.67 25.05 -30.96
N GLU B 73 -42.14 25.74 -31.97
CA GLU B 73 -43.55 26.09 -32.03
C GLU B 73 -44.48 24.89 -32.15
N ILE B 74 -44.08 23.89 -32.95
CA ILE B 74 -44.88 22.67 -33.12
C ILE B 74 -44.99 21.90 -31.82
N SER B 75 -43.92 21.98 -31.02
CA SER B 75 -43.84 21.24 -29.77
C SER B 75 -44.68 21.86 -28.64
N ARG B 76 -44.98 23.14 -28.76
CA ARG B 76 -45.99 23.80 -27.88
C ARG B 76 -47.29 23.03 -27.89
N ILE B 77 -47.73 22.72 -29.11
CA ILE B 77 -48.95 21.98 -29.37
C ILE B 77 -48.76 20.45 -29.23
N SER B 78 -47.70 19.92 -29.82
CA SER B 78 -47.47 18.46 -29.82
C SER B 78 -46.00 18.11 -29.86
N ALA B 79 -45.53 17.57 -28.76
CA ALA B 79 -44.16 17.08 -28.65
C ALA B 79 -43.91 15.90 -29.62
N ALA B 80 -44.87 14.98 -29.70
CA ALA B 80 -44.82 13.85 -30.64
C ALA B 80 -44.51 14.34 -32.05
N VAL B 81 -45.38 15.19 -32.58
CA VAL B 81 -45.21 15.67 -33.96
C VAL B 81 -43.88 16.42 -34.10
N GLY B 82 -43.46 17.05 -33.01
CA GLY B 82 -42.20 17.78 -32.95
C GLY B 82 -40.97 16.88 -33.16
N VAL B 83 -40.94 15.76 -32.46
CA VAL B 83 -39.85 14.81 -32.62
C VAL B 83 -39.84 14.10 -33.97
N ILE B 84 -41.03 13.76 -34.47
CA ILE B 84 -41.16 13.15 -35.79
C ILE B 84 -40.55 14.06 -36.84
N LEU B 85 -40.91 15.33 -36.79
CA LEU B 85 -40.30 16.32 -37.67
C LEU B 85 -38.79 16.42 -37.44
N SER B 86 -38.40 16.41 -36.17
CA SER B 86 -37.03 16.71 -35.76
C SER B 86 -36.07 15.62 -36.23
N VAL B 87 -36.51 14.39 -36.09
CA VAL B 87 -35.78 13.23 -36.50
C VAL B 87 -35.68 13.20 -38.02
N HIS B 88 -36.78 13.45 -38.64
CA HIS B 88 -36.88 13.32 -40.06
C HIS B 88 -35.86 14.19 -40.74
N THR B 89 -35.69 15.38 -40.28
CA THR B 89 -34.79 16.36 -40.90
C THR B 89 -33.36 16.24 -40.47
N SER B 90 -33.14 16.26 -39.16
CA SER B 90 -31.83 16.49 -38.55
C SER B 90 -30.94 15.24 -38.65
N VAL B 91 -31.60 14.09 -38.56
CA VAL B 91 -30.90 12.81 -38.58
C VAL B 91 -31.41 11.81 -39.63
N GLY B 92 -32.57 12.08 -40.21
CA GLY B 92 -33.08 11.31 -41.36
C GLY B 92 -32.71 11.88 -42.72
N THR B 93 -32.52 13.19 -42.80
CA THR B 93 -32.29 13.91 -44.08
C THR B 93 -30.91 14.54 -44.14
N ASN B 94 -30.53 15.19 -43.05
CA ASN B 94 -29.29 15.96 -42.99
C ASN B 94 -28.02 15.14 -43.19
N PRO B 95 -27.99 13.89 -42.66
CA PRO B 95 -26.76 13.12 -42.87
C PRO B 95 -26.47 12.94 -44.34
N ILE B 96 -27.51 12.72 -45.14
CA ILE B 96 -27.36 12.67 -46.61
C ILE B 96 -26.87 14.05 -47.09
N LEU B 97 -27.57 15.09 -46.66
CA LEU B 97 -27.29 16.46 -47.11
C LEU B 97 -25.84 16.85 -46.87
N TYR B 98 -25.30 16.47 -45.72
CA TYR B 98 -23.99 16.97 -45.27
C TYR B 98 -22.79 16.04 -45.55
N PHE B 99 -23.04 14.73 -45.63
CA PHE B 99 -21.98 13.73 -45.85
C PHE B 99 -22.16 12.89 -47.10
N GLY B 100 -23.32 13.02 -47.74
CA GLY B 100 -23.66 12.22 -48.90
C GLY B 100 -23.06 12.88 -50.14
N ASN B 101 -23.11 12.19 -51.28
CA ASN B 101 -22.57 12.74 -52.53
C ASN B 101 -23.66 13.35 -53.42
N GLU B 102 -23.24 14.14 -54.39
CA GLU B 102 -24.15 14.94 -55.26
C GLU B 102 -25.28 14.10 -55.88
N GLU B 103 -24.94 12.87 -56.26
CA GLU B 103 -25.90 11.92 -56.83
C GLU B 103 -26.99 11.49 -55.82
N GLN B 104 -26.54 11.16 -54.61
CA GLN B 104 -27.40 10.73 -53.50
C GLN B 104 -28.32 11.84 -52.98
N LYS B 105 -27.72 13.00 -52.80
CA LYS B 105 -28.48 14.22 -52.46
C LYS B 105 -29.67 14.37 -53.41
N MET B 106 -29.37 14.28 -54.70
CA MET B 106 -30.39 14.42 -55.76
C MET B 106 -31.43 13.31 -55.75
N LYS B 107 -30.99 12.08 -55.49
CA LYS B 107 -31.88 10.92 -55.53
C LYS B 107 -32.87 10.89 -54.37
N TYR B 108 -32.37 11.22 -53.19
CA TYR B 108 -33.08 10.92 -51.93
C TYR B 108 -33.75 12.10 -51.25
N ILE B 109 -33.15 13.29 -51.37
CA ILE B 109 -33.56 14.46 -50.56
C ILE B 109 -34.88 15.13 -50.99
N PRO B 110 -35.09 15.39 -52.30
CA PRO B 110 -36.32 16.05 -52.73
C PRO B 110 -37.60 15.41 -52.19
N ASN B 111 -37.65 14.08 -52.23
CA ASN B 111 -38.80 13.35 -51.69
C ASN B 111 -38.88 13.45 -50.19
N LEU B 112 -37.72 13.49 -49.54
CA LEU B 112 -37.65 13.75 -48.10
C LEU B 112 -38.10 15.18 -47.78
N ALA B 113 -37.65 16.12 -48.59
CA ALA B 113 -37.90 17.54 -48.38
C ALA B 113 -39.38 17.87 -48.52
N SER B 114 -39.95 17.45 -49.65
CA SER B 114 -41.39 17.60 -49.94
C SER B 114 -42.29 16.95 -48.88
N GLY B 115 -41.79 15.87 -48.29
CA GLY B 115 -42.58 15.07 -47.35
C GLY B 115 -43.29 13.90 -48.00
N ASP B 116 -43.09 13.73 -49.31
CA ASP B 116 -43.50 12.50 -50.00
C ASP B 116 -42.83 11.27 -49.38
N HIS B 117 -41.60 11.46 -48.90
CA HIS B 117 -40.87 10.46 -48.13
C HIS B 117 -40.56 10.92 -46.71
N LEU B 118 -40.58 9.95 -45.78
CA LEU B 118 -40.30 10.17 -44.37
C LEU B 118 -39.01 9.46 -43.91
N GLY B 119 -38.30 10.12 -43.00
CA GLY B 119 -36.91 9.80 -42.64
C GLY B 119 -36.79 9.24 -41.24
N ALA B 120 -35.78 8.41 -41.05
CA ALA B 120 -35.56 7.73 -39.78
C ALA B 120 -34.06 7.65 -39.57
N PHE B 121 -33.65 7.25 -38.37
CA PHE B 121 -32.24 7.25 -37.88
C PHE B 121 -32.02 6.00 -37.00
N ALA B 122 -31.22 5.05 -37.49
CA ALA B 122 -31.21 3.65 -36.94
C ALA B 122 -30.24 3.14 -35.83
N LEU B 123 -29.45 4.08 -35.37
CA LEU B 123 -28.30 3.84 -34.53
C LEU B 123 -28.42 2.83 -33.39
N THR B 124 -29.36 3.07 -32.50
CA THR B 124 -29.48 2.34 -31.22
C THR B 124 -29.81 0.84 -31.38
N GLU B 125 -29.27 0.04 -30.47
CA GLU B 125 -29.39 -1.40 -30.47
C GLU B 125 -29.62 -1.93 -29.05
N PRO B 126 -30.21 -3.13 -28.93
CA PRO B 126 -30.42 -3.64 -27.56
C PRO B 126 -29.19 -3.57 -26.66
N HIS B 127 -28.01 -3.89 -27.21
CA HIS B 127 -26.72 -3.88 -26.45
C HIS B 127 -25.93 -2.57 -26.55
N SER B 128 -26.29 -1.72 -27.51
CA SER B 128 -25.60 -0.45 -27.76
C SER B 128 -26.59 0.75 -27.79
N GLY B 129 -26.46 1.64 -26.82
CA GLY B 129 -27.33 2.85 -26.73
C GLY B 129 -26.54 4.10 -26.43
N SER B 130 -26.25 4.28 -25.15
CA SER B 130 -25.35 5.34 -24.70
C SER B 130 -23.97 5.10 -25.27
N ASP B 131 -23.46 3.87 -25.10
CA ASP B 131 -22.26 3.42 -25.81
C ASP B 131 -22.63 2.96 -27.22
N ALA B 132 -22.86 3.95 -28.08
CA ALA B 132 -23.30 3.68 -29.46
C ALA B 132 -22.15 3.10 -30.28
N GLY B 133 -20.94 3.36 -29.82
CA GLY B 133 -19.73 2.76 -30.40
C GLY B 133 -19.77 1.25 -30.48
N SER B 134 -20.29 0.62 -29.42
CA SER B 134 -20.34 -0.85 -29.30
C SER B 134 -21.55 -1.51 -29.98
N LEU B 135 -22.00 -0.94 -31.08
CA LEU B 135 -23.03 -1.56 -31.92
C LEU B 135 -22.49 -2.82 -32.63
N ARG B 136 -23.43 -3.73 -32.91
CA ARG B 136 -23.14 -5.09 -33.36
C ARG B 136 -23.66 -5.40 -34.76
N THR B 137 -24.57 -4.59 -35.26
CA THR B 137 -25.05 -4.79 -36.61
C THR B 137 -23.86 -4.77 -37.54
N THR B 138 -23.76 -5.81 -38.35
CA THR B 138 -22.65 -5.92 -39.32
C THR B 138 -23.13 -5.57 -40.72
N ALA B 139 -22.24 -4.98 -41.49
CA ALA B 139 -22.44 -4.75 -42.92
C ALA B 139 -21.24 -5.32 -43.68
N ILE B 140 -21.43 -6.51 -44.25
CA ILE B 140 -20.39 -7.19 -45.04
C ILE B 140 -20.67 -7.09 -46.54
N LYS B 141 -19.73 -6.49 -47.27
CA LYS B 141 -19.80 -6.42 -48.74
C LYS B 141 -19.68 -7.82 -49.36
N LYS B 142 -20.71 -8.21 -50.11
CA LYS B 142 -20.70 -9.45 -50.92
C LYS B 142 -21.43 -9.20 -52.25
N ASN B 143 -20.72 -9.37 -53.38
CA ASN B 143 -21.28 -9.28 -54.73
C ASN B 143 -21.62 -7.87 -55.25
N GLY B 144 -20.88 -6.81 -54.84
CA GLY B 144 -21.23 -5.39 -55.11
C GLY B 144 -22.44 -4.85 -54.34
N LYS B 145 -22.98 -5.65 -53.43
CA LYS B 145 -24.10 -5.30 -52.52
C LYS B 145 -23.54 -5.43 -51.12
N TYR B 146 -23.83 -4.45 -50.25
CA TYR B 146 -23.58 -4.64 -48.81
C TYR B 146 -24.67 -5.50 -48.21
N LEU B 147 -24.28 -6.30 -47.23
CA LEU B 147 -25.15 -7.32 -46.65
C LEU B 147 -25.22 -7.10 -45.15
N LEU B 148 -26.36 -6.59 -44.71
CA LEU B 148 -26.53 -6.12 -43.33
C LEU B 148 -27.17 -7.18 -42.43
N ASN B 149 -26.66 -7.28 -41.21
CA ASN B 149 -27.16 -8.28 -40.26
C ASN B 149 -27.15 -7.78 -38.83
N GLY B 150 -28.28 -7.97 -38.15
CA GLY B 150 -28.47 -7.52 -36.78
C GLY B 150 -29.78 -6.79 -36.57
N SER B 151 -29.89 -6.09 -35.44
CA SER B 151 -31.15 -5.47 -35.04
C SER B 151 -30.98 -4.08 -34.45
N LYS B 152 -31.96 -3.24 -34.73
CA LYS B 152 -32.04 -1.92 -34.08
C LYS B 152 -33.22 -1.89 -33.16
N ILE B 153 -33.16 -0.98 -32.21
CA ILE B 153 -34.26 -0.78 -31.25
C ILE B 153 -34.61 0.70 -31.10
N PHE B 154 -35.83 0.91 -30.59
CA PHE B 154 -36.34 2.24 -30.19
C PHE B 154 -36.22 3.22 -31.32
N ILE B 155 -36.64 2.82 -32.51
CA ILE B 155 -36.45 3.66 -33.72
C ILE B 155 -37.65 4.57 -34.00
N THR B 156 -37.45 5.88 -33.80
CA THR B 156 -38.51 6.85 -34.06
C THR B 156 -38.84 6.75 -35.54
N ASN B 157 -40.09 7.05 -35.88
CA ASN B 157 -40.58 7.04 -37.28
C ASN B 157 -40.60 5.63 -37.92
N GLY B 158 -40.65 4.63 -37.04
CA GLY B 158 -40.52 3.23 -37.42
C GLY B 158 -41.78 2.67 -38.06
N GLY B 159 -41.67 2.32 -39.34
CA GLY B 159 -42.80 1.72 -40.09
C GLY B 159 -43.56 2.75 -40.91
N ALA B 160 -43.43 4.02 -40.51
CA ALA B 160 -43.88 5.15 -41.31
C ALA B 160 -42.77 5.52 -42.30
N ALA B 161 -41.53 5.25 -41.89
CA ALA B 161 -40.38 5.80 -42.61
C ALA B 161 -40.05 5.04 -43.88
N ASP B 162 -39.63 5.79 -44.89
CA ASP B 162 -39.24 5.29 -46.22
C ASP B 162 -37.72 5.14 -46.37
N ILE B 163 -37.00 6.06 -45.74
CA ILE B 163 -35.54 6.05 -45.68
C ILE B 163 -35.11 5.88 -44.22
N TYR B 164 -34.17 4.97 -43.98
CA TYR B 164 -33.52 4.82 -42.68
C TYR B 164 -31.97 4.98 -42.76
N ILE B 165 -31.46 6.05 -42.20
CA ILE B 165 -30.03 6.29 -42.06
C ILE B 165 -29.52 5.35 -40.98
N THR B 166 -28.77 4.35 -41.45
CA THR B 166 -28.48 3.17 -40.65
C THR B 166 -26.99 3.01 -40.48
N PHE B 167 -26.61 2.67 -39.26
CA PHE B 167 -25.22 2.54 -38.88
C PHE B 167 -24.87 1.11 -38.59
N ALA B 168 -23.76 0.66 -39.16
CA ALA B 168 -23.41 -0.78 -39.13
C ALA B 168 -21.90 -1.01 -39.28
N LEU B 169 -21.38 -1.98 -38.52
CA LEU B 169 -19.93 -2.36 -38.55
C LEU B 169 -19.47 -2.83 -39.94
N THR B 170 -18.58 -2.07 -40.56
CA THR B 170 -17.86 -2.52 -41.77
C THR B 170 -16.51 -3.16 -41.44
N ALA B 171 -15.93 -2.78 -40.31
CA ALA B 171 -14.63 -3.27 -39.84
C ALA B 171 -14.72 -3.63 -38.35
N PRO B 172 -15.37 -4.76 -38.00
CA PRO B 172 -15.63 -5.14 -36.60
C PRO B 172 -14.48 -5.08 -35.59
N ASP B 173 -13.25 -5.27 -36.05
CA ASP B 173 -12.10 -5.24 -35.13
C ASP B 173 -11.69 -3.83 -34.68
N GLN B 174 -12.21 -2.81 -35.36
CA GLN B 174 -11.93 -1.39 -35.00
C GLN B 174 -12.89 -0.68 -34.03
N GLY B 175 -13.91 -1.38 -33.53
CA GLY B 175 -14.89 -0.77 -32.63
C GLY B 175 -15.58 0.50 -33.16
N ARG B 176 -15.53 1.59 -32.40
CA ARG B 176 -16.11 2.88 -32.81
C ARG B 176 -15.54 3.44 -34.12
N HIS B 177 -14.35 2.98 -34.49
CA HIS B 177 -13.65 3.47 -35.69
C HIS B 177 -13.97 2.65 -36.95
N GLY B 178 -14.67 1.53 -36.77
CA GLY B 178 -15.01 0.62 -37.86
C GLY B 178 -16.49 0.60 -38.22
N ILE B 179 -17.21 1.62 -37.73
CA ILE B 179 -18.62 1.86 -38.04
C ILE B 179 -18.80 2.66 -39.34
N SER B 180 -19.68 2.15 -40.19
CA SER B 180 -20.07 2.85 -41.42
C SER B 180 -21.54 3.30 -41.37
N ALA B 181 -21.88 4.24 -42.24
CA ALA B 181 -23.26 4.74 -42.33
C ALA B 181 -23.90 4.49 -43.70
N PHE B 182 -25.17 4.08 -43.66
CA PHE B 182 -25.89 3.59 -44.84
C PHE B 182 -27.27 4.25 -45.03
N ILE B 183 -27.55 4.67 -46.26
CA ILE B 183 -28.91 4.99 -46.72
C ILE B 183 -29.71 3.72 -47.03
N VAL B 184 -30.56 3.31 -46.09
CA VAL B 184 -31.39 2.12 -46.28
C VAL B 184 -32.81 2.52 -46.64
N GLU B 185 -33.29 1.91 -47.72
CA GLU B 185 -34.66 2.10 -48.19
C GLU B 185 -35.58 1.02 -47.61
N LYS B 186 -36.85 1.38 -47.44
CA LYS B 186 -37.80 0.57 -46.66
C LYS B 186 -38.17 -0.76 -47.32
N ASN B 187 -38.25 -0.75 -48.65
CA ASN B 187 -38.53 -1.95 -49.44
C ASN B 187 -37.29 -2.84 -49.69
N THR B 188 -36.28 -2.74 -48.82
CA THR B 188 -35.07 -3.56 -48.94
C THR B 188 -35.35 -5.01 -48.57
N PRO B 189 -34.93 -5.96 -49.44
CA PRO B 189 -35.00 -7.39 -49.16
C PRO B 189 -34.28 -7.75 -47.87
N GLY B 190 -34.94 -8.51 -47.00
CA GLY B 190 -34.37 -8.91 -45.71
C GLY B 190 -34.39 -7.86 -44.59
N PHE B 191 -34.96 -6.69 -44.90
CA PHE B 191 -35.12 -5.59 -43.92
C PHE B 191 -36.55 -5.55 -43.42
N THR B 192 -36.73 -5.78 -42.12
CA THR B 192 -38.05 -5.86 -41.56
C THR B 192 -38.25 -4.97 -40.31
N VAL B 193 -39.49 -4.50 -40.12
CA VAL B 193 -39.87 -3.60 -39.05
C VAL B 193 -40.66 -4.36 -38.00
N GLY B 194 -40.34 -4.09 -36.74
CA GLY B 194 -41.05 -4.70 -35.60
C GLY B 194 -42.33 -3.96 -35.19
N LYS B 195 -43.04 -4.55 -34.24
CA LYS B 195 -44.31 -3.99 -33.75
C LYS B 195 -44.07 -2.64 -33.11
N LYS B 196 -45.02 -1.73 -33.31
CA LYS B 196 -45.12 -0.48 -32.57
C LYS B 196 -44.92 -0.68 -31.06
N GLU B 197 -43.96 0.05 -30.49
CA GLU B 197 -43.64 -0.10 -29.09
C GLU B 197 -44.62 0.75 -28.25
N ARG B 198 -45.05 0.18 -27.13
CA ARG B 198 -46.00 0.84 -26.25
C ARG B 198 -45.21 1.63 -25.22
N LYS B 199 -45.33 2.96 -25.26
CA LYS B 199 -44.50 3.88 -24.47
C LYS B 199 -45.32 4.71 -23.45
N LEU B 200 -44.63 5.23 -22.43
CA LEU B 200 -45.20 6.21 -21.47
C LEU B 200 -45.88 7.40 -22.16
N GLY B 201 -45.31 7.86 -23.27
CA GLY B 201 -45.76 9.08 -23.95
C GLY B 201 -45.34 9.20 -25.40
N LEU B 202 -45.20 10.44 -25.89
CA LEU B 202 -45.12 10.69 -27.34
C LEU B 202 -46.09 9.75 -28.08
N TYR B 203 -47.35 9.81 -27.69
CA TYR B 203 -48.41 8.91 -28.24
C TYR B 203 -48.50 8.58 -29.75
N GLY B 204 -48.54 9.59 -30.59
CA GLY B 204 -48.54 9.38 -32.03
C GLY B 204 -47.23 8.94 -32.69
N SER B 205 -46.11 8.95 -31.98
CA SER B 205 -44.82 8.78 -32.65
C SER B 205 -44.37 7.32 -32.72
N ASN B 206 -44.59 6.66 -33.85
CA ASN B 206 -44.17 5.25 -34.04
C ASN B 206 -42.73 5.02 -33.61
N THR B 207 -42.55 4.23 -32.57
CA THR B 207 -41.21 3.80 -32.16
C THR B 207 -41.10 2.26 -32.28
N THR B 208 -40.20 1.79 -33.13
CA THR B 208 -40.13 0.34 -33.41
C THR B 208 -38.74 -0.26 -33.43
N GLU B 209 -38.75 -1.60 -33.36
CA GLU B 209 -37.59 -2.42 -33.58
C GLU B 209 -37.38 -2.59 -35.08
N LEU B 210 -36.14 -2.82 -35.48
CA LEU B 210 -35.80 -3.17 -36.86
C LEU B 210 -34.97 -4.45 -36.90
N ILE B 211 -35.38 -5.39 -37.73
CA ILE B 211 -34.64 -6.63 -37.92
C ILE B 211 -33.94 -6.62 -39.28
N PHE B 212 -32.62 -6.83 -39.24
CA PHE B 212 -31.79 -6.92 -40.44
C PHE B 212 -31.33 -8.35 -40.64
N ASP B 213 -31.90 -8.99 -41.66
CA ASP B 213 -31.60 -10.39 -41.98
C ASP B 213 -31.04 -10.49 -43.40
N ASN B 214 -29.74 -10.72 -43.49
CA ASN B 214 -29.02 -10.61 -44.76
C ASN B 214 -29.70 -9.57 -45.66
N ALA B 215 -29.77 -8.35 -45.14
CA ALA B 215 -30.51 -7.27 -45.79
C ALA B 215 -29.63 -6.67 -46.86
N GLU B 216 -30.15 -6.62 -48.09
CA GLU B 216 -29.34 -6.28 -49.26
C GLU B 216 -29.38 -4.80 -49.54
N VAL B 217 -28.30 -4.11 -49.19
CA VAL B 217 -28.19 -2.67 -49.36
C VAL B 217 -27.15 -2.35 -50.45
N PRO B 218 -27.57 -1.63 -51.51
CA PRO B 218 -26.66 -1.22 -52.59
C PRO B 218 -25.45 -0.42 -52.13
N GLU B 219 -24.29 -0.85 -52.62
CA GLU B 219 -22.98 -0.21 -52.41
C GLU B 219 -23.02 1.29 -52.59
N ALA B 220 -23.73 1.72 -53.63
CA ALA B 220 -23.96 3.16 -53.89
C ALA B 220 -24.73 3.92 -52.77
N ASN B 221 -25.42 3.18 -51.90
CA ASN B 221 -26.10 3.78 -50.75
C ASN B 221 -25.21 3.93 -49.51
N LEU B 222 -23.93 3.58 -49.65
CA LEU B 222 -22.94 3.85 -48.60
C LEU B 222 -22.82 5.36 -48.40
N LEU B 223 -23.09 5.81 -47.19
CA LEU B 223 -23.04 7.24 -46.89
C LEU B 223 -21.63 7.67 -46.46
N GLY B 224 -20.95 8.37 -47.36
CA GLY B 224 -19.54 8.75 -47.23
C GLY B 224 -18.55 7.58 -47.20
N LYS B 225 -17.34 7.83 -46.72
CA LYS B 225 -16.30 6.80 -46.70
C LYS B 225 -16.55 5.78 -45.59
N GLU B 226 -16.07 4.56 -45.82
CA GLU B 226 -16.15 3.50 -44.82
C GLU B 226 -15.37 3.92 -43.58
N GLY B 227 -15.95 3.68 -42.41
CA GLY B 227 -15.34 4.08 -41.13
C GLY B 227 -15.74 5.45 -40.60
N ASP B 228 -16.51 6.20 -41.39
CA ASP B 228 -16.88 7.58 -41.05
C ASP B 228 -18.15 7.66 -40.22
N GLY B 229 -18.76 6.52 -39.95
CA GLY B 229 -20.18 6.47 -39.59
C GLY B 229 -20.42 7.04 -38.22
N PHE B 230 -19.60 6.64 -37.26
CA PHE B 230 -19.60 7.19 -35.89
C PHE B 230 -19.52 8.72 -35.86
N HIS B 231 -18.57 9.28 -36.60
CA HIS B 231 -18.46 10.73 -36.79
C HIS B 231 -19.71 11.36 -37.39
N ILE B 232 -20.29 10.71 -38.40
CA ILE B 232 -21.49 11.23 -39.09
C ILE B 232 -22.65 11.32 -38.10
N ALA B 233 -22.86 10.21 -37.39
CA ALA B 233 -23.88 10.07 -36.38
C ALA B 233 -23.83 11.22 -35.38
N MET B 234 -22.73 11.32 -34.65
CA MET B 234 -22.57 12.33 -33.62
C MET B 234 -22.68 13.76 -34.18
N ALA B 235 -22.09 13.99 -35.35
CA ALA B 235 -22.12 15.30 -36.01
C ALA B 235 -23.53 15.86 -36.18
N ASN B 236 -24.45 14.99 -36.58
CA ASN B 236 -25.86 15.32 -36.78
C ASN B 236 -26.65 15.32 -35.48
N LEU B 237 -26.31 14.38 -34.60
CA LEU B 237 -26.89 14.33 -33.26
C LEU B 237 -26.79 15.66 -32.50
N ASN B 238 -25.77 16.45 -32.82
CA ASN B 238 -25.66 17.82 -32.34
C ASN B 238 -26.85 18.71 -32.70
N VAL B 239 -27.12 18.84 -33.99
CA VAL B 239 -28.26 19.60 -34.50
C VAL B 239 -29.57 18.95 -34.04
N GLY B 240 -29.57 17.63 -34.05
CA GLY B 240 -30.65 16.84 -33.43
C GLY B 240 -30.95 17.16 -31.97
N ARG B 241 -29.90 17.35 -31.19
CA ARG B 241 -30.04 17.65 -29.75
C ARG B 241 -30.63 19.05 -29.45
N ILE B 242 -30.29 20.00 -30.30
CA ILE B 242 -30.84 21.36 -30.23
C ILE B 242 -32.34 21.30 -30.51
N GLY B 243 -32.71 20.48 -31.49
CA GLY B 243 -34.09 20.16 -31.77
C GLY B 243 -34.81 19.52 -30.59
N ILE B 244 -34.17 18.56 -29.96
CA ILE B 244 -34.78 17.94 -28.75
C ILE B 244 -34.97 19.01 -27.67
N ALA B 245 -34.05 19.96 -27.63
CA ALA B 245 -34.05 20.99 -26.61
C ALA B 245 -35.25 21.91 -26.86
N ALA B 246 -35.37 22.29 -28.13
CA ALA B 246 -36.51 23.04 -28.64
C ALA B 246 -37.83 22.31 -28.34
N GLN B 247 -37.82 21.00 -28.44
CA GLN B 247 -39.01 20.18 -28.10
C GLN B 247 -39.31 20.38 -26.64
N ALA B 248 -38.27 20.26 -25.82
CA ALA B 248 -38.38 20.44 -24.35
C ALA B 248 -38.86 21.84 -23.97
N LEU B 249 -38.46 22.81 -24.78
CA LEU B 249 -38.81 24.20 -24.62
C LEU B 249 -40.33 24.39 -24.83
N GLY B 250 -40.79 23.99 -26.01
CA GLY B 250 -42.20 23.98 -26.35
C GLY B 250 -43.04 23.28 -25.31
N ILE B 251 -42.62 22.08 -24.91
CA ILE B 251 -43.34 21.38 -23.82
C ILE B 251 -43.49 22.30 -22.61
N ALA B 252 -42.40 22.97 -22.26
CA ALA B 252 -42.33 23.74 -21.00
C ALA B 252 -43.21 25.00 -21.07
N GLU B 253 -43.25 25.58 -22.26
CA GLU B 253 -44.05 26.77 -22.50
C GLU B 253 -45.55 26.48 -22.45
N ALA B 254 -45.92 25.32 -22.99
CA ALA B 254 -47.28 24.83 -22.91
C ALA B 254 -47.68 24.61 -21.44
N ALA B 255 -46.83 23.95 -20.70
CA ALA B 255 -47.07 23.81 -19.26
C ALA B 255 -47.34 25.16 -18.60
N LEU B 256 -46.52 26.15 -18.92
CA LEU B 256 -46.57 27.45 -18.28
C LEU B 256 -47.88 28.19 -18.62
N GLU B 257 -48.13 28.34 -19.91
CA GLU B 257 -49.29 29.06 -20.39
C GLU B 257 -50.56 28.48 -19.80
N HIS B 258 -50.67 27.15 -19.87
CA HIS B 258 -51.85 26.48 -19.34
C HIS B 258 -51.97 26.75 -17.85
N ALA B 259 -50.83 26.65 -17.17
CA ALA B 259 -50.77 26.83 -15.71
C ALA B 259 -51.19 28.24 -15.27
N VAL B 260 -50.87 29.24 -16.10
CA VAL B 260 -51.11 30.64 -15.75
C VAL B 260 -52.60 30.96 -15.82
N ASP B 261 -53.14 30.76 -17.01
CA ASP B 261 -54.58 30.75 -17.25
C ASP B 261 -55.40 30.00 -16.23
N TYR B 262 -55.07 28.75 -15.96
CA TYR B 262 -55.87 27.99 -15.00
C TYR B 262 -55.82 28.64 -13.63
N ALA B 263 -54.62 29.08 -13.25
CA ALA B 263 -54.30 29.60 -11.90
C ALA B 263 -54.96 30.94 -11.60
N LYS B 264 -55.30 31.64 -12.67
CA LYS B 264 -55.96 32.94 -12.64
C LYS B 264 -57.47 32.80 -12.45
N GLN B 265 -58.01 31.74 -13.05
CA GLN B 265 -59.44 31.48 -13.15
C GLN B 265 -59.90 30.66 -11.97
N ARG B 266 -59.08 29.70 -11.58
CA ARG B 266 -59.42 28.80 -10.48
C ARG B 266 -59.40 29.51 -9.16
N VAL B 267 -60.53 29.46 -8.47
CA VAL B 267 -60.71 30.15 -7.18
C VAL B 267 -60.78 29.11 -6.08
N GLN B 268 -60.04 29.36 -5.00
CA GLN B 268 -60.23 28.62 -3.73
C GLN B 268 -59.89 29.57 -2.61
N PHE B 269 -60.51 29.40 -1.45
CA PHE B 269 -60.29 30.31 -0.30
C PHE B 269 -60.67 31.78 -0.58
N GLY B 270 -61.60 32.00 -1.50
CA GLY B 270 -62.07 33.35 -1.84
C GLY B 270 -61.20 34.16 -2.79
N ARG B 271 -60.07 33.58 -3.20
CA ARG B 271 -59.18 34.21 -4.14
C ARG B 271 -58.79 33.27 -5.22
N PRO B 272 -58.36 33.79 -6.37
CA PRO B 272 -57.72 32.88 -7.28
C PRO B 272 -56.44 32.24 -6.71
N ILE B 273 -56.19 30.98 -7.05
CA ILE B 273 -54.98 30.25 -6.56
C ILE B 273 -53.65 30.93 -6.83
N ALA B 274 -53.55 31.59 -7.98
CA ALA B 274 -52.44 32.48 -8.31
C ALA B 274 -52.04 33.53 -7.25
N ALA B 275 -53.01 34.00 -6.47
CA ALA B 275 -52.76 35.03 -5.44
C ALA B 275 -51.86 34.47 -4.34
N ASN B 276 -51.68 33.17 -4.35
CA ASN B 276 -50.81 32.51 -3.40
C ASN B 276 -49.40 32.38 -3.95
N GLN B 277 -48.45 32.89 -3.18
CA GLN B 277 -47.02 32.79 -3.51
C GLN B 277 -46.46 31.35 -3.66
N GLY B 278 -46.99 30.43 -2.88
CA GLY B 278 -46.81 29.00 -3.16
C GLY B 278 -46.98 28.66 -4.64
N ILE B 279 -47.98 29.28 -5.27
CA ILE B 279 -48.34 28.99 -6.66
C ILE B 279 -47.63 29.94 -7.62
N SER B 280 -47.87 31.24 -7.46
CA SER B 280 -47.24 32.26 -8.32
C SER B 280 -45.72 32.06 -8.49
N PHE B 281 -45.02 31.74 -7.42
CA PHE B 281 -43.55 31.54 -7.45
C PHE B 281 -43.08 30.40 -8.35
N LYS B 282 -43.84 29.31 -8.39
CA LYS B 282 -43.70 28.24 -9.39
C LYS B 282 -43.79 28.77 -10.83
N LEU B 283 -44.74 29.65 -11.05
CA LEU B 283 -45.06 30.14 -12.38
C LEU B 283 -43.88 30.94 -12.86
N ALA B 284 -43.33 31.70 -11.92
CA ALA B 284 -42.23 32.65 -12.19
C ALA B 284 -40.96 31.87 -12.48
N ASP B 285 -40.73 30.87 -11.64
CA ASP B 285 -39.64 29.92 -11.84
C ASP B 285 -39.75 29.24 -13.19
N MET B 286 -40.96 28.80 -13.55
CA MET B 286 -41.23 28.17 -14.84
C MET B 286 -40.84 29.12 -15.95
N ALA B 287 -41.30 30.35 -15.82
CA ALA B 287 -41.12 31.38 -16.85
C ALA B 287 -39.64 31.73 -17.01
N THR B 288 -38.94 31.81 -15.87
CA THR B 288 -37.50 32.19 -15.82
C THR B 288 -36.59 31.10 -16.43
N ARG B 289 -36.89 29.86 -16.11
CA ARG B 289 -36.15 28.72 -16.65
C ARG B 289 -36.48 28.48 -18.11
N ALA B 290 -37.64 28.98 -18.54
CA ALA B 290 -38.02 28.95 -19.95
C ALA B 290 -37.35 30.04 -20.76
N GLU B 291 -37.03 31.14 -20.10
CA GLU B 291 -36.30 32.26 -20.71
C GLU B 291 -34.82 31.88 -20.85
N ALA B 292 -34.32 31.20 -19.83
CA ALA B 292 -32.99 30.64 -19.80
C ALA B 292 -32.80 29.62 -20.93
N ALA B 293 -33.71 28.65 -20.95
CA ALA B 293 -33.74 27.61 -21.97
C ALA B 293 -33.82 28.20 -23.37
N ARG B 294 -34.74 29.14 -23.56
CA ARG B 294 -34.93 29.74 -24.90
C ARG B 294 -33.57 30.17 -25.51
N HIS B 295 -32.75 30.87 -24.72
CA HIS B 295 -31.49 31.48 -25.20
C HIS B 295 -30.40 30.42 -25.44
N LEU B 296 -30.36 29.41 -24.58
CA LEU B 296 -29.44 28.29 -24.79
C LEU B 296 -29.70 27.66 -26.15
N VAL B 297 -30.96 27.43 -26.44
CA VAL B 297 -31.41 26.75 -27.67
C VAL B 297 -31.02 27.56 -28.88
N TYR B 298 -31.46 28.80 -28.90
CA TYR B 298 -31.30 29.66 -30.08
C TYR B 298 -29.88 30.12 -30.34
N HIS B 299 -29.09 30.31 -29.29
CA HIS B 299 -27.65 30.63 -29.44
C HIS B 299 -26.88 29.41 -29.99
N ALA B 300 -27.26 28.22 -29.51
CA ALA B 300 -26.73 26.96 -30.01
C ALA B 300 -26.99 26.78 -31.49
N ALA B 301 -28.21 27.14 -31.89
CA ALA B 301 -28.62 27.03 -33.29
C ALA B 301 -28.01 28.13 -34.15
N ASP B 302 -27.75 29.27 -33.54
CA ASP B 302 -27.12 30.42 -34.20
C ASP B 302 -25.65 30.15 -34.44
N LEU B 303 -25.04 29.40 -33.52
CA LEU B 303 -23.65 28.95 -33.69
C LEU B 303 -23.57 28.03 -34.90
N HIS B 304 -24.45 27.03 -34.91
CA HIS B 304 -24.49 26.04 -35.99
C HIS B 304 -24.81 26.70 -37.34
N ASN B 305 -25.72 27.66 -37.31
CA ASN B 305 -26.06 28.46 -38.49
C ASN B 305 -24.86 29.21 -39.06
N ARG B 306 -23.95 29.60 -38.18
CA ARG B 306 -22.73 30.32 -38.59
C ARG B 306 -21.57 29.36 -38.91
N GLY B 307 -21.87 28.08 -39.08
CA GLY B 307 -20.88 27.08 -39.49
C GLY B 307 -19.83 26.77 -38.43
N LEU B 308 -20.12 27.12 -37.18
CA LEU B 308 -19.16 27.14 -36.09
C LEU B 308 -19.34 25.92 -35.20
N ASN B 309 -18.34 25.67 -34.36
CA ASN B 309 -18.38 24.59 -33.36
C ASN B 309 -19.49 24.89 -32.36
N CYS B 310 -20.46 23.97 -32.26
CA CYS B 310 -21.68 24.16 -31.46
C CYS B 310 -21.98 22.99 -30.51
N GLY B 311 -21.08 22.00 -30.42
CA GLY B 311 -21.35 20.75 -29.69
C GLY B 311 -21.65 20.90 -28.21
N LYS B 312 -20.79 21.63 -27.51
CA LYS B 312 -20.96 21.89 -26.06
C LYS B 312 -22.26 22.63 -25.77
N GLU B 313 -22.52 23.68 -26.55
CA GLU B 313 -23.73 24.52 -26.38
C GLU B 313 -25.02 23.72 -26.59
N ALA B 314 -24.96 22.77 -27.51
CA ALA B 314 -26.12 21.92 -27.83
C ALA B 314 -26.38 20.91 -26.73
N SER B 315 -25.32 20.40 -26.14
CA SER B 315 -25.45 19.55 -24.97
C SER B 315 -26.09 20.28 -23.80
N MET B 316 -25.62 21.48 -23.54
CA MET B 316 -26.14 22.36 -22.46
C MET B 316 -27.66 22.65 -22.59
N ALA B 317 -28.04 23.06 -23.79
CA ALA B 317 -29.46 23.24 -24.18
C ALA B 317 -30.34 22.02 -23.97
N LYS B 318 -29.85 20.87 -24.41
CA LYS B 318 -30.62 19.61 -24.35
C LYS B 318 -30.91 19.28 -22.90
N GLN B 319 -29.87 19.37 -22.10
CA GLN B 319 -29.92 19.03 -20.67
C GLN B 319 -30.74 20.04 -19.87
N PHE B 320 -30.58 21.30 -20.22
CA PHE B 320 -31.26 22.36 -19.48
C PHE B 320 -32.76 22.34 -19.73
N ALA B 321 -33.11 22.46 -21.01
CA ALA B 321 -34.52 22.50 -21.43
C ALA B 321 -35.26 21.24 -20.97
N SER B 322 -34.64 20.09 -21.19
CA SER B 322 -35.23 18.80 -20.83
C SER B 322 -35.57 18.74 -19.34
N ASP B 323 -34.59 19.02 -18.49
CA ASP B 323 -34.78 19.00 -17.04
C ASP B 323 -35.81 20.03 -16.61
N ALA B 324 -35.73 21.20 -17.24
CA ALA B 324 -36.62 22.32 -16.92
C ALA B 324 -38.06 21.95 -17.27
N ALA B 325 -38.19 21.20 -18.34
CA ALA B 325 -39.50 20.78 -18.87
C ALA B 325 -40.17 19.75 -17.99
N VAL B 326 -39.41 18.74 -17.61
CA VAL B 326 -39.86 17.76 -16.60
C VAL B 326 -40.38 18.45 -15.36
N LYS B 327 -39.71 19.54 -14.98
CA LYS B 327 -40.20 20.44 -13.91
C LYS B 327 -41.41 21.12 -14.54
N ALA B 329 -42.38 20.35 -14.98
CA ALA B 329 -43.74 20.90 -15.15
C ALA B 329 -44.56 19.65 -14.84
N LEU B 330 -44.02 18.98 -13.83
CA LEU B 330 -44.75 18.45 -12.66
C LEU B 330 -45.53 19.54 -11.94
N ASP B 331 -45.14 20.78 -12.11
CA ASP B 331 -45.73 21.90 -11.40
C ASP B 331 -47.13 22.21 -11.97
N ALA B 332 -47.19 22.46 -13.27
CA ALA B 332 -48.46 22.49 -14.04
C ALA B 332 -49.48 21.43 -13.66
N VAL B 333 -49.06 20.18 -13.65
CA VAL B 333 -49.97 19.13 -13.12
C VAL B 333 -50.44 19.55 -11.74
N GLN B 334 -49.50 19.96 -10.89
CA GLN B 334 -49.79 20.34 -9.49
C GLN B 334 -50.78 21.52 -9.38
N ILE B 335 -50.64 22.46 -10.30
CA ILE B 335 -51.35 23.73 -10.26
C ILE B 335 -52.83 23.54 -10.63
N TYR B 336 -53.05 22.66 -11.59
CA TYR B 336 -54.40 22.13 -11.88
C TYR B 336 -54.96 21.17 -10.81
N GLY B 337 -54.06 20.47 -10.13
CA GLY B 337 -54.39 19.05 -9.67
C GLY B 337 -55.28 19.02 -8.46
N GLY B 338 -56.22 18.06 -8.25
CA GLY B 338 -56.68 16.82 -9.03
C GLY B 338 -56.92 16.81 -10.56
N TYR B 339 -57.45 17.91 -11.09
CA TYR B 339 -57.83 18.02 -12.53
C TYR B 339 -56.61 17.73 -13.43
N GLY B 340 -55.43 18.06 -12.93
CA GLY B 340 -54.18 17.84 -13.66
C GLY B 340 -53.78 16.38 -13.83
N TYR B 341 -54.31 15.54 -12.95
CA TYR B 341 -54.13 14.08 -13.02
C TYR B 341 -55.07 13.40 -14.00
N MET B 342 -55.77 14.19 -14.81
CA MET B 342 -56.91 13.70 -15.61
C MET B 342 -56.59 13.79 -17.09
N LYS B 343 -56.97 12.75 -17.83
CA LYS B 343 -56.54 12.65 -19.24
C LYS B 343 -57.31 13.62 -20.13
N ASP B 344 -58.51 14.00 -19.66
CA ASP B 344 -59.37 15.01 -20.36
C ASP B 344 -58.80 16.42 -20.27
N TYR B 345 -57.93 16.65 -19.30
CA TYR B 345 -57.19 17.91 -19.16
C TYR B 345 -55.78 17.82 -19.74
N PRO B 346 -55.23 18.97 -20.22
CA PRO B 346 -54.11 19.06 -21.16
C PRO B 346 -52.66 19.03 -20.60
N VAL B 347 -52.50 18.83 -19.29
CA VAL B 347 -51.19 18.92 -18.61
C VAL B 347 -50.49 17.59 -18.30
N GLU B 348 -51.28 16.54 -18.08
CA GLU B 348 -50.72 15.22 -17.76
C GLU B 348 -49.81 14.67 -18.91
N ARG B 349 -50.15 15.03 -20.15
CA ARG B 349 -49.39 14.60 -21.32
C ARG B 349 -48.04 15.23 -21.35
N LEU B 350 -47.94 16.41 -20.74
CA LEU B 350 -46.71 17.21 -20.78
C LEU B 350 -45.67 16.55 -19.92
N LEU B 351 -46.11 15.92 -18.83
CA LEU B 351 -45.19 15.21 -17.95
C LEU B 351 -44.68 13.95 -18.63
N ARG B 352 -45.64 13.10 -18.99
CA ARG B 352 -45.37 11.88 -19.71
C ARG B 352 -44.44 12.13 -20.89
N ASP B 353 -44.80 13.12 -21.71
CA ASP B 353 -43.96 13.52 -22.85
C ASP B 353 -42.59 14.09 -22.40
N ALA B 354 -42.62 15.01 -21.43
CA ALA B 354 -41.37 15.65 -20.91
C ALA B 354 -40.20 14.65 -20.67
N LYS B 355 -40.49 13.60 -19.92
CA LYS B 355 -39.48 12.68 -19.38
C LYS B 355 -38.57 12.06 -20.46
N VAL B 356 -39.13 11.86 -21.64
CA VAL B 356 -38.38 11.32 -22.76
C VAL B 356 -37.22 12.23 -23.17
N THR B 357 -37.42 13.53 -22.96
CA THR B 357 -36.47 14.56 -23.43
C THR B 357 -35.14 14.44 -22.68
N GLN B 358 -35.18 13.82 -21.50
CA GLN B 358 -34.00 13.62 -20.67
C GLN B 358 -33.18 12.39 -21.07
N ILE B 359 -33.72 11.61 -21.98
CA ILE B 359 -33.30 10.23 -22.24
C ILE B 359 -32.70 10.04 -23.64
N TYR B 360 -33.49 10.32 -24.67
CA TYR B 360 -33.06 10.13 -26.07
C TYR B 360 -32.24 11.26 -26.69
N GLU B 361 -31.59 10.90 -27.80
CA GLU B 361 -30.53 11.69 -28.45
C GLU B 361 -29.45 12.06 -27.45
N GLY B 362 -29.15 11.11 -26.57
CA GLY B 362 -28.12 11.29 -25.57
C GLY B 362 -28.68 11.68 -24.21
N THR B 363 -28.84 10.68 -23.34
CA THR B 363 -29.27 10.88 -21.96
C THR B 363 -28.50 12.02 -21.30
N ASN B 364 -29.14 12.70 -20.37
CA ASN B 364 -28.53 13.85 -19.67
C ASN B 364 -27.28 13.49 -18.86
N GLU B 365 -27.18 12.24 -18.44
CA GLU B 365 -25.89 11.74 -17.88
C GLU B 365 -24.78 11.87 -18.94
N ILE B 366 -25.08 11.46 -20.15
CA ILE B 366 -24.12 11.58 -21.28
C ILE B 366 -23.78 13.01 -21.62
N GLN B 367 -24.79 13.86 -21.51
CA GLN B 367 -24.65 15.28 -21.89
C GLN B 367 -23.72 16.01 -20.92
N ARG B 368 -23.90 15.70 -19.65
CA ARG B 368 -23.04 16.28 -18.61
C ARG B 368 -21.59 15.82 -18.83
N LEU B 369 -21.46 14.51 -19.07
CA LEU B 369 -20.18 13.91 -19.47
C LEU B 369 -19.52 14.64 -20.64
N ILE B 370 -20.24 14.76 -21.76
CA ILE B 370 -19.77 15.53 -22.93
C ILE B 370 -19.31 16.94 -22.54
N ILE B 371 -20.21 17.68 -21.89
CA ILE B 371 -19.92 19.06 -21.46
C ILE B 371 -18.64 19.08 -20.65
N SER B 372 -18.60 18.26 -19.61
CA SER B 372 -17.40 18.14 -18.76
C SER B 372 -16.12 17.85 -19.58
N LYS B 373 -16.23 17.08 -20.66
CA LYS B 373 -15.08 16.81 -21.56
C LYS B 373 -14.52 18.06 -22.25
N TYR B 374 -15.40 19.01 -22.59
CA TYR B 374 -14.95 20.31 -23.09
C TYR B 374 -14.24 21.11 -21.99
N LEU B 375 -14.70 20.97 -20.75
CA LEU B 375 -14.19 21.78 -19.65
C LEU B 375 -12.81 21.33 -19.29
N LEU B 376 -12.69 20.03 -19.11
CA LEU B 376 -11.42 19.43 -18.73
C LEU B 376 -10.34 19.52 -19.84
N GLY B 377 -10.71 19.86 -21.07
CA GLY B 377 -9.75 19.87 -22.17
C GLY B 377 -9.38 18.44 -22.52
N GLY B 378 -8.13 18.14 -22.89
CA GLY B 378 -7.00 19.08 -22.89
C GLY B 378 -6.28 19.01 -21.57
N VAL C 8 -16.87 49.46 -30.42
CA VAL C 8 -16.34 48.09 -30.74
C VAL C 8 -15.87 47.33 -29.48
N MET C 9 -16.63 46.32 -29.06
CA MET C 9 -16.63 45.93 -27.64
C MET C 9 -15.32 45.28 -27.17
N MET C 10 -14.62 45.96 -26.25
CA MET C 10 -13.32 45.52 -25.75
C MET C 10 -13.41 44.21 -25.00
N ARG C 11 -14.03 44.30 -23.79
CA ARG C 11 -13.88 43.29 -22.69
C ARG C 11 -12.41 43.55 -22.36
N LYS C 12 -11.51 43.39 -23.22
CA LYS C 12 -10.14 42.87 -23.35
C LYS C 12 -9.45 43.89 -22.45
N MET C 13 -9.78 45.16 -22.67
CA MET C 13 -9.28 46.26 -21.83
C MET C 13 -9.56 46.04 -20.33
N VAL C 14 -10.80 45.70 -20.02
CA VAL C 14 -11.22 45.50 -18.62
C VAL C 14 -10.64 44.20 -18.05
N ARG C 15 -10.55 43.17 -18.87
CA ARG C 15 -9.89 41.92 -18.46
C ARG C 15 -8.42 42.12 -18.06
N ASP C 16 -7.70 42.91 -18.84
CA ASP C 16 -6.26 43.10 -18.59
C ASP C 16 -6.06 43.93 -17.33
N PHE C 17 -6.73 45.08 -17.29
CA PHE C 17 -6.79 45.95 -16.10
C PHE C 17 -7.11 45.13 -14.86
N ALA C 18 -8.19 44.37 -14.96
CA ALA C 18 -8.70 43.57 -13.85
C ALA C 18 -7.62 42.71 -13.27
N ARG C 19 -7.05 41.88 -14.15
CA ARG C 19 -6.02 40.90 -13.80
C ARG C 19 -4.75 41.53 -13.25
N LYS C 20 -4.36 42.65 -13.84
CA LYS C 20 -3.15 43.40 -13.43
C LYS C 20 -3.35 44.20 -12.13
N GLU C 21 -4.36 45.08 -12.13
CA GLU C 21 -4.57 46.07 -11.05
C GLU C 21 -5.56 45.61 -9.98
N ILE C 22 -6.67 45.00 -10.40
CA ILE C 22 -7.77 44.66 -9.47
C ILE C 22 -7.43 43.43 -8.63
N ALA C 23 -6.68 42.50 -9.22
CA ALA C 23 -6.24 41.26 -8.52
C ALA C 23 -5.40 41.49 -7.23
N PRO C 24 -4.28 42.22 -7.34
CA PRO C 24 -3.55 42.53 -6.10
C PRO C 24 -4.39 43.33 -5.08
N ALA C 25 -5.05 44.38 -5.55
CA ALA C 25 -5.96 45.18 -4.67
C ALA C 25 -6.97 44.29 -3.93
N ALA C 26 -7.54 43.33 -4.63
CA ALA C 26 -8.58 42.44 -4.08
C ALA C 26 -8.13 41.59 -2.89
N GLU C 27 -6.87 41.19 -2.89
CA GLU C 27 -6.27 40.40 -1.80
C GLU C 27 -6.01 41.27 -0.58
N ILE C 28 -5.55 42.50 -0.83
CA ILE C 28 -5.47 43.53 0.22
C ILE C 28 -6.86 43.81 0.85
N MET C 29 -7.91 43.91 0.02
CA MET C 29 -9.27 44.14 0.52
C MET C 29 -9.79 43.00 1.39
N GLU C 30 -9.47 41.79 1.00
CA GLU C 30 -9.89 40.60 1.78
C GLU C 30 -9.17 40.52 3.13
N LYS C 31 -7.97 41.09 3.17
CA LYS C 31 -7.13 41.02 4.38
C LYS C 31 -7.40 42.19 5.29
N THR C 32 -7.50 43.36 4.67
CA THR C 32 -7.62 44.62 5.39
C THR C 32 -9.10 44.97 5.70
N ASP C 33 -10.00 44.63 4.78
CA ASP C 33 -11.42 45.07 4.79
C ASP C 33 -11.54 46.58 4.56
N GLU C 34 -10.54 47.17 3.90
CA GLU C 34 -10.48 48.59 3.67
C GLU C 34 -10.77 48.98 2.23
N PHE C 35 -11.68 49.93 2.09
CA PHE C 35 -12.12 50.41 0.79
C PHE C 35 -10.88 50.73 -0.05
N PRO C 36 -10.89 50.36 -1.35
CA PRO C 36 -9.70 50.47 -2.15
C PRO C 36 -9.59 51.84 -2.84
N PHE C 37 -9.37 52.87 -2.04
CA PHE C 37 -9.29 54.24 -2.53
C PHE C 37 -8.38 54.42 -3.75
N GLN C 38 -7.20 53.80 -3.68
CA GLN C 38 -6.19 53.93 -4.74
C GLN C 38 -6.56 53.28 -6.05
N LEU C 39 -7.14 52.09 -5.98
CA LEU C 39 -7.65 51.38 -7.14
C LEU C 39 -8.72 52.18 -7.85
N ILE C 40 -9.70 52.65 -7.06
CA ILE C 40 -10.79 53.49 -7.57
C ILE C 40 -10.21 54.63 -8.38
N LYS C 41 -9.34 55.39 -7.76
CA LYS C 41 -8.66 56.51 -8.44
C LYS C 41 -8.11 56.07 -9.80
N LYS C 42 -7.30 55.02 -9.79
CA LYS C 42 -6.71 54.43 -10.99
C LYS C 42 -7.78 54.05 -12.03
N MET C 43 -8.78 53.26 -11.61
CA MET C 43 -9.95 52.93 -12.48
C MET C 43 -10.53 54.20 -13.10
N GLY C 44 -10.54 55.27 -12.32
CA GLY C 44 -10.93 56.59 -12.79
C GLY C 44 -10.08 57.08 -13.97
N LYS C 45 -8.76 57.08 -13.79
CA LYS C 45 -7.81 57.46 -14.85
C LYS C 45 -7.97 56.59 -16.11
N HIS C 46 -8.22 55.30 -15.91
CA HIS C 46 -8.41 54.36 -17.03
C HIS C 46 -9.83 54.33 -17.61
N GLY C 47 -10.67 55.26 -17.17
CA GLY C 47 -11.92 55.59 -17.87
C GLY C 47 -12.98 54.52 -17.68
N LEU C 48 -12.97 53.92 -16.48
CA LEU C 48 -13.91 52.84 -16.10
C LEU C 48 -15.07 53.32 -15.25
N MET C 49 -14.93 54.52 -14.73
CA MET C 49 -15.90 55.07 -13.84
C MET C 49 -16.64 55.60 -15.09
N GLY C 50 -17.81 56.19 -14.95
CA GLY C 50 -18.58 56.61 -16.14
C GLY C 50 -18.73 56.03 -17.56
N ILE C 51 -18.96 54.73 -17.67
CA ILE C 51 -18.83 54.02 -18.97
C ILE C 51 -20.04 54.24 -19.88
N PRO C 52 -21.25 54.15 -19.32
CA PRO C 52 -22.47 54.40 -20.12
C PRO C 52 -22.92 55.87 -20.00
N VAL C 53 -22.03 56.71 -19.50
CA VAL C 53 -22.24 58.17 -19.46
C VAL C 53 -21.79 58.77 -20.79
N PRO C 54 -22.55 59.74 -21.34
CA PRO C 54 -22.04 60.36 -22.57
C PRO C 54 -20.85 61.26 -22.33
N GLU C 55 -20.14 61.55 -23.42
CA GLU C 55 -18.88 62.31 -23.40
C GLU C 55 -19.10 63.77 -23.07
N GLN C 56 -20.23 64.30 -23.53
CA GLN C 56 -20.76 65.62 -23.13
C GLN C 56 -20.53 65.90 -21.64
N TYR C 57 -20.92 64.93 -20.82
CA TYR C 57 -20.81 65.03 -19.35
C TYR C 57 -19.59 64.31 -18.75
N GLY C 58 -18.70 63.80 -19.60
CA GLY C 58 -17.33 63.44 -19.21
C GLY C 58 -16.94 61.98 -18.85
N GLY C 59 -17.69 60.89 -18.94
CA GLY C 59 -18.30 60.27 -20.11
C GLY C 59 -17.34 59.41 -20.90
N ALA C 60 -17.33 58.06 -20.82
CA ALA C 60 -16.61 57.22 -21.85
C ALA C 60 -17.39 57.18 -23.15
N GLY C 61 -18.67 57.50 -23.06
CA GLY C 61 -19.55 57.64 -24.23
C GLY C 61 -19.99 56.30 -24.80
N ALA C 62 -19.87 55.26 -23.99
CA ALA C 62 -20.13 53.88 -24.43
C ALA C 62 -21.54 53.48 -24.05
N ASP C 63 -21.93 52.25 -24.40
CA ASP C 63 -23.30 51.75 -24.24
C ASP C 63 -23.41 50.83 -23.03
N VAL C 64 -24.61 50.30 -22.81
CA VAL C 64 -24.98 49.61 -21.57
C VAL C 64 -24.48 48.16 -21.54
N VAL C 65 -24.43 47.53 -22.71
CA VAL C 65 -23.73 46.25 -22.83
C VAL C 65 -22.24 46.34 -22.41
N SER C 66 -21.50 47.28 -23.00
CA SER C 66 -20.05 47.48 -22.69
C SER C 66 -19.85 47.77 -21.18
N TYR C 67 -20.81 48.48 -20.59
CA TYR C 67 -20.80 48.79 -19.15
C TYR C 67 -21.02 47.55 -18.29
N ILE C 68 -22.08 46.82 -18.60
CA ILE C 68 -22.46 45.62 -17.87
C ILE C 68 -21.35 44.60 -18.04
N LEU C 69 -20.83 44.56 -19.25
CA LEU C 69 -19.68 43.72 -19.61
C LEU C 69 -18.50 43.99 -18.70
N ALA C 70 -18.24 45.27 -18.46
CA ALA C 70 -17.18 45.67 -17.56
C ALA C 70 -17.41 45.04 -16.18
N ILE C 71 -18.58 45.30 -15.61
CA ILE C 71 -18.98 44.78 -14.30
C ILE C 71 -18.85 43.28 -14.21
N HIS C 72 -19.22 42.61 -15.28
CA HIS C 72 -19.09 41.14 -15.38
C HIS C 72 -17.63 40.73 -15.18
N GLU C 73 -16.76 41.33 -15.98
CA GLU C 73 -15.35 41.03 -15.99
C GLU C 73 -14.66 41.34 -14.67
N ILE C 74 -14.99 42.48 -14.11
CA ILE C 74 -14.42 42.90 -12.83
C ILE C 74 -14.80 41.95 -11.71
N SER C 75 -16.00 41.39 -11.82
CA SER C 75 -16.57 40.56 -10.77
C SER C 75 -16.02 39.16 -10.77
N ARG C 76 -15.52 38.73 -11.91
CA ARG C 76 -14.64 37.53 -11.98
C ARG C 76 -13.54 37.56 -10.93
N ILE C 77 -12.83 38.67 -10.90
CA ILE C 77 -11.75 38.93 -9.97
C ILE C 77 -12.24 39.37 -8.59
N SER C 78 -13.21 40.28 -8.53
CA SER C 78 -13.59 40.79 -7.17
C SER C 78 -14.94 40.60 -6.48
N ALA C 79 -15.99 40.99 -7.14
CA ALA C 79 -17.35 41.12 -6.59
C ALA C 79 -17.50 42.42 -5.84
N ALA C 80 -16.73 42.60 -4.77
CA ALA C 80 -16.70 43.87 -4.01
C ALA C 80 -16.51 45.04 -4.92
N VAL C 81 -15.41 45.02 -5.66
CA VAL C 81 -15.13 46.15 -6.59
C VAL C 81 -16.25 46.29 -7.63
N GLY C 82 -16.85 45.14 -7.99
CA GLY C 82 -17.88 45.09 -9.00
C GLY C 82 -19.12 45.86 -8.55
N VAL C 83 -19.52 45.64 -7.31
CA VAL C 83 -20.70 46.28 -6.73
C VAL C 83 -20.46 47.78 -6.47
N ILE C 84 -19.24 48.12 -6.03
CA ILE C 84 -18.84 49.52 -5.86
C ILE C 84 -18.99 50.27 -7.18
N LEU C 85 -18.45 49.69 -8.23
CA LEU C 85 -18.60 50.27 -9.56
C LEU C 85 -20.08 50.33 -9.96
N SER C 86 -20.80 49.26 -9.67
CA SER C 86 -22.17 49.07 -10.18
C SER C 86 -23.13 50.08 -9.57
N VAL C 87 -23.01 50.25 -8.26
CA VAL C 87 -23.79 51.23 -7.51
C VAL C 87 -23.42 52.64 -8.00
N HIS C 88 -22.12 52.92 -8.00
CA HIS C 88 -21.61 54.26 -8.41
C HIS C 88 -22.30 54.78 -9.65
N THR C 89 -22.33 53.95 -10.68
CA THR C 89 -22.85 54.34 -12.00
C THR C 89 -24.36 54.28 -12.14
N SER C 90 -24.93 53.13 -11.82
CA SER C 90 -26.29 52.75 -12.18
C SER C 90 -27.35 53.43 -11.26
N VAL C 91 -26.95 53.66 -10.02
CA VAL C 91 -27.84 54.28 -9.01
C VAL C 91 -27.23 55.48 -8.28
N GLY C 92 -25.94 55.69 -8.43
CA GLY C 92 -25.26 56.91 -7.93
C GLY C 92 -25.09 58.02 -8.95
N THR C 93 -24.99 57.66 -10.22
CA THR C 93 -24.74 58.64 -11.32
C THR C 93 -25.94 58.76 -12.27
N ASN C 94 -26.52 57.61 -12.63
CA ASN C 94 -27.54 57.54 -13.66
C ASN C 94 -28.84 58.26 -13.29
N PRO C 95 -29.25 58.21 -12.01
CA PRO C 95 -30.44 58.98 -11.66
C PRO C 95 -30.32 60.45 -12.03
N ILE C 96 -29.15 61.03 -11.78
CA ILE C 96 -28.89 62.40 -12.21
C ILE C 96 -28.97 62.48 -13.74
N LEU C 97 -28.25 61.59 -14.40
CA LEU C 97 -28.16 61.57 -15.85
C LEU C 97 -29.54 61.53 -16.50
N TYR C 98 -30.44 60.71 -15.94
CA TYR C 98 -31.73 60.38 -16.62
C TYR C 98 -32.93 61.21 -16.15
N PHE C 99 -32.88 61.71 -14.93
CA PHE C 99 -33.97 62.51 -14.35
C PHE C 99 -33.60 63.94 -13.93
N GLY C 100 -32.31 64.28 -13.99
CA GLY C 100 -31.77 65.49 -13.30
C GLY C 100 -31.44 66.91 -13.63
N GLU C 102 -30.26 69.84 -17.01
CA GLU C 102 -29.00 70.16 -17.74
C GLU C 102 -27.94 70.80 -16.83
N GLU C 103 -28.37 71.65 -15.91
CA GLU C 103 -27.46 72.30 -14.94
C GLU C 103 -26.81 71.33 -13.96
N GLN C 104 -27.64 70.43 -13.40
CA GLN C 104 -27.18 69.39 -12.45
C GLN C 104 -26.28 68.33 -13.09
N LYS C 105 -26.70 67.87 -14.25
CA LYS C 105 -25.88 66.98 -15.07
C LYS C 105 -24.47 67.54 -15.20
N MET C 106 -24.38 68.80 -15.60
CA MET C 106 -23.09 69.50 -15.78
C MET C 106 -22.31 69.64 -14.46
N LYS C 107 -23.00 69.93 -13.39
CA LYS C 107 -22.35 70.21 -12.10
C LYS C 107 -21.76 68.96 -11.48
N TYR C 108 -22.52 67.86 -11.55
CA TYR C 108 -22.27 66.68 -10.70
C TYR C 108 -21.64 65.48 -11.41
N ILE C 109 -21.98 65.30 -12.68
CA ILE C 109 -21.61 64.08 -13.42
C ILE C 109 -20.13 63.95 -13.82
N PRO C 110 -19.52 65.01 -14.40
CA PRO C 110 -18.10 64.90 -14.84
C PRO C 110 -17.16 64.36 -13.75
N ASN C 111 -17.31 64.86 -12.54
CA ASN C 111 -16.51 64.39 -11.41
C ASN C 111 -16.87 62.97 -11.02
N LEU C 112 -18.14 62.62 -11.17
CA LEU C 112 -18.57 61.22 -11.00
C LEU C 112 -18.01 60.32 -12.10
N ALA C 113 -18.05 60.83 -13.33
CA ALA C 113 -17.62 60.08 -14.51
C ALA C 113 -16.12 59.78 -14.47
N SER C 114 -15.34 60.83 -14.27
CA SER C 114 -13.87 60.74 -14.14
C SER C 114 -13.45 59.80 -13.02
N GLY C 115 -14.27 59.74 -11.97
CA GLY C 115 -13.91 59.02 -10.75
C GLY C 115 -13.25 59.90 -9.70
N ASP C 116 -13.09 61.19 -9.98
CA ASP C 116 -12.72 62.15 -8.94
C ASP C 116 -13.74 62.15 -7.78
N HIS C 117 -15.01 61.90 -8.12
CA HIS C 117 -16.06 61.73 -7.15
C HIS C 117 -16.68 60.34 -7.23
N LEU C 118 -17.09 59.85 -6.05
CA LEU C 118 -17.75 58.55 -5.90
C LEU C 118 -19.24 58.65 -5.44
N GLY C 119 -20.05 57.74 -5.96
CA GLY C 119 -21.50 57.84 -5.92
C GLY C 119 -22.10 56.79 -5.00
N ALA C 120 -23.26 57.13 -4.44
CA ALA C 120 -23.94 56.25 -3.51
C ALA C 120 -25.44 56.42 -3.77
N PHE C 121 -26.23 55.52 -3.15
CA PHE C 121 -27.69 55.39 -3.38
C PHE C 121 -28.30 55.10 -2.01
N ALA C 122 -29.06 56.07 -1.50
CA ALA C 122 -29.54 56.06 -0.12
C ALA C 122 -31.04 55.91 -0.18
N LEU C 123 -31.50 54.67 -0.23
CA LEU C 123 -32.93 54.36 -0.24
C LEU C 123 -33.34 53.66 1.05
N THR C 124 -32.64 52.57 1.36
CA THR C 124 -33.06 51.62 2.38
C THR C 124 -32.98 52.21 3.79
N GLU C 125 -33.91 51.77 4.63
CA GLU C 125 -34.03 52.27 6.00
C GLU C 125 -34.30 51.12 6.95
N PRO C 126 -34.05 51.33 8.24
CA PRO C 126 -34.29 50.19 9.17
C PRO C 126 -35.68 49.58 9.04
N HIS C 127 -36.68 50.43 8.82
CA HIS C 127 -38.10 50.02 8.73
C HIS C 127 -38.61 49.86 7.30
N SER C 128 -37.87 50.39 6.32
CA SER C 128 -38.21 50.24 4.90
C SER C 128 -37.06 49.63 4.05
N GLY C 129 -37.30 48.47 3.45
CA GLY C 129 -36.31 47.82 2.60
C GLY C 129 -36.95 47.28 1.32
N SER C 130 -37.56 46.10 1.44
CA SER C 130 -38.32 45.49 0.35
C SER C 130 -39.52 46.38 0.06
N ASP C 131 -40.23 46.75 1.11
CA ASP C 131 -41.22 47.82 1.05
C ASP C 131 -40.55 49.19 1.16
N ALA C 132 -39.91 49.60 0.07
CA ALA C 132 -39.17 50.86 0.02
C ALA C 132 -40.13 52.05 0.02
N GLY C 133 -41.36 51.81 -0.41
CA GLY C 133 -42.42 52.81 -0.34
C GLY C 133 -42.63 53.39 1.06
N SER C 134 -42.57 52.53 2.08
CA SER C 134 -42.80 52.93 3.47
C SER C 134 -41.60 53.52 4.21
N LEU C 135 -40.75 54.23 3.47
CA LEU C 135 -39.66 54.99 4.08
C LEU C 135 -40.17 56.18 4.89
N ARG C 136 -39.38 56.54 5.89
CA ARG C 136 -39.76 57.51 6.94
C ARG C 136 -38.92 58.79 6.94
N THR C 137 -37.77 58.77 6.28
CA THR C 137 -36.95 59.97 6.20
C THR C 137 -37.79 61.09 5.60
N THR C 138 -37.85 62.22 6.29
CA THR C 138 -38.63 63.36 5.81
C THR C 138 -37.72 64.42 5.21
N ALA C 139 -38.25 65.11 4.21
CA ALA C 139 -37.61 66.28 3.63
C ALA C 139 -38.59 67.45 3.59
N ILE C 140 -38.45 68.35 4.56
CA ILE C 140 -39.35 69.50 4.71
C ILE C 140 -38.66 70.80 4.29
N LYS C 141 -39.22 71.45 3.27
CA LYS C 141 -38.67 72.75 2.81
C LYS C 141 -38.85 73.84 3.88
N LYS C 142 -37.74 74.43 4.32
CA LYS C 142 -37.70 75.55 5.26
C LYS C 142 -36.46 76.43 4.98
N ASN C 143 -36.66 77.69 4.57
CA ASN C 143 -37.56 78.10 3.50
C ASN C 143 -36.63 78.26 2.29
N GLY C 144 -36.99 77.53 1.25
CA GLY C 144 -36.23 77.43 0.01
C GLY C 144 -34.99 76.55 0.08
N LYS C 145 -34.68 76.03 1.27
CA LYS C 145 -33.66 75.00 1.51
C LYS C 145 -34.43 73.81 2.08
N TYR C 146 -34.20 72.61 1.57
CA TYR C 146 -34.84 71.40 2.12
C TYR C 146 -34.14 70.94 3.38
N LEU C 147 -34.92 70.39 4.30
CA LEU C 147 -34.44 70.01 5.63
C LEU C 147 -34.77 68.55 5.89
N LEU C 148 -33.72 67.73 5.84
CA LEU C 148 -33.87 66.26 5.85
C LEU C 148 -33.71 65.68 7.25
N ASN C 149 -34.56 64.71 7.57
CA ASN C 149 -34.54 64.09 8.90
C ASN C 149 -34.88 62.61 8.88
N GLY C 150 -34.04 61.81 9.53
CA GLY C 150 -34.17 60.37 9.55
C GLY C 150 -32.86 59.65 9.28
N SER C 151 -32.96 58.35 8.98
CA SER C 151 -31.79 57.49 8.87
C SER C 151 -31.88 56.52 7.71
N LYS C 152 -30.73 56.29 7.10
CA LYS C 152 -30.59 55.21 6.13
C LYS C 152 -29.76 54.10 6.68
N ILE C 153 -29.91 52.92 6.09
CA ILE C 153 -29.12 51.77 6.46
C ILE C 153 -28.54 51.05 5.26
N PHE C 154 -27.50 50.24 5.53
CA PHE C 154 -26.90 49.30 4.58
C PHE C 154 -26.51 49.99 3.31
N ILE C 155 -25.83 51.13 3.43
CA ILE C 155 -25.55 51.98 2.25
C ILE C 155 -24.18 51.71 1.62
N THR C 156 -24.19 51.11 0.43
CA THR C 156 -22.94 50.76 -0.25
C THR C 156 -22.23 52.08 -0.51
N ASN C 157 -20.91 52.03 -0.54
CA ASN C 157 -20.07 53.19 -0.83
C ASN C 157 -20.13 54.26 0.26
N GLY C 158 -20.52 53.82 1.45
CA GLY C 158 -20.74 54.68 2.60
C GLY C 158 -19.48 55.19 3.25
N GLY C 159 -19.26 56.50 3.17
CA GLY C 159 -18.09 57.15 3.78
C GLY C 159 -16.98 57.40 2.77
N ALA C 160 -17.00 56.63 1.69
CA ALA C 160 -16.13 56.85 0.53
C ALA C 160 -16.83 57.82 -0.39
N ALA C 161 -18.15 57.79 -0.36
CA ALA C 161 -18.94 58.50 -1.36
C ALA C 161 -18.99 60.00 -1.11
N ASP C 162 -18.94 60.74 -2.22
CA ASP C 162 -19.06 62.21 -2.26
C ASP C 162 -20.51 62.69 -2.53
N ILE C 163 -21.21 61.93 -3.36
CA ILE C 163 -22.59 62.20 -3.73
C ILE C 163 -23.44 61.03 -3.28
N TYR C 164 -24.58 61.33 -2.62
CA TYR C 164 -25.58 60.34 -2.25
C TYR C 164 -26.96 60.67 -2.83
N ILE C 165 -27.39 59.87 -3.81
CA ILE C 165 -28.75 59.97 -4.35
C ILE C 165 -29.71 59.46 -3.29
N THR C 166 -30.45 60.40 -2.69
CA THR C 166 -31.17 60.15 -1.45
C THR C 166 -32.67 60.37 -1.62
N PHE C 167 -33.44 59.46 -1.03
CA PHE C 167 -34.90 59.44 -1.17
C PHE C 167 -35.58 59.75 0.17
N ALA C 168 -36.57 60.68 0.15
CA ALA C 168 -37.08 61.31 1.45
C ALA C 168 -38.40 62.04 1.75
N LEU C 169 -39.50 61.58 1.24
CA LEU C 169 -40.76 62.02 1.83
C LEU C 169 -41.10 63.51 1.97
N THR C 170 -41.41 64.08 0.82
CA THR C 170 -41.85 65.46 0.71
C THR C 170 -43.35 65.67 1.02
N ALA C 171 -44.15 64.62 0.87
CA ALA C 171 -45.60 64.64 1.15
C ALA C 171 -46.01 63.39 1.94
N PRO C 172 -45.69 63.34 3.25
CA PRO C 172 -45.87 62.14 4.08
C PRO C 172 -47.24 61.42 4.04
N ASP C 173 -48.31 62.16 3.79
CA ASP C 173 -49.65 61.53 3.76
C ASP C 173 -49.92 60.74 2.46
N GLN C 174 -49.06 60.89 1.46
CA GLN C 174 -49.18 60.13 0.18
C GLN C 174 -48.40 58.80 0.03
N GLY C 175 -47.71 58.39 1.07
CA GLY C 175 -46.95 57.13 1.05
C GLY C 175 -45.93 57.02 -0.08
N ARG C 176 -46.00 55.95 -0.86
CA ARG C 176 -45.14 55.73 -2.04
C ARG C 176 -45.19 56.85 -3.08
N HIS C 177 -46.30 57.60 -3.08
CA HIS C 177 -46.53 58.66 -4.07
C HIS C 177 -46.03 60.04 -3.62
N GLY C 178 -45.62 60.13 -2.36
CA GLY C 178 -45.13 61.39 -1.76
C GLY C 178 -43.63 61.42 -1.50
N ILE C 179 -42.92 60.45 -2.09
CA ILE C 179 -41.46 60.34 -2.02
C ILE C 179 -40.78 61.20 -3.08
N SER C 180 -39.80 61.98 -2.63
CA SER C 180 -38.94 62.75 -3.53
C SER C 180 -37.50 62.24 -3.53
N ALA C 181 -36.77 62.60 -4.58
CA ALA C 181 -35.34 62.21 -4.72
C ALA C 181 -34.41 63.41 -4.71
N PHE C 182 -33.28 63.25 -4.00
CA PHE C 182 -32.35 64.35 -3.72
C PHE C 182 -30.88 64.01 -4.01
N ILE C 183 -30.19 64.94 -4.68
CA ILE C 183 -28.72 64.92 -4.78
C ILE C 183 -28.11 65.49 -3.49
N VAL C 184 -27.65 64.59 -2.62
CA VAL C 184 -27.01 65.00 -1.37
C VAL C 184 -25.50 64.90 -1.47
N GLU C 185 -24.83 65.99 -1.10
CA GLU C 185 -23.38 66.08 -1.08
C GLU C 185 -22.87 65.74 0.32
N LYS C 186 -21.68 65.15 0.37
CA LYS C 186 -21.16 64.52 1.58
C LYS C 186 -20.85 65.51 2.72
N ASN C 187 -20.39 66.70 2.34
CA ASN C 187 -20.12 67.79 3.30
C ASN C 187 -21.35 68.59 3.76
N THR C 188 -22.54 67.99 3.65
CA THR C 188 -23.79 68.66 4.03
C THR C 188 -23.87 68.78 5.55
N PRO C 189 -24.22 70.00 6.05
CA PRO C 189 -24.45 70.24 7.47
C PRO C 189 -25.57 69.34 8.00
N GLY C 190 -25.32 68.67 9.12
CA GLY C 190 -26.30 67.76 9.74
C GLY C 190 -26.39 66.36 9.12
N PHE C 191 -25.58 66.10 8.11
CA PHE C 191 -25.52 64.81 7.43
C PHE C 191 -24.31 64.05 7.95
N THR C 192 -24.54 62.93 8.61
CA THR C 192 -23.45 62.11 9.12
C THR C 192 -23.48 60.66 8.65
N VAL C 193 -22.28 60.08 8.62
CA VAL C 193 -22.05 58.69 8.22
C VAL C 193 -21.76 57.86 9.46
N GLY C 194 -22.38 56.69 9.52
CA GLY C 194 -22.13 55.72 10.57
C GLY C 194 -20.88 54.86 10.36
N LYS C 195 -20.55 54.08 11.38
CA LYS C 195 -19.41 53.17 11.30
C LYS C 195 -19.60 52.14 10.19
N LYS C 196 -18.49 51.80 9.55
CA LYS C 196 -18.38 50.62 8.63
C LYS C 196 -19.00 49.34 9.21
N GLU C 197 -19.93 48.74 8.48
CA GLU C 197 -20.74 47.63 9.03
C GLU C 197 -20.17 46.29 9.36
N ARG C 198 -19.19 45.80 8.64
CA ARG C 198 -18.61 44.52 9.04
C ARG C 198 -19.59 43.35 8.77
N LYS C 199 -19.40 42.77 7.60
CA LYS C 199 -20.36 41.90 6.93
C LYS C 199 -19.79 40.49 6.71
N LEU C 200 -20.67 39.54 6.39
CA LEU C 200 -20.24 38.20 5.92
C LEU C 200 -19.20 38.27 4.79
N GLY C 201 -19.38 39.21 3.87
CA GLY C 201 -18.56 39.30 2.66
C GLY C 201 -18.54 40.66 1.99
N LEU C 202 -18.33 40.69 0.68
CA LEU C 202 -17.95 41.94 -0.03
C LEU C 202 -16.98 42.73 0.86
N TYR C 203 -15.86 42.10 1.20
CA TYR C 203 -14.80 42.74 1.94
C TYR C 203 -14.11 43.72 0.94
N GLY C 204 -13.55 44.88 1.31
CA GLY C 204 -14.25 46.00 1.88
C GLY C 204 -14.90 47.00 0.88
N SER C 205 -16.07 46.57 0.50
CA SER C 205 -17.06 47.51 0.02
C SER C 205 -17.70 48.17 1.24
N ASN C 206 -17.29 49.39 1.56
CA ASN C 206 -17.88 50.15 2.71
C ASN C 206 -19.40 50.12 2.68
N THR C 207 -20.00 49.49 3.68
CA THR C 207 -21.46 49.55 3.84
C THR C 207 -21.80 50.22 5.17
N THR C 208 -22.52 51.33 5.12
CA THR C 208 -22.76 52.12 6.34
C THR C 208 -24.18 52.57 6.54
N GLU C 209 -24.42 52.98 7.78
CA GLU C 209 -25.58 53.77 8.18
C GLU C 209 -25.38 55.24 7.83
N LEU C 210 -26.48 55.94 7.59
CA LEU C 210 -26.46 57.39 7.43
C LEU C 210 -27.44 58.04 8.37
N ILE C 211 -26.98 59.03 9.10
CA ILE C 211 -27.85 59.81 10.00
C ILE C 211 -28.14 61.16 9.36
N PHE C 212 -29.42 61.48 9.23
CA PHE C 212 -29.88 62.79 8.77
C PHE C 212 -30.50 63.55 9.93
N ASP C 213 -29.78 64.57 10.39
CA ASP C 213 -30.23 65.43 11.48
C ASP C 213 -30.37 66.88 10.98
N ASN C 214 -31.62 67.32 10.82
CA ASN C 214 -31.91 68.60 10.17
C ASN C 214 -30.83 68.92 9.14
N ALA C 215 -30.70 68.00 8.19
CA ALA C 215 -29.63 68.07 7.20
C ALA C 215 -30.04 69.05 6.12
N GLU C 216 -29.20 70.03 5.86
CA GLU C 216 -29.55 71.16 5.00
C GLU C 216 -29.19 70.90 3.54
N VAL C 217 -30.19 70.61 2.72
CA VAL C 217 -29.99 70.38 1.28
C VAL C 217 -30.69 71.51 0.47
N PRO C 218 -30.00 72.20 -0.45
CA PRO C 218 -30.41 73.42 -1.14
C PRO C 218 -31.81 73.53 -1.65
N ALA C 220 -32.18 73.45 -5.16
CA ALA C 220 -31.64 73.16 -6.50
C ALA C 220 -31.11 71.71 -6.67
N ASN C 221 -30.83 71.03 -5.56
CA ASN C 221 -30.43 69.62 -5.59
C ASN C 221 -31.60 68.62 -5.59
N LEU C 222 -32.82 69.14 -5.62
CA LEU C 222 -34.01 68.31 -5.82
C LEU C 222 -33.91 67.63 -7.17
N LEU C 223 -33.93 66.31 -7.17
CA LEU C 223 -33.82 65.53 -8.40
C LEU C 223 -35.20 65.30 -9.03
N GLY C 224 -35.46 66.00 -10.14
CA GLY C 224 -36.75 66.05 -10.82
C GLY C 224 -37.88 66.67 -10.00
N LYS C 225 -39.11 66.38 -10.40
CA LYS C 225 -40.28 66.93 -9.73
C LYS C 225 -40.56 66.22 -8.41
N GLU C 226 -41.14 66.97 -7.47
CA GLU C 226 -41.53 66.41 -6.18
C GLU C 226 -42.58 65.33 -6.37
N GLY C 227 -42.42 64.22 -5.66
CA GLY C 227 -43.28 63.05 -5.81
C GLY C 227 -42.82 61.99 -6.82
N ASP C 228 -41.74 62.27 -7.54
CA ASP C 228 -41.28 61.39 -8.61
C ASP C 228 -40.24 60.36 -8.13
N GLY C 229 -39.95 60.39 -6.83
CA GLY C 229 -38.73 59.77 -6.32
C GLY C 229 -38.80 58.25 -6.38
N PHE C 230 -39.93 57.70 -5.94
CA PHE C 230 -40.20 56.26 -6.03
C PHE C 230 -39.98 55.71 -7.45
N HIS C 231 -40.55 56.39 -8.44
CA HIS C 231 -40.38 56.05 -9.85
C HIS C 231 -38.92 56.09 -10.29
N ILE C 232 -38.21 57.12 -9.85
CA ILE C 232 -36.80 57.31 -10.19
C ILE C 232 -35.96 56.13 -9.68
N ALA C 233 -36.17 55.83 -8.40
CA ALA C 233 -35.53 54.72 -7.71
C ALA C 233 -35.65 53.40 -8.47
N MET C 234 -36.88 52.96 -8.65
CA MET C 234 -37.16 51.67 -9.31
C MET C 234 -36.65 51.63 -10.76
N ALA C 235 -36.83 52.74 -11.46
CA ALA C 235 -36.40 52.86 -12.87
C ALA C 235 -34.93 52.47 -13.06
N ASN C 236 -34.10 52.97 -12.15
CA ASN C 236 -32.66 52.75 -12.16
C ASN C 236 -32.30 51.39 -11.59
N LEU C 237 -33.04 50.98 -10.57
CA LEU C 237 -32.87 49.67 -9.96
C LEU C 237 -32.96 48.51 -10.97
N ASN C 238 -33.67 48.74 -12.07
CA ASN C 238 -33.68 47.80 -13.23
C ASN C 238 -32.31 47.57 -13.86
N VAL C 239 -31.67 48.65 -14.29
CA VAL C 239 -30.28 48.58 -14.83
C VAL C 239 -29.31 48.12 -13.75
N GLY C 240 -29.56 48.59 -12.53
CA GLY C 240 -28.84 48.12 -11.34
C GLY C 240 -28.90 46.62 -11.13
N ARG C 241 -30.07 46.04 -11.35
CA ARG C 241 -30.28 44.59 -11.13
C ARG C 241 -29.56 43.69 -12.17
N ILE C 242 -29.47 44.19 -13.41
CA ILE C 242 -28.71 43.52 -14.47
C ILE C 242 -27.23 43.50 -14.09
N GLY C 243 -26.78 44.62 -13.51
CA GLY C 243 -25.45 44.72 -12.95
C GLY C 243 -25.23 43.71 -11.85
N ILE C 244 -26.16 43.62 -10.92
CA ILE C 244 -26.03 42.64 -9.85
C ILE C 244 -25.94 41.22 -10.43
N ALA C 245 -26.66 41.01 -11.52
CA ALA C 245 -26.73 39.70 -12.17
C ALA C 245 -25.39 39.38 -12.79
N ALA C 246 -24.84 40.39 -13.46
CA ALA C 246 -23.47 40.38 -13.99
C ALA C 246 -22.42 40.13 -12.91
N GLN C 247 -22.64 40.70 -11.74
CA GLN C 247 -21.80 40.42 -10.57
C GLN C 247 -21.88 38.95 -10.24
N ALA C 248 -23.11 38.45 -10.16
CA ALA C 248 -23.37 37.01 -9.80
C ALA C 248 -22.75 36.06 -10.83
N LEU C 249 -22.70 36.55 -12.07
CA LEU C 249 -22.18 35.80 -13.19
C LEU C 249 -20.68 35.63 -13.01
N GLY C 250 -20.01 36.77 -12.87
CA GLY C 250 -18.57 36.82 -12.62
C GLY C 250 -18.19 35.94 -11.44
N ILE C 251 -18.90 36.09 -10.35
CA ILE C 251 -18.66 35.23 -9.19
C ILE C 251 -18.69 33.77 -9.60
N ALA C 252 -19.70 33.42 -10.36
CA ALA C 252 -19.95 32.00 -10.73
C ALA C 252 -18.85 31.44 -11.64
N GLU C 253 -18.38 32.29 -12.54
CA GLU C 253 -17.37 31.92 -13.50
C GLU C 253 -16.03 31.68 -12.80
N ALA C 254 -15.75 32.51 -11.81
CA ALA C 254 -14.54 32.38 -10.98
C ALA C 254 -14.59 31.06 -10.22
N ALA C 255 -15.75 30.76 -9.66
CA ALA C 255 -15.94 29.47 -8.99
C ALA C 255 -15.62 28.31 -9.94
N LEU C 256 -16.13 28.41 -11.15
CA LEU C 256 -16.00 27.33 -12.14
C LEU C 256 -14.54 27.12 -12.57
N GLU C 257 -13.94 28.20 -13.04
CA GLU C 257 -12.57 28.16 -13.56
C GLU C 257 -11.58 27.64 -12.52
N HIS C 258 -11.70 28.15 -11.30
CA HIS C 258 -10.88 27.66 -10.20
C HIS C 258 -11.14 26.17 -9.95
N ALA C 259 -12.42 25.82 -9.94
CA ALA C 259 -12.85 24.44 -9.66
C ALA C 259 -12.34 23.42 -10.68
N VAL C 260 -12.23 23.85 -11.93
CA VAL C 260 -11.82 22.97 -13.04
C VAL C 260 -10.34 22.65 -12.91
N ASP C 261 -9.54 23.71 -12.93
CA ASP C 261 -8.11 23.65 -12.67
C ASP C 261 -7.72 22.86 -11.45
N TYR C 262 -8.34 23.14 -10.33
CA TYR C 262 -8.00 22.37 -9.11
C TYR C 262 -8.32 20.89 -9.27
N ALA C 263 -9.48 20.63 -9.87
CA ALA C 263 -10.04 19.27 -10.00
C ALA C 263 -9.23 18.37 -10.94
N LYS C 264 -8.50 19.01 -11.82
CA LYS C 264 -7.68 18.36 -12.86
C LYS C 264 -6.32 17.94 -12.29
N GLN C 265 -5.83 18.78 -11.39
CA GLN C 265 -4.50 18.69 -10.80
C GLN C 265 -4.55 17.81 -9.55
N ARG C 266 -5.58 17.99 -8.75
CA ARG C 266 -5.71 17.26 -7.50
C ARG C 266 -6.00 15.78 -7.73
N VAL C 267 -5.13 14.94 -7.17
CA VAL C 267 -5.18 13.50 -7.34
C VAL C 267 -5.54 12.85 -6.03
N GLN C 268 -6.50 11.93 -6.07
CA GLN C 268 -6.83 11.07 -4.93
C GLN C 268 -7.30 9.77 -5.53
N PHE C 269 -7.08 8.66 -4.81
CA PHE C 269 -7.48 7.33 -5.31
C PHE C 269 -6.80 6.94 -6.66
N GLY C 270 -5.62 7.50 -6.91
CA GLY C 270 -4.86 7.20 -8.12
C GLY C 270 -5.27 7.92 -9.39
N ARG C 271 -6.33 8.72 -9.30
CA ARG C 271 -6.84 9.47 -10.47
C ARG C 271 -7.19 10.88 -10.06
N PRO C 272 -7.15 11.82 -11.01
CA PRO C 272 -7.55 13.18 -10.62
C PRO C 272 -9.03 13.21 -10.22
N ILE C 273 -9.39 14.06 -9.26
CA ILE C 273 -10.77 14.06 -8.71
C ILE C 273 -11.84 14.29 -9.76
N ALA C 274 -11.50 15.10 -10.75
CA ALA C 274 -12.30 15.28 -11.97
C ALA C 274 -12.77 14.02 -12.67
N ALA C 275 -11.99 12.94 -12.59
CA ALA C 275 -12.35 11.67 -13.27
C ALA C 275 -13.60 11.05 -12.65
N ASN C 276 -13.96 11.54 -11.48
CA ASN C 276 -15.16 11.11 -10.80
C ASN C 276 -16.37 11.94 -11.24
N GLN C 277 -17.38 11.24 -11.71
CA GLN C 277 -18.63 11.84 -12.13
C GLN C 277 -19.33 12.67 -11.03
N GLY C 278 -19.25 12.20 -9.80
CA GLY C 278 -19.65 13.00 -8.64
C GLY C 278 -19.14 14.44 -8.78
N ILE C 279 -17.92 14.58 -9.27
CA ILE C 279 -17.25 15.88 -9.35
C ILE C 279 -17.47 16.53 -10.72
N SER C 280 -17.03 15.87 -11.78
CA SER C 280 -17.22 16.38 -13.14
C SER C 280 -18.64 16.91 -13.41
N PHE C 281 -19.66 16.17 -12.99
CA PHE C 281 -21.06 16.55 -13.22
C PHE C 281 -21.45 17.91 -12.63
N LYS C 282 -20.90 18.22 -11.45
CA LYS C 282 -21.01 19.54 -10.83
C LYS C 282 -20.42 20.63 -11.71
N LEU C 283 -19.29 20.30 -12.32
CA LEU C 283 -18.53 21.26 -13.11
C LEU C 283 -19.35 21.61 -14.33
N ALA C 284 -19.99 20.59 -14.88
CA ALA C 284 -20.78 20.70 -16.10
C ALA C 284 -22.05 21.53 -15.82
N ASP C 285 -22.72 21.16 -14.74
CA ASP C 285 -23.86 21.91 -14.23
C ASP C 285 -23.48 23.37 -14.01
N MET C 286 -22.32 23.62 -13.40
CA MET C 286 -21.82 24.98 -13.14
C MET C 286 -21.68 25.73 -14.45
N ALA C 287 -21.03 25.08 -15.40
CA ALA C 287 -20.78 25.65 -16.73
C ALA C 287 -22.07 25.95 -17.48
N THR C 288 -23.03 25.03 -17.39
CA THR C 288 -24.32 25.11 -18.09
C THR C 288 -25.21 26.26 -17.54
N ARG C 289 -25.27 26.36 -16.24
CA ARG C 289 -26.03 27.41 -15.57
C ARG C 289 -25.34 28.76 -15.72
N ALA C 290 -24.05 28.74 -16.03
CA ALA C 290 -23.31 29.97 -16.30
C ALA C 290 -23.50 30.44 -17.72
N GLU C 291 -23.79 29.50 -18.60
CA GLU C 291 -24.11 29.84 -19.98
C GLU C 291 -25.54 30.39 -20.07
N ALA C 292 -26.40 29.78 -19.28
CA ALA C 292 -27.79 30.19 -19.13
C ALA C 292 -27.83 31.63 -18.62
N ALA C 293 -27.15 31.83 -17.50
CA ALA C 293 -27.04 33.14 -16.85
C ALA C 293 -26.49 34.18 -17.81
N ARG C 294 -25.41 33.83 -18.50
CA ARG C 294 -24.74 34.79 -19.40
C ARG C 294 -25.75 35.46 -20.36
N HIS C 295 -26.60 34.64 -20.98
CA HIS C 295 -27.56 35.11 -21.99
C HIS C 295 -28.71 35.94 -21.39
N LEU C 296 -29.18 35.54 -20.22
CA LEU C 296 -30.21 36.31 -19.50
C LEU C 296 -29.73 37.72 -19.26
N VAL C 297 -28.50 37.81 -18.79
CA VAL C 297 -27.87 39.10 -18.44
C VAL C 297 -27.75 39.98 -19.66
N TYR C 298 -27.09 39.46 -20.70
CA TYR C 298 -26.77 40.27 -21.88
C TYR C 298 -27.93 40.61 -22.77
N HIS C 299 -28.94 39.74 -22.79
CA HIS C 299 -30.17 40.04 -23.53
C HIS C 299 -30.98 41.13 -22.80
N ALA C 300 -30.97 41.06 -21.47
CA ALA C 300 -31.60 42.08 -20.61
C ALA C 300 -30.98 43.43 -20.83
N ALA C 301 -29.67 43.43 -20.97
CA ALA C 301 -28.89 44.68 -21.16
C ALA C 301 -29.01 45.18 -22.60
N ASP C 302 -29.24 44.25 -23.52
CA ASP C 302 -29.43 44.57 -24.95
C ASP C 302 -30.82 45.18 -25.16
N LEU C 303 -31.79 44.74 -24.36
CA LEU C 303 -33.14 45.30 -24.38
C LEU C 303 -33.09 46.74 -23.92
N HIS C 304 -32.44 46.94 -22.78
CA HIS C 304 -32.29 48.29 -22.22
C HIS C 304 -31.49 49.22 -23.14
N ASN C 305 -30.46 48.66 -23.75
CA ASN C 305 -29.66 49.40 -24.75
C ASN C 305 -30.48 49.84 -25.98
N ARG C 306 -31.45 49.01 -26.35
CA ARG C 306 -32.24 49.19 -27.56
C ARG C 306 -33.64 49.74 -27.23
N ASN C 309 -40.03 47.72 -20.54
CA ASN C 309 -39.04 47.56 -21.61
C ASN C 309 -38.16 46.32 -21.37
N CYS C 310 -37.45 46.39 -20.26
CA CYS C 310 -36.48 45.35 -19.86
C CYS C 310 -36.68 44.83 -18.43
N GLY C 311 -37.74 45.29 -17.74
CA GLY C 311 -37.92 45.03 -16.30
C GLY C 311 -38.00 43.55 -15.93
N LYS C 312 -38.83 42.80 -16.64
CA LYS C 312 -39.05 41.37 -16.36
C LYS C 312 -37.75 40.57 -16.59
N GLU C 313 -37.11 40.86 -17.71
CA GLU C 313 -35.86 40.19 -18.09
C GLU C 313 -34.73 40.43 -17.06
N ALA C 314 -34.70 41.64 -16.52
CA ALA C 314 -33.70 42.04 -15.51
C ALA C 314 -33.93 41.33 -14.19
N SER C 315 -35.18 41.18 -13.84
CA SER C 315 -35.55 40.40 -12.65
C SER C 315 -35.13 38.93 -12.78
N MET C 316 -35.44 38.35 -13.93
CA MET C 316 -35.05 36.95 -14.26
C MET C 316 -33.53 36.68 -14.16
N ALA C 317 -32.77 37.56 -14.80
CA ALA C 317 -31.30 37.58 -14.70
C ALA C 317 -30.76 37.65 -13.27
N LYS C 318 -31.32 38.55 -12.47
CA LYS C 318 -30.83 38.81 -11.10
C LYS C 318 -31.01 37.58 -10.27
N GLN C 319 -32.21 37.02 -10.37
CA GLN C 319 -32.61 35.82 -9.62
C GLN C 319 -31.83 34.59 -10.09
N PHE C 320 -31.65 34.46 -11.40
CA PHE C 320 -31.04 33.24 -11.95
C PHE C 320 -29.56 33.17 -11.65
N ALA C 321 -28.85 34.22 -12.09
CA ALA C 321 -27.41 34.35 -11.84
C ALA C 321 -27.09 34.23 -10.35
N SER C 322 -27.83 34.97 -9.52
CA SER C 322 -27.59 35.00 -8.06
C SER C 322 -27.69 33.61 -7.45
N ASP C 323 -28.80 32.94 -7.72
CA ASP C 323 -29.03 31.57 -7.20
C ASP C 323 -28.02 30.58 -7.75
N ALA C 324 -27.72 30.72 -9.03
CA ALA C 324 -26.72 29.89 -9.70
C ALA C 324 -25.34 30.08 -9.08
N ALA C 325 -25.04 31.31 -8.69
CA ALA C 325 -23.74 31.67 -8.14
C ALA C 325 -23.55 31.09 -6.75
N VAL C 326 -24.54 31.29 -5.90
CA VAL C 326 -24.56 30.65 -4.55
C VAL C 326 -24.26 29.19 -4.68
N LYS C 327 -24.80 28.58 -5.74
CA LYS C 327 -24.50 27.19 -6.08
C LYS C 327 -23.05 27.30 -6.58
N ALA C 328 -22.16 27.76 -5.72
CA ALA C 328 -20.75 27.45 -5.92
C ALA C 328 -20.27 27.45 -4.46
N LEU C 330 -21.18 26.89 -3.67
CA LEU C 330 -20.94 25.87 -2.63
C LEU C 330 -20.17 24.68 -3.19
N ASP C 331 -20.33 24.46 -4.51
CA ASP C 331 -19.71 23.42 -5.22
C ASP C 331 -18.61 24.41 -5.69
N VAL C 333 -16.15 25.38 -3.38
CA VAL C 333 -15.66 25.07 -2.03
C VAL C 333 -15.49 23.55 -1.88
N GLN C 334 -16.54 22.80 -2.24
CA GLN C 334 -16.61 21.34 -2.02
C GLN C 334 -15.48 20.62 -2.80
N ILE C 335 -15.20 21.14 -3.97
CA ILE C 335 -14.31 20.49 -4.94
C ILE C 335 -12.85 20.64 -4.50
N TYR C 336 -12.52 21.81 -3.98
CA TYR C 336 -11.27 22.01 -3.22
C TYR C 336 -11.19 21.24 -1.90
N GLY C 337 -12.33 20.79 -1.40
CA GLY C 337 -12.37 19.99 -0.17
C GLY C 337 -11.91 20.82 1.01
N GLY C 338 -11.27 20.20 1.99
CA GLY C 338 -10.74 20.94 3.16
C GLY C 338 -10.04 22.27 2.83
N TYR C 339 -9.26 22.27 1.76
CA TYR C 339 -8.57 23.48 1.29
C TYR C 339 -9.55 24.60 0.98
N GLY C 340 -10.73 24.25 0.50
CA GLY C 340 -11.75 25.25 0.10
C GLY C 340 -12.32 26.02 1.28
N TYR C 341 -12.23 25.41 2.48
CA TYR C 341 -12.66 26.02 3.73
C TYR C 341 -11.62 26.97 4.29
N MET C 342 -10.62 27.30 3.50
CA MET C 342 -9.44 28.02 3.98
C MET C 342 -9.35 29.39 3.35
N LYS C 343 -8.98 30.37 4.15
CA LYS C 343 -9.03 31.77 3.70
C LYS C 343 -7.91 32.10 2.72
N ASP C 344 -6.80 31.32 2.81
CA ASP C 344 -5.65 31.46 1.89
C ASP C 344 -5.95 30.97 0.49
N TYR C 345 -6.94 30.10 0.36
CA TYR C 345 -7.45 29.63 -0.93
C TYR C 345 -8.67 30.46 -1.42
N PRO C 346 -8.87 30.56 -2.75
CA PRO C 346 -9.62 31.59 -3.42
C PRO C 346 -11.14 31.36 -3.61
N VAL C 347 -11.67 30.26 -3.09
CA VAL C 347 -13.09 29.88 -3.30
C VAL C 347 -14.06 30.20 -2.16
N GLU C 348 -13.57 30.25 -0.92
CA GLU C 348 -14.38 30.55 0.28
C GLU C 348 -15.06 31.94 0.19
N ARG C 349 -14.36 32.87 -0.45
CA ARG C 349 -14.84 34.21 -0.65
C ARG C 349 -16.02 34.26 -1.56
N LEU C 350 -16.05 33.32 -2.48
CA LEU C 350 -17.05 33.30 -3.54
C LEU C 350 -18.40 32.96 -2.96
N LEU C 351 -18.40 32.12 -1.93
CA LEU C 351 -19.64 31.75 -1.23
C LEU C 351 -20.15 32.93 -0.43
N ARG C 352 -19.30 33.38 0.47
CA ARG C 352 -19.57 34.54 1.29
C ARG C 352 -20.09 35.72 0.45
N ASP C 353 -19.36 36.03 -0.62
CA ASP C 353 -19.77 37.08 -1.54
C ASP C 353 -21.07 36.73 -2.28
N ALA C 354 -21.14 35.51 -2.82
CA ALA C 354 -22.36 35.04 -3.56
C ALA C 354 -23.70 35.39 -2.90
N LYS C 355 -23.84 35.02 -1.64
CA LYS C 355 -25.10 35.13 -0.90
C LYS C 355 -25.76 36.51 -0.95
N VAL C 356 -24.93 37.55 -0.97
CA VAL C 356 -25.43 38.93 -1.02
C VAL C 356 -26.29 39.16 -2.27
N THR C 357 -25.93 38.45 -3.33
CA THR C 357 -26.49 38.68 -4.67
C THR C 357 -27.96 38.29 -4.71
N GLN C 358 -28.36 37.43 -3.77
CA GLN C 358 -29.74 36.99 -3.61
C GLN C 358 -30.64 37.97 -2.83
N ILE C 359 -30.02 39.00 -2.25
CA ILE C 359 -30.60 39.81 -1.20
C ILE C 359 -30.82 41.26 -1.63
N TYR C 360 -29.74 41.94 -1.98
CA TYR C 360 -29.80 43.38 -2.32
C TYR C 360 -30.20 43.69 -3.78
N GLU C 361 -30.56 44.96 -3.96
CA GLU C 361 -31.23 45.46 -5.17
C GLU C 361 -32.46 44.62 -5.50
N GLY C 362 -33.16 44.24 -4.44
CA GLY C 362 -34.39 43.48 -4.57
C GLY C 362 -34.13 42.00 -4.35
N THR C 363 -34.44 41.56 -3.13
CA THR C 363 -34.37 40.11 -2.78
C THR C 363 -35.06 39.25 -3.84
N ASN C 364 -34.59 38.02 -3.98
CA ASN C 364 -35.16 37.07 -4.97
C ASN C 364 -36.61 36.71 -4.74
N GLU C 365 -37.08 36.83 -3.51
CA GLU C 365 -38.52 36.75 -3.24
C GLU C 365 -39.23 37.87 -3.99
N ILE C 366 -38.70 39.07 -3.90
CA ILE C 366 -39.28 40.22 -4.62
C ILE C 366 -39.24 40.04 -6.13
N GLN C 367 -38.17 39.43 -6.61
CA GLN C 367 -37.92 39.29 -8.06
C GLN C 367 -38.89 38.30 -8.67
N ARG C 368 -39.17 37.24 -7.92
CA ARG C 368 -40.15 36.25 -8.35
C ARG C 368 -41.51 36.91 -8.40
N LEU C 369 -41.82 37.63 -7.32
CA LEU C 369 -43.06 38.46 -7.24
C LEU C 369 -43.21 39.34 -8.49
N ILE C 370 -42.20 40.15 -8.76
CA ILE C 370 -42.22 41.05 -9.92
C ILE C 370 -42.47 40.28 -11.21
N ILE C 371 -41.64 39.25 -11.44
CA ILE C 371 -41.79 38.39 -12.61
C ILE C 371 -43.21 37.86 -12.72
N SER C 372 -43.66 37.20 -11.68
CA SER C 372 -45.05 36.70 -11.60
C SER C 372 -46.11 37.77 -11.93
N LYS C 373 -45.85 39.03 -11.57
CA LYS C 373 -46.76 40.14 -11.93
C LYS C 373 -46.89 40.38 -13.43
N TYR C 374 -45.80 40.18 -14.16
CA TYR C 374 -45.83 40.27 -15.62
C TYR C 374 -46.63 39.09 -16.20
N LEU C 375 -46.54 37.93 -15.56
CA LEU C 375 -47.19 36.72 -16.06
C LEU C 375 -48.68 36.79 -15.90
N LEU C 376 -49.07 37.11 -14.68
CA LEU C 376 -50.48 37.23 -14.32
C LEU C 376 -51.21 38.45 -14.93
N GLY C 377 -50.49 39.50 -15.28
CA GLY C 377 -51.11 40.68 -15.90
C GLY C 377 -51.62 40.40 -17.30
N MET D 1 -35.31 12.80 19.00
CA MET D 1 -34.38 11.82 19.66
C MET D 1 -35.08 10.66 20.41
N HIS D 2 -36.33 10.39 20.04
CA HIS D 2 -37.25 9.57 20.86
C HIS D 2 -37.44 8.17 20.20
N VAL D 3 -37.80 7.12 20.96
CA VAL D 3 -38.21 7.19 22.36
C VAL D 3 -36.99 7.10 23.27
N GLN D 5 -34.70 7.20 26.51
CA GLN D 5 -34.79 7.38 27.95
C GLN D 5 -33.72 6.58 28.69
N GLU D 6 -32.93 7.20 29.58
CA GLU D 6 -33.10 8.62 29.93
C GLU D 6 -31.82 9.29 30.54
N GLN D 7 -31.07 10.23 29.88
CA GLN D 7 -31.30 11.01 28.59
C GLN D 7 -32.33 12.16 28.36
N VAL D 8 -33.16 12.47 29.36
CA VAL D 8 -34.12 13.59 29.22
C VAL D 8 -33.40 14.56 30.17
N MET D 9 -32.77 14.01 31.20
CA MET D 9 -31.95 14.78 32.17
C MET D 9 -30.68 15.36 31.55
N MET D 10 -30.00 14.56 30.72
CA MET D 10 -28.80 15.02 30.02
C MET D 10 -29.18 16.21 29.17
N ARG D 11 -30.16 16.01 28.28
CA ARG D 11 -30.68 17.06 27.37
C ARG D 11 -31.01 18.40 28.06
N LYS D 12 -31.69 18.35 29.20
CA LYS D 12 -32.01 19.58 29.96
C LYS D 12 -30.74 20.21 30.56
N MET D 13 -29.92 19.35 31.16
CA MET D 13 -28.61 19.74 31.71
C MET D 13 -27.72 20.44 30.69
N VAL D 14 -27.59 19.86 29.50
CA VAL D 14 -26.75 20.45 28.43
C VAL D 14 -27.41 21.70 27.87
N ARG D 15 -28.73 21.69 27.72
CA ARG D 15 -29.44 22.90 27.26
C ARG D 15 -29.23 24.12 28.17
N ASP D 16 -29.26 23.89 29.48
CA ASP D 16 -29.10 24.99 30.45
C ASP D 16 -27.67 25.52 30.47
N PHE D 17 -26.71 24.61 30.66
CA PHE D 17 -25.28 24.89 30.49
C PHE D 17 -25.00 25.64 29.21
N ALA D 18 -25.50 25.10 28.11
CA ALA D 18 -25.29 25.68 26.78
C ALA D 18 -25.64 27.15 26.76
N ARG D 19 -26.91 27.41 27.09
CA ARG D 19 -27.51 28.76 27.06
C ARG D 19 -26.82 29.73 28.01
N LYS D 20 -26.43 29.22 29.18
CA LYS D 20 -25.79 30.04 30.22
C LYS D 20 -24.31 30.31 29.93
N GLU D 21 -23.54 29.22 29.76
CA GLU D 21 -22.06 29.28 29.64
C GLU D 21 -21.52 29.32 28.18
N ILE D 22 -22.12 28.52 27.30
CA ILE D 22 -21.63 28.40 25.92
C ILE D 22 -21.99 29.60 25.05
N ALA D 23 -23.17 30.16 25.29
CA ALA D 23 -23.64 31.36 24.57
C ALA D 23 -22.71 32.60 24.65
N PRO D 24 -22.40 33.09 25.86
CA PRO D 24 -21.42 34.19 25.92
C PRO D 24 -20.07 33.81 25.31
N ALA D 25 -19.53 32.64 25.66
CA ALA D 25 -18.23 32.17 25.09
C ALA D 25 -18.21 32.17 23.58
N ALA D 26 -19.31 31.72 22.99
CA ALA D 26 -19.48 31.65 21.53
C ALA D 26 -19.34 33.00 20.80
N GLU D 27 -19.79 34.08 21.43
CA GLU D 27 -19.73 35.43 20.84
C GLU D 27 -18.32 35.99 20.91
N ILE D 28 -17.65 35.73 22.02
CA ILE D 28 -16.20 35.94 22.14
C ILE D 28 -15.42 35.17 21.05
N MET D 29 -15.78 33.92 20.82
CA MET D 29 -15.08 33.08 19.80
C MET D 29 -15.26 33.61 18.38
N GLU D 30 -16.45 34.13 18.09
CA GLU D 30 -16.74 34.71 16.79
C GLU D 30 -16.00 36.00 16.56
N LYS D 31 -15.70 36.68 17.65
CA LYS D 31 -15.05 38.00 17.58
C LYS D 31 -13.55 37.84 17.61
N THR D 32 -13.09 36.99 18.52
CA THR D 32 -11.66 36.82 18.81
C THR D 32 -11.00 35.78 17.88
N ASP D 33 -11.75 34.74 17.54
CA ASP D 33 -11.23 33.53 16.84
C ASP D 33 -10.25 32.75 17.73
N GLU D 34 -10.41 32.90 19.05
CA GLU D 34 -9.54 32.22 20.02
C GLU D 34 -10.22 31.04 20.70
N PHE D 35 -9.51 29.92 20.70
CA PHE D 35 -9.97 28.68 21.32
C PHE D 35 -10.45 28.98 22.75
N PRO D 36 -11.60 28.40 23.17
CA PRO D 36 -12.22 28.80 24.41
C PRO D 36 -11.71 27.99 25.59
N PHE D 37 -10.45 28.18 25.92
CA PHE D 37 -9.79 27.40 26.98
C PHE D 37 -10.59 27.32 28.29
N GLN D 38 -11.14 28.46 28.70
CA GLN D 38 -11.91 28.54 29.96
C GLN D 38 -13.23 27.79 29.96
N LEU D 39 -13.94 27.86 28.85
CA LEU D 39 -15.19 27.12 28.67
C LEU D 39 -14.97 25.64 28.75
N ILE D 40 -13.97 25.18 27.98
CA ILE D 40 -13.58 23.77 27.96
C ILE D 40 -13.39 23.29 29.38
N LYS D 41 -12.52 23.99 30.10
CA LYS D 41 -12.24 23.67 31.52
C LYS D 41 -13.54 23.47 32.29
N LYS D 42 -14.40 24.48 32.21
CA LYS D 42 -15.72 24.47 32.86
C LYS D 42 -16.57 23.25 32.44
N MET D 43 -16.71 23.05 31.13
CA MET D 43 -17.40 21.85 30.57
C MET D 43 -16.84 20.57 31.17
N GLY D 44 -15.52 20.58 31.38
CA GLY D 44 -14.84 19.51 32.12
C GLY D 44 -15.35 19.27 33.53
N LYS D 45 -15.40 20.33 34.32
CA LYS D 45 -15.99 20.26 35.66
C LYS D 45 -17.42 19.79 35.66
N HIS D 46 -18.19 20.25 34.67
CA HIS D 46 -19.63 19.87 34.58
C HIS D 46 -19.89 18.53 33.89
N GLY D 47 -18.81 17.78 33.67
CA GLY D 47 -18.89 16.36 33.32
C GLY D 47 -19.38 16.12 31.91
N LEU D 48 -19.02 17.04 31.01
CA LEU D 48 -19.42 16.97 29.58
C LEU D 48 -18.36 16.35 28.66
N MET D 49 -17.15 16.17 29.19
CA MET D 49 -15.97 15.85 28.36
C MET D 49 -15.65 14.36 28.14
N GLY D 50 -16.38 13.49 28.81
CA GLY D 50 -16.27 12.06 28.67
C GLY D 50 -17.57 11.36 28.86
N ILE D 51 -18.55 11.70 28.04
CA ILE D 51 -19.96 11.34 28.32
C ILE D 51 -20.27 9.87 28.05
N PRO D 52 -19.80 9.32 26.91
CA PRO D 52 -19.99 7.90 26.65
C PRO D 52 -18.79 7.06 27.12
N VAL D 53 -17.95 7.64 27.96
CA VAL D 53 -16.86 6.94 28.62
C VAL D 53 -17.39 6.28 29.91
N PRO D 54 -16.96 5.05 30.21
CA PRO D 54 -17.39 4.51 31.49
C PRO D 54 -16.73 5.16 32.69
N GLU D 55 -17.35 4.94 33.84
CA GLU D 55 -17.01 5.59 35.12
C GLU D 55 -15.70 5.06 35.68
N GLN D 56 -15.48 3.77 35.44
CA GLN D 56 -14.19 3.14 35.65
C GLN D 56 -13.02 4.05 35.26
N TYR D 57 -13.07 4.56 34.04
CA TYR D 57 -12.00 5.37 33.46
C TYR D 57 -12.23 6.88 33.59
N GLY D 58 -13.24 7.24 34.37
CA GLY D 58 -13.36 8.59 34.90
C GLY D 58 -14.30 9.51 34.16
N GLY D 59 -15.14 8.92 33.32
CA GLY D 59 -16.20 9.65 32.61
C GLY D 59 -17.56 9.56 33.27
N ALA D 60 -18.55 9.95 32.49
CA ALA D 60 -19.93 10.13 32.98
C ALA D 60 -20.73 8.83 33.06
N GLY D 61 -20.26 7.81 32.35
CA GLY D 61 -20.85 6.47 32.40
C GLY D 61 -22.14 6.35 31.61
N ALA D 62 -22.35 7.30 30.72
CA ALA D 62 -23.60 7.39 29.96
C ALA D 62 -23.45 6.69 28.61
N ASP D 63 -24.54 6.70 27.82
CA ASP D 63 -24.59 6.01 26.53
C ASP D 63 -24.40 6.98 25.36
N VAL D 64 -24.47 6.43 24.16
CA VAL D 64 -24.06 7.15 22.97
C VAL D 64 -25.17 8.11 22.47
N VAL D 65 -26.42 7.74 22.68
CA VAL D 65 -27.54 8.65 22.40
C VAL D 65 -27.41 9.95 23.25
N SER D 66 -27.24 9.77 24.56
CA SER D 66 -27.00 10.90 25.46
C SER D 66 -25.84 11.80 25.02
N TYR D 67 -24.78 11.15 24.53
CA TYR D 67 -23.59 11.85 24.08
C TYR D 67 -23.86 12.65 22.82
N ILE D 68 -24.45 12.00 21.85
CA ILE D 68 -24.79 12.62 20.56
C ILE D 68 -25.80 13.71 20.79
N LEU D 69 -26.73 13.42 21.68
CA LEU D 69 -27.70 14.40 22.17
C LEU D 69 -27.02 15.67 22.69
N ALA D 70 -25.98 15.48 23.47
CA ALA D 70 -25.21 16.61 23.99
C ALA D 70 -24.71 17.46 22.82
N ILE D 71 -23.97 16.82 21.92
CA ILE D 71 -23.39 17.47 20.72
C ILE D 71 -24.43 18.20 19.86
N HIS D 72 -25.61 17.59 19.76
CA HIS D 72 -26.77 18.23 19.11
C HIS D 72 -27.14 19.56 19.76
N GLU D 73 -27.38 19.48 21.06
CA GLU D 73 -27.75 20.64 21.88
C GLU D 73 -26.70 21.76 21.85
N ILE D 74 -25.44 21.38 22.01
CA ILE D 74 -24.33 22.36 22.03
C ILE D 74 -24.20 23.07 20.70
N SER D 75 -24.52 22.35 19.64
CA SER D 75 -24.36 22.86 18.29
C SER D 75 -25.46 23.84 17.88
N ARG D 76 -26.61 23.76 18.54
CA ARG D 76 -27.67 24.81 18.45
C ARG D 76 -27.10 26.19 18.73
N ILE D 77 -26.34 26.26 19.82
CA ILE D 77 -25.65 27.48 20.24
C ILE D 77 -24.30 27.73 19.55
N SER D 78 -23.47 26.69 19.41
CA SER D 78 -22.13 26.83 18.80
C SER D 78 -21.67 25.55 18.12
N ALA D 79 -21.56 25.62 16.81
CA ALA D 79 -21.08 24.52 16.00
C ALA D 79 -19.57 24.25 16.32
N ALA D 80 -18.81 25.34 16.45
CA ALA D 80 -17.39 25.27 16.82
C ALA D 80 -17.21 24.42 18.07
N VAL D 81 -17.83 24.83 19.16
CA VAL D 81 -17.66 24.10 20.42
C VAL D 81 -18.20 22.65 20.28
N GLY D 82 -19.17 22.45 19.38
CA GLY D 82 -19.75 21.14 19.11
C GLY D 82 -18.73 20.17 18.51
N VAL D 83 -18.00 20.64 17.53
CA VAL D 83 -16.99 19.81 16.89
C VAL D 83 -15.80 19.55 17.80
N ILE D 84 -15.40 20.55 18.56
CA ILE D 84 -14.28 20.41 19.51
C ILE D 84 -14.61 19.29 20.46
N LEU D 85 -15.81 19.33 21.00
CA LEU D 85 -16.28 18.25 21.85
C LEU D 85 -16.34 16.91 21.10
N SER D 86 -16.86 16.97 19.88
CA SER D 86 -17.13 15.77 19.09
C SER D 86 -15.84 15.01 18.75
N VAL D 87 -14.85 15.77 18.30
CA VAL D 87 -13.55 15.22 17.97
C VAL D 87 -12.92 14.64 19.23
N HIS D 88 -12.90 15.47 20.27
CA HIS D 88 -12.25 15.11 21.55
C HIS D 88 -12.62 13.71 21.95
N THR D 89 -13.92 13.44 21.95
CA THR D 89 -14.46 12.16 22.46
C THR D 89 -14.41 11.00 21.50
N SER D 90 -14.96 11.22 20.31
CA SER D 90 -15.30 10.18 19.36
C SER D 90 -14.05 9.64 18.63
N VAL D 91 -13.10 10.53 18.40
CA VAL D 91 -11.85 10.19 17.69
C VAL D 91 -10.55 10.57 18.44
N GLY D 92 -10.66 11.37 19.50
CA GLY D 92 -9.53 11.66 20.39
C GLY D 92 -9.43 10.76 21.61
N THR D 93 -10.56 10.27 22.10
CA THR D 93 -10.59 9.47 23.35
C THR D 93 -11.07 8.03 23.08
N ASN D 94 -12.07 7.87 22.21
CA ASN D 94 -12.68 6.56 21.96
C ASN D 94 -11.73 5.52 21.35
N PRO D 95 -10.83 5.96 20.45
CA PRO D 95 -9.91 4.97 19.88
C PRO D 95 -9.10 4.28 20.95
N ILE D 96 -8.65 5.03 21.94
CA ILE D 96 -8.01 4.44 23.12
C ILE D 96 -8.98 3.51 23.86
N LEU D 97 -10.18 4.03 24.13
CA LEU D 97 -11.19 3.30 24.86
C LEU D 97 -11.50 1.95 24.23
N TYR D 98 -11.58 1.91 22.91
CA TYR D 98 -12.11 0.73 22.20
C TYR D 98 -11.04 -0.23 21.68
N PHE D 99 -9.84 0.29 21.40
CA PHE D 99 -8.76 -0.51 20.80
C PHE D 99 -7.49 -0.55 21.65
N GLY D 100 -7.44 0.28 22.68
CA GLY D 100 -6.26 0.44 23.50
C GLY D 100 -6.27 -0.66 24.55
N ASN D 101 -5.18 -0.82 25.29
CA ASN D 101 -5.11 -1.84 26.33
C ASN D 101 -5.43 -1.25 27.73
N GLU D 102 -5.71 -2.13 28.68
CA GLU D 102 -6.12 -1.73 30.04
C GLU D 102 -5.19 -0.70 30.69
N GLU D 103 -3.89 -0.86 30.47
CA GLU D 103 -2.87 0.08 31.02
C GLU D 103 -2.98 1.48 30.42
N GLN D 104 -3.15 1.53 29.09
CA GLN D 104 -3.34 2.77 28.34
C GLN D 104 -4.65 3.50 28.68
N LYS D 105 -5.73 2.75 28.69
CA LYS D 105 -7.04 3.24 29.11
C LYS D 105 -6.87 3.99 30.43
N MET D 106 -6.23 3.34 31.40
CA MET D 106 -6.03 3.90 32.73
C MET D 106 -5.13 5.14 32.74
N LYS D 107 -4.08 5.11 31.90
CA LYS D 107 -3.10 6.19 31.89
C LYS D 107 -3.67 7.46 31.27
N TYR D 108 -4.40 7.30 30.17
CA TYR D 108 -4.72 8.43 29.27
C TYR D 108 -6.15 8.96 29.35
N ILE D 109 -7.11 8.07 29.62
CA ILE D 109 -8.54 8.41 29.54
C ILE D 109 -9.09 9.34 30.64
N PRO D 110 -8.78 9.07 31.93
CA PRO D 110 -9.35 9.88 33.02
C PRO D 110 -9.12 11.37 32.85
N ASN D 111 -7.91 11.73 32.43
CA ASN D 111 -7.59 13.12 32.14
C ASN D 111 -8.34 13.65 30.92
N LEU D 112 -8.52 12.78 29.93
CA LEU D 112 -9.35 13.13 28.77
C LEU D 112 -10.82 13.28 29.16
N ALA D 113 -11.28 12.37 30.02
CA ALA D 113 -12.68 12.31 30.43
C ALA D 113 -13.08 13.53 31.26
N SER D 114 -12.29 13.79 32.30
CA SER D 114 -12.42 14.98 33.14
C SER D 114 -12.39 16.29 32.36
N GLY D 115 -11.62 16.29 31.27
CA GLY D 115 -11.33 17.53 30.52
C GLY D 115 -10.07 18.26 30.94
N ASP D 116 -9.35 17.70 31.92
CA ASP D 116 -7.97 18.16 32.23
C ASP D 116 -7.05 18.04 31.02
N HIS D 117 -7.31 17.03 30.18
CA HIS D 117 -6.65 16.85 28.89
C HIS D 117 -7.62 16.86 27.71
N LEU D 118 -7.15 17.43 26.61
CA LEU D 118 -7.92 17.58 25.38
C LEU D 118 -7.35 16.73 24.23
N GLY D 119 -8.26 16.20 23.42
CA GLY D 119 -7.99 15.14 22.46
C GLY D 119 -8.04 15.63 21.02
N ALA D 120 -7.26 14.98 20.17
CA ALA D 120 -7.18 15.33 18.77
C ALA D 120 -7.02 14.03 17.96
N PHE D 121 -7.09 14.13 16.64
CA PHE D 121 -7.21 12.95 15.72
C PHE D 121 -6.27 12.68 14.56
N ALA D 122 -5.46 13.64 14.19
CA ALA D 122 -4.36 13.31 13.30
C ALA D 122 -4.39 12.11 12.30
N LEU D 123 -5.24 12.24 11.28
CA LEU D 123 -5.23 11.33 10.10
C LEU D 123 -4.84 12.01 8.79
N THR D 124 -5.52 13.10 8.49
CA THR D 124 -5.40 13.79 7.19
C THR D 124 -4.00 14.40 6.90
N GLU D 125 -3.62 14.37 5.64
CA GLU D 125 -2.30 14.83 5.17
C GLU D 125 -2.42 15.59 3.85
N PRO D 126 -1.44 16.44 3.51
CA PRO D 126 -1.59 17.21 2.29
C PRO D 126 -1.93 16.37 1.07
N HIS D 127 -1.35 15.17 1.01
CA HIS D 127 -1.53 14.24 -0.13
C HIS D 127 -2.59 13.16 0.11
N SER D 128 -2.97 12.96 1.37
CA SER D 128 -4.02 11.98 1.69
C SER D 128 -5.16 12.61 2.58
N GLY D 129 -6.37 12.59 2.04
CA GLY D 129 -7.54 13.13 2.72
C GLY D 129 -8.74 12.22 2.62
N SER D 130 -9.41 12.32 1.48
CA SER D 130 -10.48 11.41 1.11
C SER D 130 -9.88 10.01 1.02
N ASP D 131 -8.80 9.90 0.25
CA ASP D 131 -7.99 8.68 0.21
C ASP D 131 -7.01 8.67 1.40
N ALA D 132 -7.55 8.39 2.58
CA ALA D 132 -6.78 8.40 3.81
C ALA D 132 -5.82 7.23 3.84
N GLY D 133 -6.15 6.20 3.08
CA GLY D 133 -5.26 5.04 2.93
C GLY D 133 -3.87 5.43 2.49
N SER D 134 -3.78 6.38 1.56
CA SER D 134 -2.51 6.77 0.92
C SER D 134 -1.73 7.81 1.70
N LEU D 135 -1.85 7.77 3.02
CA LEU D 135 -1.00 8.59 3.88
C LEU D 135 0.48 8.16 3.82
N ARG D 136 1.34 9.15 4.10
CA ARG D 136 2.79 9.05 3.88
C ARG D 136 3.61 9.16 5.16
N THR D 137 3.03 9.66 6.23
CA THR D 137 3.73 9.74 7.50
C THR D 137 4.22 8.35 7.86
N THR D 138 5.51 8.24 8.12
CA THR D 138 6.12 6.97 8.45
C THR D 138 6.36 6.87 9.96
N ALA D 139 6.22 5.67 10.49
CA ALA D 139 6.60 5.35 11.87
C ALA D 139 7.56 4.15 11.87
N ILE D 140 8.84 4.45 12.03
CA ILE D 140 9.89 3.45 12.04
C ILE D 140 10.44 3.19 13.43
N LYS D 141 10.30 1.95 13.90
CA LYS D 141 10.84 1.55 15.20
C LYS D 141 12.38 1.60 15.20
N LYS D 142 12.95 2.39 16.11
CA LYS D 142 14.40 2.46 16.31
C LYS D 142 14.80 2.73 17.76
N ASN D 143 15.96 2.21 18.14
CA ASN D 143 16.51 2.40 19.51
C ASN D 143 15.58 1.70 20.53
N GLY D 144 14.78 2.52 21.22
CA GLY D 144 13.74 2.06 22.16
C GLY D 144 12.40 2.81 22.03
N LYS D 145 12.00 3.00 20.80
CA LYS D 145 11.05 4.05 20.49
C LYS D 145 10.60 3.99 19.03
N TYR D 146 9.34 4.28 18.76
CA TYR D 146 8.92 4.55 17.37
C TYR D 146 9.35 5.94 16.97
N LEU D 147 9.67 6.09 15.70
CA LEU D 147 10.25 7.32 15.17
C LEU D 147 9.42 7.80 13.99
N LEU D 148 8.65 8.86 14.24
CA LEU D 148 7.63 9.33 13.31
C LEU D 148 8.12 10.47 12.40
N ASN D 149 7.75 10.39 11.14
CA ASN D 149 8.22 11.38 10.16
C ASN D 149 7.19 11.69 9.10
N GLY D 150 6.97 12.99 8.88
CA GLY D 150 5.95 13.48 7.97
C GLY D 150 5.08 14.58 8.56
N SER D 151 3.96 14.86 7.91
CA SER D 151 3.12 16.00 8.28
C SER D 151 1.63 15.69 8.21
N LYS D 152 0.90 16.29 9.13
CA LYS D 152 -0.56 16.27 9.09
C LYS D 152 -1.08 17.63 8.73
N ILE D 153 -2.30 17.66 8.18
CA ILE D 153 -3.01 18.92 7.89
C ILE D 153 -4.45 18.94 8.43
N PHE D 154 -4.96 20.16 8.56
CA PHE D 154 -6.36 20.45 8.94
C PHE D 154 -6.76 19.77 10.24
N ILE D 155 -5.96 19.88 11.29
CA ILE D 155 -6.17 19.08 12.52
C ILE D 155 -6.95 19.84 13.58
N THR D 156 -8.19 19.42 13.79
CA THR D 156 -9.05 20.09 14.76
C THR D 156 -8.37 19.93 16.11
N ASN D 157 -8.61 20.89 16.98
CA ASN D 157 -8.07 20.88 18.35
C ASN D 157 -6.53 21.02 18.39
N GLY D 158 -6.00 21.58 17.31
CA GLY D 158 -4.56 21.71 17.10
C GLY D 158 -3.90 22.80 17.91
N GLY D 159 -3.04 22.38 18.84
CA GLY D 159 -2.30 23.31 19.71
C GLY D 159 -2.95 23.46 21.07
N ALA D 160 -4.24 23.14 21.13
CA ALA D 160 -4.97 23.05 22.40
C ALA D 160 -4.81 21.65 22.92
N ALA D 161 -4.66 20.72 22.01
CA ALA D 161 -4.72 19.31 22.35
C ALA D 161 -3.45 18.81 23.04
N ASP D 162 -3.68 17.91 24.01
CA ASP D 162 -2.63 17.24 24.81
C ASP D 162 -2.28 15.85 24.27
N ILE D 163 -3.32 15.16 23.78
CA ILE D 163 -3.19 13.85 23.17
C ILE D 163 -3.62 13.94 21.71
N TYR D 164 -2.81 13.37 20.81
CA TYR D 164 -3.16 13.23 19.39
C TYR D 164 -3.14 11.76 18.93
N ILE D 165 -4.33 11.22 18.66
CA ILE D 165 -4.45 9.88 18.06
C ILE D 165 -4.00 9.96 16.62
N THR D 166 -2.83 9.39 16.36
CA THR D 166 -2.07 9.67 15.14
C THR D 166 -1.86 8.41 14.36
N PHE D 167 -2.02 8.54 13.05
CA PHE D 167 -1.93 7.42 12.14
C PHE D 167 -0.72 7.54 11.24
N ALA D 168 0.02 6.45 11.11
CA ALA D 168 1.34 6.47 10.45
C ALA D 168 1.72 5.09 9.90
N LEU D 169 2.31 5.06 8.70
CA LEU D 169 2.81 3.81 8.05
C LEU D 169 3.89 3.06 8.83
N THR D 170 3.60 1.81 9.20
CA THR D 170 4.64 0.89 9.80
C THR D 170 5.76 0.05 8.92
N ALA D 171 5.51 -0.83 7.91
CA ALA D 171 4.38 -1.09 6.99
C ALA D 171 4.08 -0.13 5.76
N PRO D 172 5.05 0.29 4.96
CA PRO D 172 4.79 1.07 3.75
C PRO D 172 4.36 0.27 2.49
N ASP D 173 4.83 -0.96 2.33
CA ASP D 173 4.52 -1.74 1.11
C ASP D 173 3.08 -2.30 1.13
N GLN D 174 2.43 -2.23 2.28
CA GLN D 174 1.03 -2.71 2.43
C GLN D 174 -0.13 -1.68 2.21
N GLY D 175 0.23 -0.44 1.89
CA GLY D 175 -0.74 0.62 1.68
C GLY D 175 -1.70 0.79 2.86
N ARG D 176 -3.01 0.75 2.57
CA ARG D 176 -4.04 0.91 3.60
C ARG D 176 -3.97 -0.16 4.70
N HIS D 177 -3.30 -1.28 4.41
CA HIS D 177 -3.20 -2.38 5.38
C HIS D 177 -1.95 -2.32 6.25
N GLY D 178 -1.08 -1.36 5.97
CA GLY D 178 0.21 -1.19 6.69
C GLY D 178 0.27 0.07 7.56
N ILE D 179 -0.91 0.66 7.76
CA ILE D 179 -1.08 1.78 8.64
C ILE D 179 -1.25 1.32 10.09
N SER D 180 -0.51 1.98 10.98
CA SER D 180 -0.64 1.81 12.42
C SER D 180 -1.19 3.07 13.11
N ALA D 181 -1.70 2.89 14.33
CA ALA D 181 -2.25 4.00 15.11
C ALA D 181 -1.50 4.21 16.39
N PHE D 182 -1.26 5.48 16.71
CA PHE D 182 -0.39 5.90 17.83
C PHE D 182 -1.01 6.95 18.76
N ILE D 183 -0.90 6.70 20.06
CA ILE D 183 -1.17 7.71 21.10
C ILE D 183 0.03 8.67 21.21
N VAL D 184 -0.08 9.83 20.59
CA VAL D 184 0.99 10.84 20.64
C VAL D 184 0.66 11.94 21.66
N GLU D 185 1.61 12.19 22.54
CA GLU D 185 1.51 13.24 23.56
C GLU D 185 2.14 14.51 23.02
N LYS D 186 1.61 15.64 23.46
CA LYS D 186 1.90 16.96 22.86
C LYS D 186 3.35 17.43 23.09
N ASN D 187 3.90 17.10 24.25
CA ASN D 187 5.29 17.42 24.60
C ASN D 187 6.35 16.45 24.02
N THR D 188 5.99 15.77 22.93
CA THR D 188 6.85 14.79 22.30
C THR D 188 8.00 15.50 21.56
N PRO D 189 9.26 15.07 21.81
CA PRO D 189 10.44 15.58 21.08
C PRO D 189 10.27 15.41 19.56
N GLY D 190 10.54 16.47 18.81
CA GLY D 190 10.42 16.44 17.35
C GLY D 190 9.01 16.57 16.78
N PHE D 191 8.04 16.72 17.67
CA PHE D 191 6.64 16.91 17.29
C PHE D 191 6.29 18.38 17.43
N THR D 192 5.98 19.03 16.32
CA THR D 192 5.59 20.43 16.35
C THR D 192 4.23 20.74 15.71
N VAL D 193 3.63 21.83 16.20
CA VAL D 193 2.32 22.29 15.78
C VAL D 193 2.48 23.53 14.91
N GLY D 194 1.74 23.56 13.81
CA GLY D 194 1.74 24.71 12.90
C GLY D 194 0.82 25.84 13.36
N LYS D 195 0.90 26.96 12.65
CA LYS D 195 0.08 28.12 12.94
C LYS D 195 -1.40 27.78 12.76
N LYS D 196 -2.23 28.37 13.62
CA LYS D 196 -3.69 28.39 13.48
C LYS D 196 -4.10 28.74 12.06
N GLU D 197 -4.90 27.86 11.45
CA GLU D 197 -5.36 28.06 10.09
C GLU D 197 -6.55 29.04 10.07
N ARG D 198 -6.55 29.95 9.11
CA ARG D 198 -7.62 30.94 8.99
C ARG D 198 -8.69 30.38 8.07
N LYS D 199 -9.87 30.12 8.62
CA LYS D 199 -10.94 29.38 7.95
C LYS D 199 -12.17 30.24 7.70
N LEU D 200 -13.02 29.79 6.76
CA LEU D 200 -14.33 30.43 6.50
C LEU D 200 -15.20 30.53 7.73
N GLY D 201 -15.12 29.51 8.60
CA GLY D 201 -15.94 29.43 9.81
C GLY D 201 -15.40 28.50 10.91
N LEU D 202 -16.30 27.90 11.69
CA LEU D 202 -15.94 27.32 12.99
C LEU D 202 -14.88 28.21 13.67
N TYR D 203 -15.25 29.47 13.87
CA TYR D 203 -14.40 30.39 14.62
C TYR D 203 -14.46 29.95 16.12
N GLY D 204 -13.45 30.10 16.97
CA GLY D 204 -12.15 29.47 16.86
C GLY D 204 -12.02 28.05 17.46
N SER D 205 -12.46 27.16 16.63
CA SER D 205 -11.99 25.79 16.72
C SER D 205 -10.58 25.73 16.09
N ASN D 206 -9.53 25.75 16.90
CA ASN D 206 -8.14 25.66 16.38
C ASN D 206 -7.99 24.53 15.37
N THR D 207 -7.72 24.89 14.13
CA THR D 207 -7.37 23.89 13.12
C THR D 207 -5.93 24.12 12.64
N THR D 208 -5.06 23.14 12.82
CA THR D 208 -3.62 23.33 12.51
C THR D 208 -2.96 22.22 11.73
N GLU D 209 -1.82 22.58 11.18
CA GLU D 209 -0.84 21.63 10.65
C GLU D 209 -0.03 21.01 11.78
N LEU D 210 0.44 19.80 11.56
CA LEU D 210 1.39 19.14 12.46
C LEU D 210 2.62 18.69 11.71
N ILE D 211 3.77 19.03 12.25
CA ILE D 211 5.05 18.59 11.66
C ILE D 211 5.67 17.52 12.54
N PHE D 212 5.99 16.38 11.92
CA PHE D 212 6.65 15.26 12.60
C PHE D 212 8.07 15.12 12.07
N ASP D 213 9.02 15.50 12.91
CA ASP D 213 10.45 15.44 12.57
C ASP D 213 11.20 14.50 13.53
N ASN D 214 11.59 13.34 13.02
CA ASN D 214 12.10 12.25 13.88
C ASN D 214 11.43 12.37 15.25
N ALA D 215 10.11 12.30 15.26
CA ALA D 215 9.34 12.49 16.49
C ALA D 215 9.33 11.21 17.31
N GLU D 216 9.76 11.29 18.55
CA GLU D 216 10.01 10.10 19.37
C GLU D 216 8.78 9.69 20.15
N VAL D 217 8.11 8.65 19.68
CA VAL D 217 6.90 8.12 20.31
C VAL D 217 7.17 6.76 20.94
N PRO D 218 6.93 6.63 22.27
CA PRO D 218 7.12 5.36 22.99
C PRO D 218 6.33 4.19 22.43
N GLU D 219 7.04 3.08 22.23
CA GLU D 219 6.49 1.80 21.77
C GLU D 219 5.22 1.40 22.49
N ALA D 220 5.20 1.64 23.79
CA ALA D 220 4.00 1.38 24.62
C ALA D 220 2.76 2.25 24.25
N ASN D 221 2.99 3.34 23.52
CA ASN D 221 1.91 4.17 22.99
C ASN D 221 1.33 3.71 21.66
N LEU D 222 1.83 2.59 21.16
CA LEU D 222 1.23 1.94 19.98
C LEU D 222 -0.20 1.51 20.31
N LEU D 223 -1.16 2.04 19.56
CA LEU D 223 -2.57 1.74 19.78
C LEU D 223 -3.01 0.47 19.03
N GLY D 224 -3.21 -0.61 19.78
CA GLY D 224 -3.45 -1.95 19.25
C GLY D 224 -2.31 -2.58 18.44
N LYS D 225 -2.63 -3.61 17.66
CA LYS D 225 -1.61 -4.30 16.85
C LYS D 225 -1.20 -3.48 15.62
N GLU D 226 0.04 -3.68 15.19
CA GLU D 226 0.56 -3.01 14.01
C GLU D 226 -0.27 -3.45 12.82
N GLY D 227 -0.60 -2.49 11.97
CA GLY D 227 -1.48 -2.75 10.80
C GLY D 227 -2.96 -2.54 11.03
N ASP D 228 -3.37 -2.26 12.27
CA ASP D 228 -4.79 -2.14 12.61
C ASP D 228 -5.33 -0.73 12.42
N GLY D 229 -4.47 0.19 12.02
CA GLY D 229 -4.72 1.61 12.22
C GLY D 229 -5.85 2.10 11.35
N PHE D 230 -5.80 1.75 10.08
CA PHE D 230 -6.88 2.07 9.12
C PHE D 230 -8.26 1.65 9.63
N HIS D 231 -8.36 0.43 10.10
CA HIS D 231 -9.59 -0.11 10.70
C HIS D 231 -10.03 0.72 11.91
N ILE D 232 -9.05 1.07 12.75
CA ILE D 232 -9.31 1.83 13.99
C ILE D 232 -9.91 3.21 13.65
N ALA D 233 -9.24 3.88 12.73
CA ALA D 233 -9.67 5.16 12.18
C ALA D 233 -11.13 5.17 11.69
N MET D 234 -11.41 4.35 10.69
CA MET D 234 -12.76 4.28 10.09
C MET D 234 -13.84 3.86 11.10
N ALA D 235 -13.49 2.91 11.97
CA ALA D 235 -14.42 2.39 12.99
C ALA D 235 -15.01 3.50 13.85
N ASN D 236 -14.13 4.41 14.25
CA ASN D 236 -14.48 5.55 15.08
C ASN D 236 -15.11 6.68 14.27
N LEU D 237 -14.60 6.87 13.05
CA LEU D 237 -15.14 7.86 12.13
C LEU D 237 -16.66 7.70 11.91
N ASN D 238 -17.16 6.48 12.06
CA ASN D 238 -18.60 6.19 12.04
C ASN D 238 -19.38 6.94 13.13
N VAL D 239 -18.99 6.73 14.38
CA VAL D 239 -19.56 7.46 15.52
C VAL D 239 -19.28 8.95 15.39
N GLY D 240 -18.08 9.27 14.94
CA GLY D 240 -17.71 10.66 14.58
C GLY D 240 -18.66 11.32 13.59
N ARG D 241 -19.09 10.57 12.58
CA ARG D 241 -19.94 11.10 11.49
C ARG D 241 -21.38 11.40 11.95
N ILE D 242 -21.87 10.57 12.86
CA ILE D 242 -23.16 10.81 13.52
C ILE D 242 -23.10 12.10 14.34
N GLY D 243 -21.98 12.30 15.01
CA GLY D 243 -21.69 13.55 15.69
C GLY D 243 -21.66 14.73 14.76
N ILE D 244 -21.00 14.59 13.63
CA ILE D 244 -20.99 15.69 12.62
C ILE D 244 -22.41 15.98 12.11
N ALA D 245 -23.23 14.93 12.05
CA ALA D 245 -24.60 15.03 11.60
C ALA D 245 -25.44 15.81 12.62
N ALA D 246 -25.26 15.41 13.88
CA ALA D 246 -25.80 16.12 15.04
C ALA D 246 -25.39 17.58 15.09
N GLN D 247 -24.14 17.85 14.71
CA GLN D 247 -23.66 19.24 14.57
C GLN D 247 -24.48 19.97 13.52
N ALA D 248 -24.62 19.32 12.36
CA ALA D 248 -25.39 19.88 11.23
C ALA D 248 -26.86 20.12 11.59
N LEU D 249 -27.37 19.25 12.46
CA LEU D 249 -28.74 19.28 12.93
C LEU D 249 -28.95 20.54 13.78
N GLY D 250 -28.13 20.66 14.83
CA GLY D 250 -28.10 21.84 15.70
C GLY D 250 -27.99 23.12 14.90
N ILE D 251 -27.02 23.16 13.98
CA ILE D 251 -26.89 24.33 13.10
C ILE D 251 -28.25 24.66 12.46
N ALA D 252 -28.92 23.63 11.94
CA ALA D 252 -30.11 23.81 11.12
C ALA D 252 -31.30 24.28 11.97
N GLU D 253 -31.35 23.79 13.20
CA GLU D 253 -32.40 24.14 14.12
C GLU D 253 -32.27 25.59 14.59
N ALA D 254 -31.04 26.00 14.82
CA ALA D 254 -30.73 27.41 15.12
C ALA D 254 -31.16 28.30 13.98
N ALA D 255 -30.83 27.91 12.76
CA ALA D 255 -31.28 28.69 11.59
C ALA D 255 -32.81 28.85 11.61
N LEU D 256 -33.50 27.74 11.87
CA LEU D 256 -34.95 27.71 11.83
C LEU D 256 -35.58 28.61 12.91
N GLU D 257 -35.20 28.35 14.16
CA GLU D 257 -35.76 29.06 15.30
C GLU D 257 -35.55 30.58 15.17
N HIS D 258 -34.33 30.98 14.80
CA HIS D 258 -34.05 32.37 14.57
C HIS D 258 -34.93 32.92 13.44
N ALA D 259 -35.01 32.14 12.37
CA ALA D 259 -35.76 32.55 11.17
C ALA D 259 -37.28 32.74 11.43
N VAL D 260 -37.83 31.92 12.31
CA VAL D 260 -39.25 31.95 12.63
C VAL D 260 -39.58 33.23 13.41
N ASP D 261 -38.95 33.34 14.57
CA ASP D 261 -38.95 34.51 15.43
C ASP D 261 -38.78 35.83 14.63
N TYR D 262 -37.74 35.91 13.84
CA TYR D 262 -37.52 37.16 13.07
C TYR D 262 -38.67 37.43 12.10
N ALA D 263 -39.13 36.37 11.44
CA ALA D 263 -40.11 36.45 10.37
C ALA D 263 -41.49 36.87 10.84
N LYS D 264 -41.71 36.65 12.14
CA LYS D 264 -42.98 36.91 12.82
C LYS D 264 -43.05 38.36 13.25
N GLN D 265 -41.90 38.89 13.64
CA GLN D 265 -41.71 40.22 14.20
C GLN D 265 -41.52 41.23 13.08
N ARG D 266 -40.75 40.84 12.08
CA ARG D 266 -40.39 41.76 10.99
C ARG D 266 -41.57 42.04 10.06
N VAL D 267 -41.88 43.32 9.93
CA VAL D 267 -43.07 43.76 9.21
C VAL D 267 -42.61 44.50 7.97
N GLN D 268 -43.19 44.13 6.83
CA GLN D 268 -43.03 44.93 5.57
C GLN D 268 -44.33 44.78 4.84
N PHE D 269 -44.68 45.82 4.09
CA PHE D 269 -45.97 45.85 3.36
C PHE D 269 -47.21 45.73 4.28
N GLY D 270 -47.07 46.17 5.53
CA GLY D 270 -48.19 46.17 6.49
C GLY D 270 -48.47 44.86 7.21
N ARG D 271 -47.75 43.81 6.84
CA ARG D 271 -47.95 42.49 7.43
C ARG D 271 -46.59 41.90 7.78
N PRO D 272 -46.54 41.01 8.78
CA PRO D 272 -45.26 40.35 8.99
C PRO D 272 -44.81 39.56 7.76
N ILE D 273 -43.50 39.51 7.53
CA ILE D 273 -42.96 38.76 6.35
C ILE D 273 -43.39 37.29 6.27
N ALA D 274 -43.50 36.65 7.43
CA ALA D 274 -44.06 35.30 7.54
C ALA D 274 -45.42 35.06 6.86
N ALA D 275 -46.23 36.10 6.74
CA ALA D 275 -47.56 35.96 6.14
C ALA D 275 -47.45 35.66 4.65
N ASN D 276 -46.25 35.83 4.12
CA ASN D 276 -45.96 35.52 2.73
C ASN D 276 -45.47 34.09 2.55
N GLN D 277 -46.16 33.37 1.68
CA GLN D 277 -45.87 31.97 1.40
C GLN D 277 -44.45 31.77 0.84
N GLY D 278 -43.97 32.73 0.09
CA GLY D 278 -42.56 32.79 -0.29
C GLY D 278 -41.67 32.50 0.91
N ILE D 279 -42.04 33.05 2.06
CA ILE D 279 -41.24 32.97 3.29
C ILE D 279 -41.66 31.78 4.14
N SER D 280 -42.92 31.74 4.53
CA SER D 280 -43.44 30.62 5.35
C SER D 280 -43.07 29.23 4.82
N PHE D 281 -43.17 29.03 3.52
CA PHE D 281 -42.88 27.73 2.87
C PHE D 281 -41.42 27.25 3.04
N LYS D 282 -40.47 28.19 3.01
CA LYS D 282 -39.09 27.95 3.42
C LYS D 282 -38.97 27.45 4.86
N LEU D 283 -39.76 28.03 5.73
CA LEU D 283 -39.70 27.74 7.16
C LEU D 283 -40.14 26.32 7.37
N ALA D 284 -41.17 25.95 6.59
CA ALA D 284 -41.82 24.63 6.69
C ALA D 284 -40.89 23.55 6.16
N ASP D 285 -40.34 23.83 5.00
CA ASP D 285 -39.28 23.02 4.43
C ASP D 285 -38.13 22.82 5.41
N MET D 286 -37.70 23.92 6.04
CA MET D 286 -36.59 23.87 7.00
C MET D 286 -36.96 22.92 8.13
N ALA D 287 -38.16 23.11 8.64
CA ALA D 287 -38.65 22.31 9.78
C ALA D 287 -38.78 20.83 9.42
N THR D 288 -39.21 20.55 8.19
CA THR D 288 -39.49 19.19 7.69
C THR D 288 -38.19 18.39 7.46
N ARG D 289 -37.22 19.05 6.87
CA ARG D 289 -35.91 18.47 6.63
C ARG D 289 -35.16 18.29 7.95
N ALA D 290 -35.53 19.09 8.95
CA ALA D 290 -34.91 18.99 10.29
C ALA D 290 -35.52 17.86 11.11
N GLU D 291 -36.76 17.53 10.82
CA GLU D 291 -37.40 16.37 11.43
C GLU D 291 -36.86 15.10 10.81
N ALA D 292 -36.65 15.16 9.51
CA ALA D 292 -36.06 14.07 8.75
C ALA D 292 -34.65 13.76 9.27
N ALA D 293 -33.84 14.81 9.33
CA ALA D 293 -32.47 14.74 9.85
C ALA D 293 -32.43 14.22 11.27
N ARG D 294 -33.30 14.74 12.13
CA ARG D 294 -33.32 14.33 13.54
C ARG D 294 -33.33 12.80 13.66
N HIS D 295 -34.20 12.15 12.89
CA HIS D 295 -34.45 10.69 13.03
C HIS D 295 -33.32 9.86 12.43
N LEU D 296 -32.74 10.36 11.35
CA LEU D 296 -31.57 9.72 10.76
C LEU D 296 -30.44 9.67 11.78
N VAL D 297 -30.21 10.79 12.45
CA VAL D 297 -29.16 10.93 13.45
C VAL D 297 -29.35 9.97 14.62
N TYR D 298 -30.50 10.08 15.26
CA TYR D 298 -30.77 9.33 16.49
C TYR D 298 -30.98 7.83 16.32
N HIS D 299 -31.50 7.42 15.17
CA HIS D 299 -31.61 6.00 14.85
C HIS D 299 -30.22 5.40 14.56
N ALA D 300 -29.39 6.17 13.88
CA ALA D 300 -27.98 5.81 13.64
C ALA D 300 -27.24 5.60 14.96
N ALA D 301 -27.49 6.50 15.91
CA ALA D 301 -26.84 6.45 17.22
C ALA D 301 -27.43 5.37 18.12
N ASP D 302 -28.70 5.06 17.88
CA ASP D 302 -29.41 3.99 18.59
C ASP D 302 -28.93 2.61 18.11
N LEU D 303 -28.56 2.53 16.83
CA LEU D 303 -28.00 1.31 16.25
C LEU D 303 -26.65 1.04 16.89
N HIS D 304 -25.82 2.07 16.91
CA HIS D 304 -24.51 1.97 17.49
C HIS D 304 -24.57 1.64 18.98
N ASN D 305 -25.50 2.28 19.66
CA ASN D 305 -25.74 2.02 21.09
C ASN D 305 -26.11 0.57 21.38
N ARG D 306 -26.86 -0.04 20.46
CA ARG D 306 -27.54 -1.33 20.69
C ARG D 306 -26.87 -2.51 19.98
N LEU D 308 -24.47 -2.82 17.15
CA LEU D 308 -24.94 -3.21 15.82
C LEU D 308 -24.24 -2.43 14.70
N ASN D 309 -24.29 -3.01 13.50
CA ASN D 309 -23.77 -2.37 12.29
C ASN D 309 -24.54 -1.09 12.00
N CYS D 310 -23.82 0.04 11.97
CA CYS D 310 -24.43 1.38 11.85
C CYS D 310 -23.83 2.25 10.74
N GLY D 311 -22.90 1.70 9.95
CA GLY D 311 -22.06 2.48 9.03
C GLY D 311 -22.83 3.22 7.94
N LYS D 312 -23.72 2.51 7.26
CA LYS D 312 -24.57 3.08 6.21
C LYS D 312 -25.47 4.19 6.74
N GLU D 313 -26.12 3.92 7.87
CA GLU D 313 -27.04 4.88 8.50
C GLU D 313 -26.34 6.17 8.93
N ALA D 314 -25.10 6.03 9.38
CA ALA D 314 -24.28 7.17 9.79
C ALA D 314 -23.87 8.03 8.61
N SER D 315 -23.57 7.38 7.50
CA SER D 315 -23.26 8.07 6.25
C SER D 315 -24.45 8.88 5.75
N MET D 316 -25.61 8.25 5.72
CA MET D 316 -26.88 8.90 5.38
C MET D 316 -27.19 10.17 6.21
N ALA D 317 -27.10 10.02 7.53
CA ALA D 317 -27.25 11.14 8.48
C ALA D 317 -26.30 12.30 8.22
N LYS D 318 -25.03 11.98 8.01
CA LYS D 318 -23.97 13.00 7.83
C LYS D 318 -24.27 13.83 6.58
N GLN D 319 -24.59 13.12 5.51
CA GLN D 319 -24.92 13.73 4.21
C GLN D 319 -26.24 14.51 4.25
N PHE D 320 -27.22 13.95 4.93
CA PHE D 320 -28.56 14.55 4.92
C PHE D 320 -28.59 15.84 5.74
N ALA D 321 -28.19 15.72 7.00
CA ALA D 321 -28.15 16.84 7.94
C ALA D 321 -27.26 17.96 7.42
N SER D 322 -26.08 17.60 6.92
CA SER D 322 -25.12 18.57 6.40
C SER D 322 -25.72 19.39 5.27
N ASP D 323 -26.22 18.72 4.25
CA ASP D 323 -26.82 19.39 3.08
C ASP D 323 -28.03 20.22 3.49
N ALA D 324 -28.84 19.64 4.36
CA ALA D 324 -30.04 20.31 4.88
C ALA D 324 -29.66 21.59 5.59
N ALA D 325 -28.55 21.53 6.29
CA ALA D 325 -28.10 22.63 7.14
C ALA D 325 -27.60 23.79 6.28
N VAL D 326 -26.75 23.48 5.32
CA VAL D 326 -26.31 24.46 4.32
C VAL D 326 -27.50 25.18 3.75
N LYS D 327 -28.57 24.45 3.54
CA LYS D 327 -29.86 25.03 3.14
C LYS D 327 -30.23 25.58 4.53
N ALA D 329 -29.72 26.53 5.07
CA ALA D 329 -29.96 27.80 5.77
C ALA D 329 -28.80 28.80 5.91
N LEU D 330 -28.63 29.91 5.16
CA LEU D 330 -28.97 30.17 3.75
C LEU D 330 -30.35 30.50 3.22
N ASP D 331 -31.33 30.27 4.07
CA ASP D 331 -32.71 30.63 3.78
C ASP D 331 -32.87 31.62 4.92
N ALA D 332 -32.57 31.16 6.13
CA ALA D 332 -32.34 32.04 7.30
C ALA D 332 -31.61 33.36 7.03
N VAL D 333 -30.44 33.29 6.43
CA VAL D 333 -29.80 34.53 5.99
C VAL D 333 -30.81 35.35 5.18
N GLN D 334 -31.48 34.70 4.25
CA GLN D 334 -32.38 35.35 3.29
C GLN D 334 -33.57 36.01 4.01
N ILE D 335 -34.03 35.33 5.05
CA ILE D 335 -35.24 35.70 5.74
C ILE D 335 -35.01 36.96 6.59
N TYR D 336 -33.83 37.04 7.17
CA TYR D 336 -33.35 38.28 7.79
C TYR D 336 -33.03 39.39 6.80
N GLY D 337 -32.86 39.03 5.54
CA GLY D 337 -32.61 40.01 4.47
C GLY D 337 -31.24 40.64 4.66
N GLY D 338 -31.09 41.91 4.30
CA GLY D 338 -29.86 42.63 4.54
C GLY D 338 -29.23 42.35 5.90
N TYR D 339 -30.06 42.35 6.94
CA TYR D 339 -29.59 42.16 8.33
C TYR D 339 -28.88 40.80 8.48
N GLY D 340 -29.32 39.81 7.73
CA GLY D 340 -28.72 38.48 7.73
C GLY D 340 -27.27 38.42 7.20
N TYR D 341 -26.91 39.39 6.40
CA TYR D 341 -25.56 39.52 5.86
C TYR D 341 -24.59 40.16 6.83
N MET D 342 -25.01 40.35 8.06
CA MET D 342 -24.34 41.23 9.02
C MET D 342 -23.78 40.41 10.14
N LYS D 343 -22.58 40.76 10.57
CA LYS D 343 -21.86 39.90 11.52
C LYS D 343 -22.41 40.04 12.93
N ASP D 344 -23.04 41.19 13.19
CA ASP D 344 -23.72 41.49 14.47
C ASP D 344 -25.00 40.71 14.69
N TYR D 345 -25.59 40.24 13.59
CA TYR D 345 -26.74 39.31 13.62
C TYR D 345 -26.31 37.83 13.50
N PRO D 346 -27.14 36.90 14.06
CA PRO D 346 -26.76 35.55 14.43
C PRO D 346 -26.85 34.45 13.35
N VAL D 347 -27.23 34.79 12.12
CA VAL D 347 -27.50 33.79 11.05
C VAL D 347 -26.38 33.58 10.04
N GLU D 348 -25.60 34.61 9.82
CA GLU D 348 -24.53 34.57 8.87
C GLU D 348 -23.41 33.50 9.22
N ARG D 349 -23.25 33.26 10.51
CA ARG D 349 -22.30 32.30 11.03
C ARG D 349 -22.76 30.90 10.74
N LEU D 350 -24.06 30.75 10.59
CA LEU D 350 -24.67 29.42 10.41
C LEU D 350 -24.35 28.91 9.02
N LEU D 351 -24.26 29.84 8.05
CA LEU D 351 -23.92 29.46 6.69
C LEU D 351 -22.43 29.06 6.64
N ARG D 352 -21.60 30.01 7.04
CA ARG D 352 -20.17 29.83 7.09
C ARG D 352 -19.81 28.51 7.81
N ASP D 353 -20.40 28.32 8.99
CA ASP D 353 -20.23 27.09 9.74
C ASP D 353 -20.82 25.88 9.00
N ALA D 354 -22.05 26.00 8.53
CA ALA D 354 -22.73 24.88 7.82
C ALA D 354 -21.84 24.13 6.80
N LYS D 355 -21.24 24.90 5.89
CA LYS D 355 -20.52 24.36 4.74
C LYS D 355 -19.43 23.32 5.09
N VAL D 356 -18.79 23.50 6.24
CA VAL D 356 -17.80 22.54 6.73
C VAL D 356 -18.38 21.14 6.87
N THR D 357 -19.66 21.08 7.22
CA THR D 357 -20.29 19.83 7.62
C THR D 357 -20.42 18.90 6.42
N GLN D 358 -20.35 19.48 5.22
CA GLN D 358 -20.37 18.74 3.97
C GLN D 358 -19.00 18.13 3.54
N ILE D 359 -17.96 18.46 4.29
CA ILE D 359 -16.59 18.34 3.85
C ILE D 359 -15.81 17.38 4.73
N TYR D 360 -15.68 17.69 6.01
CA TYR D 360 -14.89 16.85 6.94
C TYR D 360 -15.58 15.62 7.51
N GLU D 361 -14.74 14.76 8.09
CA GLU D 361 -15.12 13.41 8.50
C GLU D 361 -15.80 12.68 7.36
N GLY D 362 -15.28 12.96 6.16
CA GLY D 362 -15.74 12.27 4.96
C GLY D 362 -16.69 13.14 4.18
N THR D 363 -16.15 13.78 3.14
CA THR D 363 -16.96 14.61 2.22
C THR D 363 -18.20 13.86 1.78
N ASN D 364 -19.26 14.61 1.48
CA ASN D 364 -20.53 14.03 1.02
C ASN D 364 -20.45 13.25 -0.30
N GLU D 365 -19.47 13.57 -1.13
CA GLU D 365 -19.12 12.70 -2.29
C GLU D 365 -18.72 11.31 -1.80
N ILE D 366 -17.88 11.26 -0.78
CA ILE D 366 -17.46 9.99 -0.18
C ILE D 366 -18.62 9.23 0.47
N GLN D 367 -19.50 9.98 1.10
CA GLN D 367 -20.63 9.39 1.85
C GLN D 367 -21.61 8.71 0.89
N ARG D 368 -21.86 9.37 -0.23
CA ARG D 368 -22.75 8.81 -1.25
C ARG D 368 -22.12 7.54 -1.81
N LEU D 369 -20.83 7.64 -2.13
CA LEU D 369 -20.01 6.46 -2.50
C LEU D 369 -20.14 5.29 -1.52
N ILE D 370 -19.86 5.54 -0.25
CA ILE D 370 -20.03 4.52 0.81
C ILE D 370 -21.44 3.92 0.80
N ILE D 371 -22.47 4.80 0.88
CA ILE D 371 -23.86 4.37 0.88
C ILE D 371 -24.11 3.47 -0.32
N SER D 372 -23.79 3.98 -1.50
CA SER D 372 -23.93 3.22 -2.74
C SER D 372 -23.25 1.86 -2.69
N LYS D 373 -22.11 1.77 -2.01
CA LYS D 373 -21.43 0.45 -1.82
C LYS D 373 -22.26 -0.58 -1.03
N TYR D 374 -23.02 -0.11 -0.05
CA TYR D 374 -23.96 -1.01 0.66
C TYR D 374 -25.13 -1.45 -0.25
N LEU D 375 -25.54 -0.56 -1.14
CA LEU D 375 -26.66 -0.85 -2.03
C LEU D 375 -26.27 -1.88 -3.06
N LEU D 376 -25.16 -1.60 -3.74
CA LEU D 376 -24.65 -2.47 -4.78
C LEU D 376 -24.08 -3.81 -4.26
N GLY D 377 -23.79 -3.89 -2.97
CA GLY D 377 -23.57 -5.19 -2.31
C GLY D 377 -24.72 -6.16 -2.52
N GLU E 6 8.02 -48.36 -9.49
CA GLU E 6 8.85 -49.19 -8.54
C GLU E 6 9.55 -48.37 -7.46
N GLN E 7 10.09 -47.22 -7.85
CA GLN E 7 10.88 -46.38 -6.96
C GLN E 7 9.95 -45.66 -6.00
N VAL E 8 8.95 -44.95 -6.52
CA VAL E 8 7.96 -44.28 -5.65
C VAL E 8 7.33 -45.24 -4.64
N MET E 9 7.08 -46.47 -5.08
CA MET E 9 6.59 -47.55 -4.20
C MET E 9 7.59 -48.01 -3.16
N MET E 10 8.85 -48.15 -3.58
CA MET E 10 9.92 -48.53 -2.65
C MET E 10 9.98 -47.48 -1.55
N ARG E 11 10.17 -46.22 -1.94
CA ARG E 11 10.21 -45.06 -1.03
C ARG E 11 9.09 -45.06 0.02
N LYS E 12 7.85 -45.27 -0.41
CA LYS E 12 6.71 -45.27 0.53
C LYS E 12 6.78 -46.48 1.46
N MET E 13 7.07 -47.63 0.87
CA MET E 13 7.26 -48.89 1.60
C MET E 13 8.33 -48.79 2.70
N VAL E 14 9.47 -48.21 2.35
CA VAL E 14 10.60 -48.05 3.29
C VAL E 14 10.31 -46.96 4.32
N ARG E 15 9.66 -45.88 3.89
CA ARG E 15 9.20 -44.84 4.83
C ARG E 15 8.27 -45.38 5.93
N ASP E 16 7.33 -46.24 5.54
CA ASP E 16 6.34 -46.77 6.51
C ASP E 16 6.97 -47.75 7.49
N PHE E 17 7.67 -48.74 6.92
CA PHE E 17 8.52 -49.67 7.68
C PHE E 17 9.40 -48.91 8.67
N ALA E 18 10.14 -47.95 8.13
CA ALA E 18 11.08 -47.16 8.91
C ALA E 18 10.42 -46.61 10.16
N ARG E 19 9.36 -45.82 9.94
CA ARG E 19 8.64 -45.12 11.00
C ARG E 19 8.01 -46.06 12.00
N LYS E 20 7.48 -47.19 11.52
CA LYS E 20 6.82 -48.19 12.39
C LYS E 20 7.81 -49.07 13.15
N GLU E 21 8.72 -49.72 12.42
CA GLU E 21 9.64 -50.74 12.98
C GLU E 21 11.05 -50.21 13.38
N ILE E 22 11.61 -49.36 12.56
CA ILE E 22 12.98 -48.85 12.79
C ILE E 22 13.03 -47.82 13.93
N ALA E 23 11.98 -47.01 14.04
CA ALA E 23 11.91 -45.95 15.06
C ALA E 23 11.98 -46.44 16.52
N PRO E 24 11.13 -47.40 16.90
CA PRO E 24 11.30 -47.98 18.27
C PRO E 24 12.64 -48.67 18.47
N ALA E 25 13.03 -49.53 17.54
CA ALA E 25 14.36 -50.18 17.58
C ALA E 25 15.52 -49.19 17.77
N ALA E 26 15.47 -48.07 17.05
CA ALA E 26 16.52 -47.04 17.12
C ALA E 26 16.74 -46.43 18.51
N GLU E 27 15.66 -46.31 19.29
CA GLU E 27 15.73 -45.74 20.65
C GLU E 27 16.33 -46.74 21.63
N ILE E 28 15.96 -48.00 21.46
CA ILE E 28 16.62 -49.14 22.15
C ILE E 28 18.13 -49.21 21.83
N MET E 29 18.49 -49.01 20.57
CA MET E 29 19.91 -48.96 20.17
C MET E 29 20.69 -47.84 20.83
N GLU E 30 20.06 -46.67 20.94
CA GLU E 30 20.73 -45.49 21.52
C GLU E 30 20.92 -45.64 23.01
N LYS E 31 20.06 -46.47 23.61
CA LYS E 31 20.09 -46.68 25.05
C LYS E 31 21.00 -47.85 25.38
N THR E 32 20.84 -48.94 24.63
CA THR E 32 21.51 -50.21 24.92
C THR E 32 22.90 -50.28 24.29
N ASP E 33 23.04 -49.68 23.11
CA ASP E 33 24.22 -49.84 22.23
C ASP E 33 24.36 -51.27 21.70
N GLU E 34 23.25 -51.99 21.63
CA GLU E 34 23.23 -53.37 21.17
C GLU E 34 22.68 -53.53 19.76
N PHE E 35 23.43 -54.26 18.95
CA PHE E 35 23.07 -54.57 17.55
C PHE E 35 21.63 -55.06 17.48
N PRO E 36 20.83 -54.58 16.51
CA PRO E 36 19.39 -54.82 16.52
C PRO E 36 19.02 -56.10 15.77
N PHE E 37 19.43 -57.23 16.33
CA PHE E 37 19.26 -58.54 15.68
C PHE E 37 17.86 -58.77 15.17
N GLN E 38 16.87 -58.40 15.99
CA GLN E 38 15.44 -58.64 15.68
C GLN E 38 14.92 -57.80 14.53
N LEU E 39 15.35 -56.55 14.49
CA LEU E 39 15.00 -55.65 13.39
C LEU E 39 15.55 -56.10 12.05
N ILE E 40 16.85 -56.39 12.05
CA ILE E 40 17.52 -56.96 10.89
C ILE E 40 16.70 -58.12 10.33
N LYS E 41 16.41 -59.10 11.18
CA LYS E 41 15.62 -60.28 10.80
C LYS E 41 14.35 -59.87 10.08
N LYS E 42 13.58 -59.02 10.75
CA LYS E 42 12.35 -58.42 10.19
C LYS E 42 12.57 -57.73 8.83
N MET E 43 13.53 -56.79 8.77
CA MET E 43 13.94 -56.14 7.49
C MET E 43 14.22 -57.19 6.40
N GLY E 44 14.81 -58.31 6.82
CA GLY E 44 14.99 -59.48 5.96
C GLY E 44 13.68 -60.03 5.39
N LYS E 45 12.72 -60.33 6.26
CA LYS E 45 11.38 -60.78 5.83
C LYS E 45 10.68 -59.77 4.89
N HIS E 46 10.87 -58.48 5.18
CA HIS E 46 10.24 -57.43 4.37
C HIS E 46 11.05 -57.04 3.12
N GLY E 47 12.09 -57.82 2.81
CA GLY E 47 12.74 -57.80 1.49
C GLY E 47 13.59 -56.57 1.28
N LEU E 48 14.20 -56.12 2.37
CA LEU E 48 15.07 -54.92 2.37
C LEU E 48 16.57 -55.22 2.30
N MET E 49 16.92 -56.48 2.46
CA MET E 49 18.32 -56.88 2.67
C MET E 49 19.13 -57.24 1.42
N GLY E 50 18.47 -57.26 0.27
CA GLY E 50 19.12 -57.53 -1.01
C GLY E 50 18.45 -56.81 -2.15
N ILE E 51 18.39 -55.49 -2.07
CA ILE E 51 17.47 -54.70 -2.89
C ILE E 51 17.94 -54.56 -4.32
N PRO E 52 19.23 -54.26 -4.51
CA PRO E 52 19.80 -54.20 -5.86
C PRO E 52 20.42 -55.53 -6.31
N VAL E 53 20.09 -56.59 -5.60
CA VAL E 53 20.43 -57.95 -6.00
C VAL E 53 19.37 -58.47 -6.97
N PRO E 54 19.79 -59.19 -8.03
CA PRO E 54 18.75 -59.80 -8.84
C PRO E 54 18.01 -60.97 -8.18
N GLU E 55 16.86 -61.29 -8.74
CA GLU E 55 15.98 -62.32 -8.17
C GLU E 55 16.50 -63.73 -8.32
N GLN E 56 17.19 -63.94 -9.44
CA GLN E 56 18.05 -65.11 -9.70
C GLN E 56 18.75 -65.62 -8.43
N TYR E 57 19.40 -64.68 -7.74
CA TYR E 57 20.15 -64.96 -6.51
C TYR E 57 19.42 -64.61 -5.21
N GLY E 58 18.14 -64.32 -5.32
CA GLY E 58 17.21 -64.33 -4.16
C GLY E 58 16.91 -63.01 -3.52
N GLY E 59 17.27 -61.94 -4.22
CA GLY E 59 16.96 -60.58 -3.79
C GLY E 59 15.69 -60.01 -4.42
N ALA E 60 15.57 -58.70 -4.28
CA ALA E 60 14.35 -57.97 -4.62
C ALA E 60 14.23 -57.66 -6.11
N GLY E 61 15.36 -57.73 -6.82
CA GLY E 61 15.40 -57.55 -8.25
C GLY E 61 15.28 -56.11 -8.69
N ALA E 62 15.54 -55.19 -7.76
CA ALA E 62 15.35 -53.77 -8.00
C ALA E 62 16.68 -53.14 -8.40
N ASP E 63 16.70 -51.84 -8.62
CA ASP E 63 17.91 -51.19 -9.01
C ASP E 63 18.59 -50.45 -7.90
N VAL E 64 19.66 -49.73 -8.21
CA VAL E 64 20.42 -49.03 -7.19
C VAL E 64 19.81 -47.68 -6.81
N VAL E 65 18.99 -47.11 -7.65
CA VAL E 65 18.34 -45.87 -7.30
C VAL E 65 17.46 -46.17 -6.14
N SER E 66 16.62 -47.17 -6.30
CA SER E 66 15.70 -47.71 -5.29
C SER E 66 16.43 -48.11 -3.99
N TYR E 67 17.61 -48.72 -4.17
CA TYR E 67 18.42 -49.21 -3.05
C TYR E 67 18.99 -48.06 -2.24
N ILE E 68 19.60 -47.11 -2.94
CA ILE E 68 20.17 -45.91 -2.32
C ILE E 68 19.04 -45.13 -1.65
N LEU E 69 17.92 -45.06 -2.34
CA LEU E 69 16.69 -44.46 -1.83
C LEU E 69 16.31 -45.05 -0.49
N ALA E 70 16.36 -46.37 -0.41
CA ALA E 70 16.06 -47.08 0.85
C ALA E 70 16.96 -46.56 1.97
N ILE E 71 18.27 -46.66 1.74
CA ILE E 71 19.30 -46.17 2.68
C ILE E 71 19.08 -44.71 3.12
N HIS E 72 18.69 -43.88 2.17
CA HIS E 72 18.35 -42.48 2.46
C HIS E 72 17.23 -42.39 3.50
N GLU E 73 16.15 -43.07 3.19
CA GLU E 73 14.94 -43.08 4.02
C GLU E 73 15.21 -43.64 5.42
N ILE E 74 15.93 -44.76 5.47
CA ILE E 74 16.23 -45.42 6.74
C ILE E 74 17.08 -44.54 7.62
N SER E 75 17.95 -43.74 6.97
CA SER E 75 18.92 -42.89 7.67
C SER E 75 18.32 -41.63 8.26
N ARG E 76 17.18 -41.21 7.72
CA ARG E 76 16.31 -40.20 8.37
C ARG E 76 16.04 -40.58 9.82
N ILE E 77 15.61 -41.82 10.00
CA ILE E 77 15.27 -42.39 11.31
C ILE E 77 16.50 -42.88 12.07
N SER E 78 17.41 -43.57 11.40
CA SER E 78 18.58 -44.18 12.06
C SER E 78 19.76 -44.34 11.13
N ALA E 79 20.80 -43.57 11.42
CA ALA E 79 22.03 -43.60 10.65
C ALA E 79 22.72 -44.95 10.87
N ALA E 80 22.73 -45.40 12.12
CA ALA E 80 23.26 -46.73 12.48
C ALA E 80 22.71 -47.84 11.60
N VAL E 81 21.40 -47.99 11.62
CA VAL E 81 20.77 -49.03 10.78
C VAL E 81 21.07 -48.81 9.30
N GLY E 82 21.25 -47.56 8.92
CA GLY E 82 21.49 -47.19 7.54
C GLY E 82 22.82 -47.72 7.06
N VAL E 83 23.85 -47.53 7.89
CA VAL E 83 25.20 -47.99 7.58
C VAL E 83 25.31 -49.52 7.62
N ILE E 84 24.60 -50.15 8.55
CA ILE E 84 24.54 -51.62 8.64
C ILE E 84 24.00 -52.19 7.34
N LEU E 85 22.89 -51.63 6.91
CA LEU E 85 22.31 -52.05 5.64
C LEU E 85 23.26 -51.75 4.48
N SER E 86 23.89 -50.58 4.53
CA SER E 86 24.69 -50.06 3.41
C SER E 86 25.93 -50.91 3.18
N VAL E 87 26.61 -51.23 4.27
CA VAL E 87 27.78 -52.08 4.23
C VAL E 87 27.36 -53.47 3.75
N HIS E 88 26.34 -54.02 4.40
CA HIS E 88 25.86 -55.39 4.11
C HIS E 88 25.78 -55.63 2.61
N THR E 89 25.10 -54.72 1.93
CA THR E 89 24.83 -54.87 0.51
C THR E 89 25.96 -54.49 -0.41
N SER E 90 26.46 -53.28 -0.23
CA SER E 90 27.30 -52.59 -1.21
C SER E 90 28.74 -53.12 -1.20
N VAL E 91 29.18 -53.55 -0.02
CA VAL E 91 30.53 -54.07 0.15
C VAL E 91 30.60 -55.44 0.83
N GLY E 92 29.49 -55.90 1.40
CA GLY E 92 29.39 -57.27 1.94
C GLY E 92 28.80 -58.28 0.98
N THR E 93 27.93 -57.81 0.08
CA THR E 93 27.22 -58.70 -0.87
C THR E 93 27.67 -58.46 -2.33
N ASN E 94 27.79 -57.20 -2.69
CA ASN E 94 28.01 -56.80 -4.08
C ASN E 94 29.34 -57.30 -4.64
N PRO E 95 30.40 -57.30 -3.82
CA PRO E 95 31.68 -57.80 -4.35
C PRO E 95 31.58 -59.23 -4.87
N ILE E 96 30.84 -60.07 -4.16
CA ILE E 96 30.50 -61.41 -4.65
C ILE E 96 29.68 -61.30 -5.94
N LEU E 97 28.62 -60.50 -5.89
CA LEU E 97 27.70 -60.35 -7.03
C LEU E 97 28.42 -59.94 -8.31
N TYR E 98 29.38 -59.03 -8.20
CA TYR E 98 30.00 -58.38 -9.37
C TYR E 98 31.33 -58.98 -9.83
N PHE E 99 32.06 -59.58 -8.90
CA PHE E 99 33.39 -60.18 -9.20
C PHE E 99 33.51 -61.66 -8.92
N GLY E 100 32.48 -62.23 -8.28
CA GLY E 100 32.49 -63.62 -7.86
C GLY E 100 32.05 -64.47 -9.05
N ASN E 101 32.18 -65.79 -8.94
CA ASN E 101 31.74 -66.71 -10.00
C ASN E 101 30.34 -67.31 -9.74
N GLU E 102 29.73 -67.85 -10.80
CA GLU E 102 28.33 -68.31 -10.73
C GLU E 102 28.05 -69.23 -9.55
N GLU E 103 29.01 -70.09 -9.23
CA GLU E 103 28.90 -71.03 -8.11
C GLU E 103 28.80 -70.31 -6.76
N GLN E 104 29.69 -69.33 -6.58
CA GLN E 104 29.78 -68.50 -5.35
C GLN E 104 28.56 -67.61 -5.16
N LYS E 105 28.18 -66.93 -6.23
CA LYS E 105 26.93 -66.17 -6.27
C LYS E 105 25.79 -67.01 -5.71
N MET E 106 25.63 -68.23 -6.24
CA MET E 106 24.57 -69.14 -5.82
C MET E 106 24.70 -69.60 -4.36
N LYS E 107 25.94 -69.85 -3.92
CA LYS E 107 26.18 -70.38 -2.57
C LYS E 107 25.92 -69.33 -1.48
N TYR E 108 26.37 -68.10 -1.73
CA TYR E 108 26.51 -67.10 -0.66
C TYR E 108 25.45 -66.00 -0.65
N ILE E 109 24.95 -65.63 -1.82
CA ILE E 109 24.09 -64.45 -1.97
C ILE E 109 22.65 -64.60 -1.45
N PRO E 110 21.94 -65.69 -1.80
CA PRO E 110 20.54 -65.85 -1.35
C PRO E 110 20.34 -65.65 0.15
N ASN E 111 21.23 -66.22 0.95
CA ASN E 111 21.19 -66.03 2.39
C ASN E 111 21.53 -64.61 2.80
N LEU E 112 22.43 -63.98 2.06
CA LEU E 112 22.72 -62.54 2.25
C LEU E 112 21.52 -61.68 1.86
N ALA E 113 20.89 -62.04 0.75
CA ALA E 113 19.78 -61.30 0.19
C ALA E 113 18.55 -61.31 1.09
N SER E 114 18.16 -62.52 1.47
CA SER E 114 17.04 -62.76 2.41
C SER E 114 17.24 -62.07 3.75
N GLY E 115 18.50 -61.95 4.16
CA GLY E 115 18.85 -61.43 5.48
C GLY E 115 19.03 -62.52 6.53
N ASP E 116 18.90 -63.78 6.11
CA ASP E 116 19.30 -64.92 6.97
C ASP E 116 20.78 -64.82 7.34
N HIS E 117 21.57 -64.26 6.41
CA HIS E 117 22.99 -63.96 6.64
C HIS E 117 23.28 -62.48 6.50
N LEU E 118 24.24 -62.03 7.31
CA LEU E 118 24.69 -60.64 7.34
C LEU E 118 26.14 -60.50 6.86
N GLY E 119 26.38 -59.39 6.15
CA GLY E 119 27.63 -59.14 5.42
C GLY E 119 28.53 -58.02 5.97
N ALA E 120 29.83 -58.12 5.70
CA ALA E 120 30.84 -57.21 6.37
C ALA E 120 31.86 -56.19 5.74
N ALA E 122 36.07 -56.31 5.25
CA ALA E 122 37.26 -56.32 6.08
C ALA E 122 38.43 -55.84 5.24
N LEU E 123 38.63 -54.52 5.19
CA LEU E 123 39.76 -53.93 4.47
C LEU E 123 40.75 -53.30 5.44
N THR E 124 40.23 -52.44 6.31
CA THR E 124 41.05 -51.51 7.10
C THR E 124 41.86 -52.24 8.15
N GLU E 125 43.06 -51.71 8.42
CA GLU E 125 44.01 -52.32 9.36
C GLU E 125 44.66 -51.23 10.22
N PRO E 126 45.22 -51.62 11.38
CA PRO E 126 45.81 -50.59 12.24
C PRO E 126 46.80 -49.72 11.50
N HIS E 127 47.56 -50.33 10.59
CA HIS E 127 48.62 -49.65 9.83
C HIS E 127 48.22 -49.20 8.42
N SER E 128 47.11 -49.73 7.93
CA SER E 128 46.57 -49.33 6.61
C SER E 128 45.05 -48.92 6.67
N GLY E 129 44.78 -47.67 6.33
CA GLY E 129 43.42 -47.15 6.32
C GLY E 129 43.14 -46.36 5.06
N SER E 130 43.60 -45.12 5.07
CA SER E 130 43.54 -44.24 3.92
C SER E 130 44.41 -44.82 2.82
N ASP E 131 45.65 -45.13 3.19
CA ASP E 131 46.53 -45.97 2.37
C ASP E 131 46.18 -47.47 2.53
N ALA E 132 45.08 -47.87 1.92
CA ALA E 132 44.58 -49.24 2.03
C ALA E 132 45.47 -50.20 1.24
N GLY E 133 46.19 -49.65 0.27
CA GLY E 133 47.22 -50.39 -0.46
C GLY E 133 48.27 -51.06 0.43
N SER E 134 48.70 -50.37 1.48
CA SER E 134 49.76 -50.87 2.39
C SER E 134 49.28 -51.80 3.51
N LEU E 135 48.23 -52.57 3.23
CA LEU E 135 47.77 -53.57 4.19
C LEU E 135 48.80 -54.70 4.31
N ARG E 136 48.76 -55.34 5.48
CA ARG E 136 49.76 -56.31 5.92
C ARG E 136 49.22 -57.73 6.12
N THR E 137 47.92 -57.88 6.20
CA THR E 137 47.34 -59.21 6.34
C THR E 137 47.79 -60.05 5.16
N THR E 138 48.35 -61.21 5.46
CA THR E 138 48.84 -62.10 4.41
C THR E 138 47.85 -63.23 4.20
N ALA E 139 47.79 -63.69 2.97
CA ALA E 139 47.08 -64.93 2.61
C ALA E 139 48.01 -65.87 1.79
N ILE E 140 48.56 -66.86 2.47
CA ILE E 140 49.50 -67.79 1.85
C ILE E 140 48.82 -69.17 1.62
N LYS E 141 48.76 -69.57 0.35
CA LYS E 141 48.22 -70.88 -0.02
C LYS E 141 49.09 -72.01 0.52
N LYS E 142 48.50 -72.91 1.30
CA LYS E 142 49.18 -74.17 1.66
C LYS E 142 48.24 -75.27 1.11
N ASN E 143 48.04 -75.33 -0.21
CA ASN E 143 47.82 -76.67 -0.79
C ASN E 143 46.56 -77.54 -0.79
N GLY E 144 45.59 -77.20 0.05
CA GLY E 144 44.23 -77.01 -0.49
C GLY E 144 43.59 -75.68 -0.10
N LYS E 145 44.19 -75.01 0.88
CA LYS E 145 43.54 -73.97 1.67
C LYS E 145 44.44 -72.74 1.64
N TYR E 146 43.83 -71.55 1.53
CA TYR E 146 44.54 -70.31 1.84
C TYR E 146 44.64 -70.13 3.35
N LEU E 147 45.75 -69.55 3.77
CA LEU E 147 46.10 -69.43 5.18
C LEU E 147 46.35 -67.97 5.51
N LEU E 148 45.39 -67.38 6.22
CA LEU E 148 45.35 -65.93 6.44
C LEU E 148 45.96 -65.54 7.79
N ASN E 149 46.72 -64.45 7.79
CA ASN E 149 47.39 -63.99 9.00
C ASN E 149 47.47 -62.48 9.09
N GLY E 150 47.07 -61.96 10.24
CA GLY E 150 47.06 -60.52 10.49
C GLY E 150 45.76 -60.06 11.13
N SER E 151 45.54 -58.75 11.10
CA SER E 151 44.42 -58.16 11.83
C SER E 151 43.70 -57.08 11.03
N LYS E 152 42.40 -57.01 11.22
CA LYS E 152 41.60 -55.88 10.74
C LYS E 152 41.11 -55.03 11.88
N ILE E 153 40.79 -53.78 11.56
CA ILE E 153 40.24 -52.88 12.55
C ILE E 153 39.00 -52.15 12.02
N PHE E 154 38.21 -51.62 12.97
CA PHE E 154 37.06 -50.74 12.72
C PHE E 154 36.07 -51.36 11.78
N ILE E 155 35.71 -52.61 12.02
CA ILE E 155 34.92 -53.37 11.04
C ILE E 155 33.44 -53.28 11.39
N THR E 156 32.70 -52.57 10.53
CA THR E 156 31.25 -52.49 10.70
C THR E 156 30.68 -53.89 10.60
N ASN E 157 29.56 -54.12 11.30
CA ASN E 157 28.86 -55.41 11.30
C ASN E 157 29.68 -56.57 11.93
N GLY E 158 30.63 -56.17 12.77
CA GLY E 158 31.55 -57.07 13.41
C GLY E 158 30.93 -57.90 14.52
N GLY E 159 30.86 -59.20 14.32
CA GLY E 159 30.37 -60.14 15.34
C GLY E 159 28.91 -60.49 15.13
N ALA E 160 28.22 -59.63 14.38
CA ALA E 160 26.90 -59.94 13.85
C ALA E 160 27.04 -60.65 12.52
N ALA E 161 28.11 -60.34 11.80
CA ALA E 161 28.26 -60.77 10.41
C ALA E 161 28.65 -62.24 10.27
N ASP E 162 28.07 -62.86 9.23
CA ASP E 162 28.29 -64.26 8.87
C ASP E 162 29.34 -64.41 7.75
N ILE E 163 29.31 -63.45 6.84
CA ILE E 163 30.25 -63.38 5.72
C ILE E 163 31.09 -62.10 5.86
N TYR E 164 32.40 -62.23 5.72
CA TYR E 164 33.33 -61.08 5.66
C TYR E 164 34.15 -61.05 4.37
N ILE E 165 33.85 -60.08 3.51
CA ILE E 165 34.64 -59.86 2.31
C ILE E 165 35.96 -59.25 2.73
N THR E 166 37.02 -60.06 2.60
CA THR E 166 38.29 -59.80 3.28
C THR E 166 39.41 -59.68 2.28
N PHE E 167 40.26 -58.67 2.51
CA PHE E 167 41.35 -58.34 1.62
C PHE E 167 42.70 -58.64 2.28
N ALA E 168 43.58 -59.32 1.53
CA ALA E 168 44.80 -59.89 2.08
C ALA E 168 45.87 -60.08 1.01
N LEU E 169 47.13 -59.79 1.38
CA LEU E 169 48.29 -59.93 0.47
C LEU E 169 48.52 -61.38 0.03
N THR E 170 48.40 -61.62 -1.28
CA THR E 170 48.79 -62.91 -1.88
C THR E 170 50.20 -62.86 -2.43
N ALA E 171 50.64 -61.65 -2.79
CA ALA E 171 51.95 -61.41 -3.39
C ALA E 171 52.61 -60.20 -2.73
N PRO E 172 53.11 -60.35 -1.48
CA PRO E 172 53.63 -59.25 -0.66
C PRO E 172 54.67 -58.30 -1.31
N ASP E 173 55.47 -58.81 -2.25
CA ASP E 173 56.51 -58.00 -2.90
C ASP E 173 55.95 -57.06 -3.97
N GLN E 174 54.71 -57.27 -4.35
CA GLN E 174 53.96 -56.30 -5.10
C GLN E 174 53.29 -55.55 -3.99
N GLY E 175 51.99 -55.32 -4.11
CA GLY E 175 51.22 -54.45 -3.22
C GLY E 175 51.32 -52.98 -3.55
N HIS E 177 49.32 -53.97 -5.76
CA HIS E 177 49.05 -54.85 -6.90
C HIS E 177 49.06 -56.34 -6.56
N GLY E 178 49.45 -56.65 -5.34
CA GLY E 178 49.56 -58.02 -4.84
C GLY E 178 48.52 -58.37 -3.76
N ILE E 179 47.50 -57.53 -3.68
CA ILE E 179 46.31 -57.75 -2.84
C ILE E 179 45.25 -58.63 -3.52
N SER E 180 44.78 -59.63 -2.77
CA SER E 180 43.67 -60.48 -3.20
C SER E 180 42.44 -60.30 -2.31
N ALA E 181 41.29 -60.70 -2.84
CA ALA E 181 40.01 -60.60 -2.10
C ALA E 181 39.34 -61.97 -1.82
N PHE E 182 38.83 -62.13 -0.60
CA PHE E 182 38.39 -63.42 -0.06
C PHE E 182 37.00 -63.37 0.57
N ILE E 183 36.18 -64.36 0.23
CA ILE E 183 34.94 -64.64 0.95
C ILE E 183 35.23 -65.44 2.22
N VAL E 184 35.25 -64.76 3.35
CA VAL E 184 35.51 -65.41 4.64
C VAL E 184 34.23 -65.61 5.43
N GLU E 185 34.03 -66.85 5.87
CA GLU E 185 32.89 -67.23 6.67
C GLU E 185 33.23 -67.15 8.12
N LYS E 186 32.24 -66.87 8.95
CA LYS E 186 32.46 -66.51 10.35
C LYS E 186 32.99 -67.67 11.20
N ASN E 187 32.51 -68.88 10.92
CA ASN E 187 32.95 -70.11 11.60
C ASN E 187 34.30 -70.66 11.07
N THR E 188 35.12 -69.80 10.47
CA THR E 188 36.44 -70.19 10.00
C THR E 188 37.39 -70.42 11.18
N PRO E 189 38.11 -71.54 11.14
CA PRO E 189 39.10 -71.92 12.12
C PRO E 189 40.22 -70.89 12.13
N GLY E 190 40.59 -70.41 13.31
CA GLY E 190 41.62 -69.36 13.46
C GLY E 190 41.19 -67.91 13.20
N PHE E 191 39.92 -67.72 12.89
CA PHE E 191 39.35 -66.39 12.63
C PHE E 191 38.56 -65.96 13.84
N THR E 192 39.00 -64.87 14.48
CA THR E 192 38.33 -64.37 15.67
C THR E 192 37.94 -62.92 15.59
N VAL E 193 36.88 -62.60 16.33
CA VAL E 193 36.31 -61.27 16.41
C VAL E 193 36.68 -60.64 17.75
N GLY E 194 37.08 -59.37 17.68
CA GLY E 194 37.40 -58.59 18.88
C GLY E 194 36.18 -57.97 19.58
N LYS E 195 36.43 -57.36 20.72
CA LYS E 195 35.36 -56.72 21.50
C LYS E 195 34.74 -55.58 20.71
N LYS E 196 33.44 -55.43 20.87
CA LYS E 196 32.69 -54.23 20.43
C LYS E 196 33.40 -52.93 20.81
N GLU E 197 33.69 -52.10 19.81
CA GLU E 197 34.41 -50.84 20.02
C GLU E 197 33.44 -49.78 20.54
N ARG E 198 33.92 -49.00 21.51
CA ARG E 198 33.22 -47.88 22.17
C ARG E 198 33.51 -46.57 21.48
N LYS E 199 32.52 -46.08 20.75
CA LYS E 199 32.63 -44.87 19.93
C LYS E 199 31.63 -43.83 20.16
N LEU E 200 31.88 -42.71 19.51
CA LEU E 200 31.13 -41.48 19.62
C LEU E 200 29.71 -41.61 19.25
N GLY E 201 29.47 -42.40 18.28
CA GLY E 201 28.11 -42.57 17.77
C GLY E 201 27.84 -43.85 16.98
N LEU E 202 26.93 -43.77 16.01
CA LEU E 202 26.37 -44.99 15.39
C LEU E 202 26.19 -46.03 16.47
N TYR E 203 25.44 -45.64 17.49
CA TYR E 203 25.09 -46.56 18.55
C TYR E 203 24.19 -47.57 17.87
N GLY E 204 24.40 -48.82 18.23
CA GLY E 204 23.71 -49.92 17.59
C GLY E 204 24.59 -50.62 16.58
N SER E 205 25.50 -49.93 15.90
CA SER E 205 26.27 -50.60 14.84
C SER E 205 27.58 -51.23 15.35
N ASN E 206 27.57 -52.53 15.59
CA ASN E 206 28.80 -53.26 16.01
C ASN E 206 29.98 -52.90 15.14
N THR E 207 30.96 -52.22 15.72
CA THR E 207 32.25 -52.02 15.05
C THR E 207 33.37 -52.77 15.81
N THR E 208 34.03 -53.73 15.15
CA THR E 208 35.04 -54.55 15.85
C THR E 208 36.36 -54.76 15.13
N GLU E 209 37.32 -55.19 15.94
CA GLU E 209 38.58 -55.72 15.45
C GLU E 209 38.37 -57.17 14.97
N LEU E 210 39.18 -57.58 14.01
CA LEU E 210 39.27 -58.99 13.60
C LEU E 210 40.68 -59.54 13.67
N ILE E 211 40.83 -60.67 14.33
CA ILE E 211 42.15 -61.33 14.44
C ILE E 211 42.16 -62.51 13.46
N PHE E 212 43.15 -62.53 12.59
CA PHE E 212 43.42 -63.69 11.71
C PHE E 212 44.68 -64.43 12.15
N ASP E 213 44.46 -65.62 12.72
CA ASP E 213 45.55 -66.48 13.21
C ASP E 213 45.55 -67.81 12.43
N ASN E 214 46.52 -67.96 11.53
CA ASN E 214 46.51 -69.07 10.57
C ASN E 214 45.08 -69.48 10.28
N ALA E 215 44.33 -68.52 9.78
CA ALA E 215 42.90 -68.71 9.53
C ALA E 215 42.72 -69.44 8.21
N GLU E 216 41.99 -70.55 8.26
CA GLU E 216 41.92 -71.47 7.11
C GLU E 216 40.74 -71.13 6.21
N VAL E 217 41.04 -70.51 5.08
CA VAL E 217 40.02 -70.08 4.11
C VAL E 217 40.13 -70.92 2.82
N PRO E 218 39.02 -71.60 2.43
CA PRO E 218 39.00 -72.43 1.23
C PRO E 218 39.34 -71.69 -0.05
N GLU E 219 40.25 -72.28 -0.82
CA GLU E 219 40.70 -71.80 -2.14
C GLU E 219 39.56 -71.40 -3.06
N ALA E 220 38.49 -72.18 -3.03
CA ALA E 220 37.23 -71.83 -3.75
C ALA E 220 36.55 -70.51 -3.29
N ASN E 221 36.89 -70.03 -2.10
CA ASN E 221 36.39 -68.74 -1.60
C ASN E 221 37.23 -67.54 -2.01
N LEU E 222 38.24 -67.78 -2.84
CA LEU E 222 38.99 -66.69 -3.51
C LEU E 222 38.06 -65.91 -4.42
N LEU E 223 37.92 -64.61 -4.14
CA LEU E 223 37.01 -63.76 -4.92
C LEU E 223 37.73 -63.16 -6.15
N GLY E 224 37.38 -63.67 -7.32
CA GLY E 224 38.07 -63.38 -8.58
C GLY E 224 39.54 -63.80 -8.64
N LYS E 225 40.28 -63.22 -9.58
CA LYS E 225 41.68 -63.61 -9.79
C LYS E 225 42.58 -63.02 -8.71
N GLU E 226 43.68 -63.72 -8.44
CA GLU E 226 44.69 -63.23 -7.50
C GLU E 226 45.28 -61.91 -8.02
N GLY E 227 45.43 -60.96 -7.11
CA GLY E 227 45.92 -59.61 -7.47
C GLY E 227 44.84 -58.59 -7.83
N ASP E 228 43.57 -59.02 -7.87
CA ASP E 228 42.45 -58.15 -8.28
C ASP E 228 41.83 -57.39 -7.13
N GLY E 229 42.33 -57.60 -5.93
CA GLY E 229 41.56 -57.33 -4.73
C GLY E 229 41.41 -55.84 -4.52
N PHE E 230 42.52 -55.12 -4.67
CA PHE E 230 42.53 -53.65 -4.60
C PHE E 230 41.50 -52.98 -5.54
N HIS E 231 41.47 -53.43 -6.79
CA HIS E 231 40.46 -53.01 -7.74
C HIS E 231 39.02 -53.34 -7.28
N ILE E 232 38.83 -54.54 -6.76
CA ILE E 232 37.49 -54.99 -6.31
C ILE E 232 36.97 -54.08 -5.19
N ALA E 233 37.84 -53.86 -4.22
CA ALA E 233 37.59 -52.99 -3.08
C ALA E 233 37.10 -51.60 -3.49
N MET E 234 37.95 -50.89 -4.21
CA MET E 234 37.64 -49.54 -4.63
C MET E 234 36.38 -49.48 -5.50
N ALA E 235 36.23 -50.45 -6.40
CA ALA E 235 35.10 -50.50 -7.35
C ALA E 235 33.77 -50.42 -6.61
N ASN E 236 33.68 -51.16 -5.51
CA ASN E 236 32.49 -51.25 -4.70
C ASN E 236 32.37 -50.09 -3.73
N LEU E 237 33.52 -49.66 -3.23
CA LEU E 237 33.58 -48.47 -2.37
C LEU E 237 32.92 -47.23 -3.01
N ASN E 238 32.91 -47.19 -4.35
CA ASN E 238 32.18 -46.18 -5.08
C ASN E 238 30.66 -46.18 -4.79
N VAL E 239 30.02 -47.33 -5.00
CA VAL E 239 28.60 -47.51 -4.68
C VAL E 239 28.36 -47.37 -3.17
N GLY E 240 29.31 -47.89 -2.41
CA GLY E 240 29.36 -47.68 -0.96
C GLY E 240 29.34 -46.21 -0.52
N ARG E 241 30.12 -45.38 -1.23
CA ARG E 241 30.29 -43.97 -0.91
C ARG E 241 29.02 -43.14 -1.18
N ILE E 242 28.28 -43.53 -2.21
CA ILE E 242 26.98 -42.94 -2.50
C ILE E 242 26.04 -43.25 -1.35
N GLY E 243 26.12 -44.48 -0.87
CA GLY E 243 25.33 -44.93 0.26
C GLY E 243 25.66 -44.12 1.50
N ILE E 244 26.94 -43.91 1.73
CA ILE E 244 27.35 -43.08 2.87
C ILE E 244 26.80 -41.66 2.73
N ALA E 245 26.74 -41.21 1.48
CA ALA E 245 26.27 -39.87 1.16
C ALA E 245 24.79 -39.76 1.47
N ALA E 246 24.05 -40.77 1.01
CA ALA E 246 22.64 -40.97 1.33
C ALA E 246 22.39 -41.03 2.85
N GLN E 247 23.32 -41.66 3.56
CA GLN E 247 23.26 -41.70 5.03
C GLN E 247 23.34 -40.27 5.55
N ALA E 248 24.34 -39.55 5.05
CA ALA E 248 24.59 -38.15 5.46
C ALA E 248 23.40 -37.26 5.15
N LEU E 249 22.70 -37.61 4.07
CA LEU E 249 21.55 -36.87 3.57
C LEU E 249 20.41 -37.03 4.56
N GLY E 250 20.05 -38.28 4.82
CA GLY E 250 19.05 -38.65 5.81
C GLY E 250 19.33 -37.99 7.15
N ILE E 251 20.56 -38.10 7.62
CA ILE E 251 20.95 -37.42 8.87
C ILE E 251 20.56 -35.95 8.80
N ALA E 252 20.89 -35.31 7.69
CA ALA E 252 20.74 -33.86 7.54
C ALA E 252 19.27 -33.46 7.50
N GLU E 253 18.47 -34.30 6.87
CA GLU E 253 17.05 -34.05 6.72
C GLU E 253 16.31 -34.18 8.05
N ALA E 254 16.74 -35.16 8.85
CA ALA E 254 16.25 -35.32 10.21
C ALA E 254 16.58 -34.09 11.06
N ALA E 255 17.82 -33.63 10.98
CA ALA E 255 18.22 -32.39 11.66
C ALA E 255 17.29 -31.23 11.28
N LEU E 256 17.03 -31.10 9.98
CA LEU E 256 16.21 -30.02 9.46
C LEU E 256 14.76 -30.08 9.95
N GLU E 257 14.12 -31.21 9.68
CA GLU E 257 12.72 -31.39 10.02
C GLU E 257 12.48 -31.18 11.53
N HIS E 258 13.33 -31.77 12.36
CA HIS E 258 13.24 -31.54 13.80
C HIS E 258 13.40 -30.06 14.14
N ALA E 259 14.41 -29.46 13.52
CA ALA E 259 14.77 -28.06 13.79
C ALA E 259 13.64 -27.09 13.42
N VAL E 260 12.90 -27.42 12.37
CA VAL E 260 11.82 -26.55 11.87
C VAL E 260 10.67 -26.56 12.88
N ASP E 261 10.13 -27.75 13.08
CA ASP E 261 9.10 -28.03 14.07
C ASP E 261 9.41 -27.43 15.44
N TYR E 262 10.60 -27.64 15.96
CA TYR E 262 10.93 -27.08 17.29
C TYR E 262 10.95 -25.57 17.27
N ALA E 263 11.51 -25.02 16.19
CA ALA E 263 11.69 -23.56 16.00
C ALA E 263 10.39 -22.77 15.82
N LYS E 264 9.35 -23.48 15.41
CA LYS E 264 8.03 -22.93 15.18
C LYS E 264 7.24 -22.86 16.46
N GLN E 265 7.46 -23.86 17.31
CA GLN E 265 6.68 -24.08 18.52
C GLN E 265 7.34 -23.32 19.66
N ARG E 266 8.65 -23.34 19.68
CA ARG E 266 9.39 -22.74 20.79
C ARG E 266 9.30 -21.23 20.74
N VAL E 267 8.83 -20.67 21.83
CA VAL E 267 8.57 -19.23 21.94
C VAL E 267 9.56 -18.62 22.92
N GLN E 268 10.19 -17.54 22.51
CA GLN E 268 10.97 -16.68 23.40
C GLN E 268 10.79 -15.26 22.91
N PHE E 269 10.89 -14.28 23.81
CA PHE E 269 10.72 -12.85 23.43
C PHE E 269 9.32 -12.52 22.83
N GLY E 270 8.31 -13.32 23.18
CA GLY E 270 6.94 -13.14 22.69
C GLY E 270 6.61 -13.71 21.32
N ARG E 271 7.63 -14.24 20.65
CA ARG E 271 7.47 -14.73 19.26
C ARG E 271 8.18 -16.05 19.13
N PRO E 272 7.73 -16.91 18.22
CA PRO E 272 8.51 -18.15 18.00
C PRO E 272 9.94 -17.86 17.54
N ILE E 273 10.90 -18.66 17.98
CA ILE E 273 12.32 -18.42 17.64
C ILE E 273 12.59 -18.34 16.12
N ALA E 274 11.85 -19.14 15.35
CA ALA E 274 11.84 -19.06 13.88
C ALA E 274 11.62 -17.69 13.27
N ALA E 275 10.93 -16.80 13.99
CA ALA E 275 10.67 -15.44 13.48
C ALA E 275 11.97 -14.63 13.39
N ASN E 276 13.01 -15.13 14.01
CA ASN E 276 14.31 -14.50 13.97
C ASN E 276 15.15 -15.04 12.81
N GLN E 277 15.63 -14.13 11.99
CA GLN E 277 16.47 -14.42 10.86
C GLN E 277 17.78 -15.12 11.23
N GLY E 278 18.35 -14.77 12.38
CA GLY E 278 19.43 -15.59 12.97
C GLY E 278 19.14 -17.07 12.91
N ILE E 279 17.88 -17.43 13.16
CA ILE E 279 17.45 -18.83 13.20
C ILE E 279 16.96 -19.28 11.82
N SER E 280 15.94 -18.62 11.32
CA SER E 280 15.35 -18.98 10.04
C SER E 280 16.41 -19.22 8.96
N PHE E 281 17.38 -18.32 8.87
CA PHE E 281 18.42 -18.37 7.82
C PHE E 281 19.27 -19.64 7.84
N LYS E 282 19.53 -20.15 9.05
CA LYS E 282 20.09 -21.49 9.25
C LYS E 282 19.23 -22.57 8.60
N LEU E 283 17.93 -22.43 8.77
CA LEU E 283 16.98 -23.46 8.40
C LEU E 283 16.98 -23.56 6.91
N ALA E 284 17.12 -22.38 6.30
CA ALA E 284 17.06 -22.22 4.86
C ALA E 284 18.32 -22.78 4.25
N ASP E 285 19.42 -22.39 4.85
CA ASP E 285 20.73 -22.92 4.50
C ASP E 285 20.75 -24.44 4.59
N MET E 286 20.15 -24.97 5.68
CA MET E 286 20.07 -26.44 5.90
C MET E 286 19.28 -27.09 4.78
N ALA E 287 18.14 -26.49 4.49
CA ALA E 287 17.28 -26.97 3.41
C ALA E 287 17.95 -26.93 2.02
N THR E 288 18.69 -25.85 1.75
CA THR E 288 19.31 -25.57 0.43
C THR E 288 20.46 -26.54 0.17
N ARG E 289 21.26 -26.76 1.20
CA ARG E 289 22.38 -27.70 1.12
C ARG E 289 21.90 -29.14 1.10
N ALA E 290 20.68 -29.37 1.58
CA ALA E 290 20.06 -30.67 1.52
C ALA E 290 19.48 -30.95 0.14
N GLU E 291 19.10 -29.89 -0.57
CA GLU E 291 18.58 -29.98 -1.95
C GLU E 291 19.75 -30.21 -2.92
N ALA E 292 20.84 -29.54 -2.61
CA ALA E 292 22.11 -29.71 -3.28
C ALA E 292 22.61 -31.15 -3.16
N ALA E 293 22.70 -31.59 -1.91
CA ALA E 293 23.13 -32.95 -1.57
C ALA E 293 22.26 -33.99 -2.23
N ARG E 294 20.95 -33.80 -2.13
CA ARG E 294 20.02 -34.78 -2.71
C ARG E 294 20.40 -35.13 -4.16
N HIS E 295 20.68 -34.11 -4.98
CA HIS E 295 20.89 -34.29 -6.43
C HIS E 295 22.24 -34.90 -6.72
N LEU E 296 23.24 -34.51 -5.93
CA LEU E 296 24.57 -35.12 -6.05
C LEU E 296 24.47 -36.64 -5.87
N VAL E 297 23.76 -37.03 -4.81
CA VAL E 297 23.56 -38.43 -4.44
C VAL E 297 22.85 -39.20 -5.56
N TYR E 298 21.67 -38.74 -5.94
CA TYR E 298 20.82 -39.47 -6.88
C TYR E 298 21.32 -39.50 -8.32
N HIS E 299 22.02 -38.44 -8.74
CA HIS E 299 22.64 -38.41 -10.07
C HIS E 299 23.84 -39.36 -10.12
N ALA E 300 24.59 -39.41 -9.03
CA ALA E 300 25.68 -40.37 -8.84
C ALA E 300 25.18 -41.81 -8.95
N ALA E 301 24.03 -42.06 -8.34
CA ALA E 301 23.43 -43.39 -8.32
C ALA E 301 22.77 -43.72 -9.65
N ASP E 302 22.33 -42.69 -10.35
CA ASP E 302 21.72 -42.83 -11.67
C ASP E 302 22.78 -43.13 -12.72
N LEU E 303 23.98 -42.58 -12.51
CA LEU E 303 25.13 -42.87 -13.37
C LEU E 303 25.49 -44.34 -13.24
N HIS E 304 25.64 -44.78 -12.00
CA HIS E 304 25.98 -46.16 -11.71
C HIS E 304 24.91 -47.15 -12.20
N ASN E 305 23.66 -46.76 -12.02
CA ASN E 305 22.52 -47.53 -12.55
C ASN E 305 22.55 -47.68 -14.07
N ARG E 306 23.04 -46.66 -14.76
CA ARG E 306 23.01 -46.56 -16.22
C ARG E 306 24.40 -46.90 -16.85
N GLY E 307 24.90 -46.05 -17.75
CA GLY E 307 26.25 -46.19 -18.33
C GLY E 307 27.39 -45.68 -17.46
N LEU E 308 27.95 -46.60 -16.66
CA LEU E 308 28.09 -46.31 -15.26
C LEU E 308 29.49 -46.03 -14.67
N ASN E 309 30.23 -45.12 -15.34
CA ASN E 309 31.38 -44.40 -14.80
C ASN E 309 30.96 -43.25 -13.86
N CYS E 310 31.11 -43.51 -12.57
CA CYS E 310 30.45 -42.71 -11.51
C CYS E 310 31.36 -42.32 -10.34
N GLY E 311 32.66 -42.63 -10.45
CA GLY E 311 33.61 -42.46 -9.34
C GLY E 311 33.74 -41.04 -8.79
N LYS E 312 33.95 -40.08 -9.69
CA LYS E 312 34.11 -38.67 -9.30
C LYS E 312 32.84 -38.13 -8.63
N GLU E 313 31.70 -38.42 -9.25
CA GLU E 313 30.39 -37.96 -8.76
C GLU E 313 30.09 -38.50 -7.36
N ALA E 314 30.52 -39.73 -7.11
CA ALA E 314 30.29 -40.40 -5.83
C ALA E 314 31.14 -39.78 -4.74
N SER E 315 32.36 -39.41 -5.12
CA SER E 315 33.27 -38.72 -4.21
C SER E 315 32.73 -37.36 -3.79
N MET E 316 32.25 -36.62 -4.76
CA MET E 316 31.59 -35.32 -4.56
C MET E 316 30.38 -35.38 -3.60
N ALA E 317 29.48 -36.32 -3.87
CA ALA E 317 28.33 -36.63 -2.99
C ALA E 317 28.70 -36.95 -1.54
N LYS E 318 29.70 -37.80 -1.37
CA LYS E 318 30.11 -38.30 -0.03
C LYS E 318 30.61 -37.13 0.78
N GLN E 319 31.47 -36.33 0.14
CA GLN E 319 32.09 -35.17 0.77
C GLN E 319 31.03 -34.08 1.06
N PHE E 320 30.12 -33.87 0.12
CA PHE E 320 29.19 -32.75 0.22
C PHE E 320 28.15 -33.00 1.29
N ALA E 321 27.45 -34.12 1.14
CA ALA E 321 26.44 -34.54 2.09
C ALA E 321 27.01 -34.66 3.53
N SER E 322 28.16 -35.31 3.66
CA SER E 322 28.82 -35.52 4.95
C SER E 322 29.11 -34.19 5.66
N ASP E 323 29.79 -33.28 4.97
CA ASP E 323 30.11 -31.96 5.52
C ASP E 323 28.84 -31.15 5.83
N ALA E 324 27.88 -31.22 4.92
CA ALA E 324 26.58 -30.54 5.06
C ALA E 324 25.84 -31.05 6.28
N ALA E 325 25.97 -32.35 6.54
CA ALA E 325 25.27 -33.02 7.63
C ALA E 325 25.84 -32.63 8.99
N VAL E 326 27.16 -32.69 9.09
CA VAL E 326 27.88 -32.20 10.29
C VAL E 326 27.42 -30.80 10.64
N ALA E 329 24.81 -29.78 11.07
CA ALA E 329 23.64 -29.80 11.98
C ALA E 329 23.91 -30.57 13.28
N LEU E 330 24.22 -30.00 14.46
CA LEU E 330 25.01 -28.77 14.75
C LEU E 330 24.57 -27.33 14.59
N ASP E 331 23.42 -27.21 13.98
CA ASP E 331 22.71 -25.94 13.89
C ASP E 331 21.44 -26.35 14.62
N ALA E 332 20.83 -27.43 14.16
CA ALA E 332 19.82 -28.18 14.92
C ALA E 332 20.05 -28.28 16.43
N VAL E 333 21.21 -28.77 16.85
CA VAL E 333 21.52 -28.76 18.27
C VAL E 333 21.32 -27.33 18.80
N GLN E 334 21.87 -26.36 18.08
CA GLN E 334 21.84 -24.94 18.47
C GLN E 334 20.41 -24.38 18.58
N ILE E 335 19.55 -24.84 17.69
CA ILE E 335 18.21 -24.32 17.54
C ILE E 335 17.33 -24.79 18.70
N TYR E 336 17.55 -26.03 19.10
CA TYR E 336 16.96 -26.57 20.34
C TYR E 336 17.54 -25.93 21.61
N GLY E 337 18.69 -25.30 21.46
CA GLY E 337 19.36 -24.64 22.59
C GLY E 337 19.79 -25.68 23.62
N GLY E 338 19.78 -25.30 24.89
CA GLY E 338 20.10 -26.23 25.97
C GLY E 338 19.53 -27.61 25.79
N TYR E 339 18.26 -27.68 25.39
CA TYR E 339 17.54 -28.95 25.18
C TYR E 339 18.25 -29.83 24.16
N GLY E 340 18.90 -29.21 23.18
CA GLY E 340 19.62 -29.92 22.13
C GLY E 340 20.85 -30.66 22.62
N TYR E 341 21.41 -30.22 23.75
CA TYR E 341 22.54 -30.84 24.39
C TYR E 341 22.15 -32.04 25.25
N MET E 342 20.90 -32.49 25.10
CA MET E 342 20.32 -33.47 26.03
C MET E 342 20.04 -34.77 25.31
N LYS E 343 20.29 -35.87 26.00
CA LYS E 343 20.21 -37.19 25.37
C LYS E 343 18.77 -37.67 25.16
N ASP E 344 17.87 -37.13 26.00
CA ASP E 344 16.40 -37.35 25.94
C ASP E 344 15.74 -36.67 24.73
N TYR E 345 16.41 -35.66 24.17
CA TYR E 345 16.03 -35.02 22.90
C TYR E 345 16.81 -35.57 21.68
N PRO E 346 16.22 -35.46 20.47
CA PRO E 346 16.57 -36.25 19.31
C PRO E 346 17.67 -35.72 18.37
N VAL E 347 18.26 -34.57 18.69
CA VAL E 347 19.24 -33.89 17.80
C VAL E 347 20.72 -34.15 18.10
N GLU E 348 21.03 -34.43 19.36
CA GLU E 348 22.41 -34.64 19.83
C GLU E 348 23.07 -35.85 19.12
N ARG E 349 22.24 -36.81 18.81
CA ARG E 349 22.68 -38.04 18.14
C ARG E 349 23.08 -37.77 16.71
N LEU E 350 22.50 -36.72 16.15
CA LEU E 350 22.69 -36.41 14.73
C LEU E 350 24.06 -35.86 14.53
N LEU E 351 24.55 -35.13 15.52
CA LEU E 351 25.91 -34.59 15.48
C LEU E 351 26.92 -35.72 15.62
N ARG E 352 26.80 -36.43 16.73
CA ARG E 352 27.64 -37.58 17.04
C ARG E 352 27.71 -38.56 15.86
N ASP E 353 26.54 -38.92 15.34
CA ASP E 353 26.44 -39.74 14.14
C ASP E 353 27.04 -39.05 12.88
N ALA E 354 26.64 -37.80 12.63
CA ALA E 354 27.14 -37.03 11.46
C ALA E 354 28.66 -37.17 11.18
N LYS E 355 29.45 -36.91 12.23
CA LYS E 355 30.90 -36.79 12.11
C LYS E 355 31.61 -38.02 11.48
N VAL E 356 31.04 -39.20 11.73
CA VAL E 356 31.50 -40.44 11.13
C VAL E 356 31.51 -40.38 9.59
N THR E 357 30.55 -39.65 9.05
CA THR E 357 30.28 -39.65 7.61
C THR E 357 31.42 -39.00 6.87
N GLN E 358 32.19 -38.18 7.59
CA GLN E 358 33.32 -37.45 7.01
C GLN E 358 34.61 -38.28 6.97
N ILE E 359 34.53 -39.46 7.58
CA ILE E 359 35.70 -40.25 7.96
C ILE E 359 35.80 -41.58 7.20
N TYR E 360 34.78 -42.43 7.39
CA TYR E 360 34.80 -43.79 6.80
C TYR E 360 34.33 -43.87 5.33
N GLU E 361 34.66 -45.01 4.72
CA GLU E 361 34.56 -45.25 3.29
C GLU E 361 35.29 -44.18 2.51
N GLY E 362 36.41 -43.73 3.08
CA GLY E 362 37.25 -42.73 2.45
C GLY E 362 37.01 -41.37 3.07
N THR E 363 37.89 -40.98 3.98
CA THR E 363 37.88 -39.63 4.56
C THR E 363 37.77 -38.54 3.49
N ASN E 364 37.18 -37.41 3.87
CA ASN E 364 36.96 -36.30 2.95
C ASN E 364 38.24 -35.67 2.40
N GLU E 365 39.33 -35.81 3.13
CA GLU E 365 40.65 -35.47 2.58
C GLU E 365 40.94 -36.36 1.36
N ILE E 366 40.68 -37.65 1.49
CA ILE E 366 40.86 -38.60 0.37
C ILE E 366 39.93 -38.32 -0.82
N GLN E 367 38.72 -37.90 -0.51
CA GLN E 367 37.70 -37.65 -1.51
C GLN E 367 38.07 -36.44 -2.37
N ARG E 368 38.59 -35.41 -1.70
CA ARG E 368 39.02 -34.21 -2.41
C ARG E 368 40.19 -34.57 -3.33
N LEU E 369 41.14 -35.31 -2.75
CA LEU E 369 42.27 -35.90 -3.50
C LEU E 369 41.82 -36.66 -4.77
N ILE E 370 40.92 -37.64 -4.58
CA ILE E 370 40.33 -38.37 -5.71
C ILE E 370 39.72 -37.43 -6.75
N ILE E 371 38.85 -36.54 -6.30
CA ILE E 371 38.17 -35.57 -7.18
C ILE E 371 39.20 -34.77 -7.96
N SER E 372 40.10 -34.14 -7.24
CA SER E 372 41.23 -33.42 -7.85
C SER E 372 42.02 -34.25 -8.90
N LYS E 373 42.12 -35.57 -8.69
CA LYS E 373 42.78 -36.47 -9.68
C LYS E 373 42.05 -36.60 -11.02
N TYR E 374 40.73 -36.54 -10.97
CA TYR E 374 39.92 -36.42 -12.22
C TYR E 374 40.11 -35.07 -12.91
N LEU E 375 40.30 -34.01 -12.12
CA LEU E 375 40.41 -32.66 -12.68
C LEU E 375 41.72 -32.51 -13.38
N LEU E 376 42.77 -32.85 -12.65
CA LEU E 376 44.15 -32.72 -13.15
C LEU E 376 44.52 -33.74 -14.26
N GLY E 377 43.83 -34.87 -14.35
CA GLY E 377 44.11 -35.84 -15.43
C GLY E 377 43.75 -35.36 -16.85
N MET F 1 49.72 -10.81 26.74
CA MET F 1 51.14 -10.33 26.79
C MET F 1 51.56 -9.56 28.06
N HIS F 2 50.84 -9.80 29.16
CA HIS F 2 51.19 -9.26 30.46
C HIS F 2 52.03 -10.32 31.11
N VAL F 3 52.63 -9.96 32.22
CA VAL F 3 53.65 -10.78 32.81
C VAL F 3 53.40 -11.07 34.28
N THR F 4 52.49 -10.34 34.91
CA THR F 4 52.59 -10.05 36.34
C THR F 4 53.11 -11.46 36.69
N GLN F 5 54.28 -11.55 37.37
CA GLN F 5 54.84 -12.82 37.91
C GLN F 5 53.90 -13.66 38.80
N GLU F 6 52.88 -12.98 39.35
CA GLU F 6 51.79 -13.61 40.10
C GLU F 6 51.02 -14.48 39.14
N GLN F 7 50.91 -13.98 37.90
CA GLN F 7 50.22 -14.67 36.84
C GLN F 7 51.05 -15.82 36.35
N VAL F 8 52.29 -15.55 35.92
CA VAL F 8 53.18 -16.64 35.45
C VAL F 8 53.25 -17.78 36.48
N MET F 9 53.28 -17.42 37.78
CA MET F 9 53.29 -18.39 38.90
C MET F 9 51.97 -19.17 39.02
N MET F 10 50.86 -18.47 38.85
CA MET F 10 49.53 -19.08 38.89
C MET F 10 49.45 -20.12 37.78
N ARG F 11 49.67 -19.68 36.55
CA ARG F 11 49.70 -20.58 35.39
C ARG F 11 50.51 -21.86 35.58
N LYS F 12 51.74 -21.77 36.08
CA LYS F 12 52.57 -22.96 36.27
C LYS F 12 51.96 -23.84 37.34
N MET F 13 51.55 -23.20 38.43
CA MET F 13 50.88 -23.89 39.55
C MET F 13 49.64 -24.68 39.08
N VAL F 14 48.80 -24.02 38.28
CA VAL F 14 47.55 -24.65 37.80
C VAL F 14 47.86 -25.71 36.74
N ARG F 15 48.84 -25.46 35.89
CA ARG F 15 49.29 -26.48 34.91
C ARG F 15 49.77 -27.77 35.57
N ASP F 16 50.54 -27.64 36.65
CA ASP F 16 51.09 -28.82 37.34
C ASP F 16 49.99 -29.62 38.05
N PHE F 17 49.23 -28.92 38.90
CA PHE F 17 48.02 -29.45 39.52
C PHE F 17 47.14 -30.17 38.50
N ALA F 18 46.84 -29.45 37.42
CA ALA F 18 45.95 -29.94 36.39
C ALA F 18 46.39 -31.31 35.92
N ARG F 19 47.64 -31.35 35.45
CA ARG F 19 48.26 -32.54 34.84
C ARG F 19 48.37 -33.71 35.82
N LYS F 20 48.67 -33.38 37.08
CA LYS F 20 48.81 -34.37 38.16
C LYS F 20 47.50 -34.89 38.69
N GLU F 21 46.66 -33.97 39.16
CA GLU F 21 45.38 -34.29 39.87
C GLU F 21 44.12 -34.32 38.97
N ILE F 22 44.02 -33.37 38.05
CA ILE F 22 42.78 -33.21 37.23
C ILE F 22 42.71 -34.25 36.11
N ALA F 23 43.87 -34.62 35.57
CA ALA F 23 43.97 -35.65 34.50
C ALA F 23 43.41 -37.04 34.85
N PRO F 24 43.92 -37.69 35.92
CA PRO F 24 43.25 -38.93 36.37
C PRO F 24 41.75 -38.78 36.72
N ALA F 25 41.40 -37.78 37.51
CA ALA F 25 39.96 -37.48 37.83
C ALA F 25 39.08 -37.36 36.58
N ALA F 26 39.59 -36.68 35.57
CA ALA F 26 38.86 -36.46 34.30
C ALA F 26 38.46 -37.72 33.54
N GLU F 27 39.32 -38.75 33.61
CA GLU F 27 39.06 -40.06 32.96
C GLU F 27 38.00 -40.86 33.73
N ILE F 28 38.06 -40.77 35.05
CA ILE F 28 36.98 -41.27 35.93
C ILE F 28 35.64 -40.58 35.63
N MET F 29 35.66 -39.26 35.44
CA MET F 29 34.43 -38.49 35.11
C MET F 29 33.82 -38.90 33.78
N GLU F 30 34.67 -39.16 32.79
CA GLU F 30 34.21 -39.58 31.45
C GLU F 30 33.62 -40.99 31.46
N LYS F 31 34.08 -41.79 32.41
CA LYS F 31 33.66 -43.20 32.52
C LYS F 31 32.43 -43.32 33.43
N THR F 32 32.49 -42.61 34.56
CA THR F 32 31.48 -42.71 35.61
C THR F 32 30.31 -41.72 35.41
N ASP F 33 30.63 -40.53 34.88
CA ASP F 33 29.69 -39.39 34.80
C ASP F 33 29.33 -38.86 36.20
N GLU F 34 30.23 -39.09 37.17
CA GLU F 34 30.01 -38.68 38.55
C GLU F 34 30.81 -37.45 38.91
N PHE F 35 30.12 -36.48 39.50
CA PHE F 35 30.72 -35.24 39.95
C PHE F 35 31.97 -35.58 40.76
N PRO F 36 33.07 -34.85 40.53
CA PRO F 36 34.33 -35.20 41.16
C PRO F 36 34.51 -34.58 42.56
N PHE F 37 33.71 -35.03 43.50
CA PHE F 37 33.71 -34.46 44.87
C PHE F 37 35.09 -34.35 45.50
N GLN F 38 35.89 -35.39 45.35
CA GLN F 38 37.26 -35.45 45.94
C GLN F 38 38.23 -34.46 45.32
N LEU F 39 38.19 -34.32 44.00
CA LEU F 39 39.02 -33.35 43.28
C LEU F 39 38.72 -31.92 43.70
N ILE F 40 37.43 -31.59 43.70
CA ILE F 40 36.93 -30.27 44.15
C ILE F 40 37.50 -29.94 45.51
N LYS F 41 37.27 -30.83 46.47
CA LYS F 41 37.87 -30.70 47.82
C LYS F 41 39.36 -30.34 47.76
N LYS F 42 40.14 -31.19 47.06
CA LYS F 42 41.58 -30.99 46.85
C LYS F 42 41.90 -29.61 46.23
N MET F 43 41.27 -29.30 45.11
CA MET F 43 41.36 -27.94 44.50
C MET F 43 41.11 -26.84 45.54
N GLY F 44 40.16 -27.09 46.44
CA GLY F 44 39.89 -26.22 47.59
C GLY F 44 41.11 -26.03 48.48
N LYS F 45 41.71 -27.13 48.91
CA LYS F 45 42.97 -27.08 49.73
C LYS F 45 44.10 -26.33 49.00
N HIS F 46 44.20 -26.53 47.69
CA HIS F 46 45.26 -25.90 46.88
C HIS F 46 44.92 -24.48 46.41
N GLY F 47 43.81 -23.93 46.92
CA GLY F 47 43.54 -22.49 46.86
C GLY F 47 43.11 -22.05 45.48
N LEU F 48 42.39 -22.92 44.79
CA LEU F 48 41.88 -22.68 43.44
C LEU F 48 40.42 -22.18 43.37
N MET F 49 39.72 -22.25 44.49
CA MET F 49 38.26 -22.12 44.50
C MET F 49 37.72 -20.72 44.73
N GLY F 50 38.61 -19.79 45.04
CA GLY F 50 38.25 -18.39 45.26
C GLY F 50 39.35 -17.46 44.82
N ILE F 51 39.70 -17.54 43.54
CA ILE F 51 40.98 -16.98 43.07
C ILE F 51 40.95 -15.47 42.95
N PRO F 52 39.83 -14.92 42.42
CA PRO F 52 39.68 -13.48 42.28
C PRO F 52 38.88 -12.90 43.44
N VAL F 53 38.75 -13.69 44.49
CA VAL F 53 38.16 -13.24 45.75
C VAL F 53 39.27 -12.59 46.57
N PRO F 54 38.97 -11.47 47.25
CA PRO F 54 39.99 -10.95 48.17
C PRO F 54 40.20 -11.79 49.43
N GLU F 55 41.36 -11.58 50.05
CA GLU F 55 41.82 -12.38 51.19
C GLU F 55 40.99 -12.11 52.42
N GLN F 56 40.54 -10.85 52.55
CA GLN F 56 39.56 -10.44 53.55
C GLN F 56 38.46 -11.48 53.74
N TYR F 57 37.89 -11.93 52.63
CA TYR F 57 36.79 -12.91 52.62
C TYR F 57 37.24 -14.36 52.35
N GLY F 58 38.55 -14.59 52.38
CA GLY F 58 39.11 -15.93 52.53
C GLY F 58 39.59 -16.62 51.29
N GLY F 59 39.73 -15.84 50.22
CA GLY F 59 40.21 -16.33 48.94
C GLY F 59 41.70 -16.07 48.75
N ALA F 60 42.10 -16.22 47.50
CA ALA F 60 43.50 -16.18 47.11
C ALA F 60 44.06 -14.76 46.96
N GLY F 61 43.15 -13.79 46.81
CA GLY F 61 43.52 -12.37 46.74
C GLY F 61 44.13 -11.97 45.39
N ALA F 62 43.91 -12.81 44.39
CA ALA F 62 44.49 -12.59 43.09
C ALA F 62 43.52 -11.83 42.19
N ASP F 63 43.93 -11.58 40.96
CA ASP F 63 43.15 -10.80 40.00
C ASP F 63 42.43 -11.68 38.97
N VAL F 64 41.74 -11.03 38.05
CA VAL F 64 40.79 -11.71 37.20
C VAL F 64 41.49 -12.39 36.01
N VAL F 65 42.60 -11.82 35.58
CA VAL F 65 43.44 -12.48 34.56
C VAL F 65 43.94 -13.84 35.08
N SER F 66 44.53 -13.81 36.28
CA SER F 66 45.00 -15.03 36.94
C SER F 66 43.90 -16.10 37.09
N TYR F 67 42.70 -15.64 37.41
CA TYR F 67 41.53 -16.50 37.55
C TYR F 67 41.09 -17.13 36.23
N ILE F 68 40.93 -16.29 35.22
CA ILE F 68 40.54 -16.72 33.88
C ILE F 68 41.62 -17.64 33.35
N LEU F 69 42.85 -17.25 33.61
CA LEU F 69 44.03 -18.06 33.27
C LEU F 69 43.91 -19.47 33.83
N ALA F 70 43.49 -19.56 35.08
CA ALA F 70 43.31 -20.84 35.73
C ALA F 70 42.33 -21.70 34.93
N ILE F 71 41.13 -21.15 34.74
CA ILE F 71 40.06 -21.79 33.95
C ILE F 71 40.54 -22.24 32.56
N HIS F 72 41.35 -21.41 31.91
CA HIS F 72 41.94 -21.74 30.61
C HIS F 72 42.76 -23.03 30.70
N GLU F 73 43.68 -23.02 31.65
CA GLU F 73 44.58 -24.16 31.90
C GLU F 73 43.83 -25.43 32.25
N ILE F 74 42.85 -25.30 33.13
CA ILE F 74 42.10 -26.47 33.62
C ILE F 74 41.31 -27.10 32.48
N SER F 75 40.90 -26.24 31.56
CA SER F 75 40.01 -26.65 30.47
C SER F 75 40.77 -27.38 29.35
N ARG F 76 42.07 -27.14 29.28
CA ARG F 76 42.98 -27.97 28.44
C ARG F 76 42.78 -29.44 28.74
N ILE F 77 42.78 -29.74 30.03
CA ILE F 77 42.63 -31.12 30.56
C ILE F 77 41.19 -31.56 30.69
N SER F 78 40.34 -30.68 31.22
CA SER F 78 38.93 -31.00 31.44
C SER F 78 38.04 -29.77 31.35
N ALA F 79 37.19 -29.76 30.34
CA ALA F 79 36.19 -28.71 30.14
C ALA F 79 35.12 -28.76 31.25
N ALA F 80 34.69 -29.97 31.58
CA ALA F 80 33.78 -30.19 32.72
C ALA F 80 34.25 -29.49 33.97
N VAL F 81 35.44 -29.85 34.44
CA VAL F 81 35.95 -29.25 35.68
C VAL F 81 36.08 -27.73 35.53
N GLY F 82 36.39 -27.31 34.31
CA GLY F 82 36.56 -25.92 33.98
C GLY F 82 35.29 -25.11 34.22
N VAL F 83 34.18 -25.64 33.75
CA VAL F 83 32.90 -24.95 33.94
C VAL F 83 32.42 -24.96 35.38
N ILE F 84 32.65 -26.09 36.06
CA ILE F 84 32.28 -26.21 37.47
C ILE F 84 32.96 -25.11 38.23
N LEU F 85 34.24 -24.96 37.97
CA LEU F 85 35.01 -23.90 38.63
C LEU F 85 34.47 -22.54 38.22
N SER F 86 34.17 -22.38 36.94
CA SER F 86 33.72 -21.12 36.38
C SER F 86 32.38 -20.62 36.89
N VAL F 87 31.46 -21.53 36.99
CA VAL F 87 30.15 -21.23 37.44
C VAL F 87 30.36 -20.84 38.88
N HIS F 88 30.89 -21.74 39.68
CA HIS F 88 31.12 -21.48 41.10
C HIS F 88 31.59 -20.10 41.47
N THR F 89 32.62 -19.62 40.83
CA THR F 89 33.21 -18.34 41.16
C THR F 89 32.49 -17.14 40.58
N SER F 90 32.28 -17.18 39.27
CA SER F 90 31.87 -15.99 38.46
C SER F 90 30.40 -15.66 38.66
N VAL F 91 29.60 -16.69 38.86
CA VAL F 91 28.15 -16.53 39.05
C VAL F 91 27.58 -17.19 40.31
N GLY F 92 28.37 -18.02 40.99
CA GLY F 92 27.99 -18.58 42.30
C GLY F 92 28.53 -17.82 43.50
N THR F 93 29.68 -17.16 43.34
CA THR F 93 30.36 -16.44 44.43
C THR F 93 30.40 -14.92 44.21
N ASN F 94 30.69 -14.52 42.97
CA ASN F 94 30.90 -13.11 42.65
C ASN F 94 29.65 -12.23 42.84
N PRO F 95 28.46 -12.76 42.53
CA PRO F 95 27.28 -11.92 42.76
C PRO F 95 27.18 -11.45 44.20
N ILE F 96 27.48 -12.35 45.13
CA ILE F 96 27.55 -11.97 46.54
C ILE F 96 28.66 -10.93 46.74
N LEU F 97 29.84 -11.26 46.23
CA LEU F 97 31.02 -10.40 46.40
C LEU F 97 30.76 -8.97 45.92
N TYR F 98 30.07 -8.82 44.79
CA TYR F 98 29.95 -7.52 44.11
C TYR F 98 28.69 -6.72 44.41
N PHE F 99 27.61 -7.41 44.75
CA PHE F 99 26.31 -6.76 45.02
C PHE F 99 25.74 -7.05 46.42
N GLY F 100 26.40 -7.93 47.16
CA GLY F 100 25.94 -8.37 48.47
C GLY F 100 26.43 -7.35 49.48
N ASN F 101 25.94 -7.45 50.72
CA ASN F 101 26.39 -6.56 51.79
C ASN F 101 27.48 -7.19 52.68
N GLU F 102 28.18 -6.35 53.44
CA GLU F 102 29.34 -6.77 54.23
C GLU F 102 29.07 -8.01 55.09
N GLU F 103 27.86 -8.08 55.64
CA GLU F 103 27.46 -9.19 56.51
C GLU F 103 27.36 -10.51 55.75
N GLN F 104 26.75 -10.44 54.57
CA GLN F 104 26.58 -11.57 53.65
C GLN F 104 27.92 -12.07 53.07
N LYS F 105 28.74 -11.11 52.64
CA LYS F 105 30.11 -11.37 52.18
C LYS F 105 30.78 -12.27 53.20
N MET F 106 30.76 -11.82 54.46
CA MET F 106 31.42 -12.52 55.58
C MET F 106 30.81 -13.89 55.88
N LYS F 107 29.48 -13.98 55.78
CA LYS F 107 28.78 -15.23 56.12
C LYS F 107 29.01 -16.34 55.08
N TYR F 108 28.97 -15.95 53.80
CA TYR F 108 28.83 -16.93 52.71
C TYR F 108 30.11 -17.20 51.92
N ILE F 109 30.95 -16.19 51.76
CA ILE F 109 32.08 -16.26 50.83
C ILE F 109 33.29 -17.12 51.28
N PRO F 110 33.76 -16.98 52.53
CA PRO F 110 34.90 -17.80 52.97
C PRO F 110 34.77 -19.30 52.71
N ASN F 111 33.59 -19.85 52.99
CA ASN F 111 33.33 -21.25 52.71
C ASN F 111 33.28 -21.54 51.22
N LEU F 112 32.77 -20.59 50.46
CA LEU F 112 32.82 -20.67 48.99
C LEU F 112 34.25 -20.58 48.46
N ALA F 113 35.02 -19.68 49.05
CA ALA F 113 36.38 -19.42 48.63
C ALA F 113 37.29 -20.62 48.88
N SER F 114 37.29 -21.08 50.12
CA SER F 114 38.03 -22.28 50.54
C SER F 114 37.67 -23.54 49.72
N GLY F 115 36.43 -23.61 49.26
CA GLY F 115 35.90 -24.78 48.58
C GLY F 115 35.19 -25.74 49.50
N ASP F 116 35.11 -25.40 50.78
CA ASP F 116 34.24 -26.13 51.72
C ASP F 116 32.78 -26.10 51.24
N HIS F 117 32.41 -25.00 50.60
CA HIS F 117 31.12 -24.85 49.95
C HIS F 117 31.24 -24.62 48.44
N LEU F 118 30.28 -25.17 47.72
CA LEU F 118 30.18 -25.06 46.27
C LEU F 118 28.97 -24.23 45.79
N GLY F 119 29.19 -23.50 44.70
CA GLY F 119 28.30 -22.43 44.25
C GLY F 119 27.58 -22.75 42.94
N ALA F 120 26.39 -22.18 42.80
CA ALA F 120 25.54 -22.46 41.67
C ALA F 120 24.83 -21.18 41.31
N PHE F 121 24.20 -21.18 40.15
CA PHE F 121 23.58 -20.00 39.54
C PHE F 121 22.26 -20.51 38.92
N ALA F 122 21.16 -20.05 39.49
CA ALA F 122 19.84 -20.53 39.16
C ALA F 122 19.10 -19.40 38.48
N LEU F 123 19.25 -19.30 37.16
CA LEU F 123 18.50 -18.30 36.35
C LEU F 123 17.49 -18.96 35.41
N THR F 124 17.99 -19.91 34.62
CA THR F 124 17.25 -20.49 33.50
C THR F 124 16.03 -21.33 33.95
N GLU F 125 14.97 -21.28 33.14
CA GLU F 125 13.69 -21.94 33.41
C GLU F 125 13.14 -22.58 32.15
N PRO F 126 12.25 -23.57 32.30
CA PRO F 126 11.73 -24.22 31.09
C PRO F 126 11.20 -23.24 30.04
N HIS F 127 10.55 -22.17 30.50
CA HIS F 127 9.95 -21.15 29.61
C HIS F 127 10.81 -19.89 29.42
N SER F 128 11.85 -19.73 30.24
CA SER F 128 12.78 -18.61 30.10
C SER F 128 14.24 -19.11 30.03
N GLY F 129 14.91 -18.78 28.93
CA GLY F 129 16.33 -19.10 28.77
C GLY F 129 17.10 -17.93 28.19
N SER F 130 17.02 -17.83 26.86
CA SER F 130 17.58 -16.71 26.14
C SER F 130 16.88 -15.44 26.59
N ASP F 131 15.53 -15.47 26.54
CA ASP F 131 14.73 -14.44 27.18
C ASP F 131 14.61 -14.70 28.70
N ALA F 132 15.69 -14.41 29.40
CA ALA F 132 15.78 -14.66 30.83
C ALA F 132 14.87 -13.69 31.58
N GLY F 133 14.57 -12.56 30.95
CA GLY F 133 13.63 -11.58 31.49
C GLY F 133 12.26 -12.16 31.82
N SER F 134 11.79 -13.06 30.96
CA SER F 134 10.46 -13.68 31.10
C SER F 134 10.42 -14.92 32.03
N LEU F 135 11.25 -14.93 33.06
CA LEU F 135 11.18 -15.97 34.09
C LEU F 135 9.89 -15.83 34.92
N ARG F 136 9.48 -16.98 35.46
CA ARG F 136 8.18 -17.15 36.12
C ARG F 136 8.27 -17.50 37.60
N THR F 137 9.42 -17.94 38.06
CA THR F 137 9.60 -18.22 39.48
C THR F 137 9.25 -16.96 40.28
N THR F 138 8.34 -17.11 41.23
CA THR F 138 7.92 -15.97 42.05
C THR F 138 8.59 -16.05 43.42
N ALA F 139 8.88 -14.87 43.95
CA ALA F 139 9.31 -14.71 45.34
C ALA F 139 8.39 -13.70 46.04
N ILE F 140 7.46 -14.22 46.83
CA ILE F 140 6.51 -13.37 47.58
C ILE F 140 6.84 -13.33 49.09
N LYS F 141 7.14 -12.12 49.58
CA LYS F 141 7.41 -11.91 51.01
C LYS F 141 6.16 -12.20 51.84
N LYS F 142 6.31 -13.13 52.78
CA LYS F 142 5.26 -13.44 53.75
C LYS F 142 5.89 -13.78 55.10
N ASN F 143 5.40 -13.13 56.15
CA ASN F 143 6.04 -13.15 57.47
C ASN F 143 7.39 -12.39 57.47
N GLY F 144 8.41 -13.01 58.05
CA GLY F 144 9.79 -12.47 57.99
C GLY F 144 10.59 -13.00 56.80
N LYS F 145 9.91 -13.77 55.94
CA LYS F 145 10.55 -14.74 55.04
C LYS F 145 10.06 -14.52 53.62
N TYR F 146 10.95 -14.57 52.63
CA TYR F 146 10.51 -14.67 51.24
C TYR F 146 10.08 -16.09 50.95
N LEU F 147 9.09 -16.21 50.08
CA LEU F 147 8.43 -17.48 49.77
C LEU F 147 8.49 -17.74 48.26
N LEU F 148 9.37 -18.66 47.86
CA LEU F 148 9.72 -18.89 46.46
C LEU F 148 8.92 -20.02 45.83
N ASN F 149 8.48 -19.80 44.61
CA ASN F 149 7.67 -20.80 43.90
C ASN F 149 7.97 -20.85 42.42
N GLY F 150 8.18 -22.06 41.92
CA GLY F 150 8.50 -22.30 40.51
C GLY F 150 9.67 -23.26 40.33
N SER F 151 10.22 -23.29 39.13
CA SER F 151 11.23 -24.28 38.77
C SER F 151 12.37 -23.69 37.95
N LYS F 152 13.57 -24.20 38.19
CA LYS F 152 14.72 -23.91 37.34
C LYS F 152 15.12 -25.14 36.57
N ILE F 153 15.79 -24.91 35.46
CA ILE F 153 16.30 -26.00 34.63
C ILE F 153 17.77 -25.80 34.25
N PHE F 154 18.41 -26.92 33.89
CA PHE F 154 19.76 -26.95 33.33
C PHE F 154 20.73 -26.26 34.25
N ILE F 155 20.70 -26.60 35.53
CA ILE F 155 21.52 -25.89 36.50
C ILE F 155 22.86 -26.61 36.75
N THR F 156 23.94 -25.95 36.33
CA THR F 156 25.28 -26.49 36.56
C THR F 156 25.49 -26.58 38.06
N ASN F 157 26.30 -27.54 38.49
CA ASN F 157 26.63 -27.75 39.91
C ASN F 157 25.44 -28.19 40.78
N GLY F 158 24.45 -28.75 40.11
CA GLY F 158 23.17 -29.10 40.71
C GLY F 158 23.25 -30.33 41.58
N GLY F 159 23.03 -30.15 42.88
CA GLY F 159 23.01 -31.27 43.83
C GLY F 159 24.35 -31.43 44.55
N ALA F 160 25.40 -30.90 43.93
CA ALA F 160 26.70 -30.74 44.58
C ALA F 160 26.71 -29.43 45.34
N ALA F 161 25.92 -28.47 44.86
CA ALA F 161 26.04 -27.09 45.32
C ALA F 161 25.35 -26.86 46.66
N ASP F 162 25.99 -26.01 47.47
CA ASP F 162 25.53 -25.62 48.81
C ASP F 162 24.81 -24.26 48.81
N ILE F 163 25.30 -23.36 47.95
CA ILE F 163 24.69 -22.03 47.71
C ILE F 163 24.20 -21.94 46.27
N TYR F 164 22.97 -21.47 46.09
CA TYR F 164 22.41 -21.20 44.76
C TYR F 164 21.95 -19.74 44.59
N ILE F 165 22.69 -18.98 43.80
CA ILE F 165 22.32 -17.60 43.50
C ILE F 165 21.11 -17.69 42.57
N THR F 166 19.95 -17.32 43.11
CA THR F 166 18.69 -17.61 42.49
C THR F 166 17.90 -16.36 42.17
N PHE F 167 17.30 -16.36 40.98
CA PHE F 167 16.59 -15.21 40.46
C PHE F 167 15.10 -15.48 40.36
N ALA F 168 14.30 -14.52 40.86
CA ALA F 168 12.86 -14.75 41.05
C ALA F 168 12.08 -13.45 41.05
N LEU F 169 10.91 -13.48 40.43
CA LEU F 169 9.98 -12.30 40.37
C LEU F 169 9.55 -11.83 41.75
N THR F 170 9.95 -10.62 42.12
CA THR F 170 9.38 -9.94 43.29
C THR F 170 8.19 -9.02 42.94
N ALA F 171 8.17 -8.54 41.70
CA ALA F 171 7.15 -7.62 41.19
C ALA F 171 6.66 -8.10 39.82
N PRO F 172 5.86 -9.17 39.76
CA PRO F 172 5.44 -9.83 38.50
C PRO F 172 4.88 -8.93 37.39
N ASP F 173 4.24 -7.81 37.75
CA ASP F 173 3.64 -6.91 36.75
C ASP F 173 4.68 -6.01 36.06
N GLN F 174 5.89 -5.96 36.62
CA GLN F 174 7.05 -5.40 35.95
C GLN F 174 7.62 -6.71 35.41
N GLY F 175 8.36 -6.69 34.33
CA GLY F 175 8.80 -7.98 33.70
C GLY F 175 10.25 -8.21 34.08
N ARG F 176 11.13 -7.91 33.13
CA ARG F 176 12.57 -7.85 33.38
C ARG F 176 12.97 -6.91 34.49
N HIS F 177 12.10 -5.93 34.80
CA HIS F 177 12.39 -4.91 35.81
C HIS F 177 11.92 -5.27 37.22
N GLY F 178 11.17 -6.37 37.31
CA GLY F 178 10.61 -6.82 38.59
C GLY F 178 11.25 -8.09 39.13
N ILE F 179 12.41 -8.44 38.56
CA ILE F 179 13.22 -9.61 38.96
C ILE F 179 14.20 -9.27 40.10
N SER F 180 14.16 -10.08 41.15
CA SER F 180 15.09 -9.96 42.28
C SER F 180 16.07 -11.14 42.36
N ALA F 181 17.18 -10.93 43.08
CA ALA F 181 18.19 -11.98 43.25
C ALA F 181 18.34 -12.42 44.71
N PHE F 182 18.49 -13.73 44.89
CA PHE F 182 18.48 -14.38 46.20
C PHE F 182 19.65 -15.35 46.43
N ILE F 183 20.28 -15.21 47.60
CA ILE F 183 21.16 -16.25 48.13
C ILE F 183 20.36 -17.40 48.74
N VAL F 184 20.24 -18.49 48.00
CA VAL F 184 19.50 -19.66 48.48
C VAL F 184 20.48 -20.75 48.94
N GLU F 185 20.24 -21.23 50.17
CA GLU F 185 21.02 -22.31 50.76
C GLU F 185 20.34 -23.65 50.48
N LYS F 186 21.16 -24.69 50.36
CA LYS F 186 20.72 -25.99 49.82
C LYS F 186 19.73 -26.72 50.75
N ASN F 187 19.92 -26.56 52.06
CA ASN F 187 19.02 -27.12 53.08
C ASN F 187 17.75 -26.30 53.35
N THR F 188 17.34 -25.50 52.38
CA THR F 188 16.15 -24.66 52.47
C THR F 188 14.87 -25.50 52.38
N PRO F 189 13.93 -25.33 53.35
CA PRO F 189 12.63 -26.01 53.35
C PRO F 189 11.86 -25.74 52.07
N GLY F 190 11.33 -26.77 51.43
CA GLY F 190 10.58 -26.65 50.17
C GLY F 190 11.43 -26.48 48.90
N PHE F 191 12.75 -26.49 49.06
CA PHE F 191 13.69 -26.40 47.94
C PHE F 191 14.22 -27.79 47.63
N THR F 192 13.92 -28.26 46.43
CA THR F 192 14.40 -29.59 46.01
C THR F 192 15.17 -29.60 44.70
N VAL F 193 16.04 -30.60 44.59
CA VAL F 193 16.89 -30.80 43.41
C VAL F 193 16.35 -31.98 42.62
N GLY F 194 16.32 -31.80 41.31
CA GLY F 194 15.96 -32.88 40.38
C GLY F 194 17.09 -33.87 40.06
N LYS F 195 16.73 -34.92 39.33
CA LYS F 195 17.71 -35.92 38.89
C LYS F 195 18.76 -35.30 37.98
N LYS F 196 19.99 -35.78 38.13
CA LYS F 196 21.09 -35.54 37.18
C LYS F 196 20.65 -35.70 35.71
N GLU F 197 20.85 -34.65 34.92
CA GLU F 197 20.47 -34.69 33.51
C GLU F 197 21.52 -35.43 32.69
N ARG F 198 21.07 -36.23 31.74
CA ARG F 198 21.96 -37.00 30.88
C ARG F 198 22.26 -36.24 29.57
N LYS F 199 23.51 -35.79 29.41
CA LYS F 199 23.89 -34.78 28.40
C LYS F 199 24.83 -35.36 27.33
N LEU F 200 24.91 -34.70 26.17
CA LEU F 200 25.91 -35.01 25.14
C LEU F 200 27.35 -35.07 25.67
N GLY F 201 27.65 -34.17 26.61
CA GLY F 201 29.02 -34.00 27.12
C GLY F 201 29.11 -33.28 28.44
N LEU F 202 30.23 -32.59 28.68
CA LEU F 202 30.61 -32.18 30.06
C LEU F 202 30.23 -33.31 31.03
N TYR F 203 30.76 -34.50 30.76
CA TYR F 203 30.62 -35.60 31.65
C TYR F 203 31.37 -35.18 32.91
N GLY F 204 30.79 -35.52 34.05
CA GLY F 204 31.29 -35.08 35.34
C GLY F 204 30.46 -33.91 35.87
N SER F 205 29.96 -32.99 35.03
CA SER F 205 29.38 -31.75 35.57
C SER F 205 27.88 -31.91 35.84
N ASN F 206 27.50 -32.15 37.09
CA ASN F 206 26.08 -32.26 37.46
C ASN F 206 25.27 -31.11 36.88
N THR F 207 24.37 -31.42 35.98
CA THR F 207 23.37 -30.44 35.53
C THR F 207 21.94 -30.90 35.92
N THR F 208 21.25 -30.09 36.73
CA THR F 208 19.92 -30.53 37.23
C THR F 208 18.81 -29.50 37.13
N GLU F 209 17.61 -30.02 37.31
CA GLU F 209 16.42 -29.23 37.58
C GLU F 209 16.37 -28.85 39.07
N LEU F 210 15.71 -27.73 39.35
CA LEU F 210 15.40 -27.32 40.72
C LEU F 210 13.90 -27.04 40.88
N ILE F 211 13.30 -27.64 41.90
CA ILE F 211 11.90 -27.40 42.22
C ILE F 211 11.81 -26.49 43.44
N PHE F 212 11.08 -25.39 43.29
CA PHE F 212 10.79 -24.46 44.40
C PHE F 212 9.32 -24.55 44.77
N ASP F 213 9.07 -25.15 45.93
CA ASP F 213 7.74 -25.33 46.46
C ASP F 213 7.57 -24.62 47.79
N ASN F 214 6.84 -23.51 47.77
CA ASN F 214 6.79 -22.58 48.91
C ASN F 214 8.08 -22.66 49.69
N GLU F 216 11.79 -21.20 51.40
CA GLU F 216 12.55 -20.32 50.55
C GLU F 216 13.15 -19.42 51.62
N VAL F 217 13.45 -18.21 51.17
CA VAL F 217 14.66 -17.67 51.66
C VAL F 217 14.38 -16.63 52.74
N PRO F 218 15.22 -16.64 53.78
CA PRO F 218 15.30 -15.52 54.70
C PRO F 218 15.50 -14.19 53.97
N GLU F 219 14.69 -13.21 54.37
CA GLU F 219 14.72 -11.82 53.88
C GLU F 219 16.13 -11.24 53.85
N ALA F 220 16.92 -11.55 54.87
CA ALA F 220 18.35 -11.18 54.90
C ALA F 220 19.22 -11.77 53.76
N ASN F 221 18.72 -12.81 53.11
CA ASN F 221 19.41 -13.41 51.96
C ASN F 221 19.14 -12.72 50.60
N LEU F 222 18.65 -11.47 50.60
CA LEU F 222 18.20 -10.82 49.35
C LEU F 222 19.39 -10.23 48.58
N GLY F 224 21.05 -7.85 47.03
CA GLY F 224 20.83 -6.41 46.85
C GLY F 224 19.39 -5.89 46.94
N LYS F 225 19.13 -4.76 46.30
CA LYS F 225 17.77 -4.18 46.33
C LYS F 225 16.81 -4.94 45.42
N GLU F 226 15.53 -4.91 45.79
CA GLU F 226 14.47 -5.55 44.99
C GLU F 226 14.38 -4.89 43.62
N GLY F 227 14.26 -5.72 42.59
CA GLY F 227 14.26 -5.26 41.20
C GLY F 227 15.62 -5.20 40.51
N ASP F 228 16.71 -5.48 41.24
CA ASP F 228 18.08 -5.37 40.72
C ASP F 228 18.57 -6.64 40.02
N GLY F 229 17.71 -7.65 39.88
CA GLY F 229 18.08 -9.01 39.43
C GLY F 229 17.18 -9.90 38.62
N PHE F 230 17.05 -9.73 37.30
CA PHE F 230 17.92 -8.94 36.32
C PHE F 230 18.74 -7.74 36.71
N HIS F 231 19.92 -7.77 36.09
CA HIS F 231 20.97 -6.71 36.20
C HIS F 231 22.22 -7.35 36.77
N ILE F 232 21.99 -8.12 37.83
CA ILE F 232 22.95 -8.44 38.85
C ILE F 232 23.76 -9.70 38.84
N MET F 234 23.10 -10.33 34.58
CA MET F 234 23.84 -10.00 33.34
C MET F 234 25.25 -9.48 33.66
N ALA F 235 25.35 -8.66 34.70
CA ALA F 235 26.62 -8.05 35.12
C ALA F 235 27.71 -9.11 35.32
N ASN F 236 27.32 -10.20 35.97
CA ASN F 236 28.22 -11.31 36.26
C ASN F 236 28.41 -12.23 35.08
N LEU F 237 27.32 -12.42 34.33
CA LEU F 237 27.35 -13.21 33.12
C LEU F 237 28.43 -12.76 32.16
N ASN F 238 28.79 -11.48 32.24
CA ASN F 238 29.93 -10.94 31.49
C ASN F 238 31.25 -11.61 31.82
N VAL F 239 31.61 -11.60 33.09
CA VAL F 239 32.83 -12.27 33.58
C VAL F 239 32.71 -13.77 33.38
N GLY F 240 31.49 -14.28 33.59
CA GLY F 240 31.15 -15.66 33.27
C GLY F 240 31.42 -16.06 31.82
N ARG F 241 31.08 -15.17 30.90
CA ARG F 241 31.23 -15.44 29.46
C ARG F 241 32.70 -15.50 28.98
N ILE F 242 33.52 -14.68 29.60
CA ILE F 242 34.97 -14.71 29.39
C ILE F 242 35.52 -16.06 29.83
N GLY F 243 35.03 -16.53 30.98
CA GLY F 243 35.35 -17.85 31.47
C GLY F 243 34.94 -18.94 30.51
N ILE F 244 33.73 -18.85 30.00
CA ILE F 244 33.28 -19.82 29.00
C ILE F 244 34.19 -19.80 27.77
N ALA F 245 34.68 -18.62 27.45
CA ALA F 245 35.52 -18.40 26.28
C ALA F 245 36.86 -19.08 26.52
N ALA F 246 37.40 -18.83 27.70
CA ALA F 246 38.59 -19.50 28.21
C ALA F 246 38.42 -21.03 28.22
N GLN F 247 37.23 -21.50 28.54
CA GLN F 247 36.93 -22.92 28.47
C GLN F 247 37.06 -23.40 27.02
N ALA F 248 36.40 -22.68 26.12
CA ALA F 248 36.47 -22.96 24.69
C ALA F 248 37.89 -22.93 24.13
N LEU F 249 38.72 -22.04 24.70
CA LEU F 249 40.10 -21.88 24.33
C LEU F 249 40.90 -23.13 24.69
N GLY F 250 40.82 -23.50 25.97
CA GLY F 250 41.43 -24.74 26.50
C GLY F 250 41.02 -25.97 25.71
N ILE F 251 39.73 -26.10 25.46
CA ILE F 251 39.24 -27.19 24.59
C ILE F 251 40.00 -27.19 23.26
N ALA F 252 40.13 -26.00 22.67
CA ALA F 252 40.66 -25.90 21.31
C ALA F 252 42.15 -26.25 21.28
N GLU F 253 42.84 -25.88 22.36
CA GLU F 253 44.27 -26.06 22.44
C GLU F 253 44.60 -27.53 22.62
N ALA F 254 43.74 -28.21 23.39
CA ALA F 254 43.83 -29.66 23.56
C ALA F 254 43.61 -30.38 22.24
N ALA F 255 42.58 -29.99 21.52
CA ALA F 255 42.41 -30.49 20.16
C ALA F 255 43.68 -30.34 19.30
N LEU F 256 44.28 -29.16 19.35
CA LEU F 256 45.42 -28.84 18.50
C LEU F 256 46.64 -29.70 18.87
N GLU F 257 47.02 -29.62 20.13
CA GLU F 257 48.20 -30.28 20.61
C GLU F 257 48.12 -31.79 20.34
N HIS F 258 46.96 -32.38 20.63
CA HIS F 258 46.75 -33.81 20.35
C HIS F 258 46.89 -34.07 18.85
N ALA F 259 46.26 -33.21 18.06
CA ALA F 259 46.23 -33.34 16.61
C ALA F 259 47.64 -33.26 15.98
N VAL F 260 48.50 -32.44 16.56
CA VAL F 260 49.84 -32.21 16.02
C VAL F 260 50.71 -33.46 16.22
N ASP F 261 50.87 -33.82 17.49
CA ASP F 261 51.49 -35.08 17.93
C ASP F 261 51.02 -36.32 17.18
N TYR F 262 49.72 -36.52 17.07
CA TYR F 262 49.23 -37.69 16.33
C TYR F 262 49.63 -37.63 14.86
N ALA F 263 49.53 -36.43 14.29
CA ALA F 263 49.75 -36.19 12.84
C ALA F 263 51.18 -36.34 12.40
N LYS F 264 52.07 -36.22 13.38
CA LYS F 264 53.52 -36.32 13.20
C LYS F 264 53.97 -37.76 13.21
N GLN F 265 53.30 -38.53 14.07
CA GLN F 265 53.63 -39.94 14.37
C GLN F 265 52.95 -40.86 13.35
N ARG F 266 51.71 -40.55 13.03
CA ARG F 266 50.92 -41.40 12.18
C ARG F 266 51.39 -41.34 10.75
N VAL F 267 51.73 -42.51 10.22
CA VAL F 267 52.30 -42.64 8.88
C VAL F 267 51.30 -43.32 7.97
N GLN F 268 51.11 -42.75 6.79
CA GLN F 268 50.36 -43.40 5.71
C GLN F 268 50.97 -42.91 4.42
N PHE F 269 50.93 -43.74 3.37
CA PHE F 269 51.53 -43.38 2.08
C PHE F 269 53.05 -43.08 2.18
N GLY F 270 53.72 -43.68 3.16
CA GLY F 270 55.17 -43.59 3.29
C GLY F 270 55.68 -42.34 3.99
N ARG F 271 54.75 -41.45 4.32
CA ARG F 271 55.11 -40.18 4.97
C ARG F 271 54.14 -39.90 6.11
N PRO F 272 54.55 -39.14 7.12
CA PRO F 272 53.59 -38.82 8.18
C PRO F 272 52.45 -37.98 7.63
N ILE F 273 51.25 -38.20 8.13
CA ILE F 273 50.04 -37.51 7.57
C ILE F 273 50.18 -35.98 7.56
N ALA F 274 50.86 -35.45 8.56
CA ALA F 274 51.25 -34.04 8.62
C ALA F 274 51.94 -33.46 7.37
N ALA F 275 52.65 -34.30 6.63
CA ALA F 275 53.36 -33.85 5.43
C ALA F 275 52.38 -33.44 4.33
N ASN F 276 51.12 -33.79 4.54
CA ASN F 276 50.06 -33.43 3.60
C ASN F 276 49.41 -32.13 3.97
N GLN F 277 49.40 -31.20 3.02
CA GLN F 277 48.82 -29.86 3.20
C GLN F 277 47.32 -29.90 3.56
N GLY F 278 46.60 -30.87 3.01
CA GLY F 278 45.25 -31.15 3.49
C GLY F 278 45.17 -31.18 5.00
N ILE F 279 46.19 -31.75 5.62
CA ILE F 279 46.24 -31.94 7.08
C ILE F 279 46.93 -30.76 7.76
N SER F 280 48.19 -30.51 7.40
CA SER F 280 48.97 -29.41 8.02
C SER F 280 48.23 -28.05 8.04
N PHE F 281 47.54 -27.74 6.95
CA PHE F 281 46.76 -26.46 6.86
C PHE F 281 45.66 -26.31 7.90
N LYS F 282 44.98 -27.41 8.21
CA LYS F 282 44.03 -27.48 9.34
C LYS F 282 44.69 -27.14 10.67
N LEU F 283 45.90 -27.65 10.83
CA LEU F 283 46.63 -27.51 12.09
C LEU F 283 46.99 -26.06 12.29
N ALA F 284 47.36 -25.43 11.17
CA ALA F 284 47.78 -24.04 11.15
C ALA F 284 46.57 -23.15 11.43
N ASP F 285 45.49 -23.44 10.74
CA ASP F 285 44.23 -22.76 10.95
C ASP F 285 43.82 -22.86 12.41
N MET F 286 43.98 -24.07 12.98
CA MET F 286 43.61 -24.32 14.38
C MET F 286 44.44 -23.41 15.26
N ALA F 287 45.73 -23.39 14.97
CA ALA F 287 46.70 -22.65 15.78
C ALA F 287 46.45 -21.15 15.68
N THR F 288 46.12 -20.68 14.48
CA THR F 288 45.87 -19.26 14.18
C THR F 288 44.59 -18.72 14.87
N ARG F 289 43.54 -19.52 14.82
CA ARG F 289 42.27 -19.17 15.46
C ARG F 289 42.36 -19.30 16.96
N ALA F 290 43.33 -20.07 17.44
CA ALA F 290 43.58 -20.20 18.87
C ALA F 290 44.41 -19.04 19.40
N GLU F 291 45.17 -18.42 18.51
CA GLU F 291 45.94 -17.24 18.87
C GLU F 291 45.03 -16.03 18.88
N ALA F 292 44.13 -16.01 17.91
CA ALA F 292 43.07 -15.01 17.80
C ALA F 292 42.20 -15.02 19.05
N ALA F 293 41.71 -16.21 19.37
CA ALA F 293 40.90 -16.45 20.57
C ALA F 293 41.61 -16.05 21.84
N ARG F 294 42.86 -16.48 21.97
CA ARG F 294 43.63 -16.19 23.19
C ARG F 294 43.53 -14.70 23.56
N HIS F 295 43.75 -13.83 22.56
CA HIS F 295 43.85 -12.37 22.80
C HIS F 295 42.51 -11.73 23.07
N LEU F 296 41.47 -12.22 22.41
CA LEU F 296 40.10 -11.79 22.69
C LEU F 296 39.77 -12.02 24.16
N VAL F 297 40.10 -13.21 24.63
CA VAL F 297 39.82 -13.65 26.01
C VAL F 297 40.55 -12.76 27.01
N TYR F 298 41.85 -12.71 26.88
CA TYR F 298 42.70 -12.03 27.88
C TYR F 298 42.58 -10.50 27.88
N HIS F 299 42.30 -9.91 26.72
CA HIS F 299 42.07 -8.46 26.64
C HIS F 299 40.71 -8.11 27.29
N ALA F 300 39.73 -8.98 27.06
CA ALA F 300 38.43 -8.90 27.71
C ALA F 300 38.54 -8.95 29.24
N ALA F 301 39.40 -9.83 29.71
CA ALA F 301 39.62 -10.03 31.14
C ALA F 301 40.47 -8.92 31.73
N ASP F 302 41.30 -8.33 30.89
CA ASP F 302 42.19 -7.21 31.28
C ASP F 302 41.37 -5.93 31.40
N LEU F 303 40.34 -5.83 30.57
CA LEU F 303 39.39 -4.70 30.63
C LEU F 303 38.64 -4.75 31.95
N HIS F 304 38.09 -5.94 32.24
CA HIS F 304 37.36 -6.19 33.48
C HIS F 304 38.23 -6.02 34.74
N ASN F 305 39.47 -6.47 34.65
CA ASN F 305 40.47 -6.25 35.69
C ASN F 305 40.75 -4.77 35.97
N ARG F 306 40.62 -3.94 34.94
CA ARG F 306 40.83 -2.49 35.08
C ARG F 306 39.52 -1.74 35.42
N GLY F 307 38.49 -2.48 35.83
CA GLY F 307 37.23 -1.90 36.28
C GLY F 307 36.38 -1.26 35.19
N LEU F 308 36.67 -1.62 33.94
CA LEU F 308 36.16 -0.92 32.75
C LEU F 308 35.00 -1.75 32.12
N ASN F 309 34.31 -1.21 31.13
CA ASN F 309 33.21 -1.95 30.49
C ASN F 309 33.56 -3.42 30.27
N CYS F 310 33.79 -3.81 29.01
CA CYS F 310 34.15 -5.19 28.64
C CYS F 310 32.96 -6.14 28.43
N GLY F 311 31.81 -5.58 28.08
CA GLY F 311 30.60 -6.39 27.86
C GLY F 311 30.68 -6.86 26.41
N LYS F 312 30.95 -5.93 25.49
CA LYS F 312 31.08 -6.24 24.06
C LYS F 312 32.25 -7.20 23.80
N GLU F 313 33.39 -6.91 24.40
CA GLU F 313 34.62 -7.72 24.24
C GLU F 313 34.45 -9.15 24.76
N ALA F 314 33.68 -9.29 25.83
CA ALA F 314 33.37 -10.60 26.40
C ALA F 314 32.45 -11.42 25.48
N SER F 315 31.49 -10.75 24.86
CA SER F 315 30.60 -11.39 23.91
C SER F 315 31.37 -11.92 22.70
N MET F 316 32.24 -11.08 22.18
CA MET F 316 33.12 -11.42 21.06
C MET F 316 33.99 -12.68 21.35
N ALA F 317 34.66 -12.66 22.50
CA ALA F 317 35.45 -13.79 22.99
C ALA F 317 34.66 -15.10 23.10
N LYS F 318 33.48 -15.01 23.67
CA LYS F 318 32.64 -16.21 23.93
C LYS F 318 32.27 -16.85 22.60
N GLN F 319 31.84 -16.00 21.68
CA GLN F 319 31.41 -16.43 20.34
C GLN F 319 32.57 -16.95 19.51
N PHE F 320 33.70 -16.30 19.62
CA PHE F 320 34.82 -16.64 18.78
C PHE F 320 35.42 -17.95 19.20
N ALA F 321 35.84 -18.00 20.46
CA ALA F 321 36.50 -19.18 21.03
C ALA F 321 35.60 -20.40 20.90
N SER F 322 34.33 -20.23 21.24
CA SER F 322 33.35 -21.32 21.17
C SER F 322 33.25 -21.92 19.75
N ASP F 323 33.04 -21.05 18.76
CA ASP F 323 32.91 -21.50 17.37
C ASP F 323 34.20 -22.11 16.89
N ALA F 324 35.30 -21.48 17.27
CA ALA F 324 36.66 -21.94 16.88
C ALA F 324 36.94 -23.32 17.46
N ALA F 325 36.43 -23.54 18.66
CA ALA F 325 36.62 -24.80 19.39
C ALA F 325 35.85 -25.94 18.77
N VAL F 326 34.58 -25.70 18.51
CA VAL F 326 33.75 -26.66 17.76
C VAL F 326 34.47 -27.09 16.49
N ALA F 329 37.08 -28.15 16.12
CA ALA F 329 37.91 -29.35 16.31
C ALA F 329 37.14 -30.56 16.89
N LEU F 330 36.72 -31.61 16.16
CA LEU F 330 36.21 -31.66 14.75
C LEU F 330 37.05 -31.58 13.46
N ASP F 331 38.32 -31.31 13.68
CA ASP F 331 39.29 -31.37 12.64
C ASP F 331 40.19 -32.43 13.30
N ALA F 332 40.60 -32.15 14.53
CA ALA F 332 41.19 -33.15 15.45
C ALA F 332 40.57 -34.56 15.39
N VAL F 333 39.26 -34.66 15.53
CA VAL F 333 38.63 -35.96 15.31
C VAL F 333 39.06 -36.49 13.93
N GLN F 334 38.97 -35.64 12.91
CA GLN F 334 39.27 -35.99 11.51
C GLN F 334 40.71 -36.47 11.31
N ILE F 335 41.62 -35.80 12.03
CA ILE F 335 43.05 -36.01 11.87
C ILE F 335 43.47 -37.36 12.44
N TYR F 336 42.86 -37.73 13.57
CA TYR F 336 42.97 -39.09 14.12
C TYR F 336 42.26 -40.14 13.26
N GLY F 337 41.39 -39.69 12.38
CA GLY F 337 40.66 -40.60 11.49
C GLY F 337 39.76 -41.50 12.31
N GLY F 338 39.56 -42.73 11.85
CA GLY F 338 38.74 -43.71 12.58
C GLY F 338 38.97 -43.73 14.09
N TYR F 339 40.23 -43.66 14.48
CA TYR F 339 40.64 -43.66 15.89
C TYR F 339 40.00 -42.50 16.66
N GLY F 340 39.81 -41.39 16.00
CA GLY F 340 39.19 -40.21 16.59
C GLY F 340 37.72 -40.38 16.96
N TYR F 341 37.05 -41.31 16.29
CA TYR F 341 35.66 -41.65 16.56
C TYR F 341 35.51 -42.60 17.76
N MET F 342 36.59 -42.78 18.51
CA MET F 342 36.66 -43.86 19.49
C MET F 342 36.76 -43.26 20.87
N LYS F 343 36.05 -43.87 21.82
CA LYS F 343 35.95 -43.31 23.18
C LYS F 343 37.23 -43.48 23.99
N ASP F 344 38.01 -44.50 23.63
CA ASP F 344 39.34 -44.77 24.24
C ASP F 344 40.39 -43.74 23.86
N TYR F 345 40.18 -43.05 22.74
CA TYR F 345 41.05 -41.93 22.29
C TYR F 345 40.47 -40.55 22.69
N PRO F 346 41.33 -39.53 22.84
CA PRO F 346 41.09 -38.34 23.65
C PRO F 346 40.44 -37.14 22.95
N VAL F 347 40.10 -37.28 21.67
CA VAL F 347 39.57 -36.17 20.85
C VAL F 347 38.03 -36.09 20.73
N GLU F 348 37.36 -37.22 20.84
CA GLU F 348 35.90 -37.33 20.65
C GLU F 348 35.15 -36.50 21.71
N ARG F 349 35.75 -36.43 22.88
CA ARG F 349 35.19 -35.70 24.01
C ARG F 349 35.23 -34.21 23.77
N LEU F 350 36.18 -33.80 22.94
CA LEU F 350 36.43 -32.38 22.71
C LEU F 350 35.34 -31.82 21.86
N LEU F 351 34.83 -32.64 20.95
CA LEU F 351 33.70 -32.24 20.10
C LEU F 351 32.42 -32.12 20.95
N ARG F 352 32.08 -33.24 21.59
CA ARG F 352 30.93 -33.33 22.47
C ARG F 352 30.91 -32.22 23.47
N ASP F 353 32.04 -32.03 24.14
CA ASP F 353 32.21 -30.89 25.07
C ASP F 353 32.13 -29.51 24.35
N ALA F 354 32.86 -29.36 23.24
CA ALA F 354 32.89 -28.07 22.49
C ALA F 354 31.50 -27.43 22.29
N LYS F 355 30.57 -28.22 21.77
CA LYS F 355 29.28 -27.72 21.30
C LYS F 355 28.50 -26.92 22.38
N VAL F 356 28.68 -27.30 23.64
CA VAL F 356 28.05 -26.60 24.77
C VAL F 356 28.42 -25.14 24.80
N THR F 357 29.66 -24.89 24.39
CA THR F 357 30.27 -23.57 24.58
C THR F 357 29.55 -22.55 23.73
N GLN F 358 28.85 -23.03 22.70
CA GLN F 358 28.10 -22.17 21.76
C GLN F 358 26.71 -21.81 22.27
N ILE F 359 26.33 -22.43 23.38
CA ILE F 359 24.93 -22.53 23.81
C ILE F 359 24.68 -21.82 25.15
N TYR F 360 25.37 -22.25 26.20
CA TYR F 360 25.17 -21.70 27.55
C TYR F 360 25.96 -20.41 27.88
N GLU F 361 25.51 -19.76 28.94
CA GLU F 361 25.87 -18.38 29.29
C GLU F 361 25.67 -17.46 28.09
N GLY F 362 24.59 -17.75 27.36
CA GLY F 362 24.12 -16.95 26.24
C GLY F 362 24.55 -17.80 25.10
N THR F 363 24.02 -17.66 23.89
CA THR F 363 23.92 -18.68 22.87
C THR F 363 24.64 -17.64 22.04
N ASN F 364 25.28 -18.12 20.99
CA ASN F 364 26.01 -17.26 20.05
C ASN F 364 25.12 -16.41 19.18
N GLU F 365 23.88 -16.84 19.01
CA GLU F 365 22.86 -15.97 18.42
C GLU F 365 22.64 -14.74 19.28
N ILE F 366 22.53 -14.94 20.58
CA ILE F 366 22.40 -13.82 21.54
C ILE F 366 23.62 -12.92 21.59
N GLN F 367 24.79 -13.54 21.47
CA GLN F 367 26.06 -12.81 21.57
C GLN F 367 26.26 -11.88 20.38
N ARG F 368 25.92 -12.39 19.21
CA ARG F 368 25.97 -11.56 18.00
C ARG F 368 25.00 -10.37 18.20
N LEU F 369 23.79 -10.69 18.66
CA LEU F 369 22.75 -9.67 18.94
C LEU F 369 23.28 -8.58 19.86
N ILE F 370 23.82 -9.01 20.99
CA ILE F 370 24.46 -8.08 21.95
C ILE F 370 25.53 -7.23 21.28
N ILE F 371 26.50 -7.88 20.65
CA ILE F 371 27.57 -7.18 19.92
C ILE F 371 27.00 -6.13 18.97
N SER F 372 26.14 -6.59 18.07
CA SER F 372 25.43 -5.71 17.14
C SER F 372 24.74 -4.51 17.83
N LYS F 373 24.22 -4.72 19.04
CA LYS F 373 23.63 -3.62 19.83
C LYS F 373 24.63 -2.51 20.22
N TYR F 374 25.87 -2.90 20.50
CA TYR F 374 26.94 -1.90 20.71
C TYR F 374 27.27 -1.14 19.42
N LEU F 375 27.22 -1.84 18.30
CA LEU F 375 27.60 -1.24 17.02
C LEU F 375 26.57 -0.22 16.62
N LEU F 376 25.33 -0.65 16.66
CA LEU F 376 24.20 0.19 16.23
C LEU F 376 23.83 1.26 17.24
N GLY F 377 24.07 1.00 18.52
CA GLY F 377 23.44 1.76 19.60
C GLY F 377 24.10 3.09 19.91
N VAL G 8 51.86 7.17 20.76
CA VAL G 8 51.04 8.00 21.71
C VAL G 8 50.01 8.84 20.95
N MET G 9 50.38 10.08 20.62
CA MET G 9 49.67 10.99 19.77
C MET G 9 50.00 10.78 18.28
N MET G 10 50.78 9.74 17.94
CA MET G 10 51.00 9.34 16.53
C MET G 10 49.64 9.02 15.91
N ARG G 11 48.93 8.08 16.51
CA ARG G 11 47.57 7.69 16.08
C ARG G 11 46.61 8.87 15.78
N LYS G 12 46.54 9.86 16.68
CA LYS G 12 45.66 11.02 16.47
C LYS G 12 46.17 11.87 15.32
N MET G 13 47.49 12.09 15.34
CA MET G 13 48.17 12.85 14.26
C MET G 13 47.92 12.25 12.87
N VAL G 14 48.06 10.92 12.77
CA VAL G 14 47.88 10.20 11.49
C VAL G 14 46.39 10.14 11.10
N ARG G 15 45.53 9.98 12.08
CA ARG G 15 44.07 10.02 11.84
C ARG G 15 43.59 11.36 11.27
N ASP G 16 44.12 12.44 11.80
CA ASP G 16 43.72 13.79 11.34
C ASP G 16 44.24 14.08 9.92
N PHE G 17 45.55 13.90 9.75
CA PHE G 17 46.21 13.96 8.42
C PHE G 17 45.46 13.11 7.40
N ALA G 18 45.23 11.87 7.77
CA ALA G 18 44.54 10.91 6.90
C ALA G 18 43.25 11.49 6.36
N ARG G 19 42.38 11.85 7.30
CA ARG G 19 41.02 12.34 7.01
C ARG G 19 41.02 13.64 6.22
N LYS G 20 41.97 14.52 6.55
CA LYS G 20 42.09 15.83 5.87
C LYS G 20 42.75 15.73 4.48
N GLU G 21 43.95 15.14 4.43
CA GLU G 21 44.81 15.12 3.22
C GLU G 21 44.67 13.84 2.37
N ILE G 22 44.62 12.69 3.02
CA ILE G 22 44.61 11.39 2.30
C ILE G 22 43.24 11.09 1.66
N ALA G 23 42.18 11.49 2.34
CA ALA G 23 40.79 11.31 1.83
C ALA G 23 40.51 11.95 0.45
N PRO G 24 40.76 13.26 0.28
CA PRO G 24 40.58 13.82 -1.09
C PRO G 24 41.52 13.19 -2.12
N ALA G 25 42.80 13.07 -1.78
CA ALA G 25 43.78 12.36 -2.67
C ALA G 25 43.31 10.96 -3.12
N ALA G 26 42.77 10.20 -2.20
CA ALA G 26 42.28 8.84 -2.46
C ALA G 26 41.19 8.72 -3.52
N GLU G 27 40.31 9.73 -3.57
CA GLU G 27 39.21 9.77 -4.57
C GLU G 27 39.75 10.12 -5.96
N ILE G 28 40.71 11.03 -5.99
CA ILE G 28 41.48 11.31 -7.21
C ILE G 28 42.21 10.03 -7.71
N MET G 29 42.80 9.26 -6.80
CA MET G 29 43.52 8.02 -7.17
C MET G 29 42.58 6.97 -7.77
N GLU G 30 41.39 6.87 -7.20
CA GLU G 30 40.39 5.91 -7.70
C GLU G 30 39.84 6.30 -9.07
N LYS G 31 39.87 7.59 -9.36
CA LYS G 31 39.35 8.15 -10.61
C LYS G 31 40.44 8.19 -11.70
N THR G 32 41.62 8.65 -11.30
CA THR G 32 42.79 8.92 -12.19
C THR G 32 43.65 7.64 -12.38
N ASP G 33 43.77 6.84 -11.33
CA ASP G 33 44.72 5.70 -11.27
C ASP G 33 46.16 6.19 -11.32
N GLU G 34 46.36 7.44 -10.89
CA GLU G 34 47.67 8.08 -10.91
C GLU G 34 48.28 8.18 -9.54
N PHE G 35 49.53 7.77 -9.48
CA PHE G 35 50.32 7.80 -8.25
C PHE G 35 50.22 9.20 -7.62
N PRO G 36 50.09 9.29 -6.30
CA PRO G 36 49.77 10.56 -5.68
C PRO G 36 51.01 11.34 -5.27
N PHE G 37 51.75 11.77 -6.26
CA PHE G 37 53.04 12.43 -6.02
C PHE G 37 52.98 13.56 -4.99
N GLN G 38 51.96 14.40 -5.10
CA GLN G 38 51.76 15.57 -4.20
C GLN G 38 51.48 15.19 -2.74
N LEU G 39 50.63 14.18 -2.54
CA LEU G 39 50.36 13.65 -1.19
C LEU G 39 51.63 13.12 -0.53
N ILE G 40 52.36 12.28 -1.26
CA ILE G 40 53.61 11.66 -0.80
C ILE G 40 54.50 12.75 -0.27
N LYS G 41 54.76 13.74 -1.13
CA LYS G 41 55.55 14.90 -0.75
C LYS G 41 55.12 15.46 0.60
N LYS G 42 53.82 15.79 0.69
CA LYS G 42 53.21 16.34 1.91
C LYS G 42 53.42 15.42 3.12
N MET G 43 53.08 14.13 2.96
CA MET G 43 53.36 13.09 4.00
C MET G 43 54.81 13.16 4.46
N GLY G 44 55.69 13.42 3.49
CA GLY G 44 57.11 13.65 3.75
C GLY G 44 57.38 14.80 4.70
N LYS G 45 56.83 15.96 4.37
CA LYS G 45 56.92 17.13 5.26
C LYS G 45 56.35 16.88 6.65
N HIS G 46 55.24 16.15 6.72
CA HIS G 46 54.60 15.84 8.01
C HIS G 46 55.21 14.66 8.76
N GLY G 47 56.34 14.17 8.25
CA GLY G 47 57.21 13.26 9.01
C GLY G 47 56.66 11.85 9.13
N LEU G 48 55.97 11.41 8.07
CA LEU G 48 55.35 10.08 8.01
C LEU G 48 56.19 9.03 7.26
N MET G 49 57.22 9.49 6.56
CA MET G 49 57.91 8.66 5.56
C MET G 49 59.12 7.85 6.07
N GLY G 50 59.49 8.06 7.32
CA GLY G 50 60.57 7.32 7.97
C GLY G 50 60.33 7.15 9.46
N ILE G 51 59.22 6.50 9.80
CA ILE G 51 58.69 6.57 11.17
C ILE G 51 59.50 5.72 12.15
N PRO G 52 59.85 4.47 11.75
CA PRO G 52 60.66 3.62 12.63
C PRO G 52 62.16 3.76 12.31
N VAL G 53 62.51 4.80 11.57
CA VAL G 53 63.90 5.14 11.29
C VAL G 53 64.42 6.01 12.42
N PRO G 54 65.66 5.78 12.86
CA PRO G 54 66.18 6.70 13.87
C PRO G 54 66.49 8.10 13.34
N GLU G 55 66.58 9.04 14.28
CA GLU G 55 66.76 10.47 13.97
C GLU G 55 68.13 10.78 13.41
N GLN G 56 69.13 10.04 13.89
CA GLN G 56 70.48 10.01 13.30
C GLN G 56 70.47 10.07 11.78
N TYR G 57 69.65 9.19 11.18
CA TYR G 57 69.51 9.08 9.73
C TYR G 57 68.29 9.80 9.14
N GLY G 58 67.58 10.57 9.97
CA GLY G 58 66.65 11.59 9.49
C GLY G 58 65.12 11.31 9.35
N GLY G 59 64.45 10.22 9.74
CA GLY G 59 64.28 9.63 11.06
C GLY G 59 63.21 10.32 11.90
N ALA G 60 61.97 9.80 12.08
CA ALA G 60 61.05 10.32 13.14
C ALA G 60 61.51 9.83 14.51
N GLY G 61 62.31 8.77 14.50
CA GLY G 61 62.92 8.24 15.72
C GLY G 61 61.95 7.44 16.58
N ALA G 62 60.85 7.02 15.97
CA ALA G 62 59.79 6.31 16.67
C ALA G 62 59.98 4.83 16.52
N ASP G 63 59.09 4.06 17.09
CA ASP G 63 59.32 2.65 16.96
C ASP G 63 58.24 1.93 16.14
N VAL G 64 58.17 0.60 16.23
CA VAL G 64 57.49 -0.18 15.20
C VAL G 64 55.96 -0.29 15.37
N VAL G 65 55.50 -0.26 16.61
CA VAL G 65 54.06 -0.15 16.90
C VAL G 65 53.49 1.15 16.30
N SER G 66 54.13 2.27 16.63
CA SER G 66 53.74 3.59 16.09
C SER G 66 53.71 3.62 14.56
N TYR G 67 54.67 2.94 13.95
CA TYR G 67 54.78 2.82 12.50
C TYR G 67 53.66 1.98 11.89
N ILE G 68 53.46 0.80 12.45
CA ILE G 68 52.40 -0.13 12.02
C ILE G 68 51.03 0.53 12.26
N LEU G 69 50.92 1.17 13.41
CA LEU G 69 49.76 1.99 13.76
C LEU G 69 49.43 3.01 12.67
N ALA G 70 50.46 3.68 12.18
CA ALA G 70 50.28 4.65 11.09
C ALA G 70 49.63 3.97 9.89
N ILE G 71 50.28 2.93 9.40
CA ILE G 71 49.80 2.12 8.27
C ILE G 71 48.35 1.64 8.44
N HIS G 72 48.02 1.24 9.66
CA HIS G 72 46.64 0.83 10.00
C HIS G 72 45.65 1.95 9.75
N GLU G 73 45.94 3.09 10.35
CA GLU G 73 45.14 4.29 10.22
C GLU G 73 44.99 4.76 8.78
N ILE G 74 46.10 4.81 8.06
CA ILE G 74 46.10 5.28 6.66
C ILE G 74 45.26 4.38 5.79
N SER G 75 45.25 3.10 6.14
CA SER G 75 44.59 2.08 5.33
C SER G 75 43.08 2.08 5.50
N ARG G 76 42.61 2.60 6.63
CA ARG G 76 41.19 2.90 6.82
C ARG G 76 40.67 3.71 5.66
N ILE G 77 41.42 4.76 5.35
CA ILE G 77 41.08 5.70 4.29
C ILE G 77 41.52 5.19 2.91
N SER G 78 42.74 4.68 2.81
CA SER G 78 43.30 4.24 1.52
C SER G 78 44.29 3.10 1.73
N ALA G 79 43.91 1.94 1.21
CA ALA G 79 44.78 0.77 1.17
C ALA G 79 45.99 0.96 0.23
N ALA G 80 45.72 1.56 -0.94
CA ALA G 80 46.78 1.98 -1.87
C ALA G 80 47.89 2.77 -1.18
N VAL G 81 47.53 3.90 -0.59
CA VAL G 81 48.56 4.75 0.05
C VAL G 81 49.24 3.99 1.19
N GLY G 82 48.48 3.10 1.82
CA GLY G 82 48.98 2.29 2.92
C GLY G 82 50.14 1.39 2.49
N VAL G 83 49.94 0.73 1.35
CA VAL G 83 50.93 -0.21 0.82
C VAL G 83 52.15 0.52 0.26
N ILE G 84 51.91 1.67 -0.37
CA ILE G 84 53.01 2.53 -0.83
C ILE G 84 53.92 2.92 0.33
N LEU G 85 53.30 3.36 1.40
CA LEU G 85 54.05 3.69 2.62
C LEU G 85 54.74 2.45 3.18
N SER G 86 54.02 1.33 3.18
CA SER G 86 54.46 0.10 3.84
C SER G 86 55.70 -0.49 3.17
N VAL G 87 55.66 -0.54 1.84
CA VAL G 87 56.78 -1.01 1.04
C VAL G 87 57.96 -0.05 1.22
N HIS G 88 57.70 1.25 1.03
CA HIS G 88 58.75 2.30 1.08
C HIS G 88 59.64 2.14 2.29
N THR G 89 58.99 2.26 3.44
CA THR G 89 59.57 1.86 4.70
C THR G 89 59.42 0.30 4.62
N SER G 90 60.03 -0.39 5.53
CA SER G 90 59.85 -1.86 5.66
C SER G 90 60.73 -2.71 4.72
N VAL G 91 60.60 -2.48 3.41
CA VAL G 91 61.38 -3.23 2.43
C VAL G 91 62.14 -2.35 1.43
N GLY G 92 61.81 -1.06 1.38
CA GLY G 92 62.57 -0.09 0.56
C GLY G 92 63.66 0.63 1.33
N THR G 93 63.45 0.80 2.64
CA THR G 93 64.35 1.61 3.50
C THR G 93 65.06 0.75 4.56
N ASN G 94 64.29 -0.14 5.19
CA ASN G 94 64.77 -0.93 6.32
C ASN G 94 65.92 -1.88 5.95
N PRO G 95 65.90 -2.47 4.74
CA PRO G 95 67.02 -3.33 4.39
C PRO G 95 68.35 -2.61 4.46
N ILE G 96 68.38 -1.36 3.98
CA ILE G 96 69.57 -0.50 4.12
C ILE G 96 69.86 -0.27 5.61
N LEU G 97 68.83 0.15 6.33
CA LEU G 97 68.96 0.47 7.76
C LEU G 97 69.55 -0.69 8.56
N TYR G 98 69.12 -1.92 8.26
CA TYR G 98 69.42 -3.08 9.12
C TYR G 98 70.60 -3.93 8.67
N PHE G 99 70.85 -3.94 7.36
CA PHE G 99 72.00 -4.65 6.84
C PHE G 99 73.18 -3.70 7.00
N GLY G 100 72.94 -2.42 6.71
CA GLY G 100 74.03 -1.41 6.85
C GLY G 100 74.75 -1.41 5.52
N ASN G 101 75.80 -0.62 5.28
CA ASN G 101 76.84 -0.08 6.20
C ASN G 101 76.67 1.43 6.53
N GLU G 102 77.44 1.91 7.51
CA GLU G 102 77.29 3.29 8.03
C GLU G 102 77.31 4.38 6.95
N GLU G 103 78.16 4.18 5.95
CA GLU G 103 78.27 5.12 4.81
C GLU G 103 77.01 5.16 3.95
N GLN G 104 76.47 3.97 3.68
CA GLN G 104 75.22 3.80 2.89
C GLN G 104 73.98 4.31 3.62
N LYS G 105 73.87 3.94 4.89
CA LYS G 105 72.82 4.47 5.77
C LYS G 105 72.77 5.99 5.62
N MET G 106 73.93 6.62 5.76
CA MET G 106 74.05 8.08 5.67
C MET G 106 73.71 8.63 4.27
N LYS G 107 74.14 7.93 3.22
CA LYS G 107 73.95 8.40 1.82
C LYS G 107 72.49 8.35 1.41
N TYR G 108 71.82 7.25 1.78
CA TYR G 108 70.54 6.89 1.14
C TYR G 108 69.31 7.13 1.98
N ILE G 109 69.44 6.97 3.29
CA ILE G 109 68.27 6.94 4.20
C ILE G 109 67.60 8.32 4.45
N PRO G 110 68.37 9.38 4.73
CA PRO G 110 67.76 10.68 5.04
C PRO G 110 66.77 11.16 3.98
N ASN G 111 67.14 11.00 2.72
CA ASN G 111 66.24 11.33 1.62
C ASN G 111 65.02 10.40 1.55
N LEU G 112 65.23 9.13 1.88
CA LEU G 112 64.11 8.21 2.02
C LEU G 112 63.21 8.55 3.19
N ALA G 113 63.85 8.91 4.30
CA ALA G 113 63.15 9.21 5.54
C ALA G 113 62.27 10.44 5.40
N SER G 114 62.88 11.52 4.93
CA SER G 114 62.19 12.78 4.65
C SER G 114 61.04 12.61 3.67
N GLY G 115 61.18 11.67 2.75
CA GLY G 115 60.24 11.51 1.64
C GLY G 115 60.62 12.28 0.38
N ASP G 116 61.75 12.97 0.40
CA ASP G 116 62.37 13.48 -0.84
C ASP G 116 62.64 12.36 -1.84
N HIS G 117 62.96 11.18 -1.32
CA HIS G 117 63.11 9.96 -2.11
C HIS G 117 62.12 8.88 -1.71
N LEU G 118 61.70 8.11 -2.72
CA LEU G 118 60.78 6.98 -2.55
C LEU G 118 61.43 5.60 -2.84
N GLY G 119 61.00 4.60 -2.07
CA GLY G 119 61.65 3.29 -1.99
C GLY G 119 60.82 2.12 -2.55
N ALA G 120 61.46 1.06 -3.02
CA ALA G 120 60.73 -0.02 -3.72
C ALA G 120 60.78 -1.56 -3.52
N PHE G 121 61.93 -2.20 -3.44
CA PHE G 121 61.97 -3.66 -3.29
C PHE G 121 61.69 -4.48 -4.54
N ALA G 122 62.73 -4.96 -5.19
CA ALA G 122 62.57 -5.71 -6.40
C ALA G 122 63.04 -7.09 -6.19
N LEU G 123 62.12 -8.00 -5.95
CA LEU G 123 62.47 -9.37 -5.72
C LEU G 123 61.82 -10.33 -6.66
N THR G 124 60.54 -10.10 -6.87
CA THR G 124 59.72 -11.01 -7.67
C THR G 124 60.06 -10.97 -9.16
N GLU G 125 59.96 -12.12 -9.80
CA GLU G 125 60.28 -12.29 -11.23
C GLU G 125 59.23 -13.16 -11.92
N PRO G 126 59.13 -13.06 -13.24
CA PRO G 126 58.15 -13.92 -13.93
C PRO G 126 58.22 -15.41 -13.56
N HIS G 127 59.44 -15.94 -13.39
CA HIS G 127 59.74 -17.34 -12.97
C HIS G 127 59.77 -17.58 -11.47
N SER G 128 60.07 -16.53 -10.71
CA SER G 128 60.24 -16.66 -9.26
C SER G 128 59.27 -15.70 -8.51
N GLY G 129 58.40 -16.25 -7.67
CA GLY G 129 57.55 -15.43 -6.79
C GLY G 129 57.49 -15.97 -5.35
N SER G 130 56.64 -16.98 -5.16
CA SER G 130 56.54 -17.74 -3.92
C SER G 130 57.89 -18.40 -3.67
N ASP G 131 58.39 -19.10 -4.67
CA ASP G 131 59.77 -19.58 -4.70
C ASP G 131 60.70 -18.47 -5.15
N ALA G 132 60.95 -17.55 -4.24
CA ALA G 132 61.82 -16.41 -4.52
C ALA G 132 63.29 -16.83 -4.64
N GLY G 133 63.62 -17.96 -4.03
CA GLY G 133 64.97 -18.56 -4.14
C GLY G 133 65.41 -18.79 -5.58
N SER G 134 64.48 -19.22 -6.42
CA SER G 134 64.75 -19.52 -7.83
C SER G 134 64.74 -18.33 -8.80
N LEU G 135 65.12 -17.16 -8.31
CA LEU G 135 65.27 -15.99 -9.17
C LEU G 135 66.47 -16.14 -10.10
N ARG G 136 66.35 -15.48 -11.24
CA ARG G 136 67.27 -15.63 -12.40
C ARG G 136 68.07 -14.37 -12.75
N THR G 137 67.65 -13.22 -12.26
CA THR G 137 68.42 -12.00 -12.49
C THR G 137 69.84 -12.24 -12.00
N THR G 138 70.80 -11.97 -12.87
CA THR G 138 72.21 -12.14 -12.52
C THR G 138 72.86 -10.80 -12.26
N ALA G 139 73.84 -10.82 -11.36
CA ALA G 139 74.70 -9.68 -11.08
C ALA G 139 76.16 -10.12 -11.17
N ILE G 140 76.80 -9.79 -12.29
CA ILE G 140 78.18 -10.17 -12.55
C ILE G 140 79.11 -8.96 -12.46
N LYS G 141 80.06 -9.03 -11.54
CA LYS G 141 81.07 -7.98 -11.41
C LYS G 141 81.94 -7.91 -12.64
N LYS G 142 82.01 -6.73 -13.24
CA LYS G 142 82.93 -6.45 -14.34
C LYS G 142 83.39 -4.99 -14.30
N ASN G 143 84.71 -4.79 -14.38
CA ASN G 143 85.35 -3.50 -14.10
C ASN G 143 85.26 -3.09 -12.61
N GLY G 144 84.86 -1.86 -12.35
CA GLY G 144 84.57 -1.42 -10.96
C GLY G 144 83.12 -1.64 -10.53
N LYS G 145 82.33 -2.24 -11.42
CA LYS G 145 80.87 -2.12 -11.43
C LYS G 145 80.25 -3.51 -11.45
N TYR G 146 79.19 -3.72 -10.68
CA TYR G 146 78.34 -4.90 -10.89
C TYR G 146 77.46 -4.67 -12.11
N LEU G 147 77.19 -5.76 -12.80
CA LEU G 147 76.50 -5.73 -14.09
C LEU G 147 75.28 -6.64 -14.04
N LEU G 148 74.11 -6.01 -13.96
CA LEU G 148 72.85 -6.72 -13.68
C LEU G 148 72.07 -7.04 -14.94
N ASN G 149 71.52 -8.25 -14.99
CA ASN G 149 70.78 -8.72 -16.16
C ASN G 149 69.60 -9.58 -15.80
N GLY G 150 68.46 -9.24 -16.39
CA GLY G 150 67.20 -9.94 -16.14
C GLY G 150 66.04 -8.99 -15.91
N SER G 151 64.94 -9.54 -15.39
CA SER G 151 63.71 -8.76 -15.24
C SER G 151 63.00 -9.00 -13.91
N LYS G 152 62.40 -7.94 -13.39
CA LYS G 152 61.50 -8.06 -12.25
C LYS G 152 60.07 -7.82 -12.70
N ILE G 153 59.15 -8.36 -11.91
CA ILE G 153 57.73 -8.14 -12.16
C ILE G 153 56.97 -7.72 -10.90
N PHE G 154 55.80 -7.12 -11.14
CA PHE G 154 54.83 -6.73 -10.10
C PHE G 154 55.44 -5.85 -9.03
N ILE G 155 56.16 -4.81 -9.42
CA ILE G 155 56.98 -4.04 -8.46
C ILE G 155 56.26 -2.77 -7.97
N THR G 156 55.90 -2.79 -6.69
CA THR G 156 55.11 -1.69 -6.12
C THR G 156 56.03 -0.52 -6.18
N ASN G 157 55.46 0.66 -6.25
CA ASN G 157 56.22 1.92 -6.28
C ASN G 157 57.06 2.11 -7.56
N GLY G 158 56.67 1.37 -8.59
CA GLY G 158 57.42 1.29 -9.84
C GLY G 158 57.30 2.53 -10.71
N GLY G 159 58.41 3.23 -10.89
CA GLY G 159 58.44 4.42 -11.73
C GLY G 159 58.30 5.71 -10.92
N ALA G 160 57.76 5.59 -9.71
CA ALA G 160 57.77 6.65 -8.73
C ALA G 160 59.04 6.56 -7.91
N ALA G 161 59.55 5.35 -7.80
CA ALA G 161 60.63 5.08 -6.86
C ALA G 161 61.99 5.56 -7.37
N ASP G 162 62.77 6.08 -6.43
CA ASP G 162 64.15 6.57 -6.66
C ASP G 162 65.21 5.51 -6.32
N ILE G 163 64.92 4.74 -5.27
CA ILE G 163 65.77 3.64 -4.81
C ILE G 163 65.00 2.33 -4.97
N TYR G 164 65.65 1.32 -5.55
CA TYR G 164 65.11 -0.04 -5.60
C TYR G 164 66.06 -1.06 -4.94
N ILE G 165 65.62 -1.58 -3.80
CA ILE G 165 66.33 -2.67 -3.14
C ILE G 165 66.14 -3.93 -3.97
N THR G 166 67.22 -4.34 -4.65
CA THR G 166 67.13 -5.32 -5.73
C THR G 166 67.96 -6.56 -5.42
N PHE G 167 67.37 -7.71 -5.72
CA PHE G 167 67.98 -8.99 -5.43
C PHE G 167 68.36 -9.71 -6.71
N ALA G 168 69.59 -10.24 -6.73
CA ALA G 168 70.19 -10.75 -7.96
C ALA G 168 71.28 -11.79 -7.67
N LEU G 169 71.33 -12.84 -8.50
CA LEU G 169 72.33 -13.94 -8.36
C LEU G 169 73.77 -13.44 -8.56
N THR G 170 74.57 -13.55 -7.51
CA THR G 170 76.02 -13.32 -7.61
C THR G 170 76.78 -14.62 -7.80
N ALA G 171 76.19 -15.74 -7.35
CA ALA G 171 76.79 -17.07 -7.42
C ALA G 171 75.74 -18.08 -7.90
N PRO G 172 75.40 -18.08 -9.20
CA PRO G 172 74.30 -18.88 -9.78
C PRO G 172 74.24 -20.38 -9.42
N ASP G 173 75.39 -20.99 -9.17
CA ASP G 173 75.43 -22.42 -8.83
C ASP G 173 74.97 -22.74 -7.40
N GLN G 174 74.84 -21.72 -6.56
CA GLN G 174 74.37 -21.89 -5.15
C GLN G 174 72.86 -21.71 -4.86
N GLY G 175 72.06 -21.43 -5.89
CA GLY G 175 70.62 -21.22 -5.72
C GLY G 175 70.22 -20.14 -4.71
N ARG G 176 69.38 -20.48 -3.73
CA ARG G 176 68.95 -19.55 -2.66
C ARG G 176 70.13 -18.96 -1.87
N HIS G 177 71.27 -19.66 -1.86
CA HIS G 177 72.45 -19.27 -1.08
C HIS G 177 73.43 -18.36 -1.85
N GLY G 178 73.16 -18.18 -3.14
CA GLY G 178 74.02 -17.37 -4.02
C GLY G 178 73.41 -16.07 -4.47
N ILE G 179 72.31 -15.70 -3.79
CA ILE G 179 71.60 -14.43 -4.01
C ILE G 179 72.23 -13.30 -3.21
N SER G 180 72.47 -12.19 -3.90
CA SER G 180 72.91 -10.94 -3.27
C SER G 180 71.87 -9.85 -3.33
N ALA G 181 72.02 -8.87 -2.47
CA ALA G 181 71.11 -7.71 -2.42
C ALA G 181 71.82 -6.40 -2.77
N PHE G 182 71.13 -5.59 -3.57
CA PHE G 182 71.70 -4.36 -4.17
C PHE G 182 70.83 -3.12 -3.96
N ILE G 183 71.47 -2.01 -3.56
CA ILE G 183 70.87 -0.68 -3.64
C ILE G 183 70.96 -0.14 -5.07
N VAL G 184 69.86 -0.22 -5.81
CA VAL G 184 69.81 0.29 -7.18
C VAL G 184 69.10 1.64 -7.23
N GLU G 185 69.77 2.60 -7.86
CA GLU G 185 69.23 3.94 -8.07
C GLU G 185 68.55 4.02 -9.43
N LYS G 186 67.52 4.87 -9.49
CA LYS G 186 66.58 4.90 -10.62
C LYS G 186 67.19 5.37 -11.96
N ASN G 187 68.14 6.30 -11.88
CA ASN G 187 68.87 6.79 -13.05
C ASN G 187 70.05 5.89 -13.52
N THR G 188 70.00 4.61 -13.17
CA THR G 188 71.08 3.67 -13.52
C THR G 188 71.04 3.37 -15.02
N PRO G 189 72.21 3.46 -15.71
CA PRO G 189 72.36 3.05 -17.10
C PRO G 189 71.96 1.60 -17.33
N GLY G 190 71.12 1.35 -18.33
CA GLY G 190 70.61 0.00 -18.63
C GLY G 190 69.48 -0.52 -17.75
N PHE G 191 69.02 0.31 -16.80
CA PHE G 191 67.91 -0.02 -15.91
C PHE G 191 66.67 0.70 -16.40
N THR G 192 65.67 -0.07 -16.82
CA THR G 192 64.43 0.53 -17.29
C THR G 192 63.20 0.02 -16.59
N VAL G 193 62.19 0.90 -16.57
CA VAL G 193 60.92 0.65 -15.92
C VAL G 193 59.86 0.37 -17.00
N GLY G 194 59.05 -0.64 -16.76
CA GLY G 194 57.95 -0.99 -17.65
C GLY G 194 56.70 -0.15 -17.42
N LYS G 195 55.73 -0.33 -18.32
CA LYS G 195 54.46 0.40 -18.22
C LYS G 195 53.74 0.02 -16.92
N LYS G 196 53.06 1.02 -16.35
CA LYS G 196 52.08 0.83 -15.27
C LYS G 196 51.11 -0.32 -15.54
N GLU G 197 51.05 -1.27 -14.61
CA GLU G 197 50.24 -2.48 -14.79
C GLU G 197 48.79 -2.16 -14.39
N ARG G 198 47.84 -2.65 -15.18
CA ARG G 198 46.42 -2.38 -14.95
C ARG G 198 45.85 -3.50 -14.08
N LYS G 199 45.48 -3.16 -12.84
CA LYS G 199 45.17 -4.14 -11.78
C LYS G 199 43.71 -4.06 -11.36
N LEU G 200 43.24 -5.13 -10.73
CA LEU G 200 41.90 -5.17 -10.10
C LEU G 200 41.66 -4.03 -9.11
N GLY G 201 42.71 -3.66 -8.39
CA GLY G 201 42.62 -2.61 -7.34
C GLY G 201 43.91 -1.95 -6.96
N LEU G 202 43.99 -1.49 -5.70
CA LEU G 202 45.06 -0.56 -5.29
C LEU G 202 45.31 0.48 -6.39
N TYR G 203 44.25 1.18 -6.77
CA TYR G 203 44.29 2.14 -7.92
C TYR G 203 45.45 3.13 -8.11
N GLY G 204 45.76 3.90 -7.10
CA GLY G 204 46.90 4.81 -7.13
C GLY G 204 48.27 4.19 -7.03
N SER G 205 48.40 2.90 -6.74
CA SER G 205 49.73 2.35 -6.44
C SER G 205 50.44 1.80 -7.70
N ASN G 206 51.34 2.57 -8.28
CA ASN G 206 52.12 2.12 -9.45
C ASN G 206 52.71 0.72 -9.22
N THR G 207 52.27 -0.26 -10.02
CA THR G 207 52.92 -1.57 -10.03
C THR G 207 53.51 -1.84 -11.43
N THR G 208 54.81 -2.04 -11.50
CA THR G 208 55.48 -2.18 -12.83
C THR G 208 56.44 -3.34 -12.95
N GLU G 209 56.76 -3.59 -14.20
CA GLU G 209 57.89 -4.43 -14.59
C GLU G 209 59.19 -3.62 -14.55
N LEU G 210 60.29 -4.30 -14.29
CA LEU G 210 61.63 -3.71 -14.40
C LEU G 210 62.48 -4.55 -15.35
N ILE G 211 63.10 -3.87 -16.33
CA ILE G 211 64.04 -4.51 -17.24
C ILE G 211 65.48 -4.14 -16.85
N PHE G 212 66.31 -5.16 -16.64
CA PHE G 212 67.74 -4.98 -16.36
C PHE G 212 68.54 -5.45 -17.55
N ASP G 213 69.11 -4.49 -18.28
CA ASP G 213 69.93 -4.76 -19.47
C ASP G 213 71.35 -4.25 -19.25
N ASN G 214 72.28 -5.17 -19.02
CA ASN G 214 73.62 -4.82 -18.56
C ASN G 214 73.58 -3.53 -17.76
N ALA G 215 72.81 -3.59 -16.68
CA ALA G 215 72.57 -2.42 -15.84
C ALA G 215 73.75 -2.22 -14.90
N GLU G 216 74.32 -1.04 -14.93
CA GLU G 216 75.58 -0.76 -14.23
C GLU G 216 75.35 -0.26 -12.81
N VAL G 217 75.53 -1.15 -11.84
CA VAL G 217 75.33 -0.84 -10.42
C VAL G 217 76.69 -0.80 -9.71
N PRO G 218 77.03 0.35 -9.07
CA PRO G 218 78.27 0.49 -8.31
C PRO G 218 78.46 -0.55 -7.21
N GLU G 219 79.65 -1.15 -7.22
CA GLU G 219 80.14 -2.11 -6.22
C GLU G 219 79.87 -1.67 -4.78
N ALA G 220 80.07 -0.39 -4.51
CA ALA G 220 79.73 0.21 -3.20
C ALA G 220 78.23 0.15 -2.82
N ASN G 221 77.36 -0.07 -3.80
CA ASN G 221 75.91 -0.26 -3.55
C ASN G 221 75.49 -1.70 -3.24
N LEU G 222 76.46 -2.59 -3.16
CA LEU G 222 76.22 -3.94 -2.65
C LEU G 222 75.74 -3.88 -1.20
N LEU G 223 74.54 -4.40 -0.96
CA LEU G 223 73.94 -4.38 0.39
C LEU G 223 74.36 -5.60 1.21
N GLY G 224 75.25 -5.35 2.17
CA GLY G 224 75.91 -6.39 2.97
C GLY G 224 76.82 -7.31 2.18
N LYS G 225 77.13 -8.46 2.75
CA LYS G 225 78.04 -9.41 2.11
C LYS G 225 77.34 -10.14 0.96
N GLU G 226 78.15 -10.55 -0.03
CA GLU G 226 77.65 -11.38 -1.13
C GLU G 226 77.10 -12.69 -0.58
N GLY G 227 75.95 -13.10 -1.08
CA GLY G 227 75.28 -14.32 -0.62
C GLY G 227 74.26 -14.11 0.47
N GLY G 229 71.68 -12.08 0.62
CA GLY G 229 70.50 -11.43 0.02
C GLY G 229 69.18 -12.08 0.37
N PHE G 230 69.09 -13.38 0.15
CA PHE G 230 67.91 -14.17 0.53
C PHE G 230 67.49 -13.96 1.98
N HIS G 231 68.45 -14.04 2.89
CA HIS G 231 68.23 -13.74 4.30
C HIS G 231 67.69 -12.32 4.55
N ILE G 232 68.28 -11.35 3.85
CA ILE G 232 67.90 -9.94 4.01
C ILE G 232 66.45 -9.73 3.61
N ALA G 233 66.13 -10.26 2.43
CA ALA G 233 64.77 -10.25 1.89
C ALA G 233 63.73 -10.74 2.89
N MET G 234 63.86 -12.00 3.28
CA MET G 234 62.89 -12.64 4.17
C MET G 234 62.78 -11.93 5.53
N ALA G 235 63.93 -11.52 6.05
CA ALA G 235 64.02 -10.87 7.35
C ALA G 235 63.09 -9.66 7.46
N ASN G 236 63.10 -8.88 6.38
CA ASN G 236 62.30 -7.65 6.29
C ASN G 236 60.85 -7.96 5.95
N LEU G 237 60.63 -8.98 5.12
CA LEU G 237 59.25 -9.40 4.78
C LEU G 237 58.39 -9.67 6.00
N ASN G 238 59.03 -10.08 7.09
CA ASN G 238 58.29 -10.26 8.38
C ASN G 238 57.61 -9.01 8.89
N VAL G 239 58.40 -7.96 9.03
CA VAL G 239 57.85 -6.64 9.41
C VAL G 239 56.91 -6.10 8.33
N GLY G 240 57.30 -6.34 7.07
CA GLY G 240 56.42 -6.09 5.93
C GLY G 240 55.05 -6.77 6.02
N ARG G 241 55.03 -8.00 6.48
CA ARG G 241 53.76 -8.80 6.56
C ARG G 241 52.78 -8.30 7.62
N ILE G 242 53.33 -7.80 8.71
CA ILE G 242 52.55 -7.19 9.77
C ILE G 242 51.89 -5.93 9.21
N GLY G 243 52.66 -5.22 8.41
CA GLY G 243 52.17 -4.04 7.70
C GLY G 243 51.05 -4.39 6.76
N ILE G 244 51.24 -5.44 5.98
CA ILE G 244 50.13 -5.90 5.11
C ILE G 244 48.88 -6.27 5.92
N ALA G 245 49.11 -6.83 7.11
CA ALA G 245 48.04 -7.25 8.00
C ALA G 245 47.27 -6.03 8.52
N ALA G 246 48.04 -5.04 8.97
CA ALA G 246 47.55 -3.70 9.29
C ALA G 246 46.77 -3.03 8.14
N GLN G 247 47.23 -3.23 6.91
CA GLN G 247 46.50 -2.76 5.73
C GLN G 247 45.16 -3.45 5.64
N ALA G 248 45.17 -4.77 5.78
CA ALA G 248 43.94 -5.59 5.78
C ALA G 248 42.96 -5.21 6.88
N LEU G 249 43.52 -4.77 7.99
CA LEU G 249 42.78 -4.39 9.17
C LEU G 249 42.00 -3.11 8.85
N GLY G 250 42.75 -2.10 8.42
CA GLY G 250 42.19 -0.81 8.02
C GLY G 250 41.12 -0.99 6.97
N ILE G 251 41.41 -1.80 5.96
CA ILE G 251 40.39 -2.13 4.96
C ILE G 251 39.11 -2.63 5.64
N ALA G 252 39.28 -3.55 6.58
CA ALA G 252 38.14 -4.25 7.19
C ALA G 252 37.30 -3.28 8.06
N GLU G 253 37.99 -2.34 8.71
CA GLU G 253 37.36 -1.42 9.61
C GLU G 253 36.53 -0.40 8.86
N ALA G 254 37.07 0.01 7.70
CA ALA G 254 36.35 0.88 6.78
C ALA G 254 35.08 0.20 6.26
N ALA G 255 35.21 -1.07 5.86
CA ALA G 255 34.02 -1.86 5.49
C ALA G 255 32.95 -1.85 6.58
N LEU G 256 33.39 -2.10 7.81
CA LEU G 256 32.47 -2.17 8.93
C LEU G 256 31.76 -0.83 9.21
N GLU G 257 32.55 0.23 9.41
CA GLU G 257 32.03 1.53 9.81
C GLU G 257 31.04 2.05 8.76
N HIS G 258 31.42 1.93 7.48
CA HIS G 258 30.51 2.28 6.39
C HIS G 258 29.23 1.45 6.46
N ALA G 259 29.41 0.14 6.65
CA ALA G 259 28.29 -0.80 6.66
C ALA G 259 27.28 -0.52 7.78
N VAL G 260 27.79 -0.05 8.91
CA VAL G 260 26.95 0.18 10.10
C VAL G 260 26.05 1.39 9.84
N ASP G 261 26.71 2.50 9.57
CA ASP G 261 26.05 3.75 9.19
C ASP G 261 25.02 3.60 8.09
N TYR G 262 25.38 2.92 7.01
CA TYR G 262 24.41 2.73 5.91
C TYR G 262 23.21 1.91 6.37
N ALA G 263 23.50 0.86 7.14
CA ALA G 263 22.51 -0.11 7.61
C ALA G 263 21.50 0.45 8.60
N LYS G 264 21.88 1.53 9.25
CA LYS G 264 21.09 2.21 10.26
C LYS G 264 20.12 3.19 9.63
N GLN G 265 20.59 3.81 8.54
CA GLN G 265 19.90 4.86 7.80
C GLN G 265 18.97 4.25 6.76
N ARG G 266 19.44 3.22 6.08
CA ARG G 266 18.68 2.63 4.99
C ARG G 266 17.48 1.86 5.51
N VAL G 267 16.31 2.25 5.00
CA VAL G 267 15.03 1.69 5.43
C VAL G 267 14.43 0.88 4.31
N GLN G 268 13.99 -0.33 4.64
CA GLN G 268 13.16 -1.15 3.73
C GLN G 268 12.24 -1.95 4.62
N PHE G 269 11.05 -2.29 4.11
CA PHE G 269 10.07 -3.05 4.88
C PHE G 269 9.61 -2.34 6.18
N GLY G 270 9.68 -1.01 6.18
CA GLY G 270 9.24 -0.21 7.32
C GLY G 270 10.21 -0.10 8.49
N ARG G 271 11.34 -0.78 8.40
CA ARG G 271 12.37 -0.74 9.44
C ARG G 271 13.74 -0.58 8.82
N PRO G 272 14.70 -0.03 9.58
CA PRO G 272 16.05 0.02 9.01
C PRO G 272 16.60 -1.40 8.79
N ILE G 273 17.34 -1.60 7.72
CA ILE G 273 17.87 -2.95 7.37
C ILE G 273 18.67 -3.64 8.49
N ALA G 274 19.39 -2.84 9.27
CA ALA G 274 20.01 -3.28 10.53
C ALA G 274 19.12 -4.03 11.54
N ALA G 275 17.82 -3.76 11.56
CA ALA G 275 16.89 -4.44 12.45
C ALA G 275 16.72 -5.92 12.08
N ASN G 276 17.19 -6.28 10.91
CA ASN G 276 17.20 -7.67 10.48
C ASN G 276 18.48 -8.38 10.89
N GLN G 277 18.31 -9.48 11.59
CA GLN G 277 19.42 -10.32 12.06
C GLN G 277 20.29 -10.88 10.92
N GLY G 278 19.69 -11.17 9.78
CA GLY G 278 20.45 -11.42 8.56
C GLY G 278 21.55 -10.41 8.35
N ILE G 279 21.25 -9.15 8.66
CA ILE G 279 22.20 -8.03 8.44
C ILE G 279 23.03 -7.77 9.69
N SER G 280 22.37 -7.48 10.81
CA SER G 280 23.09 -7.18 12.07
C SER G 280 24.17 -8.22 12.42
N PHE G 281 23.86 -9.50 12.22
CA PHE G 281 24.78 -10.60 12.55
C PHE G 281 26.09 -10.58 11.76
N LYS G 282 26.00 -10.17 10.49
CA LYS G 282 27.19 -9.86 9.65
C LYS G 282 28.06 -8.74 10.24
N LEU G 283 27.38 -7.73 10.74
CA LEU G 283 28.05 -6.55 11.29
C LEU G 283 28.85 -6.94 12.52
N ALA G 284 28.24 -7.81 13.31
CA ALA G 284 28.82 -8.27 14.57
C ALA G 284 30.03 -9.16 14.28
N ASP G 285 29.83 -10.09 13.37
CA ASP G 285 30.91 -10.96 12.87
C ASP G 285 32.07 -10.13 12.34
N MET G 286 31.74 -9.08 11.58
CA MET G 286 32.76 -8.16 11.04
C MET G 286 33.54 -7.52 12.16
N ALA G 287 32.81 -7.01 13.14
CA ALA G 287 33.38 -6.33 14.30
C ALA G 287 34.28 -7.25 15.13
N THR G 288 33.82 -8.50 15.29
CA THR G 288 34.49 -9.52 16.13
C THR G 288 35.82 -9.99 15.51
N ARG G 289 35.77 -10.21 14.21
CA ARG G 289 36.95 -10.63 13.45
C ARG G 289 37.93 -9.47 13.28
N ALA G 290 37.44 -8.26 13.41
CA ALA G 290 38.29 -7.07 13.38
C ALA G 290 38.97 -6.81 14.71
N GLU G 291 38.33 -7.26 15.78
CA GLU G 291 38.96 -7.18 17.10
C GLU G 291 40.03 -8.26 17.24
N ALA G 292 39.72 -9.42 16.69
CA ALA G 292 40.63 -10.55 16.63
C ALA G 292 41.88 -10.16 15.87
N ALA G 293 41.66 -9.66 14.65
CA ALA G 293 42.74 -9.19 13.79
C ALA G 293 43.57 -8.12 14.47
N ARG G 294 42.91 -7.14 15.08
CA ARG G 294 43.62 -6.03 15.69
C ARG G 294 44.77 -6.55 16.60
N HIS G 295 44.44 -7.52 17.45
CA HIS G 295 45.37 -8.01 18.48
C HIS G 295 46.49 -8.86 17.90
N LEU G 296 46.16 -9.63 16.87
CA LEU G 296 47.18 -10.40 16.15
C LEU G 296 48.25 -9.48 15.59
N VAL G 297 47.79 -8.39 14.99
CA VAL G 297 48.67 -7.39 14.36
C VAL G 297 49.59 -6.73 15.39
N TYR G 298 48.98 -6.13 16.41
CA TYR G 298 49.71 -5.32 17.38
C TYR G 298 50.60 -6.11 18.34
N HIS G 299 50.21 -7.35 18.65
CA HIS G 299 51.05 -8.23 19.45
C HIS G 299 52.27 -8.69 18.63
N ALA G 300 52.04 -8.96 17.34
CA ALA G 300 53.11 -9.29 16.39
C ALA G 300 54.14 -8.17 16.32
N ALA G 301 53.63 -6.94 16.29
CA ALA G 301 54.47 -5.75 16.15
C ALA G 301 55.14 -5.40 17.48
N ASP G 302 54.48 -5.78 18.57
CA ASP G 302 55.02 -5.61 19.94
C ASP G 302 56.15 -6.62 20.23
N LEU G 303 56.04 -7.80 19.63
CA LEU G 303 57.11 -8.80 19.70
C LEU G 303 58.35 -8.29 18.98
N HIS G 304 58.15 -7.84 17.75
CA HIS G 304 59.23 -7.27 16.93
C HIS G 304 59.87 -6.02 17.55
N ASN G 305 59.04 -5.18 18.13
CA ASN G 305 59.50 -4.03 18.88
C ASN G 305 60.39 -4.39 20.08
N ARG G 306 60.13 -5.53 20.70
CA ARG G 306 60.91 -5.99 21.85
C ARG G 306 62.12 -6.82 21.42
N LEU G 308 62.89 -9.84 19.19
CA LEU G 308 61.93 -10.81 19.71
C LEU G 308 61.75 -11.63 18.43
N ASN G 309 61.37 -12.90 18.59
CA ASN G 309 61.18 -13.77 17.44
C ASN G 309 59.68 -13.53 17.21
N CYS G 310 59.33 -13.06 16.00
CA CYS G 310 57.96 -12.64 15.67
C CYS G 310 57.40 -13.27 14.38
N GLY G 311 58.14 -14.20 13.77
CA GLY G 311 57.81 -14.71 12.43
C GLY G 311 56.46 -15.38 12.33
N LYS G 312 56.19 -16.31 13.25
CA LYS G 312 54.95 -17.09 13.24
C LYS G 312 53.74 -16.18 13.46
N GLU G 313 53.87 -15.28 14.43
CA GLU G 313 52.80 -14.32 14.76
C GLU G 313 52.46 -13.38 13.59
N ALA G 314 53.50 -12.99 12.85
CA ALA G 314 53.33 -12.12 11.67
C ALA G 314 52.62 -12.83 10.53
N SER G 315 52.94 -14.10 10.35
CA SER G 315 52.23 -14.93 9.38
C SER G 315 50.74 -15.09 9.71
N MET G 316 50.47 -15.41 10.97
CA MET G 316 49.09 -15.50 11.50
C MET G 316 48.23 -14.23 11.28
N ALA G 317 48.80 -13.09 11.65
CA ALA G 317 48.21 -11.78 11.38
C ALA G 317 47.88 -11.52 9.91
N LYS G 318 48.85 -11.79 9.05
CA LYS G 318 48.74 -11.47 7.61
C LYS G 318 47.57 -12.28 7.02
N GLN G 319 47.53 -13.55 7.40
CA GLN G 319 46.53 -14.48 6.92
C GLN G 319 45.15 -14.16 7.50
N PHE G 320 45.13 -13.80 8.78
CA PHE G 320 43.85 -13.62 9.47
C PHE G 320 43.15 -12.35 9.03
N ALA G 321 43.86 -11.24 9.16
CA ALA G 321 43.38 -9.94 8.72
C ALA G 321 42.99 -9.94 7.24
N SER G 322 43.85 -10.48 6.39
CA SER G 322 43.61 -10.53 4.95
C SER G 322 42.30 -11.24 4.61
N ASP G 323 42.15 -12.45 5.12
CA ASP G 323 40.94 -13.26 4.89
C ASP G 323 39.71 -12.61 5.47
N ALA G 324 39.88 -12.08 6.67
CA ALA G 324 38.79 -11.37 7.37
C ALA G 324 38.33 -10.14 6.58
N ALA G 325 39.30 -9.48 5.96
CA ALA G 325 39.05 -8.27 5.18
C ALA G 325 38.27 -8.56 3.90
N VAL G 326 38.73 -9.55 3.15
CA VAL G 326 38.01 -10.04 1.96
C VAL G 326 36.57 -10.30 2.31
N LYS G 327 36.35 -10.84 3.51
CA LYS G 327 35.01 -11.01 4.06
C LYS G 327 34.09 -9.78 4.15
N ALA G 329 34.61 -8.60 3.83
CA ALA G 329 33.73 -7.52 3.44
C ALA G 329 33.35 -7.34 1.97
N LEU G 330 33.11 -8.54 1.41
CA LEU G 330 31.98 -8.87 0.57
C LEU G 330 30.64 -8.50 1.21
N ASP G 331 30.65 -8.42 2.53
CA ASP G 331 29.42 -8.23 3.27
C ASP G 331 28.95 -6.78 3.15
N ALA G 332 29.82 -5.85 3.54
CA ALA G 332 29.66 -4.44 3.21
C ALA G 332 29.11 -4.11 1.83
N VAL G 333 29.71 -4.65 0.78
CA VAL G 333 29.07 -4.51 -0.54
C VAL G 333 27.60 -4.95 -0.47
N GLN G 334 27.38 -6.12 0.15
CA GLN G 334 26.05 -6.74 0.24
C GLN G 334 25.05 -5.87 0.98
N ILE G 335 25.54 -5.21 2.02
CA ILE G 335 24.72 -4.46 2.95
C ILE G 335 24.20 -3.18 2.29
N TYR G 336 25.08 -2.55 1.51
CA TYR G 336 24.68 -1.44 0.63
C TYR G 336 23.76 -1.90 -0.50
N GLY G 337 23.73 -3.19 -0.77
CA GLY G 337 22.90 -3.75 -1.83
C GLY G 337 23.37 -3.23 -3.19
N GLY G 338 22.44 -3.07 -4.13
CA GLY G 338 22.76 -2.51 -5.45
C GLY G 338 23.75 -1.35 -5.43
N TYR G 339 23.57 -0.45 -4.47
CA TYR G 339 24.43 0.75 -4.33
C TYR G 339 25.87 0.35 -4.13
N GLY G 340 26.08 -0.75 -3.45
CA GLY G 340 27.42 -1.25 -3.13
C GLY G 340 28.21 -1.66 -4.37
N TYR G 341 27.49 -2.04 -5.43
CA TYR G 341 28.06 -2.44 -6.70
C TYR G 341 28.47 -1.25 -7.56
N MET G 342 28.45 -0.07 -6.98
CA MET G 342 28.56 1.18 -7.72
C MET G 342 29.85 1.87 -7.36
N LYS G 343 30.50 2.43 -8.36
CA LYS G 343 31.86 2.97 -8.17
C LYS G 343 31.85 4.26 -7.37
N ASP G 344 30.67 4.61 -7.00
CA ASP G 344 30.19 5.92 -6.89
C ASP G 344 30.08 6.05 -5.39
N TYR G 345 29.83 4.87 -4.85
CA TYR G 345 29.82 4.51 -3.44
C TYR G 345 31.12 3.80 -2.97
N PRO G 346 31.44 3.87 -1.65
CA PRO G 346 32.78 3.69 -1.09
C PRO G 346 33.20 2.27 -0.71
N VAL G 347 32.34 1.29 -0.94
CA VAL G 347 32.57 -0.11 -0.49
C VAL G 347 33.14 -1.10 -1.55
N GLU G 348 32.85 -0.84 -2.82
CA GLU G 348 33.27 -1.69 -3.94
C GLU G 348 34.82 -1.79 -3.99
N ARG G 349 35.46 -0.71 -3.59
CA ARG G 349 36.91 -0.58 -3.66
C ARG G 349 37.54 -1.45 -2.61
N LEU G 350 36.78 -1.70 -1.56
CA LEU G 350 37.28 -2.42 -0.39
C LEU G 350 37.41 -3.88 -0.69
N LEU G 351 36.53 -4.38 -1.55
CA LEU G 351 36.63 -5.76 -2.04
C LEU G 351 37.81 -5.94 -3.00
N ARG G 352 37.78 -5.14 -4.06
CA ARG G 352 38.85 -5.08 -5.03
C ARG G 352 40.23 -4.95 -4.39
N ASP G 353 40.35 -3.98 -3.49
CA ASP G 353 41.58 -3.79 -2.71
C ASP G 353 41.87 -4.99 -1.76
N ALA G 354 40.85 -5.43 -1.01
CA ALA G 354 41.00 -6.57 -0.06
C ALA G 354 41.77 -7.78 -0.62
N LYS G 355 41.35 -8.24 -1.79
CA LYS G 355 41.85 -9.51 -2.37
C LYS G 355 43.39 -9.59 -2.53
N VAL G 356 44.00 -8.45 -2.79
CA VAL G 356 45.47 -8.34 -2.88
C VAL G 356 46.18 -8.79 -1.60
N THR G 357 45.50 -8.54 -0.48
CA THR G 357 46.10 -8.74 0.84
C THR G 357 46.34 -10.21 1.12
N GLN G 358 45.61 -11.06 0.40
CA GLN G 358 45.75 -12.53 0.50
C GLN G 358 46.91 -13.11 -0.34
N ILE G 359 47.51 -12.25 -1.15
CA ILE G 359 48.36 -12.68 -2.27
C ILE G 359 49.83 -12.25 -2.09
N TYR G 360 50.07 -10.94 -2.00
CA TYR G 360 51.42 -10.43 -1.90
C TYR G 360 52.04 -10.43 -0.51
N GLU G 361 53.36 -10.24 -0.51
CA GLU G 361 54.22 -10.43 0.67
C GLU G 361 53.98 -11.78 1.29
N GLY G 362 53.80 -12.75 0.40
CA GLY G 362 53.61 -14.14 0.81
C GLY G 362 52.14 -14.52 0.83
N THR G 363 51.70 -15.16 -0.24
CA THR G 363 50.33 -15.70 -0.33
C THR G 363 49.96 -16.46 0.93
N ASN G 364 48.67 -16.48 1.23
CA ASN G 364 48.15 -17.17 2.42
C ASN G 364 48.37 -18.66 2.43
N GLU G 365 48.53 -19.25 1.25
CA GLU G 365 48.98 -20.65 1.15
C GLU G 365 50.37 -20.76 1.75
N ILE G 366 51.25 -19.84 1.38
CA ILE G 366 52.62 -19.80 1.98
C ILE G 366 52.61 -19.57 3.49
N GLN G 367 51.69 -18.71 3.95
CA GLN G 367 51.63 -18.30 5.36
C GLN G 367 51.19 -19.45 6.25
N ARG G 368 50.23 -20.23 5.74
CA ARG G 368 49.78 -21.40 6.44
C ARG G 368 50.94 -22.38 6.51
N LEU G 369 51.59 -22.58 5.37
CA LEU G 369 52.79 -23.44 5.30
C LEU G 369 53.82 -23.04 6.37
N ILE G 370 54.21 -21.76 6.37
CA ILE G 370 55.15 -21.23 7.36
C ILE G 370 54.68 -21.54 8.78
N ILE G 371 53.45 -21.15 9.09
CA ILE G 371 52.86 -21.37 10.42
C ILE G 371 52.95 -22.85 10.80
N SER G 372 52.42 -23.70 9.94
CA SER G 372 52.50 -25.16 10.11
C SER G 372 53.93 -25.66 10.38
N LYS G 373 54.94 -25.02 9.77
CA LYS G 373 56.33 -25.38 10.07
C LYS G 373 56.77 -25.14 11.50
N TYR G 374 56.27 -24.07 12.10
CA TYR G 374 56.53 -23.80 13.52
C TYR G 374 55.83 -24.85 14.40
N LEU G 375 54.67 -25.30 13.96
CA LEU G 375 53.89 -26.27 14.74
C LEU G 375 54.56 -27.62 14.74
N LEU G 376 54.87 -28.09 13.53
CA LEU G 376 55.48 -29.40 13.32
C LEU G 376 56.94 -29.50 13.78
N GLY G 377 57.62 -28.36 13.92
CA GLY G 377 58.94 -28.29 14.56
C GLY G 377 58.77 -28.11 16.05
N VAL H 3 18.71 -37.95 -21.40
CA VAL H 3 18.62 -36.79 -20.48
C VAL H 3 18.05 -35.55 -21.16
N THR H 4 18.42 -35.31 -22.42
CA THR H 4 18.22 -34.00 -23.09
C THR H 4 16.97 -33.86 -24.00
N GLN H 5 16.89 -34.39 -25.23
CA GLN H 5 17.97 -34.56 -26.21
C GLN H 5 17.92 -33.54 -27.31
N GLU H 6 16.83 -32.76 -27.37
CA GLU H 6 16.86 -31.40 -27.88
C GLU H 6 16.97 -30.43 -26.68
N GLN H 7 17.97 -29.54 -26.66
CA GLN H 7 19.08 -29.56 -27.57
C GLN H 7 20.54 -29.60 -26.89
N VAL H 8 21.11 -30.81 -26.77
CA VAL H 8 22.58 -30.92 -26.89
C VAL H 8 22.99 -30.06 -28.06
N MET H 9 22.13 -29.99 -29.07
CA MET H 9 22.36 -29.16 -30.25
C MET H 9 22.40 -27.67 -29.95
N MET H 10 21.47 -27.22 -29.12
CA MET H 10 21.44 -25.80 -28.67
C MET H 10 22.77 -25.54 -28.00
N ARG H 11 23.07 -26.35 -26.99
CA ARG H 11 24.35 -26.29 -26.25
C ARG H 11 25.59 -26.16 -27.14
N LYS H 12 25.70 -27.01 -28.17
CA LYS H 12 26.88 -26.99 -29.04
C LYS H 12 26.86 -25.71 -29.88
N MET H 13 25.68 -25.39 -30.41
CA MET H 13 25.48 -24.16 -31.19
C MET H 13 25.87 -22.89 -30.40
N VAL H 14 25.42 -22.81 -29.14
CA VAL H 14 25.74 -21.63 -28.29
C VAL H 14 27.20 -21.66 -27.89
N ARG H 15 27.74 -22.84 -27.60
CA ARG H 15 29.18 -22.95 -27.26
C ARG H 15 30.07 -22.43 -28.39
N ASP H 16 29.72 -22.76 -29.63
CA ASP H 16 30.56 -22.39 -30.78
C ASP H 16 30.50 -20.91 -31.06
N PHE H 17 29.27 -20.41 -31.19
CA PHE H 17 28.98 -18.98 -31.24
C PHE H 17 29.71 -18.21 -30.16
N ALA H 18 29.51 -18.67 -28.92
CA ALA H 18 30.12 -18.04 -27.74
C ALA H 18 31.60 -17.84 -27.93
N ARG H 19 32.29 -18.96 -28.18
CA ARG H 19 33.77 -19.00 -28.27
C ARG H 19 34.28 -18.21 -29.46
N LYS H 20 33.53 -18.22 -30.55
CA LYS H 20 33.90 -17.48 -31.77
C LYS H 20 33.59 -15.98 -31.73
N GLU H 21 32.32 -15.64 -31.47
CA GLU H 21 31.79 -14.24 -31.54
C GLU H 21 31.76 -13.49 -30.18
N ILE H 22 31.38 -14.18 -29.11
CA ILE H 22 31.25 -13.55 -27.78
C ILE H 22 32.58 -13.29 -27.09
N ALA H 23 33.54 -14.20 -27.30
CA ALA H 23 34.90 -14.04 -26.74
C ALA H 23 35.66 -12.75 -27.14
N PRO H 24 35.87 -12.50 -28.45
CA PRO H 24 36.46 -11.19 -28.84
C PRO H 24 35.65 -9.97 -28.35
N ALA H 25 34.34 -9.97 -28.57
CA ALA H 25 33.45 -8.90 -28.05
C ALA H 25 33.64 -8.63 -26.54
N ALA H 26 33.73 -9.71 -25.77
CA ALA H 26 33.86 -9.61 -24.30
C ALA H 26 35.12 -8.84 -23.84
N GLU H 27 36.22 -8.95 -24.59
CA GLU H 27 37.49 -8.30 -24.26
C GLU H 27 37.42 -6.81 -24.58
N ILE H 28 36.78 -6.51 -25.70
CA ILE H 28 36.39 -5.12 -26.03
C ILE H 28 35.48 -4.50 -24.93
N MET H 29 34.51 -5.26 -24.44
CA MET H 29 33.61 -4.77 -23.37
C MET H 29 34.35 -4.47 -22.07
N GLU H 30 35.32 -5.32 -21.73
CA GLU H 30 36.10 -5.13 -20.49
C GLU H 30 37.01 -3.92 -20.59
N LYS H 31 37.39 -3.58 -21.81
CA LYS H 31 38.36 -2.50 -22.07
C LYS H 31 37.61 -1.18 -22.26
N THR H 32 36.54 -1.25 -23.03
CA THR H 32 35.77 -0.09 -23.43
C THR H 32 34.64 0.29 -22.44
N ASP H 33 34.04 -0.74 -21.83
CA ASP H 33 32.81 -0.61 -20.99
C ASP H 33 31.61 -0.18 -21.84
N GLU H 34 31.67 -0.46 -23.14
CA GLU H 34 30.61 -0.08 -24.08
C GLU H 34 29.72 -1.27 -24.45
N PHE H 35 28.40 -1.04 -24.33
CA PHE H 35 27.39 -2.02 -24.67
C PHE H 35 27.70 -2.60 -26.07
N PRO H 36 27.56 -3.94 -26.25
CA PRO H 36 28.06 -4.57 -27.44
C PRO H 36 27.00 -4.62 -28.52
N PHE H 37 26.64 -3.46 -29.05
CA PHE H 37 25.54 -3.34 -30.01
C PHE H 37 25.65 -4.32 -31.17
N GLN H 38 26.87 -4.48 -31.70
CA GLN H 38 27.14 -5.33 -32.88
C GLN H 38 26.97 -6.83 -32.60
N LEU H 39 27.42 -7.27 -31.44
CA LEU H 39 27.23 -8.65 -30.99
C LEU H 39 25.78 -9.01 -30.82
N ILE H 40 25.05 -8.15 -30.09
CA ILE H 40 23.60 -8.29 -29.89
C ILE H 40 22.89 -8.51 -31.23
N LYS H 41 23.12 -7.59 -32.17
CA LYS H 41 22.64 -7.66 -33.56
C LYS H 41 22.84 -9.09 -34.13
N LYS H 42 24.11 -9.51 -34.11
CA LYS H 42 24.54 -10.83 -34.59
C LYS H 42 23.82 -11.99 -33.87
N MET H 43 23.84 -11.99 -32.53
CA MET H 43 23.08 -12.95 -31.71
C MET H 43 21.62 -13.02 -32.15
N GLY H 44 21.09 -11.86 -32.51
CA GLY H 44 19.76 -11.74 -33.10
C GLY H 44 19.58 -12.52 -34.38
N LYS H 45 20.47 -12.30 -35.34
CA LYS H 45 20.49 -13.12 -36.59
C LYS H 45 20.64 -14.61 -36.34
N HIS H 46 21.47 -14.98 -35.36
CA HIS H 46 21.69 -16.40 -35.03
C HIS H 46 20.64 -17.03 -34.10
N GLY H 47 19.56 -16.27 -33.86
CA GLY H 47 18.34 -16.82 -33.27
C GLY H 47 18.46 -17.12 -31.79
N LEU H 48 19.25 -16.29 -31.10
CA LEU H 48 19.51 -16.44 -29.66
C LEU H 48 18.63 -15.55 -28.77
N MET H 49 17.93 -14.61 -29.40
CA MET H 49 17.29 -13.51 -28.67
C MET H 49 15.85 -13.73 -28.22
N GLY H 50 15.27 -14.85 -28.64
CA GLY H 50 13.93 -15.23 -28.27
C GLY H 50 13.78 -16.73 -28.21
N ILE H 51 14.58 -17.36 -27.34
CA ILE H 51 14.76 -18.82 -27.37
C ILE H 51 13.57 -19.60 -26.83
N PRO H 52 13.02 -19.17 -25.67
CA PRO H 52 11.84 -19.83 -25.14
C PRO H 52 10.53 -19.12 -25.59
N VAL H 53 10.65 -18.29 -26.61
CA VAL H 53 9.50 -17.70 -27.27
C VAL H 53 8.97 -18.65 -28.35
N PRO H 54 7.64 -18.78 -28.47
CA PRO H 54 7.15 -19.60 -29.59
C PRO H 54 7.34 -18.95 -30.97
N GLU H 55 7.29 -19.80 -31.99
CA GLU H 55 7.58 -19.39 -33.36
C GLU H 55 6.49 -18.51 -33.94
N GLN H 56 5.26 -18.77 -33.51
CA GLN H 56 4.11 -17.89 -33.75
C GLN H 56 4.48 -16.41 -33.66
N TYR H 57 5.16 -16.06 -32.57
CA TYR H 57 5.56 -14.67 -32.29
C TYR H 57 7.01 -14.35 -32.67
N GLY H 58 7.65 -15.28 -33.37
CA GLY H 58 8.87 -14.99 -34.12
C GLY H 58 10.17 -15.39 -33.47
N GLY H 59 10.07 -16.22 -32.43
CA GLY H 59 11.22 -16.76 -31.73
C GLY H 59 11.62 -18.15 -32.21
N ALA H 60 12.46 -18.78 -31.40
CA ALA H 60 13.11 -20.04 -31.75
C ALA H 60 12.24 -21.27 -31.52
N GLY H 61 11.21 -21.09 -30.71
CA GLY H 61 10.21 -22.13 -30.44
C GLY H 61 10.70 -23.23 -29.49
N ALA H 62 11.77 -22.91 -28.76
CA ALA H 62 12.42 -23.89 -27.90
C ALA H 62 11.88 -23.80 -26.47
N ASP H 63 12.40 -24.65 -25.58
CA ASP H 63 11.95 -24.71 -24.18
C ASP H 63 12.90 -23.98 -23.21
N VAL H 64 12.58 -24.05 -21.92
CA VAL H 64 13.20 -23.21 -20.90
C VAL H 64 14.57 -23.77 -20.50
N VAL H 65 14.70 -25.08 -20.50
CA VAL H 65 16.01 -25.71 -20.28
C VAL H 65 17.03 -25.25 -21.34
N SER H 66 16.67 -25.37 -22.62
CA SER H 66 17.49 -24.89 -23.72
C SER H 66 17.90 -23.43 -23.58
N TYR H 67 16.94 -22.62 -23.14
CA TYR H 67 17.14 -21.17 -22.92
C TYR H 67 18.12 -20.90 -21.78
N ILE H 68 17.86 -21.51 -20.64
CA ILE H 68 18.72 -21.40 -19.44
C ILE H 68 20.10 -21.96 -19.76
N LEU H 69 20.12 -23.07 -20.47
CA LEU H 69 21.34 -23.67 -21.01
C LEU H 69 22.16 -22.67 -21.82
N ALA H 70 21.48 -21.92 -22.67
CA ALA H 70 22.15 -20.89 -23.46
C ALA H 70 22.86 -19.91 -22.52
N ILE H 71 22.09 -19.33 -21.61
CA ILE H 71 22.60 -18.35 -20.61
C ILE H 71 23.78 -18.89 -19.82
N HIS H 72 23.71 -20.16 -19.49
CA HIS H 72 24.81 -20.87 -18.79
C HIS H 72 26.09 -20.82 -19.61
N GLU H 73 25.96 -21.29 -20.85
CA GLU H 73 27.06 -21.32 -21.81
C GLU H 73 27.67 -19.95 -22.10
N ILE H 74 26.81 -18.97 -22.33
CA ILE H 74 27.26 -17.60 -22.65
C ILE H 74 28.01 -16.99 -21.47
N SER H 75 27.61 -17.38 -20.26
CA SER H 75 28.15 -16.81 -19.03
C SER H 75 29.51 -17.38 -18.64
N ARG H 76 29.83 -18.57 -19.15
CA ARG H 76 31.21 -19.12 -19.14
C ARG H 76 32.22 -18.11 -19.74
N ILE H 77 31.87 -17.59 -20.92
CA ILE H 77 32.66 -16.58 -21.62
C ILE H 77 32.43 -15.14 -21.14
N SER H 78 31.17 -14.76 -20.91
CA SER H 78 30.83 -13.37 -20.49
C SER H 78 29.56 -13.30 -19.66
N ALA H 79 29.74 -12.95 -18.39
CA ALA H 79 28.61 -12.76 -17.46
C ALA H 79 27.76 -11.55 -17.86
N ALA H 80 28.42 -10.47 -18.25
CA ALA H 80 27.76 -9.27 -18.83
C ALA H 80 26.78 -9.62 -19.92
N VAL H 81 27.28 -10.22 -21.00
CA VAL H 81 26.39 -10.59 -22.14
C VAL H 81 25.30 -11.60 -21.70
N GLY H 82 25.60 -12.37 -20.64
CA GLY H 82 24.67 -13.36 -20.09
C GLY H 82 23.46 -12.70 -19.45
N VAL H 83 23.72 -11.67 -18.66
CA VAL H 83 22.69 -10.95 -17.97
C VAL H 83 21.85 -10.09 -18.91
N ILE H 84 22.51 -9.48 -19.90
CA ILE H 84 21.81 -8.73 -20.97
C ILE H 84 20.80 -9.60 -21.68
N LEU H 85 21.26 -10.78 -22.08
CA LEU H 85 20.35 -11.76 -22.66
C LEU H 85 19.25 -12.15 -21.68
N SER H 86 19.65 -12.40 -20.43
CA SER H 86 18.76 -12.99 -19.42
C SER H 86 17.60 -12.04 -19.09
N VAL H 87 17.93 -10.77 -18.92
CA VAL H 87 16.95 -9.74 -18.65
C VAL H 87 16.03 -9.61 -19.88
N HIS H 88 16.65 -9.46 -21.04
CA HIS H 88 15.92 -9.23 -22.30
C HIS H 88 14.74 -10.17 -22.43
N THR H 89 15.02 -11.46 -22.28
CA THR H 89 14.01 -12.53 -22.49
C THR H 89 13.05 -12.70 -21.31
N SER H 90 13.60 -12.89 -20.13
CA SER H 90 12.87 -13.41 -18.97
C SER H 90 11.98 -12.37 -18.31
N VAL H 91 12.45 -11.13 -18.38
CA VAL H 91 11.72 -10.01 -17.76
C VAL H 91 11.44 -8.85 -18.70
N GLY H 92 12.10 -8.84 -19.85
CA GLY H 92 11.84 -7.84 -20.90
C GLY H 92 10.84 -8.28 -21.96
N THR H 93 10.78 -9.58 -22.20
CA THR H 93 9.93 -10.17 -23.26
C THR H 93 8.82 -11.04 -22.70
N ASN H 94 9.16 -11.87 -21.72
CA ASN H 94 8.24 -12.89 -21.18
C ASN H 94 7.01 -12.30 -20.50
N PRO H 95 7.16 -11.18 -19.76
CA PRO H 95 5.95 -10.58 -19.19
C PRO H 95 4.87 -10.31 -20.22
N ILE H 96 5.26 -9.78 -21.38
CA ILE H 96 4.33 -9.60 -22.50
C ILE H 96 3.79 -10.96 -22.95
N LEU H 97 4.71 -11.89 -23.18
CA LEU H 97 4.34 -13.23 -23.64
C LEU H 97 3.31 -13.91 -22.76
N TYR H 98 3.46 -13.77 -21.45
CA TYR H 98 2.68 -14.56 -20.47
C TYR H 98 1.46 -13.85 -19.87
N PHE H 99 1.50 -12.53 -19.83
CA PHE H 99 0.42 -11.73 -19.26
C PHE H 99 -0.23 -10.73 -20.23
N GLY H 100 0.39 -10.57 -21.40
CA GLY H 100 -0.04 -9.58 -22.38
C GLY H 100 -1.16 -10.19 -23.22
N ASN H 101 -1.82 -9.37 -24.04
CA ASN H 101 -2.90 -9.87 -24.89
C ASN H 101 -2.41 -10.16 -26.32
N GLU H 102 -3.21 -10.91 -27.07
CA GLU H 102 -2.82 -11.36 -28.42
C GLU H 102 -2.33 -10.25 -29.34
N GLU H 103 -2.95 -9.09 -29.24
CA GLU H 103 -2.57 -7.90 -30.04
C GLU H 103 -1.18 -7.38 -29.70
N GLN H 104 -0.91 -7.27 -28.39
CA GLN H 104 0.38 -6.84 -27.84
C GLN H 104 1.52 -7.84 -28.15
N LYS H 105 1.25 -9.11 -27.92
CA LYS H 105 2.17 -10.19 -28.28
C LYS H 105 2.64 -10.01 -29.70
N MET H 106 1.69 -9.82 -30.60
CA MET H 106 1.96 -9.64 -32.04
C MET H 106 2.72 -8.36 -32.35
N LYS H 107 2.39 -7.28 -31.65
CA LYS H 107 2.99 -5.96 -31.92
C LYS H 107 4.45 -5.89 -31.47
N TYR H 108 4.72 -6.45 -30.28
CA TYR H 108 5.99 -6.16 -29.57
C TYR H 108 7.02 -7.28 -29.58
N ILE H 109 6.57 -8.53 -29.59
CA ILE H 109 7.45 -9.70 -29.40
C ILE H 109 8.37 -10.06 -30.59
N PRO H 110 7.86 -10.12 -31.83
CA PRO H 110 8.70 -10.50 -32.97
C PRO H 110 9.99 -9.69 -33.10
N ASN H 111 9.89 -8.38 -32.90
CA ASN H 111 11.07 -7.51 -32.88
C ASN H 111 11.98 -7.78 -31.67
N LEU H 112 11.38 -8.11 -30.54
CA LEU H 112 12.14 -8.56 -29.36
C LEU H 112 12.81 -9.90 -29.60
N ALA H 113 12.08 -10.80 -30.24
CA ALA H 113 12.53 -12.18 -30.48
C ALA H 113 13.71 -12.23 -31.45
N SER H 114 13.52 -11.59 -32.60
CA SER H 114 14.56 -11.41 -33.62
C SER H 114 15.83 -10.75 -33.07
N GLY H 115 15.65 -9.86 -32.11
CA GLY H 115 16.74 -9.02 -31.61
C GLY H 115 16.87 -7.67 -32.31
N ASP H 116 15.96 -7.39 -33.24
CA ASP H 116 15.81 -6.02 -33.78
C ASP H 116 15.50 -5.02 -32.67
N HIS H 117 14.77 -5.50 -31.65
CA HIS H 117 14.50 -4.73 -30.43
C HIS H 117 15.05 -5.41 -29.18
N LEU H 118 15.47 -4.58 -28.24
CA LEU H 118 16.04 -5.01 -26.97
C LEU H 118 15.15 -4.61 -25.77
N GLY H 119 15.12 -5.51 -24.79
CA GLY H 119 14.17 -5.48 -23.70
C GLY H 119 14.79 -5.10 -22.36
N ALA H 120 13.98 -4.49 -21.51
CA ALA H 120 14.43 -4.04 -20.21
C ALA H 120 13.30 -4.28 -19.22
N PHE H 121 13.61 -4.12 -17.93
CA PHE H 121 12.70 -4.42 -16.81
C PHE H 121 12.92 -3.33 -15.75
N ALA H 122 11.91 -2.48 -15.60
CA ALA H 122 11.99 -1.27 -14.81
C ALA H 122 11.12 -1.45 -13.59
N LEU H 123 11.68 -2.04 -12.55
CA LEU H 123 10.99 -2.22 -11.28
C LEU H 123 11.61 -1.34 -10.19
N THR H 124 12.91 -1.50 -10.00
CA THR H 124 13.61 -0.97 -8.83
C THR H 124 13.61 0.57 -8.82
N GLU H 125 13.59 1.13 -7.61
CA GLU H 125 13.59 2.58 -7.40
C GLU H 125 14.54 2.97 -6.25
N PRO H 126 14.97 4.23 -6.19
CA PRO H 126 15.83 4.61 -5.07
C PRO H 126 15.32 4.21 -3.69
N HIS H 127 14.02 4.31 -3.49
CA HIS H 127 13.37 4.00 -2.20
C HIS H 127 12.77 2.58 -2.12
N SER H 128 12.62 1.93 -3.27
CA SER H 128 12.06 0.59 -3.34
C SER H 128 13.01 -0.37 -4.12
N GLY H 129 13.53 -1.38 -3.44
CA GLY H 129 14.40 -2.39 -4.08
C GLY H 129 14.02 -3.80 -3.69
N SER H 130 14.51 -4.19 -2.52
CA SER H 130 14.16 -5.46 -1.89
C SER H 130 12.66 -5.42 -1.63
N ASP H 131 12.22 -4.37 -0.96
CA ASP H 131 10.77 -4.06 -0.80
C ASP H 131 10.23 -3.38 -2.06
N ALA H 132 10.07 -4.17 -3.11
CA ALA H 132 9.64 -3.67 -4.41
C ALA H 132 8.18 -3.25 -4.36
N GLY H 133 7.45 -3.82 -3.42
CA GLY H 133 6.07 -3.40 -3.15
C GLY H 133 5.91 -1.91 -2.91
N SER H 134 6.85 -1.32 -2.16
CA SER H 134 6.80 0.11 -1.79
C SER H 134 7.34 1.09 -2.85
N LEU H 135 7.17 0.75 -4.11
CA LEU H 135 7.52 1.66 -5.20
C LEU H 135 6.54 2.86 -5.26
N ARG H 136 7.07 3.96 -5.79
CA ARG H 136 6.45 5.29 -5.72
C ARG H 136 6.11 5.87 -7.08
N THR H 137 6.68 5.32 -8.13
CA THR H 137 6.31 5.78 -9.47
C THR H 137 4.81 5.64 -9.64
N THR H 138 4.17 6.73 -10.05
CA THR H 138 2.72 6.73 -10.22
C THR H 138 2.37 6.66 -11.69
N ALA H 139 1.26 6.02 -11.98
CA ALA H 139 0.67 6.02 -13.31
C ALA H 139 -0.81 6.44 -13.19
N ILE H 140 -1.07 7.69 -13.52
CA ILE H 140 -2.42 8.27 -13.46
C ILE H 140 -3.04 8.46 -14.87
N LYS H 141 -4.16 7.78 -15.11
CA LYS H 141 -4.87 7.87 -16.39
C LYS H 141 -5.45 9.25 -16.57
N LYS H 142 -5.09 9.88 -17.68
CA LYS H 142 -5.57 11.20 -18.03
C LYS H 142 -5.68 11.27 -19.55
N ASN H 143 -6.89 11.46 -20.06
CA ASN H 143 -7.16 11.70 -21.49
C ASN H 143 -7.06 10.47 -22.41
N GLY H 144 -7.36 9.25 -21.91
CA GLY H 144 -7.07 7.97 -22.63
C GLY H 144 -5.60 7.55 -22.72
N LYS H 145 -4.72 8.32 -22.10
CA LYS H 145 -3.27 8.07 -22.02
C LYS H 145 -2.97 7.93 -20.54
N TYR H 146 -2.17 6.93 -20.17
CA TYR H 146 -1.61 6.87 -18.80
C TYR H 146 -0.47 7.86 -18.71
N LEU H 147 -0.31 8.43 -17.53
CA LEU H 147 0.63 9.52 -17.30
C LEU H 147 1.55 9.16 -16.13
N LEU H 148 2.79 8.82 -16.47
CA LEU H 148 3.73 8.19 -15.51
C LEU H 148 4.65 9.22 -14.90
N ASN H 149 4.88 9.06 -13.61
CA ASN H 149 5.73 10.01 -12.88
C ASN H 149 6.54 9.34 -11.80
N GLY H 150 7.83 9.67 -11.79
CA GLY H 150 8.78 9.10 -10.84
C GLY H 150 10.06 8.61 -11.51
N SER H 151 10.82 7.80 -10.78
CA SER H 151 12.15 7.40 -11.24
C SER H 151 12.46 5.95 -10.97
N LYS H 152 13.18 5.33 -11.90
CA LYS H 152 13.76 3.99 -11.67
C LYS H 152 15.25 4.10 -11.51
N ILE H 153 15.81 3.08 -10.86
CA ILE H 153 17.27 2.99 -10.71
C ILE H 153 17.81 1.59 -11.03
N PHE H 154 19.12 1.55 -11.28
CA PHE H 154 19.88 0.32 -11.55
C PHE H 154 19.26 -0.52 -12.65
N ILE H 155 18.94 0.09 -13.78
CA ILE H 155 18.17 -0.63 -14.83
C ILE H 155 19.06 -1.25 -15.89
N THR H 156 19.14 -2.58 -15.89
CA THR H 156 19.98 -3.29 -16.87
C THR H 156 19.40 -2.97 -18.23
N ASN H 157 20.28 -2.96 -19.24
CA ASN H 157 19.90 -2.68 -20.64
C ASN H 157 19.42 -1.25 -20.89
N GLY H 158 19.83 -0.37 -19.98
CA GLY H 158 19.41 1.00 -19.97
C GLY H 158 20.04 1.85 -21.05
N GLY H 159 19.22 2.34 -21.97
CA GLY H 159 19.68 3.22 -23.05
C GLY H 159 19.95 2.46 -24.34
N ALA H 160 20.17 1.15 -24.20
CA ALA H 160 20.21 0.23 -25.33
C ALA H 160 18.80 -0.24 -25.62
N ALA H 161 17.98 -0.30 -24.58
CA ALA H 161 16.68 -0.95 -24.67
C ALA H 161 15.64 -0.09 -25.41
N ASP H 162 14.81 -0.79 -26.18
CA ASP H 162 13.71 -0.20 -26.96
C ASP H 162 12.35 -0.32 -26.23
N ILE H 163 12.18 -1.44 -25.53
CA ILE H 163 11.01 -1.71 -24.70
C ILE H 163 11.43 -1.81 -23.25
N TYR H 164 10.69 -1.13 -22.37
CA TYR H 164 10.86 -1.26 -20.90
C TYR H 164 9.57 -1.70 -20.22
N ILE H 165 9.56 -2.95 -19.72
CA ILE H 165 8.47 -3.44 -18.90
C ILE H 165 8.53 -2.75 -17.55
N THR H 166 7.56 -1.86 -17.33
CA THR H 166 7.66 -0.85 -16.27
C THR H 166 6.50 -0.96 -15.32
N PHE H 167 6.84 -0.86 -14.02
CA PHE H 167 5.88 -1.06 -12.94
C PHE H 167 5.62 0.23 -12.19
N ALA H 168 4.34 0.53 -11.98
CA ALA H 168 3.92 1.86 -11.50
C ALA H 168 2.57 1.81 -10.80
N LEU H 169 2.45 2.56 -9.70
CA LEU H 169 1.19 2.65 -8.89
C LEU H 169 0.01 3.21 -9.66
N THR H 170 -1.01 2.37 -9.86
CA THR H 170 -2.29 2.81 -10.42
C THR H 170 -3.31 3.10 -9.32
N ALA H 171 -3.12 2.47 -8.17
CA ALA H 171 -3.98 2.62 -7.00
C ALA H 171 -3.11 2.77 -5.75
N PRO H 172 -2.48 3.95 -5.56
CA PRO H 172 -1.56 4.20 -4.43
C PRO H 172 -1.98 3.74 -3.02
N ASP H 173 -3.27 3.73 -2.72
CA ASP H 173 -3.74 3.38 -1.37
C ASP H 173 -3.68 1.87 -1.10
N GLN H 174 -3.51 1.09 -2.17
CA GLN H 174 -3.42 -0.39 -2.07
C GLN H 174 -2.00 -1.01 -1.90
N GLY H 175 -0.96 -0.18 -1.83
CA GLY H 175 0.42 -0.65 -1.70
C GLY H 175 0.83 -1.66 -2.76
N ARG H 176 1.35 -2.80 -2.34
CA ARG H 176 1.75 -3.89 -3.24
C ARG H 176 0.62 -4.40 -4.15
N HIS H 177 -0.62 -4.18 -3.74
CA HIS H 177 -1.79 -4.64 -4.50
C HIS H 177 -2.31 -3.64 -5.51
N GLY H 178 -1.75 -2.44 -5.50
CA GLY H 178 -2.19 -1.33 -6.39
C GLY H 178 -1.17 -0.96 -7.45
N ILE H 179 -0.22 -1.87 -7.63
CA ILE H 179 0.81 -1.77 -8.67
C ILE H 179 0.32 -2.34 -9.99
N SER H 180 0.51 -1.56 -11.05
CA SER H 180 0.25 -2.02 -12.42
C SER H 180 1.52 -2.17 -13.24
N ALA H 181 1.43 -2.94 -14.32
CA ALA H 181 2.56 -3.15 -15.22
C ALA H 181 2.31 -2.59 -16.63
N PHE H 182 3.34 -1.96 -17.19
CA PHE H 182 3.25 -1.22 -18.45
C PHE H 182 4.34 -1.58 -19.46
N ILE H 183 3.92 -1.75 -20.70
CA ILE H 183 4.84 -1.77 -21.85
C ILE H 183 5.20 -0.35 -22.24
N VAL H 184 6.38 0.09 -21.83
CA VAL H 184 6.89 1.43 -22.20
C VAL H 184 7.90 1.35 -23.34
N GLU H 185 7.66 2.16 -24.36
CA GLU H 185 8.55 2.29 -25.52
C GLU H 185 9.52 3.44 -25.30
N LYS H 186 10.71 3.30 -25.85
CA LYS H 186 11.84 4.19 -25.54
C LYS H 186 11.63 5.65 -26.00
N ASN H 187 10.98 5.82 -27.15
CA ASN H 187 10.68 7.16 -27.70
C ASN H 187 9.43 7.82 -27.08
N THR H 188 9.09 7.41 -25.86
CA THR H 188 7.96 7.98 -25.14
C THR H 188 8.28 9.39 -24.69
N PRO H 189 7.37 10.34 -24.96
CA PRO H 189 7.42 11.71 -24.52
C PRO H 189 7.47 11.80 -23.01
N GLY H 190 8.41 12.57 -22.48
CA GLY H 190 8.64 12.67 -21.02
C GLY H 190 9.39 11.54 -20.32
N PHE H 191 9.83 10.56 -21.11
CA PHE H 191 10.59 9.41 -20.61
C PHE H 191 12.04 9.61 -20.95
N THR H 192 12.88 9.74 -19.93
CA THR H 192 14.30 9.90 -20.17
C THR H 192 15.17 8.88 -19.47
N VAL H 193 16.35 8.67 -20.06
CA VAL H 193 17.35 7.73 -19.56
C VAL H 193 18.51 8.51 -18.95
N GLY H 194 18.97 8.04 -17.80
CA GLY H 194 20.13 8.61 -17.11
C GLY H 194 21.48 8.13 -17.65
N LYS H 195 22.55 8.75 -17.16
CA LYS H 195 23.91 8.36 -17.56
C LYS H 195 24.20 6.92 -17.14
N LYS H 196 24.96 6.23 -18.00
CA LYS H 196 25.57 4.93 -17.70
C LYS H 196 26.24 4.91 -16.32
N GLU H 197 25.81 3.98 -15.47
CA GLU H 197 26.32 3.90 -14.10
C GLU H 197 27.68 3.18 -14.13
N ARG H 198 28.63 3.69 -13.37
CA ARG H 198 29.97 3.12 -13.31
C ARG H 198 30.03 2.09 -12.17
N LYS H 199 30.18 0.82 -12.53
CA LYS H 199 29.99 -0.31 -11.61
C LYS H 199 31.30 -1.08 -11.35
N LEU H 200 31.32 -1.83 -10.26
CA LEU H 200 32.43 -2.77 -9.96
C LEU H 200 32.72 -3.73 -11.12
N GLY H 201 31.67 -4.16 -11.82
CA GLY H 201 31.78 -5.19 -12.87
C GLY H 201 30.61 -5.25 -13.83
N LEU H 202 30.34 -6.42 -14.38
CA LEU H 202 29.49 -6.53 -15.60
C LEU H 202 29.80 -5.34 -16.52
N TYR H 203 31.08 -5.24 -16.88
CA TYR H 203 31.50 -4.27 -17.84
C TYR H 203 30.86 -4.70 -19.13
N GLY H 204 30.37 -3.72 -19.85
CA GLY H 204 29.61 -3.97 -21.06
C GLY H 204 28.12 -3.77 -20.79
N SER H 205 27.60 -4.09 -19.61
CA SER H 205 26.14 -4.11 -19.43
C SER H 205 25.62 -2.75 -18.97
N ASN H 206 25.12 -1.93 -19.88
CA ASN H 206 24.51 -0.62 -19.52
C ASN H 206 23.55 -0.78 -18.34
N THR H 207 23.91 -0.18 -17.22
CA THR H 207 22.97 -0.03 -16.12
C THR H 207 22.66 1.47 -15.86
N THR H 208 21.38 1.84 -15.97
CA THR H 208 21.04 3.28 -15.85
C THR H 208 19.86 3.59 -14.95
N GLU H 209 19.80 4.87 -14.62
CA GLU H 209 18.61 5.51 -14.07
C GLU H 209 17.60 5.82 -15.17
N LEU H 210 16.32 5.84 -14.79
CA LEU H 210 15.23 6.29 -15.68
C LEU H 210 14.42 7.37 -15.01
N ILE H 211 14.23 8.46 -15.71
CA ILE H 211 13.39 9.54 -15.20
C ILE H 211 12.05 9.54 -15.95
N PHE H 212 10.96 9.52 -15.19
CA PHE H 212 9.58 9.60 -15.74
C PHE H 212 8.94 10.93 -15.37
N ASP H 213 8.83 11.80 -16.37
CA ASP H 213 8.29 13.14 -16.18
C ASP H 213 7.02 13.30 -17.04
N ASN H 214 5.87 13.28 -16.39
CA ASN H 214 4.59 13.19 -17.08
C ASN H 214 4.77 12.42 -18.39
N ALA H 215 5.21 11.18 -18.24
CA ALA H 215 5.56 10.34 -19.39
C ALA H 215 4.30 9.72 -19.96
N GLU H 216 4.06 9.93 -21.26
CA GLU H 216 2.78 9.61 -21.89
C GLU H 216 2.77 8.20 -22.44
N VAL H 217 2.15 7.27 -21.71
CA VAL H 217 2.10 5.86 -22.09
C VAL H 217 0.67 5.49 -22.50
N PRO H 218 0.50 5.00 -23.75
CA PRO H 218 -0.81 4.57 -24.25
C PRO H 218 -1.49 3.51 -23.38
N GLU H 219 -2.76 3.77 -23.08
CA GLU H 219 -3.64 2.87 -22.34
C GLU H 219 -3.59 1.43 -22.85
N ALA H 220 -3.53 1.28 -24.17
CA ALA H 220 -3.36 -0.06 -24.80
C ALA H 220 -2.05 -0.78 -24.45
N ASN H 221 -1.07 -0.05 -23.96
CA ASN H 221 0.19 -0.63 -23.46
C ASN H 221 0.15 -1.08 -22.00
N LEU H 222 -1.02 -0.97 -21.37
CA LEU H 222 -1.25 -1.56 -20.06
C LEU H 222 -1.10 -3.09 -20.13
N LEU H 223 -0.17 -3.63 -19.37
CA LEU H 223 0.10 -5.07 -19.38
C LEU H 223 -0.80 -5.81 -18.37
N GLY H 224 -1.80 -6.52 -18.91
CA GLY H 224 -2.85 -7.17 -18.13
C GLY H 224 -3.78 -6.22 -17.37
N LYS H 225 -4.48 -6.76 -16.38
CA LYS H 225 -5.43 -5.95 -15.61
C LYS H 225 -4.69 -5.05 -14.61
N GLU H 226 -5.33 -3.91 -14.30
CA GLU H 226 -4.80 -2.99 -13.29
C GLU H 226 -4.74 -3.71 -11.95
N GLY H 227 -3.63 -3.51 -11.24
CA GLY H 227 -3.39 -4.19 -9.96
C GLY H 227 -2.65 -5.50 -10.03
N ASP H 228 -2.38 -5.99 -11.25
CA ASP H 228 -1.75 -7.31 -11.43
C ASP H 228 -0.22 -7.24 -11.45
N GLY H 229 0.33 -6.04 -11.30
CA GLY H 229 1.69 -5.78 -11.71
C GLY H 229 2.69 -6.48 -10.82
N PHE H 230 2.50 -6.35 -9.51
CA PHE H 230 3.31 -7.04 -8.51
C PHE H 230 3.42 -8.54 -8.76
N HIS H 231 2.29 -9.17 -8.99
CA HIS H 231 2.22 -10.59 -9.36
C HIS H 231 3.02 -10.90 -10.64
N ILE H 232 2.86 -10.04 -11.64
CA ILE H 232 3.53 -10.22 -12.94
C ILE H 232 5.06 -10.18 -12.77
N ALA H 233 5.50 -9.15 -12.05
CA ALA H 233 6.90 -8.96 -11.72
C ALA H 233 7.53 -10.20 -11.09
N MET H 234 7.00 -10.60 -9.95
CA MET H 234 7.55 -11.73 -9.19
C MET H 234 7.50 -13.04 -9.98
N ALA H 235 6.40 -13.24 -10.71
CA ALA H 235 6.18 -14.46 -11.50
C ALA H 235 7.33 -14.74 -12.46
N ASN H 236 7.77 -13.66 -13.10
CA ASN H 236 8.86 -13.70 -14.08
C ASN H 236 10.24 -13.71 -13.41
N LEU H 237 10.33 -12.98 -12.30
CA LEU H 237 11.56 -12.95 -11.50
C LEU H 237 12.04 -14.36 -11.08
N ASN H 238 11.09 -15.29 -10.96
CA ASN H 238 11.40 -16.71 -10.72
C ASN H 238 12.26 -17.36 -11.81
N VAL H 239 11.78 -17.29 -13.05
CA VAL H 239 12.53 -17.73 -14.21
C VAL H 239 13.80 -16.89 -14.41
N GLY H 240 13.68 -15.61 -14.14
CA GLY H 240 14.84 -14.70 -14.07
C GLY H 240 15.93 -15.15 -13.12
N ARG H 241 15.54 -15.65 -11.96
CA ARG H 241 16.48 -16.02 -10.88
C ARG H 241 17.28 -17.28 -11.21
N ILE H 242 16.62 -18.20 -11.91
CA ILE H 242 17.27 -19.41 -12.44
C ILE H 242 18.32 -19.01 -13.47
N GLY H 243 17.96 -18.03 -14.29
CA GLY H 243 18.92 -17.40 -15.21
C GLY H 243 20.11 -16.78 -14.48
N ILE H 244 19.86 -16.02 -13.43
CA ILE H 244 20.96 -15.43 -12.65
C ILE H 244 21.85 -16.54 -12.05
N ALA H 245 21.21 -17.67 -11.71
CA ALA H 245 21.90 -18.81 -11.12
C ALA H 245 22.83 -19.47 -12.16
N ALA H 246 22.25 -19.66 -13.35
CA ALA H 246 22.97 -20.08 -14.54
C ALA H 246 24.13 -19.16 -14.87
N GLN H 247 23.94 -17.88 -14.67
CA GLN H 247 25.02 -16.89 -14.86
C GLN H 247 26.13 -17.19 -13.87
N ALA H 248 25.72 -17.38 -12.62
CA ALA H 248 26.67 -17.66 -11.53
C ALA H 248 27.44 -18.95 -11.77
N LEU H 249 26.75 -19.89 -12.42
CA LEU H 249 27.26 -21.20 -12.71
C LEU H 249 28.40 -21.06 -13.73
N GLY H 250 28.06 -20.42 -14.86
CA GLY H 250 29.02 -20.12 -15.92
C GLY H 250 30.23 -19.39 -15.38
N ILE H 251 30.00 -18.34 -14.59
CA ILE H 251 31.11 -17.65 -13.94
C ILE H 251 32.01 -18.65 -13.20
N ALA H 252 31.39 -19.55 -12.44
CA ALA H 252 32.13 -20.44 -11.56
C ALA H 252 32.92 -21.51 -12.33
N GLU H 253 32.31 -21.97 -13.44
CA GLU H 253 32.89 -23.01 -14.32
C GLU H 253 33.96 -22.44 -15.26
N ALA H 254 34.00 -21.12 -15.47
CA ALA H 254 35.17 -20.38 -16.00
C ALA H 254 36.32 -20.24 -14.98
N ALA H 255 35.98 -19.82 -13.78
CA ALA H 255 36.98 -19.76 -12.70
C ALA H 255 37.73 -21.09 -12.56
N LEU H 256 36.98 -22.17 -12.55
CA LEU H 256 37.54 -23.50 -12.35
C LEU H 256 38.49 -23.91 -13.50
N GLU H 257 37.96 -23.86 -14.71
CA GLU H 257 38.68 -24.31 -15.89
C GLU H 257 39.99 -23.54 -16.04
N HIS H 258 39.91 -22.23 -15.88
CA HIS H 258 41.11 -21.40 -15.93
C HIS H 258 42.09 -21.79 -14.83
N ALA H 259 41.55 -21.99 -13.63
CA ALA H 259 42.34 -22.30 -12.45
C ALA H 259 43.08 -23.65 -12.57
N VAL H 260 42.46 -24.61 -13.24
CA VAL H 260 43.01 -25.96 -13.37
C VAL H 260 44.22 -25.95 -14.31
N ASP H 261 43.94 -25.52 -15.54
CA ASP H 261 44.97 -25.24 -16.53
C ASP H 261 46.15 -24.46 -16.02
N TYR H 262 45.89 -23.33 -15.36
CA TYR H 262 47.03 -22.50 -14.88
C TYR H 262 47.85 -23.27 -13.85
N ALA H 263 47.13 -23.97 -12.98
CA ALA H 263 47.70 -24.67 -11.83
C ALA H 263 48.58 -25.86 -12.21
N LYS H 264 48.32 -26.38 -13.40
CA LYS H 264 48.98 -27.56 -13.97
C LYS H 264 50.28 -27.16 -14.65
N GLN H 265 50.24 -25.99 -15.27
CA GLN H 265 51.34 -25.43 -16.05
C GLN H 265 52.31 -24.66 -15.15
N ARG H 266 51.78 -23.92 -14.19
CA ARG H 266 52.58 -23.05 -13.37
C ARG H 266 53.40 -23.87 -12.40
N VAL H 267 54.70 -23.65 -12.45
CA VAL H 267 55.67 -24.40 -11.64
C VAL H 267 56.27 -23.45 -10.63
N GLN H 268 56.33 -23.90 -9.38
CA GLN H 268 57.12 -23.25 -8.34
C GLN H 268 57.59 -24.36 -7.40
N PHE H 269 58.75 -24.17 -6.79
CA PHE H 269 59.32 -25.19 -5.87
C PHE H 269 59.59 -26.54 -6.56
N GLY H 270 59.82 -26.51 -7.86
CA GLY H 270 60.19 -27.71 -8.62
C GLY H 270 59.04 -28.58 -9.07
N ARG H 271 57.83 -28.17 -8.71
CA ARG H 271 56.64 -28.91 -9.07
C ARG H 271 55.57 -27.99 -9.52
N PRO H 272 54.60 -28.49 -10.28
CA PRO H 272 53.46 -27.62 -10.55
C PRO H 272 52.72 -27.29 -9.28
N ILE H 273 52.17 -26.08 -9.19
CA ILE H 273 51.42 -25.66 -7.98
C ILE H 273 50.25 -26.60 -7.59
N ALA H 274 49.59 -27.17 -8.58
CA ALA H 274 48.56 -28.20 -8.40
C ALA H 274 48.96 -29.41 -7.57
N ALA H 275 50.24 -29.73 -7.53
CA ALA H 275 50.74 -30.87 -6.73
C ALA H 275 50.55 -30.62 -5.23
N ASN H 276 50.27 -29.38 -4.89
CA ASN H 276 50.05 -28.98 -3.51
C ASN H 276 48.58 -29.06 -3.15
N GLN H 277 48.30 -29.81 -2.08
CA GLN H 277 46.94 -30.02 -1.60
C GLN H 277 46.25 -28.71 -1.18
N GLY H 278 47.00 -27.76 -0.64
CA GLY H 278 46.54 -26.40 -0.47
C GLY H 278 45.81 -25.89 -1.70
N ILE H 279 46.35 -26.22 -2.87
CA ILE H 279 45.80 -25.75 -4.14
C ILE H 279 44.77 -26.75 -4.67
N SER H 280 45.21 -27.97 -4.95
CA SER H 280 44.31 -28.99 -5.54
C SER H 280 42.95 -29.08 -4.81
N PHE H 281 42.96 -29.05 -3.48
CA PHE H 281 41.73 -29.16 -2.68
C PHE H 281 40.68 -28.05 -2.92
N LYS H 282 41.16 -26.83 -3.16
CA LYS H 282 40.35 -25.74 -3.71
C LYS H 282 39.66 -26.09 -5.02
N LEU H 283 40.41 -26.75 -5.88
CA LEU H 283 39.98 -27.02 -7.26
C LEU H 283 38.86 -28.02 -7.19
N ALA H 284 39.01 -28.94 -6.26
CA ALA H 284 38.06 -30.05 -6.06
C ALA H 284 36.78 -29.52 -5.46
N ASP H 285 36.94 -28.71 -4.43
CA ASP H 285 35.84 -27.97 -3.85
C ASP H 285 35.09 -27.17 -4.90
N MET H 286 35.84 -26.49 -5.78
CA MET H 286 35.24 -25.63 -6.82
C MET H 286 34.41 -26.50 -7.73
N ALA H 287 35.00 -27.61 -8.14
CA ALA H 287 34.34 -28.56 -9.03
C ALA H 287 33.07 -29.16 -8.41
N THR H 288 33.14 -29.50 -7.12
CA THR H 288 32.06 -30.16 -6.38
C THR H 288 30.83 -29.22 -6.19
N ARG H 289 31.12 -27.99 -5.84
CA ARG H 289 30.09 -26.99 -5.66
C ARG H 289 29.50 -26.55 -7.00
N ALA H 290 30.26 -26.74 -8.07
CA ALA H 290 29.77 -26.47 -9.42
C ALA H 290 28.87 -27.57 -9.94
N GLU H 291 29.08 -28.78 -9.42
CA GLU H 291 28.22 -29.91 -9.77
C GLU H 291 26.92 -29.79 -9.02
N ALA H 292 27.06 -29.35 -7.78
CA ALA H 292 25.92 -29.10 -6.89
C ALA H 292 25.01 -28.04 -7.50
N ALA H 293 25.64 -26.91 -7.82
CA ALA H 293 24.98 -25.81 -8.49
C ALA H 293 24.30 -26.23 -9.78
N ARG H 294 25.03 -26.97 -10.61
CA ARG H 294 24.49 -27.35 -11.93
C ARG H 294 23.08 -27.95 -11.79
N HIS H 295 22.92 -28.86 -10.84
CA HIS H 295 21.68 -29.65 -10.69
C HIS H 295 20.57 -28.82 -10.10
N LEU H 296 20.93 -27.92 -9.20
CA LEU H 296 19.95 -26.99 -8.62
C LEU H 296 19.31 -26.18 -9.72
N VAL H 297 20.17 -25.67 -10.61
CA VAL H 297 19.76 -24.81 -11.72
C VAL H 297 18.82 -25.56 -12.67
N TYR H 298 19.30 -26.68 -13.18
CA TYR H 298 18.59 -27.41 -14.25
C TYR H 298 17.34 -28.11 -13.79
N HIS H 299 17.31 -28.54 -12.53
CA HIS H 299 16.08 -29.13 -11.95
C HIS H 299 15.02 -28.05 -11.72
N ALA H 300 15.47 -26.88 -11.29
CA ALA H 300 14.62 -25.69 -11.15
C ALA H 300 13.98 -25.32 -12.49
N ALA H 301 14.78 -25.39 -13.55
CA ALA H 301 14.33 -25.02 -14.90
C ALA H 301 13.47 -26.11 -15.52
N ASP H 302 13.72 -27.34 -15.10
CA ASP H 302 12.93 -28.51 -15.53
C ASP H 302 11.55 -28.52 -14.86
N LEU H 303 11.48 -28.01 -13.63
CA LEU H 303 10.21 -27.84 -12.92
C LEU H 303 9.35 -26.80 -13.64
N HIS H 304 9.97 -25.66 -13.91
CA HIS H 304 9.30 -24.58 -14.65
C HIS H 304 8.86 -24.98 -16.05
N ASN H 305 9.72 -25.73 -16.72
CA ASN H 305 9.40 -26.30 -18.04
C ASN H 305 8.18 -27.21 -18.00
N ARG H 306 7.95 -27.87 -16.86
CA ARG H 306 6.78 -28.74 -16.67
C ARG H 306 5.55 -27.99 -16.11
N GLY H 307 5.60 -26.66 -16.15
CA GLY H 307 4.48 -25.81 -15.75
C GLY H 307 4.18 -25.81 -14.26
N LEU H 308 4.86 -26.07 -13.54
CA LEU H 308 4.92 -26.38 -12.11
C LEU H 308 5.61 -25.28 -11.37
N ASN H 309 5.12 -25.59 -9.91
CA ASN H 309 5.67 -24.72 -8.87
C ASN H 309 7.17 -24.89 -8.74
N CYS H 310 7.92 -23.80 -8.98
CA CYS H 310 9.39 -23.84 -9.02
C CYS H 310 10.06 -22.76 -8.16
N GLY H 311 9.26 -22.00 -7.40
CA GLY H 311 9.75 -20.78 -6.70
C GLY H 311 10.85 -21.01 -5.67
N LYS H 312 10.64 -21.98 -4.78
CA LYS H 312 11.63 -22.35 -3.75
C LYS H 312 12.94 -22.86 -4.36
N GLU H 313 12.83 -23.73 -5.34
CA GLU H 313 14.02 -24.29 -6.03
C GLU H 313 14.84 -23.27 -6.78
N ALA H 314 14.16 -22.27 -7.34
CA ALA H 314 14.82 -21.16 -8.04
C ALA H 314 15.59 -20.28 -7.05
N SER H 315 15.00 -20.06 -5.90
CA SER H 315 15.66 -19.29 -4.85
C SER H 315 16.92 -19.98 -4.34
N MET H 316 16.82 -21.26 -4.10
CA MET H 316 17.95 -22.13 -3.73
C MET H 316 19.13 -22.12 -4.71
N ALA H 317 18.80 -22.32 -5.99
CA ALA H 317 19.78 -22.16 -7.10
C ALA H 317 20.50 -20.81 -7.14
N LYS H 318 19.73 -19.74 -7.01
CA LYS H 318 20.25 -18.36 -7.16
C LYS H 318 21.27 -18.11 -6.06
N GLN H 319 20.87 -18.49 -4.85
CA GLN H 319 21.70 -18.32 -3.64
C GLN H 319 22.90 -19.25 -3.62
N PHE H 320 22.71 -20.48 -4.06
CA PHE H 320 23.80 -21.44 -4.06
C PHE H 320 24.90 -21.15 -5.09
N ALA H 321 24.49 -21.09 -6.35
CA ALA H 321 25.39 -20.76 -7.46
C ALA H 321 26.12 -19.43 -7.21
N SER H 322 25.37 -18.40 -6.84
CA SER H 322 25.93 -17.07 -6.60
C SER H 322 27.04 -17.10 -5.55
N ASP H 323 26.74 -17.65 -4.38
CA ASP H 323 27.72 -17.74 -3.29
C ASP H 323 28.92 -18.61 -3.66
N ALA H 324 28.61 -19.73 -4.29
CA ALA H 324 29.65 -20.64 -4.80
C ALA H 324 30.56 -19.92 -5.80
N ALA H 325 29.97 -19.07 -6.62
CA ALA H 325 30.71 -18.38 -7.68
C ALA H 325 31.67 -17.33 -7.11
N VAL H 326 31.15 -16.52 -6.18
CA VAL H 326 31.98 -15.56 -5.44
C VAL H 326 33.18 -16.28 -4.87
N LYS H 327 32.97 -17.50 -4.43
CA LYS H 327 34.08 -18.38 -3.97
C LYS H 327 35.30 -18.54 -4.89
N ALA H 329 35.18 -18.14 -6.16
CA ALA H 329 36.33 -17.87 -7.03
C ALA H 329 36.75 -16.48 -7.48
N LEU H 330 37.78 -15.78 -6.97
CA LEU H 330 38.33 -15.76 -5.59
C LEU H 330 39.14 -16.82 -4.90
N ASP H 331 39.32 -17.90 -5.64
CA ASP H 331 40.20 -18.97 -5.23
C ASP H 331 41.04 -18.90 -6.50
N ALA H 332 40.37 -19.00 -7.64
CA ALA H 332 40.96 -18.72 -8.96
C ALA H 332 41.91 -17.52 -9.00
N VAL H 333 41.44 -16.37 -8.56
CA VAL H 333 42.38 -15.24 -8.42
C VAL H 333 43.62 -15.68 -7.63
N GLN H 334 43.39 -16.35 -6.49
CA GLN H 334 44.45 -16.80 -5.59
C GLN H 334 45.43 -17.77 -6.26
N ILE H 335 44.88 -18.63 -7.11
CA ILE H 335 45.64 -19.71 -7.73
C ILE H 335 46.59 -19.16 -8.78
N TYR H 336 46.13 -18.15 -9.50
CA TYR H 336 46.98 -17.38 -10.40
C TYR H 336 48.01 -16.54 -9.66
N GLY H 337 47.76 -16.33 -8.38
CA GLY H 337 48.63 -15.51 -7.55
C GLY H 337 48.67 -14.06 -8.05
N GLY H 338 49.81 -13.39 -7.91
CA GLY H 338 49.93 -12.01 -8.38
C GLY H 338 49.29 -11.76 -9.75
N TYR H 339 49.52 -12.68 -10.69
CA TYR H 339 48.98 -12.59 -12.04
C TYR H 339 47.43 -12.45 -12.02
N GLY H 340 46.79 -13.06 -11.03
CA GLY H 340 45.34 -13.05 -10.90
C GLY H 340 44.76 -11.69 -10.53
N TYR H 341 45.59 -10.86 -9.92
CA TYR H 341 45.23 -9.49 -9.59
C TYR H 341 45.33 -8.53 -10.77
N MET H 342 45.53 -9.07 -11.97
CA MET H 342 45.95 -8.28 -13.13
C MET H 342 44.85 -8.28 -14.15
N LYS H 343 44.65 -7.12 -14.77
CA LYS H 343 43.50 -6.96 -15.66
C LYS H 343 43.69 -7.67 -16.98
N ASP H 344 44.96 -7.88 -17.34
CA ASP H 344 45.33 -8.59 -18.60
C ASP H 344 45.08 -10.07 -18.51
N TYR H 345 44.98 -10.58 -17.29
CA TYR H 345 44.62 -11.99 -17.03
C TYR H 345 43.13 -12.13 -16.71
N PRO H 346 42.55 -13.33 -16.97
CA PRO H 346 41.12 -13.55 -17.17
C PRO H 346 40.28 -13.87 -15.93
N VAL H 347 40.90 -13.89 -14.75
CA VAL H 347 40.21 -14.30 -13.48
C VAL H 347 39.68 -13.16 -12.58
N GLU H 348 40.31 -11.99 -12.65
CA GLU H 348 39.95 -10.82 -11.83
C GLU H 348 38.50 -10.38 -12.10
N ARG H 349 38.09 -10.54 -13.34
CA ARG H 349 36.77 -10.12 -13.80
C ARG H 349 35.73 -11.01 -13.19
N LEU H 350 36.12 -12.24 -12.89
CA LEU H 350 35.17 -13.25 -12.44
C LEU H 350 34.73 -12.92 -11.02
N LEU H 351 35.65 -12.35 -10.24
CA LEU H 351 35.32 -11.92 -8.89
C LEU H 351 34.39 -10.71 -8.94
N ARG H 352 34.86 -9.66 -9.60
CA ARG H 352 34.13 -8.44 -9.78
C ARG H 352 32.71 -8.69 -10.31
N ASP H 353 32.64 -9.49 -11.36
CA ASP H 353 31.36 -9.97 -11.90
C ASP H 353 30.57 -10.83 -10.89
N ALA H 354 31.23 -11.81 -10.29
CA ALA H 354 30.56 -12.75 -9.33
C ALA H 354 29.64 -12.06 -8.30
N LYS H 355 30.19 -11.06 -7.63
CA LYS H 355 29.56 -10.42 -6.47
C LYS H 355 28.13 -9.87 -6.77
N VAL H 356 27.91 -9.42 -8.00
CA VAL H 356 26.60 -8.97 -8.46
C VAL H 356 25.55 -10.04 -8.23
N THR H 357 25.97 -11.28 -8.41
CA THR H 357 25.03 -12.40 -8.54
C THR H 357 24.35 -12.65 -7.22
N GLN H 358 24.99 -12.17 -6.15
CA GLN H 358 24.46 -12.27 -4.79
C GLN H 358 23.41 -11.19 -4.45
N ILE H 359 23.24 -10.24 -5.35
CA ILE H 359 22.63 -8.95 -5.05
C ILE H 359 21.33 -8.72 -5.85
N TYR H 360 21.43 -8.70 -7.17
CA TYR H 360 20.28 -8.45 -8.03
C TYR H 360 19.36 -9.65 -8.33
N GLU H 361 18.16 -9.32 -8.81
CA GLU H 361 17.03 -10.24 -8.92
C GLU H 361 16.77 -10.94 -7.60
N GLY H 362 16.93 -10.16 -6.54
CA GLY H 362 16.63 -10.64 -5.19
C GLY H 362 17.90 -11.03 -4.48
N THR H 363 18.40 -10.12 -3.66
CA THR H 363 19.56 -10.38 -2.78
C THR H 363 19.41 -11.73 -2.06
N ASN H 364 20.54 -12.36 -1.76
CA ASN H 364 20.56 -13.65 -1.08
C ASN H 364 19.97 -13.64 0.32
N GLU H 365 19.97 -12.48 0.96
CA GLU H 365 19.19 -12.30 2.21
C GLU H 365 17.71 -12.52 1.94
N ILE H 366 17.21 -11.93 0.86
CA ILE H 366 15.82 -12.15 0.43
C ILE H 366 15.53 -13.59 0.06
N GLN H 367 16.49 -14.24 -0.59
CA GLN H 367 16.32 -15.62 -1.09
C GLN H 367 16.21 -16.62 0.06
N ARG H 368 17.02 -16.39 1.07
CA ARG H 368 16.97 -17.23 2.27
C ARG H 368 15.60 -17.03 2.92
N LEU H 369 15.22 -15.76 3.07
CA LEU H 369 13.89 -15.39 3.58
C LEU H 369 12.78 -16.15 2.87
N ILE H 370 12.76 -16.02 1.54
CA ILE H 370 11.77 -16.72 0.71
C ILE H 370 11.78 -18.21 1.02
N ILE H 371 12.97 -18.82 0.92
CA ILE H 371 13.14 -20.27 1.13
C ILE H 371 12.57 -20.64 2.50
N SER H 372 13.05 -19.96 3.52
CA SER H 372 12.54 -20.12 4.89
C SER H 372 11.01 -20.01 4.99
N LYS H 373 10.40 -19.16 4.18
CA LYS H 373 8.92 -19.09 4.14
C LYS H 373 8.22 -20.36 3.68
N TYR H 374 8.83 -21.06 2.71
CA TYR H 374 8.31 -22.35 2.29
C TYR H 374 8.46 -23.39 3.41
N LEU H 375 9.55 -23.27 4.18
CA LEU H 375 9.84 -24.26 5.24
C LEU H 375 8.87 -24.11 6.39
N LEU H 376 8.76 -22.87 6.85
CA LEU H 376 7.85 -22.51 7.95
C LEU H 376 6.36 -22.60 7.59
N GLY H 377 6.03 -22.63 6.30
CA GLY H 377 4.71 -23.11 5.86
C GLY H 377 4.32 -24.52 6.33
C1 GOL I . -56.91 20.37 2.40
O1 GOL I . -57.06 20.50 3.84
C2 GOL I . -57.55 19.15 1.77
O2 GOL I . -57.12 18.94 0.42
C3 GOL I . -57.22 17.87 2.48
O3 GOL I . -57.60 16.80 1.60
C1 GOL J . -55.42 -19.35 1.48
O1 GOL J . -56.47 -20.18 1.94
C2 GOL J . -55.56 -19.05 -0.02
O2 GOL J . -54.85 -19.97 -0.89
C3 GOL J . -57.03 -19.05 -0.43
O3 GOL J . -57.03 -18.83 -1.84
C1 GOL K . -67.45 14.60 16.63
O1 GOL K . -66.56 15.09 15.61
C2 GOL K . -66.64 14.54 17.91
O2 GOL K . -65.56 15.46 17.72
C3 GOL K . -67.48 14.92 19.13
O3 GOL K . -66.76 14.62 20.35
PA FAD L . -57.09 22.98 -6.15
O1A FAD L . -57.68 24.19 -6.87
O2A FAD L . -57.22 22.74 -4.65
O5B FAD L . -55.50 22.94 -6.38
C5B FAD L . -54.82 23.59 -7.42
C4B FAD L . -53.52 24.11 -6.80
O4B FAD L . -53.87 25.03 -5.80
C3B FAD L . -52.67 23.08 -6.08
O3B FAD L . -51.40 23.03 -6.73
C2B FAD L . -52.54 23.55 -4.64
O2B FAD L . -51.17 23.47 -4.30
C1B FAD L . -52.98 24.98 -4.73
N9A FAD L . -53.66 25.67 -3.63
C8A FAD L . -55.00 25.90 -3.48
N7A FAD L . -55.22 26.65 -2.37
C5A FAD L . -54.00 26.99 -1.86
C6A FAD L . -53.45 27.81 -0.74
N6A FAD L . -54.25 28.44 0.14
N1A FAD L . -52.11 27.82 -0.56
C2A FAD L . -51.25 27.19 -1.39
N3A FAD L . -51.68 26.46 -2.43
C4A FAD L . -52.99 26.32 -2.70
N1 FAD L . -60.86 13.90 -2.50
C2 FAD L . -61.66 13.33 -1.56
O2 FAD L . -62.23 14.12 -0.76
N3 FAD L . -61.81 11.98 -1.46
C4 FAD L . -61.17 11.13 -2.28
O4 FAD L . -61.26 9.88 -2.25
C4X FAD L . -60.35 11.70 -3.34
N5 FAD L . -59.69 10.88 -4.16
C5X FAD L . -58.93 11.37 -5.13
C6 FAD L . -58.36 10.45 -5.99
C7 FAD L . -57.56 10.90 -7.02
C7M FAD L . -56.92 9.87 -7.91
C8 FAD L . -57.36 12.35 -7.21
C8M FAD L . -56.47 12.87 -8.30
C9 FAD L . -57.97 13.26 -6.36
C9A FAD L . -58.77 12.83 -5.31
N10 FAD L . -59.41 13.73 -4.40
C10 FAD L . -60.22 13.16 -3.41
C1' FAD L . -59.36 15.22 -4.47
C2' FAD L . -58.17 15.92 -3.80
O2' FAD L . -58.26 15.83 -2.38
C3' FAD L . -58.16 17.39 -4.22
O3' FAD L . -58.14 17.30 -5.66
C4' FAD L . -57.00 18.27 -3.79
O4' FAD L . -57.16 18.86 -2.52
C5' FAD L . -56.80 19.50 -4.68
O5' FAD L . -58.03 20.18 -4.92
P FAD L . -58.51 20.60 -6.40
O1P FAD L . -58.41 19.30 -7.16
O2P FAD L . -59.86 21.37 -6.21
O3P FAD L . -57.54 21.68 -7.01
PA FAD M . -28.41 2.88 -21.63
O1A FAD M . -27.36 3.30 -22.58
O2A FAD M . -28.74 1.46 -21.23
O5B FAD M . -28.14 3.61 -20.18
C5B FAD M . -29.05 3.49 -19.07
C4B FAD M . -28.73 4.52 -18.02
O4B FAD M . -27.35 4.48 -17.67
C3B FAD M . -28.92 5.97 -18.41
O3B FAD M . -29.21 6.66 -17.19
C2B FAD M . -27.59 6.44 -18.93
O2B FAD M . -27.38 7.84 -18.75
C1B FAD M . -26.69 5.74 -17.96
N9A FAD M . -25.31 5.47 -18.40
C8A FAD M . -24.85 4.43 -19.15
N7A FAD M . -23.51 4.49 -19.30
C5A FAD M . -23.10 5.56 -18.61
C6A FAD M . -21.82 6.20 -18.32
N6A FAD M . -20.66 5.72 -18.81
N1A FAD M . -21.85 7.31 -17.55
C2A FAD M . -22.98 7.85 -17.06
N3A FAD M . -24.17 7.31 -17.29
C4A FAD M . -24.28 6.20 -18.03
N1 FAD M . -32.40 5.41 -31.08
C2 FAD M . -32.04 5.55 -32.36
O2 FAD M . -30.97 5.02 -32.68
N3 FAD M . -32.77 6.23 -33.28
C4 FAD M . -33.92 6.86 -32.93
O4 FAD M . -34.60 7.50 -33.76
C4X FAD M . -34.38 6.74 -31.54
N5 FAD M . -35.51 7.31 -31.11
C5X FAD M . -35.90 7.14 -29.81
C6 FAD M . -37.09 7.71 -29.40
C7 FAD M . -37.48 7.60 -28.09
C7M FAD M . -38.78 8.26 -27.70
C8 FAD M . -36.67 6.84 -27.12
C8M FAD M . -37.05 6.65 -25.68
C9 FAD M . -35.49 6.26 -27.53
C9A FAD M . -35.07 6.41 -28.83
N10 FAD M . -33.86 5.82 -29.25
C10 FAD M . -33.52 5.98 -30.60
C1' FAD M . -32.95 5.14 -28.29
C2' FAD M . -32.22 6.23 -27.37
O2' FAD M . -31.30 7.15 -27.97
C3' FAD M . -31.48 5.52 -26.24
O3' FAD M . -32.52 5.15 -25.32
C4' FAD M . -30.30 6.26 -25.52
O4' FAD M . -29.09 6.40 -26.28
C5' FAD M . -29.79 5.44 -24.32
O5' FAD M . -29.86 4.03 -24.59
P FAD M . -30.41 3.03 -23.44
O1P FAD M . -29.83 1.66 -23.55
O2P FAD M . -31.91 3.21 -23.45
O3P FAD M . -29.79 3.58 -22.08
C1 GOL N . -28.23 37.01 -25.68
O1 GOL N . -27.68 38.15 -25.02
C2 GOL N . -27.11 36.35 -26.55
O2 GOL N . -25.78 36.40 -25.96
C3 GOL N . -27.59 34.91 -26.84
O3 GOL N . -26.50 34.15 -27.34
C1 GOL O . -33.02 62.40 -19.96
O1 GOL O . -32.43 62.00 -21.21
C2 GOL O . -32.30 63.62 -19.38
O2 GOL O . -32.59 64.78 -20.17
C3 GOL O . -32.73 63.89 -17.93
O3 GOL O . -32.65 65.27 -17.55
C1 GOL P . -32.52 24.15 -12.19
O1 GOL P . -32.08 23.95 -10.85
C2 GOL P . -31.45 24.95 -12.87
O2 GOL P . -31.99 25.58 -14.05
C3 GOL P . -30.91 26.00 -11.92
O3 GOL P . -30.43 27.07 -12.74
PA FAD Q . -36.85 43.00 4.21
O1A FAD Q . -37.09 43.04 5.71
O2A FAD Q . -37.60 43.86 3.23
O5B FAD Q . -37.28 41.52 3.71
C5B FAD Q . -36.79 40.37 4.40
C4B FAD Q . -37.33 39.07 3.79
O4B FAD Q . -38.75 39.18 3.67
C3B FAD Q . -36.79 38.81 2.40
O3B FAD Q . -36.40 37.44 2.27
C2B FAD Q . -37.92 39.14 1.46
O2B FAD Q . -37.91 38.23 0.36
C1B FAD Q . -39.13 38.91 2.33
N9A FAD Q . -40.32 39.68 1.98
C8A FAD Q . -40.74 40.83 2.54
N7A FAD Q . -41.93 41.22 2.00
C5A FAD Q . -42.26 40.28 1.08
C6A FAD Q . -43.38 40.02 0.16
N6A FAD Q . -44.38 40.91 0.09
N1A FAD Q . -43.35 38.88 -0.59
C2A FAD Q . -42.33 38.00 -0.52
N3A FAD Q . -41.30 38.16 0.32
C4A FAD Q . -41.20 39.25 1.11
N1 FAD Q . -29.97 49.82 -0.40
C2 FAD Q . -29.85 50.97 -1.12
O2 FAD Q . -30.86 51.65 -1.35
N3 FAD Q . -28.65 51.35 -1.62
C4 FAD Q . -27.52 50.65 -1.46
O4 FAD Q . -26.43 51.06 -1.92
C4X FAD Q . -27.57 49.41 -0.68
N5 FAD Q . -26.47 48.66 -0.49
C5X FAD Q . -26.52 47.51 0.22
C6 FAD Q . -25.35 46.80 0.46
C7 FAD Q . -25.40 45.62 1.18
C7M FAD Q . -24.13 44.84 1.39
C8 FAD Q . -26.66 45.17 1.76
C8M FAD Q . -26.73 43.89 2.55
C9 FAD Q . -27.82 45.89 1.55
C9A FAD Q . -27.82 47.06 0.81
N10 FAD Q . -29.01 47.83 0.59
C10 FAD Q . -28.90 49.02 -0.14
C1' FAD Q . -30.32 47.45 1.17
C2' FAD Q . -31.09 46.37 0.44
O2' FAD Q . -31.69 47.02 -0.66
C3' FAD Q . -32.14 45.72 1.34
O3' FAD Q . -31.50 44.76 2.22
C4' FAD Q . -33.31 45.03 0.62
O4' FAD Q . -33.91 45.92 -0.32
C5' FAD Q . -34.37 44.50 1.58
O5' FAD Q . -34.34 45.17 2.85
P FAD Q . -34.38 44.38 4.28
O1P FAD Q . -32.96 43.87 4.49
O2P FAD Q . -35.09 45.16 5.38
O3P FAD Q . -35.28 43.07 3.95
C1 GOL R . -30.28 15.92 -1.18
O1 GOL R . -29.41 17.06 -1.06
C2 GOL R . -31.22 15.81 0.02
O2 GOL R . -32.05 14.66 -0.08
C3 GOL R . -30.43 15.68 1.30
O3 GOL R . -31.06 16.33 2.43
PA FAD S . -10.09 15.84 -1.21
O1A FAD S . -10.46 14.63 -0.36
O2A FAD S . -8.94 15.87 -2.17
O5B FAD S . -11.42 16.11 -2.09
C5B FAD S . -11.64 17.24 -2.92
C4B FAD S . -13.06 17.10 -3.45
O4B FAD S . -13.04 15.99 -4.33
C3B FAD S . -14.07 16.78 -2.35
O3B FAD S . -15.35 17.36 -2.64
C2B FAD S . -14.21 15.29 -2.39
O2B FAD S . -15.56 14.91 -2.18
C1B FAD S . -13.86 14.98 -3.80
N9A FAD S . -13.24 13.69 -4.04
C8A FAD S . -11.93 13.34 -4.00
N7A FAD S . -11.77 12.05 -4.39
C5A FAD S . -13.00 11.55 -4.67
C6A FAD S . -13.59 10.31 -5.15
N6A FAD S . -12.84 9.22 -5.40
N1A FAD S . -14.93 10.27 -5.37
C2A FAD S . -15.75 11.30 -5.16
N3A FAD S . -15.28 12.46 -4.72
C4A FAD S . -13.96 12.65 -4.48
N1 FAD S . -8.63 15.74 9.32
C2 FAD S . -8.29 14.94 10.35
O2 FAD S . -7.59 13.95 10.12
N3 FAD S . -8.69 15.16 11.63
C4 FAD S . -9.45 16.22 11.95
O4 FAD S . -9.81 16.42 13.13
C4X FAD S . -9.84 17.13 10.87
N5 FAD S . -10.60 18.22 11.12
C5X FAD S . -10.93 19.08 10.14
C6 FAD S . -11.64 20.20 10.48
C7 FAD S . -12.05 21.10 9.53
C7M FAD S . -12.92 22.24 10.01
C8 FAD S . -11.67 20.88 8.11
C8M FAD S . -12.06 21.81 6.99
C9 FAD S . -10.92 19.77 7.78
C9A FAD S . -10.53 18.85 8.73
N10 FAD S . -9.70 17.71 8.42
C10 FAD S . -9.38 16.84 9.49
C1' FAD S . -9.31 17.38 7.04
C2' FAD S . -10.55 16.80 6.32
O2' FAD S . -11.00 15.53 6.83
C3' FAD S . -10.29 16.70 4.81
O3' FAD S . -10.43 18.00 4.26
C4' FAD S . -11.21 15.70 4.15
O4' FAD S . -10.88 14.37 4.60
C5' FAD S . -11.17 15.77 2.61
O5' FAD S . -9.88 15.72 1.99
P FAD S . -9.21 16.95 1.18
O1P FAD S . -7.85 16.57 0.63
O2P FAD S . -9.31 18.19 2.03
O3P FAD S . -9.99 17.12 -0.23
PA FAD T . 44.30 -42.61 8.38
O1A FAD T . 45.12 -42.91 9.61
O2A FAD T . 44.54 -43.32 7.07
O5B FAD T . 44.45 -41.02 8.15
C5B FAD T . 44.00 -40.15 9.21
C4B FAD T . 44.05 -38.74 8.71
O4B FAD T . 45.13 -38.73 7.77
C3B FAD T . 42.80 -38.25 7.98
O3B FAD T . 42.58 -36.84 8.20
C2B FAD T . 43.16 -38.53 6.54
O2B FAD T . 42.45 -37.77 5.55
C1B FAD T . 44.63 -38.17 6.59
N9A FAD T . 45.36 -38.73 5.46
C8A FAD T . 45.68 -40.01 5.15
N7A FAD T . 46.34 -40.03 3.97
C5A FAD T . 46.44 -38.74 3.57
C6A FAD T . 47.00 -37.98 2.46
N6A FAD T . 47.64 -38.64 1.50
N1A FAD T . 46.82 -36.62 2.40
C2A FAD T . 46.20 -35.93 3.35
N3A FAD T . 45.67 -36.54 4.42
C4A FAD T . 45.75 -37.89 4.55
N1 FAD T . 36.98 -50.26 7.54
C2 FAD T . 36.75 -51.35 6.78
O2 FAD T . 37.75 -51.81 6.19
N3 FAD T . 35.55 -51.90 6.63
C4 FAD T . 34.43 -51.37 7.22
O4 FAD T . 33.28 -51.94 7.10
C4X FAD T . 34.62 -50.18 8.08
N5 FAD T . 33.60 -49.57 8.74
C5X FAD T . 33.82 -48.49 9.51
C6 FAD T . 32.77 -47.92 10.22
C7 FAD T . 32.94 -46.79 11.00
C7M FAD T . 31.75 -46.19 11.71
C8 FAD T . 34.30 -46.20 11.14
C8M FAD T . 34.52 -44.96 11.97
C9 FAD T . 35.36 -46.76 10.46
C9A FAD T . 35.17 -47.88 9.63
N10 FAD T . 36.25 -48.49 8.94
C10 FAD T . 35.98 -49.64 8.17
C1' FAD T . 37.59 -47.94 8.97
C2' FAD T . 37.63 -46.75 7.98
O2' FAD T . 37.46 -47.21 6.64
C3' FAD T . 38.92 -45.96 8.07
O3' FAD T . 39.01 -45.55 9.44
C4' FAD T . 39.08 -44.71 7.18
O4' FAD T . 39.30 -45.00 5.79
C5' FAD T . 40.28 -43.89 7.62
O5' FAD T . 41.40 -44.72 7.99
P FAD T . 42.24 -44.34 9.34
O1P FAD T . 41.14 -44.27 10.37
O2P FAD T . 43.45 -45.22 9.66
O3P FAD T . 42.73 -42.87 8.78
C1 GOL U . 59.32 -44.40 -0.83
O1 GOL U . 60.68 -44.04 -0.56
C2 GOL U . 58.50 -43.19 -1.32
O2 GOL U . 57.42 -43.66 -2.13
C3 GOL U . 57.97 -42.33 -0.16
O3 GOL U . 56.66 -41.81 -0.48
PA FAD V . 16.28 -21.01 24.01
O1A FAD V . 16.84 -19.73 24.57
O2A FAD V . 14.82 -21.29 24.18
O5B FAD V . 16.65 -20.81 22.45
C5B FAD V . 16.56 -21.79 21.44
C4B FAD V . 17.20 -21.24 20.16
O4B FAD V . 16.60 -20.00 19.78
C3B FAD V . 18.69 -20.94 20.31
O3B FAD V . 19.42 -21.18 19.10
C2B FAD V . 18.75 -19.45 20.57
O2B FAD V . 20.07 -18.96 20.32
C1B FAD V . 17.63 -19.00 19.64
N9A FAD V . 17.12 -17.63 19.93
C8A FAD V . 16.52 -17.21 21.08
N7A FAD V . 16.22 -15.89 21.02
C5A FAD V . 16.60 -15.46 19.80
C6A FAD V . 16.58 -14.18 19.05
N6A FAD V . 16.06 -13.08 19.62
N1A FAD V . 17.09 -14.14 17.80
C2A FAD V . 17.64 -15.23 17.23
N3A FAD V . 17.69 -16.42 17.84
C4A FAD V . 17.19 -16.60 19.09
N1 FAD V . 21.32 -22.09 33.09
C2 FAD V . 21.54 -21.48 34.27
O2 FAD V . 20.78 -20.57 34.64
N3 FAD V . 22.58 -21.77 35.06
C4 FAD V . 23.48 -22.73 34.75
O4 FAD V . 24.40 -23.00 35.57
C4X FAD V . 23.28 -23.48 33.48
N5 FAD V . 24.11 -24.45 33.09
C5X FAD V . 23.93 -25.12 31.93
C6 FAD V . 24.82 -26.15 31.57
C7 FAD V . 24.64 -26.86 30.38
C7M FAD V . 25.59 -27.95 30.01
C8 FAD V . 23.49 -26.53 29.49
C8M FAD V . 23.28 -27.23 28.18
C9 FAD V . 22.62 -25.51 29.86
C9A FAD V . 22.79 -24.76 31.02
N10 FAD V . 21.87 -23.74 31.41
C10 FAD V . 22.12 -23.07 32.64
C1' FAD V . 20.77 -23.30 30.54
C2' FAD V . 21.33 -22.44 29.35
O2' FAD V . 21.92 -21.20 29.78
C3' FAD V . 20.26 -22.20 28.25
O3' FAD V . 20.16 -23.41 27.48
C4' FAD V . 20.49 -21.03 27.28
O4' FAD V . 20.47 -19.80 27.99
C5' FAD V . 19.41 -20.93 26.18
O5' FAD V . 18.07 -21.07 26.68
P FAD V . 17.16 -22.37 26.35
O1P FAD V . 15.76 -22.17 26.91
O2P FAD V . 17.92 -23.59 26.83
O3P FAD V . 17.05 -22.26 24.70
C1 GOL W . 30.31 -19.54 5.23
O1 GOL W . 29.67 -18.27 5.49
C2 GOL W . 31.83 -19.38 5.35
O2 GOL W . 32.12 -18.80 6.65
C3 GOL W . 32.56 -20.74 5.11
O3 GOL W . 34.02 -20.64 5.18
C1 GOL X . 69.98 13.74 17.36
O1 GOL X . 68.59 13.70 16.94
C2 GOL X . 70.76 12.45 17.00
O2 GOL X . 70.12 11.73 15.93
C3 GOL X . 72.22 12.70 16.58
O3 GOL X . 73.09 13.02 17.68
PA FAD Y . 52.84 -18.01 -7.62
O1A FAD Y . 53.33 -19.14 -8.49
O2A FAD Y . 53.39 -17.84 -6.24
O5B FAD Y . 51.27 -18.33 -7.55
C5B FAD Y . 51.02 -19.70 -7.28
C4B FAD Y . 49.75 -20.05 -6.51
O4B FAD Y . 50.07 -21.34 -6.02
C3B FAD Y . 49.42 -19.22 -5.27
O3B FAD Y . 48.10 -19.51 -4.76
C2B FAD Y . 50.40 -19.76 -4.27
O2B FAD Y . 49.93 -19.60 -2.93
C1B FAD Y . 50.41 -21.23 -4.63
N9A FAD Y . 51.69 -21.84 -4.22
C8A FAD Y . 52.99 -21.56 -4.53
N7A FAD Y . 53.86 -22.35 -3.85
C5A FAD Y . 53.09 -23.18 -3.08
C6A FAD Y . 53.25 -24.28 -2.08
N6A FAD Y . 54.44 -24.79 -1.70
N1A FAD Y . 52.12 -24.78 -1.54
C2A FAD Y . 50.88 -24.39 -1.81
N3A FAD Y . 50.65 -23.43 -2.68
C4A FAD Y . 51.67 -22.81 -3.32
N1 FAD Y . 56.78 -8.68 -5.95
C2 FAD Y . 57.91 -7.99 -5.58
O2 FAD Y . 59.01 -8.52 -5.62
N3 FAD Y . 57.90 -6.74 -5.10
C4 FAD Y . 56.72 -6.10 -4.95
O4 FAD Y . 56.63 -4.92 -4.52
C4X FAD Y . 55.50 -6.77 -5.31
N5 FAD Y . 54.36 -6.09 -5.15
C5X FAD Y . 53.18 -6.57 -5.52
C6 FAD Y . 52.08 -5.76 -5.34
C7 FAD Y . 50.83 -6.21 -5.65
C7M FAD Y . 49.64 -5.30 -5.44
C8 FAD Y . 50.69 -7.55 -6.21
C8M FAD Y . 49.34 -8.10 -6.58
C9 FAD Y . 51.83 -8.37 -6.39
C9A FAD Y . 53.12 -7.91 -6.09
N10 FAD Y . 54.33 -8.70 -6.30
C10 FAD Y . 55.55 -8.13 -5.85
C1' FAD Y . 54.30 -10.12 -6.77
C2' FAD Y . 53.97 -11.06 -5.58
O2' FAD Y . 54.94 -10.84 -4.53
C3' FAD Y . 53.87 -12.56 -5.91
O3' FAD Y . 52.65 -12.72 -6.60
C4' FAD Y . 53.84 -13.62 -4.79
O4' FAD Y . 55.16 -13.90 -4.23
C5' FAD Y . 53.31 -14.96 -5.31
O5' FAD Y . 54.09 -15.41 -6.43
P FAD Y . 53.61 -15.26 -7.95
O1P FAD Y . 52.42 -14.32 -7.97
O2P FAD Y . 54.78 -14.96 -8.86
O3P FAD Y . 53.04 -16.67 -8.46
C1 GOL Z . -0.79 -13.42 -4.24
O1 GOL Z . -1.61 -14.36 -3.53
C2 GOL Z . -1.64 -12.70 -5.30
O2 GOL Z . -2.00 -11.40 -4.82
C3 GOL Z . -0.89 -12.56 -6.64
O3 GOL Z . -1.51 -11.53 -7.44
PA FAD AA . 18.25 -2.80 -0.29
O1A FAD AA . 16.83 -3.31 -0.33
O2A FAD AA . 18.68 -1.38 -0.17
O5B FAD AA . 18.99 -3.63 0.88
C5B FAD AA . 20.41 -3.74 1.01
C4B FAD AA . 20.73 -4.78 2.08
O4B FAD AA . 19.66 -4.86 3.04
C3B FAD AA . 20.90 -6.15 1.45
O3B FAD AA . 21.87 -6.92 2.16
C2B FAD AA . 19.52 -6.72 1.62
O2B FAD AA . 19.45 -8.13 1.42
C1B FAD AA . 19.18 -6.19 3.00
N9A FAD AA . 17.75 -6.38 3.24
C8A FAD AA . 16.66 -5.86 2.57
N7A FAD AA . 15.53 -6.42 3.10
C5A FAD AA . 15.89 -7.27 4.08
C6A FAD AA . 15.24 -8.19 5.04
N6A FAD AA . 13.89 -8.28 5.05
N1A FAD AA . 16.02 -8.93 5.89
C2A FAD AA . 17.36 -8.87 5.89
N3A FAD AA . 18.02 -8.03 5.04
C4A FAD AA . 17.35 -7.25 4.15
N1 FAD AA . 16.31 -3.60 -10.63
C2 FAD AA . 15.38 -3.57 -11.58
O2 FAD AA . 14.24 -3.25 -11.25
N3 FAD AA . 15.60 -3.87 -12.88
C4 FAD AA . 16.80 -4.19 -13.33
O4 FAD AA . 16.98 -4.43 -14.55
C4X FAD AA . 17.89 -4.24 -12.34
N5 FAD AA . 19.15 -4.57 -12.70
C5X FAD AA . 20.15 -4.58 -11.80
C6 FAD AA . 21.41 -4.86 -12.26
C7 FAD AA . 22.48 -4.91 -11.37
C7M FAD AA . 23.84 -5.26 -11.92
C8 FAD AA . 22.23 -4.60 -9.93
C8M FAD AA . 23.34 -4.64 -8.92
C9 FAD AA . 20.96 -4.27 -9.48
C9A FAD AA . 19.89 -4.24 -10.36
N10 FAD AA . 18.57 -3.92 -9.95
C10 FAD AA . 17.57 -3.91 -10.94
C1' FAD AA . 18.23 -3.58 -8.55
C2' FAD AA . 18.22 -4.81 -7.62
O2' FAD AA . 17.29 -5.82 -8.04
C3' FAD AA . 17.96 -4.37 -6.19
O3' FAD AA . 19.20 -3.84 -5.69
C4' FAD AA . 17.62 -5.44 -5.17
O4' FAD AA . 16.22 -5.86 -5.20
C5' FAD AA . 18.02 -4.88 -3.80
O5' FAD AA . 17.79 -3.48 -3.78
P FAD AA . 18.68 -2.43 -2.97
O1P FAD AA . 17.90 -1.17 -2.65
O2P FAD AA . 19.99 -2.38 -3.70
O3P FAD AA . 18.97 -3.28 -1.63
#